data_7EOS
#
_entry.id   7EOS
#
_cell.length_a   1.00
_cell.length_b   1.00
_cell.length_c   1.00
_cell.angle_alpha   90.00
_cell.angle_beta   90.00
_cell.angle_gamma   90.00
#
_symmetry.space_group_name_H-M   'P 1'
#
loop_
_entity.id
_entity.type
_entity.pdbx_description
1 polymer 'Glutamate receptor ionotropic, NMDA 2A'
2 polymer 'Glutamate receptor ionotropic, NMDA 1'
3 non-polymer 2-acetamido-2-deoxy-beta-D-glucopyranose
#
loop_
_entity_poly.entity_id
_entity_poly.type
_entity_poly.pdbx_seq_one_letter_code
_entity_poly.pdbx_strand_id
1 'polypeptide(L)'
;MGRVGYWTLLVLPALLVWRGPAPSAAAEKGPPALNIAVMLGHSHDVTERELRTLWGPEQAAGLPLDVNVVALLMNRTDPK
SLITHVCDLMSGARIHGLVFGDDTDQEAVAQMLDFISSHTFVPILGIHGGASMIMADKDPTSTFFQFGASIQQQATVMLK
IMQDYDWHVFSLVTTIFPGYREFISFVKTTVDNSFVGWDMQNVITLDTSFEDAKTQVQLKKIHSSVILLYCSKDEAVLIL
SEARSLGLTGYDFFWIVPSLVSGNTELIPKEFPSGLISVSYDDWDYSLEARVRDGIGILTTAASSMLEKFSYIPEAKASC
YGQMERPEVPMHTLHPFMVNVTWDGKDLSFTEEGYQVHPRLVVIVLNKDREWEKVGKWENHTLSLRHAVWPRYKSFSDCE
PDDNHLSIVTLEEAPFVIVEDIDPLTETCVRNTVPCRKFVKINNSTNEGMNVKKCCKGFCIDILKKLSRTVKFTYDLYLV
TNGKHGKKVNNVWNGMIGEVVYQRAVMAVGSLTINEERSEVVDFSVPFVETGISVMVSRSNGTVSPSAFLEPFSASVWVM
MFVMLLIVSAIAVFVFEYFSPVGYNRNLAKGKAPHGPSFTIGKAIWLLWGLVFNNSVPVQNPKGTTSKIMVSVWAFFAVI
FLASYTANLAAFMIQEEFVDQVTGLSDKKFQRPHDYSPPFRFGTVPNGSTERNIRNNYPYMHQYMTKFNQKGVEDALVSL
KTGKLDAFIYDAAVLNYKAGRDEGCKLVTIGSGYIFATTGYGIALQKGSPWKRQIDLALLQFVGDGEMEELETCWLTGIC
HNEKNEVMSSQLDIDNMAGVFYMLAAAMALSLITFIWEHLFYKSRAEAKRMKG
;
A,C
2 'polypeptide(L)'
;MSTMRLLTLALLFSCSVARAACDPKIVNIGAVLSTRKHEQMFREAVNQANKRHGSWKIQLNATSVTHKPNAIQMALSVCE
DLISSQVYAILVSHPPTPNDHFTPTPVSYTAGFYRIPVLGLTTRMSIYSDKSIHLSFLRTVPPYSHQSSVWFEMMRVYSW
NHIILLVSDDHEGRAAQKRLETLLEERESKAEKVLQFDPGTKNVTALLMEAKELEARVIILSASEDDAATVYRAAAMLNM
TGSGYVWLVGEREISGNALRYAPDGILGLQLINGKNESAHISDAVGVVAQAVHELLEKENITDPPRGCVGNTNIWKTGPL
FKRVLMSSKYADGVTGRVEFNEDGDRKFANYSIMNLQNRKLVQVGIYNGTHVIPNDRKIIWPGGETEKPRGYQMSTRLKI
VTIHQEPFVYVKPTLSDGTCKEEFTVNGDPVKKVICTGPNDTSPGSPRHTVPQCCYGFCIDLLIKLARTMNFTYEVHLVA
DGKFGTQERVNNSNKKEWNGMMGELLSGQADMIVAPLTINNERAQYIEFSKPFKYQGLTILVKKEIPRSTLDSFMQPFQS
TLWLLVGLSVHVVAVMLYLLDRFSPFGRFKVNSEEEEEDALTLSSAMWFSWGVLLNSGIGEGAPRSFSARILGMVWAGFA
MIIVASYTANLAAFLVLDRPEERITGINDPRLRNPSDKFIYATVKQSSVDIYFRRQVCLSTMYRHMEKHNYESAAEAIQA
VRDNKLHAFIWDSAVLEFEASQKCDLVTTGELFFRSGFGIGMRKDSPWKQNVSLSILKSHENGFMEDLDKTWVRYQECDS
RSNAPATLTFENMAGVFMLVAGGIVAGIFLIFIEIAYKRHKDARRKQ
;
B,D
#
loop_
_chem_comp.id
_chem_comp.type
_chem_comp.name
_chem_comp.formula
NAG D-saccharide, beta linking 2-acetamido-2-deoxy-beta-D-glucopyranose 'C8 H15 N O6'
#
# COMPACT_ATOMS: atom_id res chain seq x y z
N LEU A 34 -41.51 -0.55 57.20
CA LEU A 34 -41.90 -0.20 58.55
C LEU A 34 -40.78 -0.50 59.55
N ASN A 35 -40.07 -1.60 59.31
CA ASN A 35 -39.00 -2.05 60.19
C ASN A 35 -37.79 -2.41 59.33
N ILE A 36 -36.68 -1.69 59.51
CA ILE A 36 -35.46 -1.89 58.74
C ILE A 36 -34.31 -2.14 59.71
N ALA A 37 -33.50 -3.15 59.42
CA ALA A 37 -32.35 -3.50 60.25
C ALA A 37 -31.08 -3.40 59.42
N VAL A 38 -30.01 -2.89 60.03
CA VAL A 38 -28.72 -2.75 59.38
C VAL A 38 -27.64 -3.15 60.36
N MET A 39 -26.62 -3.87 59.86
CA MET A 39 -25.53 -4.35 60.69
C MET A 39 -24.20 -4.00 60.07
N LEU A 40 -23.26 -3.57 60.90
CA LEU A 40 -21.89 -3.28 60.49
C LEU A 40 -20.91 -3.89 61.48
N GLY A 41 -19.72 -4.23 61.00
CA GLY A 41 -18.72 -4.83 61.85
C GLY A 41 -17.63 -3.88 62.30
N HIS A 42 -17.71 -3.43 63.56
CA HIS A 42 -16.73 -2.56 64.21
C HIS A 42 -16.19 -1.47 63.30
N SER A 43 -17.07 -0.82 62.53
CA SER A 43 -16.63 0.22 61.61
C SER A 43 -16.17 1.45 62.35
N HIS A 44 -17.07 2.08 63.11
CA HIS A 44 -16.77 3.29 63.85
C HIS A 44 -17.60 3.28 65.14
N ASP A 45 -17.72 4.44 65.76
CA ASP A 45 -18.51 4.56 67.00
C ASP A 45 -19.96 4.17 66.74
N VAL A 46 -20.55 3.45 67.69
CA VAL A 46 -21.83 2.81 67.46
C VAL A 46 -22.99 3.79 67.67
N THR A 47 -22.97 4.53 68.79
CA THR A 47 -24.12 5.36 69.15
C THR A 47 -24.34 6.48 68.13
N GLU A 48 -23.26 7.12 67.67
CA GLU A 48 -23.43 8.20 66.70
C GLU A 48 -23.98 7.66 65.38
N ARG A 49 -23.51 6.49 64.94
CA ARG A 49 -24.04 5.90 63.72
C ARG A 49 -25.51 5.52 63.88
N GLU A 50 -25.88 4.99 65.05
CA GLU A 50 -27.29 4.65 65.29
C GLU A 50 -28.16 5.90 65.27
N LEU A 51 -27.70 6.98 65.89
CA LEU A 51 -28.47 8.23 65.88
C LEU A 51 -28.60 8.78 64.46
N ARG A 52 -27.52 8.72 63.68
CA ARG A 52 -27.56 9.19 62.30
C ARG A 52 -28.53 8.36 61.47
N THR A 53 -28.52 7.04 61.64
CA THR A 53 -29.43 6.18 60.89
C THR A 53 -30.88 6.44 61.30
N LEU A 54 -31.12 6.68 62.59
CA LEU A 54 -32.47 7.02 63.03
C LEU A 54 -32.93 8.35 62.44
N TRP A 55 -32.05 9.34 62.40
CA TRP A 55 -32.39 10.63 61.83
C TRP A 55 -32.57 10.57 60.31
N GLY A 56 -31.95 9.60 59.65
CA GLY A 56 -32.02 9.46 58.21
C GLY A 56 -33.39 9.62 57.59
N PRO A 57 -34.31 8.69 57.89
CA PRO A 57 -35.65 8.77 57.31
C PRO A 57 -36.51 9.89 57.87
N GLU A 58 -36.07 10.56 58.93
CA GLU A 58 -36.87 11.60 59.57
C GLU A 58 -36.68 12.98 58.93
N GLN A 59 -35.73 13.13 58.01
CA GLN A 59 -35.50 14.44 57.41
C GLN A 59 -36.56 14.80 56.38
N ALA A 60 -37.09 13.82 55.66
CA ALA A 60 -38.10 14.07 54.64
C ALA A 60 -38.82 12.76 54.36
N ALA A 61 -39.61 12.74 53.28
CA ALA A 61 -40.37 11.55 52.85
C ALA A 61 -41.30 11.06 53.94
N GLY A 62 -42.22 11.94 54.34
CA GLY A 62 -43.20 11.58 55.35
C GLY A 62 -44.15 10.51 54.84
N LEU A 63 -44.25 9.41 55.59
CA LEU A 63 -45.10 8.30 55.25
C LEU A 63 -45.86 7.85 56.49
N PRO A 64 -47.07 7.29 56.32
CA PRO A 64 -47.87 6.93 57.51
C PRO A 64 -47.21 5.90 58.40
N LEU A 65 -46.44 4.97 57.84
CA LEU A 65 -45.74 3.94 58.61
C LEU A 65 -44.25 4.22 58.53
N ASP A 66 -43.76 5.07 59.44
CA ASP A 66 -42.36 5.44 59.43
C ASP A 66 -41.48 4.24 59.73
N VAL A 67 -40.37 4.12 59.01
CA VAL A 67 -39.45 3.01 59.18
C VAL A 67 -38.51 3.29 60.33
N ASN A 68 -38.22 2.25 61.12
CA ASN A 68 -37.27 2.34 62.21
C ASN A 68 -35.97 1.64 61.83
N VAL A 69 -34.93 1.90 62.62
CA VAL A 69 -33.60 1.35 62.39
C VAL A 69 -33.18 0.57 63.62
N VAL A 70 -32.76 -0.68 63.41
CA VAL A 70 -32.22 -1.53 64.47
C VAL A 70 -30.79 -1.86 64.08
N ALA A 71 -29.83 -1.12 64.64
CA ALA A 71 -28.43 -1.25 64.28
C ALA A 71 -27.69 -2.02 65.36
N LEU A 72 -26.97 -3.08 64.95
CA LEU A 72 -26.17 -3.90 65.85
C LEU A 72 -24.79 -4.10 65.25
N LEU A 73 -23.79 -4.22 66.11
CA LEU A 73 -22.40 -4.33 65.71
C LEU A 73 -21.85 -5.69 66.19
N MET A 74 -21.73 -6.63 65.26
CA MET A 74 -21.12 -7.93 65.53
C MET A 74 -19.93 -8.12 64.59
N ASN A 75 -18.79 -8.46 65.17
CA ASN A 75 -17.58 -8.69 64.37
C ASN A 75 -17.47 -10.12 63.87
N ARG A 76 -18.39 -11.00 64.25
CA ARG A 76 -18.36 -12.40 63.85
C ARG A 76 -19.33 -12.64 62.70
N THR A 77 -18.87 -13.33 61.67
CA THR A 77 -19.67 -13.69 60.50
C THR A 77 -19.74 -15.21 60.45
N ASP A 78 -20.77 -15.77 61.08
CA ASP A 78 -20.94 -17.21 61.20
C ASP A 78 -22.34 -17.61 60.76
N PRO A 79 -22.52 -18.85 60.30
CA PRO A 79 -23.86 -19.26 59.85
C PRO A 79 -24.91 -19.23 60.96
N LYS A 80 -24.65 -19.93 62.07
CA LYS A 80 -25.65 -19.98 63.14
C LYS A 80 -25.79 -18.62 63.82
N SER A 81 -24.74 -17.81 63.83
CA SER A 81 -24.87 -16.44 64.32
C SER A 81 -25.83 -15.65 63.45
N LEU A 82 -25.74 -15.82 62.13
CA LEU A 82 -26.67 -15.16 61.22
C LEU A 82 -28.09 -15.68 61.44
N ILE A 83 -28.22 -16.99 61.70
CA ILE A 83 -29.55 -17.55 61.98
C ILE A 83 -30.14 -16.94 63.25
N THR A 84 -29.33 -16.80 64.29
CA THR A 84 -29.79 -16.17 65.52
C THR A 84 -30.17 -14.72 65.29
N HIS A 85 -29.40 -14.02 64.46
CA HIS A 85 -29.76 -12.63 64.12
C HIS A 85 -31.09 -12.58 63.39
N VAL A 86 -31.32 -13.52 62.47
CA VAL A 86 -32.60 -13.58 61.76
C VAL A 86 -33.75 -13.84 62.74
N CYS A 87 -33.54 -14.76 63.69
CA CYS A 87 -34.57 -15.03 64.67
C CYS A 87 -34.85 -13.81 65.54
N ASP A 88 -33.79 -13.08 65.92
CA ASP A 88 -33.96 -11.86 66.71
C ASP A 88 -34.74 -10.81 65.93
N LEU A 89 -34.43 -10.64 64.64
CA LEU A 89 -35.12 -9.61 63.87
C LEU A 89 -36.57 -9.98 63.59
N MET A 90 -36.86 -11.26 63.33
CA MET A 90 -38.25 -11.65 63.13
C MET A 90 -39.04 -11.56 64.43
N SER A 91 -38.40 -11.89 65.57
CA SER A 91 -39.02 -11.65 66.86
C SER A 91 -39.01 -10.18 67.24
N GLY A 92 -38.19 -9.37 66.57
CA GLY A 92 -38.13 -7.95 66.83
C GLY A 92 -39.09 -7.14 65.98
N ALA A 93 -40.39 -7.26 66.28
CA ALA A 93 -41.44 -6.50 65.62
C ALA A 93 -41.49 -6.75 64.12
N ARG A 94 -41.14 -7.97 63.70
CA ARG A 94 -41.26 -8.43 62.32
C ARG A 94 -40.50 -7.49 61.37
N ILE A 95 -39.18 -7.46 61.56
CA ILE A 95 -38.28 -6.66 60.73
C ILE A 95 -38.52 -7.02 59.27
N HIS A 96 -38.95 -6.02 58.47
CA HIS A 96 -39.33 -6.28 57.09
C HIS A 96 -38.12 -6.56 56.21
N GLY A 97 -37.05 -5.78 56.38
CA GLY A 97 -35.88 -5.93 55.54
C GLY A 97 -34.61 -5.71 56.33
N LEU A 98 -33.53 -6.31 55.85
CA LEU A 98 -32.24 -6.24 56.49
C LEU A 98 -31.19 -5.71 55.51
N VAL A 99 -30.32 -4.84 56.01
CA VAL A 99 -29.18 -4.32 55.26
C VAL A 99 -27.93 -4.97 55.82
N PHE A 100 -27.21 -5.70 54.98
CA PHE A 100 -26.06 -6.49 55.41
C PHE A 100 -24.78 -5.74 55.06
N GLY A 101 -23.96 -5.47 56.08
CA GLY A 101 -22.66 -4.84 55.89
C GLY A 101 -21.55 -5.79 56.31
N ASP A 102 -20.38 -5.62 55.71
CA ASP A 102 -19.25 -6.48 56.01
C ASP A 102 -17.95 -5.72 55.75
N ASP A 103 -16.87 -6.22 56.34
CA ASP A 103 -15.54 -5.63 56.17
C ASP A 103 -14.58 -6.53 55.40
N THR A 104 -14.66 -7.84 55.59
CA THR A 104 -13.78 -8.77 54.90
C THR A 104 -14.19 -8.91 53.44
N ASP A 105 -13.29 -9.48 52.64
CA ASP A 105 -13.52 -9.71 51.22
C ASP A 105 -13.63 -11.22 51.00
N GLN A 106 -14.85 -11.73 51.13
CA GLN A 106 -15.13 -13.15 50.94
C GLN A 106 -16.38 -13.29 50.08
N GLU A 107 -16.25 -13.97 48.94
CA GLU A 107 -17.37 -14.16 48.03
C GLU A 107 -18.36 -15.21 48.54
N ALA A 108 -17.94 -16.08 49.46
CA ALA A 108 -18.84 -17.11 49.96
C ALA A 108 -19.91 -16.54 50.88
N VAL A 109 -19.67 -15.36 51.47
CA VAL A 109 -20.65 -14.76 52.36
C VAL A 109 -21.94 -14.43 51.61
N ALA A 110 -21.80 -13.83 50.42
CA ALA A 110 -22.98 -13.52 49.61
C ALA A 110 -23.69 -14.79 49.18
N GLN A 111 -22.95 -15.82 48.79
CA GLN A 111 -23.56 -17.07 48.38
C GLN A 111 -24.35 -17.70 49.52
N MET A 112 -23.79 -17.69 50.73
CA MET A 112 -24.51 -18.22 51.88
C MET A 112 -25.74 -17.38 52.20
N LEU A 113 -25.62 -16.05 52.12
CA LEU A 113 -26.73 -15.18 52.45
C LEU A 113 -27.86 -15.23 51.43
N ASP A 114 -27.55 -15.62 50.19
CA ASP A 114 -28.60 -15.74 49.17
C ASP A 114 -29.64 -16.77 49.57
N PHE A 115 -29.19 -17.93 50.08
CA PHE A 115 -30.12 -18.97 50.50
C PHE A 115 -30.99 -18.49 51.66
N ILE A 116 -30.38 -17.79 52.63
CA ILE A 116 -31.13 -17.28 53.77
C ILE A 116 -32.17 -16.27 53.32
N SER A 117 -31.79 -15.38 52.40
CA SER A 117 -32.74 -14.39 51.89
C SER A 117 -33.88 -15.05 51.13
N SER A 118 -33.57 -16.08 50.34
CA SER A 118 -34.61 -16.78 49.59
C SER A 118 -35.57 -17.50 50.52
N HIS A 119 -35.05 -18.15 51.56
CA HIS A 119 -35.92 -18.92 52.45
C HIS A 119 -36.73 -18.04 53.39
N THR A 120 -36.12 -16.98 53.93
CA THR A 120 -36.81 -16.13 54.89
C THR A 120 -37.77 -15.14 54.25
N PHE A 121 -37.77 -15.03 52.93
CA PHE A 121 -38.64 -14.10 52.20
C PHE A 121 -38.42 -12.66 52.67
N VAL A 122 -37.17 -12.32 52.97
CA VAL A 122 -36.80 -11.00 53.44
C VAL A 122 -35.81 -10.41 52.46
N PRO A 123 -36.12 -9.29 51.79
CA PRO A 123 -35.15 -8.69 50.86
C PRO A 123 -33.90 -8.22 51.59
N ILE A 124 -32.75 -8.43 50.94
CA ILE A 124 -31.46 -8.05 51.48
C ILE A 124 -30.69 -7.29 50.40
N LEU A 125 -30.12 -6.16 50.77
CA LEU A 125 -29.34 -5.33 49.85
C LEU A 125 -27.85 -5.51 50.14
N GLY A 126 -27.05 -5.45 49.08
CA GLY A 126 -25.63 -5.66 49.17
C GLY A 126 -24.88 -4.35 49.31
N ILE A 127 -24.01 -4.28 50.31
CA ILE A 127 -23.22 -3.08 50.59
C ILE A 127 -21.75 -3.46 50.52
N HIS A 128 -20.86 -2.50 50.75
CA HIS A 128 -19.43 -2.75 50.69
C HIS A 128 -19.02 -3.85 51.66
N GLY A 129 -18.14 -4.74 51.21
CA GLY A 129 -17.70 -5.86 52.02
C GLY A 129 -17.62 -7.16 51.23
N GLY A 130 -17.89 -8.28 51.91
CA GLY A 130 -17.86 -9.56 51.23
C GLY A 130 -18.94 -9.70 50.18
N ALA A 131 -20.12 -9.13 50.44
CA ALA A 131 -21.25 -9.21 49.52
C ALA A 131 -21.28 -8.06 48.52
N SER A 132 -20.26 -7.19 48.52
CA SER A 132 -20.25 -6.07 47.58
C SER A 132 -20.18 -6.55 46.14
N MET A 133 -19.35 -7.55 45.86
CA MET A 133 -19.22 -8.06 44.51
C MET A 133 -20.38 -9.00 44.19
N ILE A 134 -20.90 -8.88 42.98
CA ILE A 134 -22.00 -9.71 42.50
C ILE A 134 -21.44 -10.66 41.46
N MET A 135 -21.30 -11.93 41.83
CA MET A 135 -20.76 -12.96 40.95
C MET A 135 -21.71 -14.11 40.73
N ALA A 136 -22.26 -14.69 41.80
CA ALA A 136 -23.18 -15.82 41.66
C ALA A 136 -24.54 -15.34 41.18
N ASP A 137 -25.24 -16.23 40.49
CA ASP A 137 -26.58 -15.94 39.96
C ASP A 137 -27.62 -16.33 41.00
N LYS A 138 -28.39 -15.34 41.46
CA LYS A 138 -29.39 -15.60 42.49
C LYS A 138 -30.56 -16.40 41.93
N ASP A 139 -31.23 -17.12 42.83
CA ASP A 139 -32.39 -17.90 42.44
C ASP A 139 -33.54 -16.97 42.04
N PRO A 140 -34.35 -17.35 41.06
CA PRO A 140 -35.48 -16.48 40.68
C PRO A 140 -36.44 -16.21 41.81
N THR A 141 -36.60 -17.13 42.75
CA THR A 141 -37.49 -16.92 43.89
C THR A 141 -36.83 -16.14 45.02
N SER A 142 -35.55 -15.80 44.90
CA SER A 142 -34.86 -15.04 45.92
C SER A 142 -35.16 -13.55 45.79
N THR A 143 -34.85 -12.81 46.85
CA THR A 143 -35.08 -11.37 46.92
C THR A 143 -33.78 -10.63 47.21
N PHE A 144 -32.70 -11.05 46.55
CA PHE A 144 -31.38 -10.47 46.77
C PHE A 144 -31.06 -9.49 45.65
N PHE A 145 -30.65 -8.27 46.02
CA PHE A 145 -30.31 -7.22 45.06
C PHE A 145 -29.13 -6.44 45.62
N GLN A 146 -27.95 -6.67 45.04
CA GLN A 146 -26.73 -6.02 45.50
C GLN A 146 -26.48 -4.72 44.77
N PHE A 147 -25.53 -3.94 45.29
CA PHE A 147 -25.11 -2.69 44.68
C PHE A 147 -23.92 -2.86 43.76
N GLY A 148 -23.48 -4.09 43.52
CA GLY A 148 -22.33 -4.34 42.67
C GLY A 148 -22.65 -4.17 41.19
N ALA A 149 -21.65 -4.44 40.37
CA ALA A 149 -21.74 -4.27 38.93
C ALA A 149 -21.44 -5.60 38.23
N SER A 150 -22.13 -5.84 37.13
CA SER A 150 -21.93 -7.06 36.37
C SER A 150 -20.71 -6.95 35.47
N ILE A 151 -20.25 -8.11 34.98
CA ILE A 151 -19.10 -8.13 34.08
C ILE A 151 -19.44 -7.48 32.75
N GLN A 152 -20.68 -7.61 32.27
CA GLN A 152 -21.06 -7.01 30.99
C GLN A 152 -20.91 -5.50 31.02
N GLN A 153 -21.26 -4.86 32.15
CA GLN A 153 -21.06 -3.42 32.28
C GLN A 153 -19.57 -3.07 32.22
N GLN A 154 -18.73 -3.89 32.85
CA GLN A 154 -17.28 -3.67 32.75
C GLN A 154 -16.81 -3.80 31.31
N ALA A 155 -17.38 -4.75 30.57
CA ALA A 155 -16.97 -4.94 29.18
C ALA A 155 -17.27 -3.71 28.34
N THR A 156 -18.47 -3.15 28.47
CA THR A 156 -18.82 -1.98 27.68
C THR A 156 -18.08 -0.74 28.16
N VAL A 157 -17.76 -0.65 29.46
CA VAL A 157 -16.93 0.44 29.94
C VAL A 157 -15.54 0.37 29.31
N MET A 158 -14.96 -0.84 29.25
CA MET A 158 -13.68 -1.01 28.60
C MET A 158 -13.75 -0.68 27.12
N LEU A 159 -14.84 -1.08 26.46
CA LEU A 159 -15.01 -0.76 25.04
C LEU A 159 -15.07 0.75 24.83
N LYS A 160 -15.80 1.47 25.68
CA LYS A 160 -15.87 2.92 25.57
C LYS A 160 -14.51 3.55 25.81
N ILE A 161 -13.76 3.05 26.80
CA ILE A 161 -12.44 3.59 27.08
C ILE A 161 -11.51 3.39 25.89
N MET A 162 -11.53 2.20 25.29
CA MET A 162 -10.69 1.94 24.13
C MET A 162 -11.12 2.76 22.92
N GLN A 163 -12.43 2.99 22.76
CA GLN A 163 -12.90 3.86 21.70
C GLN A 163 -12.40 5.28 21.89
N ASP A 164 -12.40 5.77 23.12
CA ASP A 164 -11.82 7.07 23.41
C ASP A 164 -10.33 7.09 23.10
N TYR A 165 -9.63 6.00 23.43
CA TYR A 165 -8.20 5.89 23.14
C TYR A 165 -7.92 5.49 21.70
N ASP A 166 -8.94 5.15 20.91
CA ASP A 166 -8.77 4.74 19.51
C ASP A 166 -7.84 3.54 19.39
N TRP A 167 -7.97 2.59 20.33
CA TRP A 167 -7.17 1.37 20.31
C TRP A 167 -7.98 0.28 19.63
N HIS A 168 -7.91 0.27 18.30
CA HIS A 168 -8.67 -0.70 17.51
C HIS A 168 -8.09 -2.10 17.59
N VAL A 169 -6.82 -2.24 17.99
CA VAL A 169 -6.19 -3.56 18.09
C VAL A 169 -6.76 -4.30 19.28
N PHE A 170 -7.16 -5.56 19.07
CA PHE A 170 -7.73 -6.39 20.10
C PHE A 170 -6.89 -7.64 20.31
N SER A 171 -6.82 -8.08 21.56
CA SER A 171 -6.13 -9.32 21.90
C SER A 171 -6.69 -9.80 23.24
N LEU A 172 -7.42 -10.91 23.23
CA LEU A 172 -8.08 -11.44 24.41
C LEU A 172 -7.32 -12.66 24.90
N VAL A 173 -6.67 -12.54 26.05
CA VAL A 173 -5.99 -13.65 26.70
C VAL A 173 -6.86 -14.11 27.86
N THR A 174 -7.35 -15.34 27.79
CA THR A 174 -8.29 -15.86 28.76
C THR A 174 -7.82 -17.22 29.27
N THR A 175 -8.29 -17.57 30.46
CA THR A 175 -8.01 -18.86 31.08
C THR A 175 -9.34 -19.51 31.46
N ILE A 176 -9.32 -20.84 31.56
CA ILE A 176 -10.54 -21.59 31.83
C ILE A 176 -11.03 -21.23 33.23
N PHE A 177 -12.12 -20.49 33.31
CA PHE A 177 -12.80 -20.14 34.54
C PHE A 177 -14.30 -20.12 34.27
N PRO A 178 -15.12 -20.38 35.29
CA PRO A 178 -16.57 -20.40 35.07
C PRO A 178 -17.08 -19.05 34.60
N GLY A 179 -17.99 -19.09 33.62
CA GLY A 179 -18.64 -17.91 33.12
C GLY A 179 -17.84 -17.09 32.12
N TYR A 180 -16.62 -17.49 31.79
CA TYR A 180 -15.82 -16.71 30.85
C TYR A 180 -16.25 -16.93 29.40
N ARG A 181 -16.75 -18.11 29.07
CA ARG A 181 -17.17 -18.38 27.69
C ARG A 181 -18.34 -17.50 27.29
N GLU A 182 -19.33 -17.35 28.18
CA GLU A 182 -20.46 -16.48 27.87
C GLU A 182 -20.03 -15.02 27.81
N PHE A 183 -19.05 -14.62 28.63
CA PHE A 183 -18.53 -13.26 28.54
C PHE A 183 -17.84 -13.02 27.20
N ILE A 184 -17.07 -14.00 26.72
CA ILE A 184 -16.43 -13.88 25.42
C ILE A 184 -17.49 -13.79 24.31
N SER A 185 -18.53 -14.62 24.40
CA SER A 185 -19.60 -14.56 23.41
C SER A 185 -20.28 -13.20 23.42
N PHE A 186 -20.55 -12.65 24.61
CA PHE A 186 -21.17 -11.34 24.70
C PHE A 186 -20.28 -10.26 24.12
N VAL A 187 -18.98 -10.29 24.44
CA VAL A 187 -18.10 -9.23 23.96
C VAL A 187 -17.94 -9.31 22.44
N LYS A 188 -17.91 -10.53 21.89
CA LYS A 188 -17.77 -10.64 20.43
C LYS A 188 -19.06 -10.23 19.72
N THR A 189 -20.22 -10.63 20.25
CA THR A 189 -21.48 -10.22 19.64
C THR A 189 -21.78 -8.75 19.87
N THR A 190 -21.06 -8.09 20.79
CA THR A 190 -21.17 -6.65 20.93
C THR A 190 -20.21 -5.92 19.99
N VAL A 191 -18.97 -6.41 19.86
CA VAL A 191 -17.99 -5.72 19.02
C VAL A 191 -18.33 -5.87 17.55
N ASP A 192 -18.81 -7.05 17.13
CA ASP A 192 -19.14 -7.22 15.72
C ASP A 192 -20.36 -6.41 15.32
N ASN A 193 -21.23 -6.08 16.27
CA ASN A 193 -22.41 -5.27 16.00
C ASN A 193 -22.08 -3.79 15.81
N SER A 194 -20.95 -3.33 16.35
CA SER A 194 -20.59 -1.93 16.25
C SER A 194 -20.14 -1.57 14.84
N PHE A 195 -20.29 -0.29 14.50
CA PHE A 195 -19.89 0.22 13.20
C PHE A 195 -18.45 0.72 13.17
N VAL A 196 -17.74 0.69 14.31
CA VAL A 196 -16.38 1.18 14.36
C VAL A 196 -15.46 0.34 13.47
N GLY A 197 -15.62 -0.98 13.52
CA GLY A 197 -14.78 -1.87 12.75
C GLY A 197 -13.50 -2.25 13.47
N TRP A 198 -13.65 -2.82 14.66
CA TRP A 198 -12.51 -3.22 15.46
C TRP A 198 -11.82 -4.45 14.86
N ASP A 199 -10.63 -4.74 15.37
CA ASP A 199 -9.90 -5.91 14.93
C ASP A 199 -10.61 -7.18 15.37
N MET A 200 -10.40 -8.26 14.61
CA MET A 200 -11.05 -9.53 14.89
C MET A 200 -10.02 -10.60 15.18
N GLN A 201 -9.02 -10.27 15.99
CA GLN A 201 -7.99 -11.24 16.37
C GLN A 201 -8.60 -12.36 17.20
N ASN A 202 -8.15 -13.59 16.93
CA ASN A 202 -8.66 -14.75 17.65
C ASN A 202 -8.25 -14.69 19.13
N VAL A 203 -9.09 -15.28 19.97
CA VAL A 203 -8.83 -15.27 21.41
C VAL A 203 -7.68 -16.23 21.73
N ILE A 204 -6.69 -15.73 22.47
CA ILE A 204 -5.53 -16.53 22.86
C ILE A 204 -5.84 -17.11 24.23
N THR A 205 -6.47 -18.29 24.25
CA THR A 205 -6.88 -18.93 25.48
C THR A 205 -5.80 -19.90 25.95
N LEU A 206 -5.35 -19.74 27.19
CA LEU A 206 -4.38 -20.65 27.77
C LEU A 206 -5.04 -22.00 28.05
N ASP A 207 -4.33 -23.08 27.70
CA ASP A 207 -4.88 -24.41 27.89
C ASP A 207 -5.05 -24.74 29.37
N THR A 208 -3.99 -24.54 30.15
CA THR A 208 -4.05 -24.78 31.59
C THR A 208 -2.92 -24.02 32.27
N SER A 209 -3.04 -23.87 33.58
CA SER A 209 -2.03 -23.17 34.36
C SER A 209 -0.78 -24.03 34.52
N PHE A 210 0.34 -23.37 34.83
CA PHE A 210 1.63 -24.02 35.06
C PHE A 210 2.08 -24.82 33.83
N GLU A 211 2.24 -24.11 32.72
CA GLU A 211 2.72 -24.69 31.47
C GLU A 211 4.10 -24.09 31.18
N ASP A 212 5.15 -24.90 31.39
CA ASP A 212 6.50 -24.45 31.14
C ASP A 212 6.91 -24.59 29.66
N ALA A 213 6.14 -25.31 28.86
CA ALA A 213 6.47 -25.51 27.46
C ALA A 213 5.36 -25.11 26.51
N LYS A 214 4.09 -25.34 26.88
CA LYS A 214 2.99 -25.02 25.96
C LYS A 214 2.79 -23.52 25.82
N THR A 215 3.16 -22.75 26.85
CA THR A 215 3.07 -21.30 26.74
C THR A 215 3.99 -20.77 25.64
N GLN A 216 5.21 -21.32 25.56
CA GLN A 216 6.10 -20.93 24.47
C GLN A 216 5.56 -21.36 23.11
N VAL A 217 4.79 -22.45 23.08
CA VAL A 217 4.19 -22.89 21.81
C VAL A 217 3.10 -21.92 21.38
N GLN A 218 2.23 -21.51 22.31
CA GLN A 218 1.17 -20.58 21.97
C GLN A 218 1.64 -19.13 21.89
N LEU A 219 2.89 -18.86 22.26
CA LEU A 219 3.43 -17.51 22.15
C LEU A 219 3.42 -16.98 20.73
N LYS A 220 3.38 -17.86 19.73
CA LYS A 220 3.36 -17.41 18.34
C LYS A 220 2.11 -16.57 18.05
N LYS A 221 0.96 -16.97 18.58
CA LYS A 221 -0.27 -16.22 18.36
C LYS A 221 -0.26 -14.86 19.05
N ILE A 222 0.65 -14.64 20.00
CA ILE A 222 0.70 -13.39 20.74
C ILE A 222 1.49 -12.35 19.94
N HIS A 223 0.78 -11.60 19.10
CA HIS A 223 1.40 -10.53 18.31
C HIS A 223 0.37 -9.42 18.16
N SER A 224 0.44 -8.42 19.03
CA SER A 224 -0.51 -7.32 19.04
C SER A 224 0.09 -6.17 19.85
N SER A 225 -0.73 -5.14 20.09
CA SER A 225 -0.32 -3.98 20.88
C SER A 225 -1.10 -3.86 22.19
N VAL A 226 -2.41 -4.00 22.15
CA VAL A 226 -3.26 -3.93 23.34
C VAL A 226 -3.81 -5.32 23.61
N ILE A 227 -3.64 -5.79 24.84
CA ILE A 227 -4.02 -7.14 25.24
C ILE A 227 -5.04 -7.05 26.36
N LEU A 228 -6.16 -7.76 26.20
CA LEU A 228 -7.19 -7.87 27.22
C LEU A 228 -6.98 -9.16 28.00
N LEU A 229 -6.94 -9.07 29.32
CA LEU A 229 -6.65 -10.21 30.19
C LEU A 229 -7.87 -10.53 31.03
N TYR A 230 -8.49 -11.68 30.75
CA TYR A 230 -9.60 -12.20 31.56
C TYR A 230 -9.08 -13.43 32.30
N CYS A 231 -8.51 -13.20 33.49
CA CYS A 231 -7.93 -14.27 34.28
C CYS A 231 -8.19 -13.97 35.76
N SER A 232 -7.48 -14.67 36.63
CA SER A 232 -7.61 -14.52 38.07
C SER A 232 -6.37 -13.83 38.63
N LYS A 233 -6.50 -13.36 39.88
CA LYS A 233 -5.41 -12.65 40.53
C LYS A 233 -4.21 -13.56 40.76
N ASP A 234 -4.44 -14.80 41.16
CA ASP A 234 -3.34 -15.71 41.46
C ASP A 234 -2.48 -15.97 40.22
N GLU A 235 -3.12 -16.22 39.08
CA GLU A 235 -2.38 -16.48 37.85
C GLU A 235 -1.96 -15.21 37.13
N ALA A 236 -2.47 -14.05 37.54
CA ALA A 236 -2.06 -12.79 36.93
C ALA A 236 -0.58 -12.53 37.14
N VAL A 237 -0.05 -12.92 38.31
CA VAL A 237 1.37 -12.70 38.60
C VAL A 237 2.23 -13.48 37.61
N LEU A 238 1.90 -14.75 37.39
CA LEU A 238 2.70 -15.55 36.47
C LEU A 238 2.49 -15.11 35.02
N ILE A 239 1.27 -14.70 34.66
CA ILE A 239 1.03 -14.19 33.32
C ILE A 239 1.86 -12.95 33.05
N LEU A 240 1.91 -12.02 34.01
CA LEU A 240 2.70 -10.81 33.83
C LEU A 240 4.20 -11.11 33.88
N SER A 241 4.62 -12.12 34.65
CA SER A 241 6.03 -12.51 34.61
C SER A 241 6.40 -13.05 33.25
N GLU A 242 5.54 -13.88 32.65
CA GLU A 242 5.80 -14.37 31.30
C GLU A 242 5.81 -13.23 30.29
N ALA A 243 4.90 -12.26 30.45
CA ALA A 243 4.89 -11.11 29.57
C ALA A 243 6.18 -10.29 29.69
N ARG A 244 6.67 -10.11 30.92
CA ARG A 244 7.93 -9.41 31.13
C ARG A 244 9.08 -10.18 30.49
N SER A 245 9.08 -11.50 30.61
CA SER A 245 10.11 -12.31 29.95
C SER A 245 10.06 -12.12 28.44
N LEU A 246 8.86 -12.11 27.86
CA LEU A 246 8.73 -11.82 26.44
C LEU A 246 8.91 -10.34 26.14
N GLY A 247 8.63 -9.48 27.11
CA GLY A 247 8.80 -8.05 26.92
C GLY A 247 7.54 -7.32 26.49
N LEU A 248 6.45 -7.49 27.22
CA LEU A 248 5.20 -6.81 26.96
C LEU A 248 5.01 -5.55 27.80
N THR A 249 6.05 -5.11 28.51
CA THR A 249 5.98 -3.94 29.36
C THR A 249 6.49 -2.68 28.66
N GLY A 250 6.36 -2.61 27.34
CA GLY A 250 6.79 -1.44 26.61
C GLY A 250 5.78 -0.32 26.63
N TYR A 251 6.20 0.84 26.13
CA TYR A 251 5.32 2.00 26.08
C TYR A 251 4.16 1.76 25.13
N ASP A 252 4.42 1.14 23.99
CA ASP A 252 3.35 0.91 23.02
C ASP A 252 2.35 -0.13 23.51
N PHE A 253 2.79 -1.10 24.30
CA PHE A 253 1.91 -2.13 24.81
C PHE A 253 1.03 -1.57 25.93
N PHE A 254 -0.22 -2.04 25.97
CA PHE A 254 -1.18 -1.64 26.99
C PHE A 254 -1.87 -2.87 27.56
N TRP A 255 -2.30 -2.76 28.82
CA TRP A 255 -2.95 -3.86 29.52
C TRP A 255 -4.19 -3.36 30.22
N ILE A 256 -5.27 -4.15 30.14
CA ILE A 256 -6.52 -3.85 30.81
C ILE A 256 -6.86 -5.01 31.73
N VAL A 257 -7.14 -4.72 32.99
CA VAL A 257 -7.38 -5.71 34.03
C VAL A 257 -8.76 -5.46 34.61
N PRO A 258 -9.62 -6.48 34.72
CA PRO A 258 -10.97 -6.27 35.27
C PRO A 258 -10.97 -6.02 36.77
N SER A 259 -12.17 -5.90 37.35
CA SER A 259 -12.29 -5.54 38.76
C SER A 259 -11.94 -6.70 39.68
N LEU A 260 -12.23 -7.94 39.26
CA LEU A 260 -12.04 -9.08 40.15
C LEU A 260 -10.56 -9.28 40.48
N VAL A 261 -9.68 -9.10 39.50
CA VAL A 261 -8.24 -9.26 39.75
C VAL A 261 -7.73 -8.18 40.69
N SER A 262 -8.11 -6.93 40.42
CA SER A 262 -7.70 -5.80 41.25
C SER A 262 -8.72 -5.51 42.35
N GLY A 263 -9.04 -6.53 43.14
CA GLY A 263 -10.02 -6.37 44.21
C GLY A 263 -9.54 -5.43 45.30
N ASN A 264 -8.27 -5.57 45.71
CA ASN A 264 -7.70 -4.76 46.77
C ASN A 264 -6.68 -3.80 46.18
N THR A 265 -6.85 -2.51 46.46
CA THR A 265 -5.94 -1.49 45.97
C THR A 265 -4.69 -1.34 46.84
N GLU A 266 -4.68 -1.91 48.04
CA GLU A 266 -3.52 -1.81 48.92
C GLU A 266 -2.49 -2.89 48.67
N LEU A 267 -2.89 -4.03 48.13
CA LEU A 267 -1.97 -5.12 47.83
C LEU A 267 -1.52 -4.99 46.38
N ILE A 268 -0.36 -4.39 46.17
CA ILE A 268 0.18 -4.15 44.84
C ILE A 268 1.50 -4.93 44.70
N PRO A 269 1.49 -6.05 44.00
CA PRO A 269 2.74 -6.78 43.78
C PRO A 269 3.70 -5.99 42.91
N LYS A 270 4.99 -6.27 43.10
CA LYS A 270 6.04 -5.55 42.37
C LYS A 270 6.03 -5.84 40.88
N GLU A 271 5.36 -6.91 40.45
CA GLU A 271 5.35 -7.29 39.04
C GLU A 271 4.29 -6.56 38.23
N PHE A 272 3.46 -5.73 38.86
CA PHE A 272 2.46 -4.98 38.12
C PHE A 272 3.12 -3.84 37.36
N PRO A 273 3.00 -3.78 36.03
CA PRO A 273 3.59 -2.66 35.29
C PRO A 273 2.75 -1.40 35.40
N SER A 274 3.44 -0.27 35.37
CA SER A 274 2.76 1.02 35.46
C SER A 274 1.99 1.31 34.18
N GLY A 275 1.00 2.20 34.29
CA GLY A 275 0.13 2.51 33.18
C GLY A 275 -1.00 1.55 32.95
N LEU A 276 -1.16 0.55 33.80
CA LEU A 276 -2.24 -0.42 33.64
C LEU A 276 -3.59 0.25 33.87
N ILE A 277 -4.56 -0.13 33.05
CA ILE A 277 -5.92 0.42 33.12
C ILE A 277 -6.82 -0.61 33.77
N SER A 278 -7.52 -0.20 34.83
CA SER A 278 -8.45 -1.06 35.53
C SER A 278 -9.72 -0.27 35.86
N VAL A 279 -10.84 -0.98 35.93
CA VAL A 279 -12.13 -0.40 36.25
C VAL A 279 -12.72 -1.13 37.45
N SER A 280 -13.19 -0.38 38.42
CA SER A 280 -13.76 -0.93 39.65
C SER A 280 -14.63 0.14 40.30
N TYR A 281 -15.04 -0.11 41.54
CA TYR A 281 -15.76 0.88 42.33
C TYR A 281 -15.29 0.80 43.77
N ASP A 282 -15.05 1.96 44.38
CA ASP A 282 -14.53 2.03 45.73
C ASP A 282 -15.24 3.15 46.48
N ASP A 283 -14.97 3.25 47.78
CA ASP A 283 -15.55 4.27 48.64
C ASP A 283 -14.91 5.64 48.47
N TRP A 284 -14.05 5.81 47.46
CA TRP A 284 -13.40 7.10 47.24
C TRP A 284 -14.38 8.18 46.81
N ASP A 285 -15.54 7.80 46.28
CA ASP A 285 -16.56 8.76 45.86
C ASP A 285 -17.90 8.56 46.54
N TYR A 286 -18.14 7.40 47.16
CA TYR A 286 -19.39 7.13 47.87
C TYR A 286 -19.05 6.37 49.14
N SER A 287 -19.21 7.04 50.28
CA SER A 287 -18.85 6.44 51.56
C SER A 287 -19.93 5.46 52.02
N LEU A 288 -19.64 4.79 53.14
CA LEU A 288 -20.60 3.84 53.70
C LEU A 288 -21.88 4.54 54.12
N GLU A 289 -21.77 5.76 54.66
CA GLU A 289 -22.96 6.53 55.01
C GLU A 289 -23.80 6.82 53.78
N ALA A 290 -23.18 7.22 52.68
CA ALA A 290 -23.92 7.48 51.46
C ALA A 290 -24.58 6.20 50.93
N ARG A 291 -23.87 5.08 50.99
CA ARG A 291 -24.42 3.83 50.49
C ARG A 291 -25.63 3.38 51.33
N VAL A 292 -25.53 3.49 52.66
CA VAL A 292 -26.67 3.10 53.49
C VAL A 292 -27.81 4.09 53.34
N ARG A 293 -27.51 5.37 53.09
CA ARG A 293 -28.56 6.33 52.78
C ARG A 293 -29.30 5.94 51.51
N ASP A 294 -28.56 5.56 50.47
CA ASP A 294 -29.19 5.11 49.23
C ASP A 294 -30.03 3.86 49.46
N GLY A 295 -29.51 2.92 50.25
CA GLY A 295 -30.24 1.70 50.52
C GLY A 295 -31.54 1.95 51.26
N ILE A 296 -31.49 2.78 52.31
CA ILE A 296 -32.70 3.07 53.07
C ILE A 296 -33.68 3.88 52.21
N GLY A 297 -33.19 4.76 51.35
CA GLY A 297 -34.08 5.47 50.45
C GLY A 297 -34.78 4.53 49.48
N ILE A 298 -34.05 3.57 48.92
CA ILE A 298 -34.65 2.59 48.03
C ILE A 298 -35.69 1.76 48.78
N LEU A 299 -35.38 1.36 50.01
CA LEU A 299 -36.33 0.58 50.80
C LEU A 299 -37.59 1.38 51.09
N THR A 300 -37.44 2.67 51.44
CA THR A 300 -38.60 3.50 51.71
C THR A 300 -39.44 3.70 50.46
N THR A 301 -38.80 3.90 49.30
CA THR A 301 -39.56 4.04 48.05
C THR A 301 -40.31 2.75 47.73
N ALA A 302 -39.67 1.60 47.93
CA ALA A 302 -40.34 0.33 47.69
C ALA A 302 -41.53 0.15 48.62
N ALA A 303 -41.36 0.51 49.90
CA ALA A 303 -42.47 0.41 50.86
C ALA A 303 -43.61 1.33 50.48
N SER A 304 -43.29 2.55 50.04
CA SER A 304 -44.33 3.49 49.62
C SER A 304 -45.07 2.97 48.40
N SER A 305 -44.35 2.40 47.43
CA SER A 305 -45.00 1.82 46.26
C SER A 305 -45.90 0.66 46.65
N MET A 306 -45.43 -0.19 47.57
CA MET A 306 -46.25 -1.32 48.03
C MET A 306 -47.52 -0.83 48.72
N LEU A 307 -47.40 0.19 49.56
CA LEU A 307 -48.57 0.74 50.24
C LEU A 307 -49.52 1.40 49.25
N GLU A 308 -48.99 2.05 48.21
CA GLU A 308 -49.86 2.63 47.19
C GLU A 308 -50.60 1.54 46.41
N LYS A 309 -49.93 0.43 46.10
CA LYS A 309 -50.56 -0.64 45.35
C LYS A 309 -51.40 -1.53 46.24
N PHE A 310 -50.78 -2.16 47.23
CA PHE A 310 -51.47 -3.06 48.14
C PHE A 310 -51.68 -2.42 49.50
N SER A 311 -52.53 -3.04 50.31
CA SER A 311 -52.89 -2.55 51.63
C SER A 311 -52.66 -3.63 52.67
N TYR A 312 -51.51 -4.29 52.59
CA TYR A 312 -51.14 -5.35 53.53
C TYR A 312 -49.73 -5.11 54.04
N ILE A 313 -49.52 -5.44 55.31
CA ILE A 313 -48.22 -5.30 55.97
C ILE A 313 -47.48 -6.63 55.83
N PRO A 314 -46.31 -6.66 55.21
CA PRO A 314 -45.58 -7.92 55.09
C PRO A 314 -45.21 -8.50 56.44
N GLU A 315 -45.27 -9.83 56.54
CA GLU A 315 -44.95 -10.54 57.77
C GLU A 315 -43.97 -11.67 57.45
N ALA A 316 -43.07 -11.92 58.40
CA ALA A 316 -42.07 -12.97 58.23
C ALA A 316 -42.68 -14.34 58.56
N LYS A 317 -41.87 -15.38 58.39
CA LYS A 317 -42.31 -16.73 58.70
C LYS A 317 -42.44 -16.92 60.21
N ALA A 318 -43.28 -17.87 60.61
CA ALA A 318 -43.45 -18.18 62.02
C ALA A 318 -42.14 -18.64 62.65
N SER A 319 -41.39 -19.46 61.93
CA SER A 319 -40.06 -19.91 62.35
C SER A 319 -39.01 -19.23 61.48
N CYS A 320 -37.95 -18.73 62.13
CA CYS A 320 -36.90 -18.04 61.39
C CYS A 320 -36.21 -18.96 60.39
N TYR A 321 -35.96 -20.20 60.79
CA TYR A 321 -35.29 -21.16 59.91
C TYR A 321 -35.88 -22.54 60.17
N GLY A 322 -35.69 -23.42 59.19
CA GLY A 322 -36.21 -24.77 59.27
C GLY A 322 -37.29 -25.01 58.22
N GLN A 323 -37.56 -26.29 57.97
CA GLN A 323 -38.55 -26.72 56.97
C GLN A 323 -39.50 -27.69 57.64
N MET A 324 -40.57 -27.15 58.24
CA MET A 324 -41.61 -27.96 58.85
C MET A 324 -42.97 -27.81 58.19
N GLU A 325 -43.24 -26.71 57.50
CA GLU A 325 -44.47 -26.50 56.76
C GLU A 325 -44.16 -26.36 55.27
N ARG A 326 -45.21 -26.38 54.46
CA ARG A 326 -45.05 -26.24 53.03
C ARG A 326 -44.59 -24.83 52.67
N PRO A 327 -43.75 -24.68 51.65
CA PRO A 327 -43.28 -23.35 51.23
C PRO A 327 -44.31 -22.65 50.37
N GLU A 328 -44.87 -21.56 50.89
CA GLU A 328 -45.85 -20.77 50.16
C GLU A 328 -45.57 -19.29 50.37
N VAL A 329 -45.86 -18.50 49.34
CA VAL A 329 -45.69 -17.05 49.40
C VAL A 329 -47.00 -16.39 49.01
N PRO A 330 -47.98 -16.33 49.91
CA PRO A 330 -49.28 -15.72 49.55
C PRO A 330 -49.17 -14.26 49.14
N MET A 331 -48.27 -13.50 49.74
CA MET A 331 -48.12 -12.08 49.43
C MET A 331 -47.11 -11.90 48.29
N HIS A 332 -47.44 -10.99 47.38
CA HIS A 332 -46.55 -10.72 46.25
C HIS A 332 -45.24 -10.11 46.73
N THR A 333 -44.16 -10.46 46.04
CA THR A 333 -42.83 -9.97 46.40
C THR A 333 -42.67 -8.52 45.95
N LEU A 334 -41.47 -7.98 46.18
CA LEU A 334 -41.16 -6.58 45.87
C LEU A 334 -40.43 -6.42 44.55
N HIS A 335 -40.33 -7.49 43.75
CA HIS A 335 -39.64 -7.39 42.47
C HIS A 335 -40.26 -6.37 41.53
N PRO A 336 -41.59 -6.36 41.29
CA PRO A 336 -42.14 -5.33 40.41
C PRO A 336 -42.22 -3.95 41.04
N PHE A 337 -42.18 -3.85 42.37
CA PHE A 337 -42.27 -2.54 43.02
C PHE A 337 -40.97 -1.76 42.92
N MET A 338 -39.83 -2.44 42.83
CA MET A 338 -38.53 -1.79 42.79
C MET A 338 -38.05 -1.50 41.38
N VAL A 339 -38.86 -1.77 40.36
CA VAL A 339 -38.47 -1.47 38.98
C VAL A 339 -38.32 0.03 38.79
N ASN A 340 -39.28 0.80 39.29
CA ASN A 340 -39.27 2.26 39.20
C ASN A 340 -38.97 2.83 40.58
N VAL A 341 -37.72 3.24 40.79
CA VAL A 341 -37.28 3.83 42.05
C VAL A 341 -36.62 5.17 41.75
N THR A 342 -37.08 6.22 42.43
CA THR A 342 -36.51 7.56 42.31
C THR A 342 -36.30 8.12 43.70
N TRP A 343 -35.05 8.41 44.05
CA TRP A 343 -34.71 8.93 45.37
C TRP A 343 -33.65 10.02 45.22
N ASP A 344 -33.94 11.19 45.78
CA ASP A 344 -33.02 12.33 45.78
C ASP A 344 -32.62 12.72 44.36
N GLY A 345 -33.56 12.60 43.42
CA GLY A 345 -33.35 13.04 42.05
C GLY A 345 -32.58 12.08 41.18
N LYS A 346 -32.16 10.93 41.69
CA LYS A 346 -31.44 9.94 40.91
C LYS A 346 -32.20 8.62 40.92
N ASP A 347 -32.30 8.00 39.76
CA ASP A 347 -33.06 6.75 39.60
C ASP A 347 -32.15 5.58 39.92
N LEU A 348 -32.13 5.19 41.20
CA LEU A 348 -31.34 4.04 41.65
C LEU A 348 -32.18 2.77 41.51
N SER A 349 -32.46 2.42 40.25
CA SER A 349 -33.27 1.27 39.94
C SER A 349 -32.40 0.05 39.69
N PHE A 350 -33.04 -1.10 39.48
CA PHE A 350 -32.35 -2.36 39.24
C PHE A 350 -33.00 -3.09 38.08
N THR A 351 -32.21 -3.92 37.41
CA THR A 351 -32.70 -4.70 36.28
C THR A 351 -33.33 -6.00 36.77
N GLU A 352 -33.76 -6.84 35.82
CA GLU A 352 -34.37 -8.12 36.18
C GLU A 352 -33.36 -9.03 36.87
N GLU A 353 -32.12 -9.06 36.38
CA GLU A 353 -31.09 -9.90 36.99
C GLU A 353 -30.63 -9.37 38.34
N GLY A 354 -30.87 -8.09 38.63
CA GLY A 354 -30.45 -7.51 39.90
C GLY A 354 -29.19 -6.70 39.78
N TYR A 355 -29.08 -5.91 38.72
CA TYR A 355 -27.91 -5.07 38.47
C TYR A 355 -28.32 -3.61 38.45
N GLN A 356 -27.44 -2.75 38.94
CA GLN A 356 -27.73 -1.32 38.98
C GLN A 356 -27.78 -0.75 37.57
N VAL A 357 -28.77 0.11 37.33
CA VAL A 357 -28.90 0.74 36.02
C VAL A 357 -27.78 1.75 35.80
N HIS A 358 -27.41 2.49 36.84
CA HIS A 358 -26.36 3.50 36.77
C HIS A 358 -25.34 3.23 37.88
N PRO A 359 -24.44 2.27 37.68
CA PRO A 359 -23.41 2.00 38.69
C PRO A 359 -22.32 3.07 38.70
N ARG A 360 -21.33 2.92 39.58
CA ARG A 360 -20.28 3.92 39.68
C ARG A 360 -19.25 3.74 38.57
N LEU A 361 -18.57 2.59 38.55
CA LEU A 361 -17.61 2.23 37.51
C LEU A 361 -16.55 3.31 37.30
N VAL A 362 -15.80 3.58 38.36
CA VAL A 362 -14.68 4.50 38.27
C VAL A 362 -13.52 3.81 37.60
N VAL A 363 -12.64 4.60 36.96
CA VAL A 363 -11.49 4.08 36.24
C VAL A 363 -10.23 4.47 36.99
N ILE A 364 -9.39 3.48 37.27
CA ILE A 364 -8.16 3.69 38.03
C ILE A 364 -6.98 3.25 37.17
N VAL A 365 -5.95 4.08 37.12
CA VAL A 365 -4.73 3.80 36.37
C VAL A 365 -3.57 3.78 37.35
N LEU A 366 -2.73 2.75 37.25
CA LEU A 366 -1.60 2.62 38.17
C LEU A 366 -0.67 3.81 38.04
N ASN A 367 -0.28 4.37 39.19
CA ASN A 367 0.55 5.56 39.23
C ASN A 367 2.03 5.18 39.03
N LYS A 368 2.85 6.21 38.84
CA LYS A 368 4.29 5.99 38.70
C LYS A 368 4.88 5.37 39.97
N ASP A 369 4.43 5.85 41.14
CA ASP A 369 4.87 5.31 42.42
C ASP A 369 3.97 4.19 42.93
N ARG A 370 3.27 3.50 42.03
CA ARG A 370 2.40 2.36 42.36
C ARG A 370 1.27 2.78 43.30
N GLU A 371 0.43 3.69 42.78
CA GLU A 371 -0.82 4.08 43.43
C GLU A 371 -1.94 4.01 42.41
N TRP A 372 -3.16 4.29 42.85
CA TRP A 372 -4.34 4.31 41.99
C TRP A 372 -5.03 5.65 42.11
N GLU A 373 -5.33 6.26 40.96
CA GLU A 373 -6.00 7.55 40.91
C GLU A 373 -7.15 7.50 39.90
N LYS A 374 -8.21 8.25 40.20
CA LYS A 374 -9.35 8.31 39.31
C LYS A 374 -9.01 9.15 38.08
N VAL A 375 -9.39 8.63 36.91
CA VAL A 375 -9.19 9.33 35.64
C VAL A 375 -10.50 9.54 34.90
N GLY A 376 -11.61 9.37 35.57
CA GLY A 376 -12.92 9.54 34.98
C GLY A 376 -13.96 8.70 35.68
N LYS A 377 -15.20 9.14 35.59
CA LYS A 377 -16.34 8.47 36.21
C LYS A 377 -17.29 7.94 35.13
N TRP A 378 -18.33 7.26 35.58
CA TRP A 378 -19.29 6.64 34.65
C TRP A 378 -20.74 6.86 35.06
N GLU A 379 -21.01 7.55 36.17
CA GLU A 379 -22.39 7.74 36.62
C GLU A 379 -23.15 8.76 35.78
N ASN A 380 -22.47 9.47 34.88
CA ASN A 380 -23.12 10.53 34.10
C ASN A 380 -24.01 9.95 33.02
N HIS A 381 -25.15 9.39 33.42
CA HIS A 381 -26.14 8.84 32.49
C HIS A 381 -25.53 7.77 31.57
N THR A 382 -24.73 6.88 32.18
CA THR A 382 -24.08 5.78 31.46
C THR A 382 -23.23 6.29 30.29
N LEU A 383 -22.51 7.37 30.51
CA LEU A 383 -21.58 7.92 29.53
C LEU A 383 -20.15 7.76 30.04
N SER A 384 -19.19 8.19 29.22
CA SER A 384 -17.78 8.07 29.52
C SER A 384 -17.18 9.45 29.73
N LEU A 385 -16.43 9.61 30.81
CA LEU A 385 -15.76 10.86 31.14
C LEU A 385 -14.27 10.58 31.33
N ARG A 386 -13.43 11.51 30.86
CA ARG A 386 -11.99 11.35 30.92
C ARG A 386 -11.35 12.66 31.35
N HIS A 387 -10.25 12.56 32.08
CA HIS A 387 -9.51 13.73 32.56
C HIS A 387 -8.48 14.22 31.54
N ALA A 388 -8.41 13.61 30.36
CA ALA A 388 -7.50 14.02 29.30
C ALA A 388 -6.04 13.98 29.76
N VAL A 389 -5.60 12.77 30.11
CA VAL A 389 -4.21 12.52 30.52
C VAL A 389 -3.70 11.37 29.66
N TRP A 390 -3.06 11.70 28.53
CA TRP A 390 -2.58 10.66 27.63
C TRP A 390 -1.34 9.97 28.16
N PRO A 391 -0.21 10.66 28.39
CA PRO A 391 1.01 9.92 28.76
C PRO A 391 1.04 9.55 30.24
N ARG A 392 0.80 8.26 30.53
CA ARG A 392 0.88 7.75 31.90
C ARG A 392 1.51 6.36 31.93
N TYR A 393 2.24 5.97 30.88
CA TYR A 393 2.79 4.63 30.75
C TYR A 393 4.30 4.70 30.78
N LYS A 394 4.92 3.85 31.60
CA LYS A 394 6.36 3.78 31.70
C LYS A 394 6.76 2.38 32.14
N SER A 395 7.85 1.88 31.58
CA SER A 395 8.35 0.55 31.90
C SER A 395 9.03 0.55 33.25
N PHE A 396 8.64 -0.37 34.13
CA PHE A 396 9.23 -0.51 35.44
C PHE A 396 9.82 -1.90 35.71
N SER A 397 9.31 -2.94 35.05
CA SER A 397 9.91 -4.27 35.20
C SER A 397 11.34 -4.28 34.67
N ASP A 398 11.57 -3.62 33.54
CA ASP A 398 12.90 -3.47 32.96
C ASP A 398 13.17 -2.00 32.69
N CYS A 399 14.41 -1.70 32.33
CA CYS A 399 14.85 -0.32 32.06
C CYS A 399 15.15 -0.20 30.56
N GLU A 400 14.29 0.52 29.84
CA GLU A 400 14.49 0.72 28.42
C GLU A 400 13.85 2.04 27.99
N PRO A 401 14.64 3.08 27.77
CA PRO A 401 14.06 4.36 27.34
C PRO A 401 13.50 4.27 25.93
N ASP A 402 12.49 5.10 25.66
CA ASP A 402 11.86 5.13 24.35
C ASP A 402 11.39 6.55 24.07
N ASP A 403 11.45 6.93 22.79
CA ASP A 403 11.05 8.27 22.37
C ASP A 403 10.28 8.24 21.06
N ASN A 404 9.52 7.17 20.82
CA ASN A 404 8.74 7.06 19.59
C ASN A 404 7.60 8.08 19.52
N HIS A 405 7.15 8.59 20.66
CA HIS A 405 6.04 9.55 20.69
C HIS A 405 6.59 10.92 20.26
N LEU A 406 6.44 11.23 18.98
CA LEU A 406 6.91 12.49 18.40
C LEU A 406 5.71 13.39 18.15
N SER A 407 5.59 14.47 18.91
CA SER A 407 4.49 15.40 18.74
C SER A 407 4.69 16.22 17.46
N ILE A 408 3.59 16.49 16.77
CA ILE A 408 3.60 17.26 15.53
C ILE A 408 2.61 18.40 15.66
N VAL A 409 3.05 19.61 15.29
CA VAL A 409 2.23 20.81 15.37
C VAL A 409 1.79 21.20 13.96
N THR A 410 0.50 21.40 13.77
CA THR A 410 -0.08 21.73 12.48
C THR A 410 -1.05 22.88 12.64
N LEU A 411 -1.22 23.66 11.58
CA LEU A 411 -2.11 24.81 11.58
C LEU A 411 -3.48 24.41 11.03
N GLU A 412 -4.36 25.40 10.85
CA GLU A 412 -5.72 25.14 10.40
C GLU A 412 -6.09 26.06 9.23
N GLU A 413 -5.48 27.24 9.18
CA GLU A 413 -5.85 28.21 8.15
C GLU A 413 -5.47 27.75 6.75
N ALA A 414 -4.40 26.98 6.62
CA ALA A 414 -3.96 26.53 5.31
C ALA A 414 -4.97 25.55 4.72
N PRO A 415 -5.24 25.63 3.41
CA PRO A 415 -6.15 24.65 2.80
C PRO A 415 -5.61 23.23 2.80
N PHE A 416 -4.30 23.04 2.97
CA PHE A 416 -3.73 21.69 2.99
C PHE A 416 -4.17 20.90 4.22
N VAL A 417 -4.68 21.55 5.25
CA VAL A 417 -5.16 20.88 6.45
C VAL A 417 -6.47 21.52 6.88
N ILE A 418 -7.54 20.73 6.88
CA ILE A 418 -8.87 21.20 7.27
C ILE A 418 -9.36 20.36 8.43
N VAL A 419 -9.78 21.01 9.50
CA VAL A 419 -10.27 20.33 10.69
C VAL A 419 -11.79 20.20 10.61
N GLU A 420 -12.32 19.17 11.27
CA GLU A 420 -13.75 18.94 11.31
C GLU A 420 -14.15 18.48 12.69
N ASP A 421 -15.35 18.88 13.12
CA ASP A 421 -15.88 18.47 14.41
C ASP A 421 -16.35 17.01 14.35
N ILE A 422 -16.35 16.37 15.52
CA ILE A 422 -16.78 14.99 15.61
C ILE A 422 -18.29 14.91 15.42
N ASP A 423 -18.72 14.02 14.52
CA ASP A 423 -20.15 13.88 14.24
C ASP A 423 -20.83 13.11 15.36
N PRO A 424 -21.89 13.67 15.96
CA PRO A 424 -22.63 12.96 17.02
C PRO A 424 -23.54 11.87 16.46
N LEU A 425 -22.94 10.88 15.81
CA LEU A 425 -23.64 9.77 15.18
C LEU A 425 -23.00 8.44 15.60
N THR A 426 -22.75 8.30 16.90
CA THR A 426 -22.20 7.12 17.57
C THR A 426 -20.82 6.73 17.03
N GLU A 427 -20.23 7.55 16.17
CA GLU A 427 -18.90 7.30 15.62
C GLU A 427 -18.04 8.55 15.83
N THR A 428 -16.75 8.32 16.11
CA THR A 428 -15.84 9.44 16.34
C THR A 428 -15.75 10.34 15.12
N CYS A 429 -15.25 9.80 14.02
CA CYS A 429 -15.11 10.54 12.76
C CYS A 429 -14.87 9.52 11.65
N VAL A 430 -14.51 10.01 10.47
CA VAL A 430 -14.26 9.12 9.34
C VAL A 430 -12.97 8.33 9.57
N ARG A 431 -12.81 7.28 8.76
CA ARG A 431 -11.63 6.43 8.88
C ARG A 431 -10.39 7.07 8.26
N ASN A 432 -10.56 7.94 7.27
CA ASN A 432 -9.42 8.52 6.55
C ASN A 432 -9.04 9.86 7.17
N THR A 433 -8.54 9.79 8.40
CA THR A 433 -8.06 10.95 9.13
C THR A 433 -7.31 10.46 10.35
N VAL A 434 -6.70 11.39 11.09
CA VAL A 434 -5.99 11.08 12.32
C VAL A 434 -6.47 12.03 13.40
N PRO A 435 -6.47 11.62 14.67
CA PRO A 435 -6.95 12.51 15.74
C PRO A 435 -6.02 13.70 15.95
N CYS A 436 -6.62 14.79 16.42
CA CYS A 436 -5.88 16.00 16.75
C CYS A 436 -6.57 16.70 17.91
N ARG A 437 -5.81 17.54 18.61
CA ARG A 437 -6.29 18.20 19.81
C ARG A 437 -6.16 19.71 19.68
N LYS A 438 -7.13 20.43 20.25
CA LYS A 438 -7.17 21.88 20.19
C LYS A 438 -7.54 22.43 21.56
N PHE A 439 -7.00 23.60 21.87
CA PHE A 439 -7.31 24.32 23.10
C PHE A 439 -8.34 25.40 22.79
N VAL A 440 -9.49 25.33 23.47
CA VAL A 440 -10.57 26.30 23.29
C VAL A 440 -10.77 27.02 24.62
N LYS A 441 -10.63 28.34 24.60
CA LYS A 441 -10.82 29.12 25.81
C LYS A 441 -12.29 29.16 26.21
N ILE A 442 -12.55 29.09 27.52
CA ILE A 442 -13.93 29.03 28.00
C ILE A 442 -14.65 30.35 27.72
N ASN A 443 -14.03 31.47 28.07
CA ASN A 443 -14.64 32.78 27.91
C ASN A 443 -13.58 33.75 27.40
N ASN A 444 -13.92 35.04 27.40
CA ASN A 444 -13.00 36.07 26.96
C ASN A 444 -11.95 36.44 28.01
N SER A 445 -12.14 36.01 29.24
CA SER A 445 -11.20 36.32 30.32
C SER A 445 -10.67 35.09 31.04
N THR A 446 -11.50 34.06 31.20
CA THR A 446 -11.10 32.84 31.89
C THR A 446 -10.25 32.01 30.94
N ASN A 447 -8.93 32.09 31.10
CA ASN A 447 -8.00 31.37 30.23
C ASN A 447 -7.93 29.91 30.68
N GLU A 448 -8.66 29.05 29.98
CA GLU A 448 -8.68 27.62 30.29
C GLU A 448 -9.10 26.87 29.03
N GLY A 449 -8.19 26.06 28.49
CA GLY A 449 -8.48 25.33 27.27
C GLY A 449 -8.69 23.84 27.48
N MET A 450 -9.87 23.34 27.11
CA MET A 450 -10.15 21.92 27.21
C MET A 450 -9.64 21.19 25.97
N ASN A 451 -9.07 20.00 26.20
CA ASN A 451 -8.49 19.21 25.11
C ASN A 451 -9.62 18.52 24.36
N VAL A 452 -10.27 19.28 23.48
CA VAL A 452 -11.35 18.74 22.66
C VAL A 452 -10.76 17.80 21.62
N LYS A 453 -11.36 16.62 21.47
CA LYS A 453 -10.87 15.61 20.54
C LYS A 453 -11.49 15.84 19.17
N LYS A 454 -10.65 16.12 18.18
CA LYS A 454 -11.09 16.34 16.81
C LYS A 454 -10.23 15.50 15.86
N CYS A 455 -10.67 15.41 14.61
CA CYS A 455 -9.97 14.67 13.58
C CYS A 455 -9.55 15.62 12.47
N CYS A 456 -8.28 15.61 12.12
CA CYS A 456 -7.71 16.50 11.13
C CYS A 456 -7.40 15.72 9.85
N LYS A 457 -7.85 16.25 8.71
CA LYS A 457 -7.70 15.59 7.42
C LYS A 457 -7.18 16.60 6.40
N GLY A 458 -6.29 16.14 5.53
CA GLY A 458 -5.76 16.99 4.48
C GLY A 458 -4.57 16.36 3.80
N PHE A 459 -3.97 17.13 2.90
CA PHE A 459 -2.80 16.65 2.17
C PHE A 459 -1.63 16.39 3.11
N CYS A 460 -1.39 17.31 4.06
CA CYS A 460 -0.35 17.09 5.05
C CYS A 460 -0.66 15.88 5.92
N ILE A 461 -1.93 15.61 6.17
CA ILE A 461 -2.31 14.40 6.89
C ILE A 461 -1.92 13.15 6.11
N ASP A 462 -2.15 13.17 4.80
CA ASP A 462 -1.73 12.04 3.96
C ASP A 462 -0.22 11.88 3.96
N ILE A 463 0.51 13.00 3.92
CA ILE A 463 1.97 12.94 3.98
C ILE A 463 2.43 12.34 5.30
N LEU A 464 1.79 12.74 6.40
CA LEU A 464 2.14 12.18 7.71
C LEU A 464 1.82 10.69 7.77
N LYS A 465 0.70 10.28 7.18
CA LYS A 465 0.38 8.86 7.14
C LYS A 465 1.42 8.07 6.34
N LYS A 466 1.85 8.61 5.20
CA LYS A 466 2.89 7.94 4.42
C LYS A 466 4.19 7.86 5.19
N LEU A 467 4.56 8.93 5.90
CA LEU A 467 5.78 8.90 6.71
C LEU A 467 5.67 7.88 7.84
N SER A 468 4.50 7.79 8.47
CA SER A 468 4.30 6.81 9.53
C SER A 468 4.39 5.39 8.99
N ARG A 469 3.83 5.14 7.82
CA ARG A 469 3.89 3.81 7.24
C ARG A 469 5.28 3.46 6.71
N THR A 470 6.09 4.46 6.37
CA THR A 470 7.43 4.19 5.86
C THR A 470 8.46 4.04 6.98
N VAL A 471 8.55 5.04 7.87
CA VAL A 471 9.54 5.00 8.94
C VAL A 471 9.10 4.10 10.08
N LYS A 472 7.81 3.79 10.18
CA LYS A 472 7.25 2.92 11.22
C LYS A 472 7.48 3.50 12.62
N PHE A 473 6.92 4.71 12.82
CA PHE A 473 6.94 5.36 14.12
C PHE A 473 5.65 6.13 14.32
N THR A 474 5.08 6.01 15.52
CA THR A 474 3.82 6.68 15.82
C THR A 474 4.03 8.19 15.92
N TYR A 475 3.13 8.94 15.29
CA TYR A 475 3.18 10.39 15.26
C TYR A 475 1.89 10.97 15.83
N ASP A 476 2.03 11.95 16.72
CA ASP A 476 0.88 12.62 17.32
C ASP A 476 0.50 13.83 16.47
N LEU A 477 -0.41 14.66 16.98
CA LEU A 477 -0.85 15.84 16.25
C LEU A 477 -1.23 16.93 17.25
N TYR A 478 -0.79 18.16 16.97
CA TYR A 478 -1.13 19.32 17.77
C TYR A 478 -1.57 20.44 16.85
N LEU A 479 -2.51 21.25 17.33
CA LEU A 479 -3.09 22.34 16.55
C LEU A 479 -2.65 23.69 17.11
N VAL A 480 -2.29 24.60 16.21
CA VAL A 480 -1.80 25.90 16.62
C VAL A 480 -2.94 26.72 17.21
N THR A 481 -2.71 27.30 18.39
CA THR A 481 -3.68 28.16 19.03
C THR A 481 -3.14 29.55 19.34
N ASN A 482 -1.84 29.77 19.22
CA ASN A 482 -1.23 31.06 19.54
C ASN A 482 -1.02 31.88 18.27
N GLY A 483 -2.13 32.41 17.75
CA GLY A 483 -2.08 33.32 16.63
C GLY A 483 -1.60 32.67 15.34
N LYS A 484 -0.90 33.47 14.54
CA LYS A 484 -0.41 33.04 13.23
C LYS A 484 0.85 32.21 13.38
N HIS A 485 1.57 32.00 12.28
CA HIS A 485 2.80 31.21 12.30
C HIS A 485 3.80 31.79 13.30
N GLY A 486 4.00 33.11 13.27
CA GLY A 486 4.90 33.75 14.19
C GLY A 486 6.04 34.48 13.52
N LYS A 487 6.65 35.42 14.25
CA LYS A 487 7.78 36.18 13.73
C LYS A 487 8.68 36.59 14.89
N LYS A 488 9.91 36.93 14.57
CA LYS A 488 10.89 37.33 15.58
C LYS A 488 10.54 38.72 16.10
N VAL A 489 9.94 38.77 17.29
CA VAL A 489 9.60 40.02 17.95
C VAL A 489 10.26 40.04 19.32
N ASN A 490 11.03 41.09 19.58
CA ASN A 490 11.78 41.23 20.84
C ASN A 490 12.66 40.01 21.09
N ASN A 491 13.26 39.49 20.01
CA ASN A 491 14.13 38.31 20.07
C ASN A 491 13.39 37.09 20.62
N VAL A 492 12.07 37.03 20.42
CA VAL A 492 11.25 35.94 20.90
C VAL A 492 10.44 35.39 19.73
N TRP A 493 10.49 34.08 19.53
CA TRP A 493 9.72 33.43 18.48
C TRP A 493 8.35 33.03 19.01
N ASN A 494 7.34 33.22 18.17
CA ASN A 494 5.95 32.96 18.54
C ASN A 494 5.35 31.93 17.59
N GLY A 495 4.24 31.33 18.02
CA GLY A 495 3.52 30.40 17.18
C GLY A 495 4.21 29.05 17.07
N MET A 496 4.08 28.43 15.89
CA MET A 496 4.66 27.11 15.67
C MET A 496 6.18 27.14 15.78
N ILE A 497 6.80 28.17 15.22
CA ILE A 497 8.26 28.30 15.32
C ILE A 497 8.69 28.45 16.77
N GLY A 498 7.96 29.27 17.53
CA GLY A 498 8.28 29.43 18.94
C GLY A 498 8.13 28.14 19.72
N GLU A 499 7.08 27.36 19.42
CA GLU A 499 6.91 26.06 20.08
C GLU A 499 8.04 25.11 19.72
N VAL A 500 8.48 25.13 18.47
CA VAL A 500 9.59 24.27 18.05
C VAL A 500 10.87 24.67 18.78
N VAL A 501 11.13 25.97 18.89
CA VAL A 501 12.34 26.44 19.56
C VAL A 501 12.31 26.06 21.04
N TYR A 502 11.14 26.15 21.68
CA TYR A 502 11.00 25.87 23.10
C TYR A 502 10.90 24.37 23.40
N GLN A 503 11.30 23.52 22.45
CA GLN A 503 11.32 22.06 22.63
C GLN A 503 9.93 21.51 22.97
N ARG A 504 8.88 22.18 22.50
CA ARG A 504 7.52 21.68 22.69
C ARG A 504 7.12 20.67 21.63
N ALA A 505 7.90 20.52 20.55
CA ALA A 505 7.62 19.56 19.51
C ALA A 505 8.89 19.32 18.70
N VAL A 506 9.14 18.06 18.37
CA VAL A 506 10.33 17.71 17.60
C VAL A 506 10.10 17.81 16.10
N MET A 507 8.84 17.87 15.66
CA MET A 507 8.51 17.95 14.24
C MET A 507 7.35 18.91 14.04
N ALA A 508 7.47 19.76 13.02
CA ALA A 508 6.43 20.71 12.66
C ALA A 508 6.07 20.53 11.19
N VAL A 509 4.79 20.30 10.92
CA VAL A 509 4.29 20.06 9.58
C VAL A 509 3.16 21.05 9.29
N GLY A 510 3.24 21.72 8.15
CA GLY A 510 2.22 22.68 7.78
C GLY A 510 2.70 23.55 6.63
N SER A 511 1.92 24.59 6.37
CA SER A 511 2.23 25.54 5.30
C SER A 511 3.19 26.61 5.85
N LEU A 512 4.41 26.17 6.12
CA LEU A 512 5.47 27.03 6.64
C LEU A 512 6.43 27.36 5.50
N THR A 513 6.48 28.63 5.12
CA THR A 513 7.36 29.07 4.04
C THR A 513 8.80 29.13 4.55
N ILE A 514 9.72 28.58 3.76
CA ILE A 514 11.13 28.61 4.12
C ILE A 514 11.65 30.04 4.00
N ASN A 515 12.29 30.52 5.06
CA ASN A 515 12.79 31.89 5.10
C ASN A 515 14.19 31.89 5.68
N GLU A 516 14.93 32.98 5.41
CA GLU A 516 16.30 33.09 5.91
C GLU A 516 16.32 33.15 7.44
N GLU A 517 15.35 33.83 8.05
CA GLU A 517 15.33 33.96 9.50
C GLU A 517 15.18 32.59 10.18
N ARG A 518 14.33 31.73 9.63
CA ARG A 518 14.12 30.40 10.19
C ARG A 518 15.19 29.41 9.78
N SER A 519 16.11 29.79 8.90
CA SER A 519 17.10 28.84 8.38
C SER A 519 18.10 28.42 9.44
N GLU A 520 18.54 29.36 10.28
CA GLU A 520 19.53 29.05 11.31
C GLU A 520 18.91 28.75 12.67
N VAL A 521 17.72 29.27 12.95
CA VAL A 521 17.08 29.00 14.23
C VAL A 521 16.63 27.55 14.31
N VAL A 522 16.00 27.05 13.24
CA VAL A 522 15.54 25.67 13.16
C VAL A 522 16.03 25.08 11.84
N ASP A 523 15.88 23.77 11.71
CA ASP A 523 16.29 23.05 10.51
C ASP A 523 15.07 22.42 9.85
N PHE A 524 15.11 22.35 8.52
CA PHE A 524 14.01 21.81 7.73
C PHE A 524 14.56 20.89 6.65
N SER A 525 13.72 19.95 6.24
CA SER A 525 14.12 18.94 5.26
C SER A 525 13.90 19.48 3.84
N VAL A 526 14.05 18.62 2.86
CA VAL A 526 13.88 19.02 1.45
C VAL A 526 12.41 19.35 1.19
N PRO A 527 12.10 20.51 0.64
CA PRO A 527 10.70 20.84 0.34
C PRO A 527 10.12 19.93 -0.72
N PHE A 528 8.81 19.72 -0.64
CA PHE A 528 8.09 18.86 -1.58
C PHE A 528 7.18 19.61 -2.54
N VAL A 529 6.67 20.77 -2.15
CA VAL A 529 5.82 21.59 -2.99
C VAL A 529 6.41 23.00 -3.07
N GLU A 530 6.62 23.48 -4.29
CA GLU A 530 7.19 24.80 -4.50
C GLU A 530 6.10 25.86 -4.55
N THR A 531 6.45 27.07 -4.14
CA THR A 531 5.53 28.20 -4.12
C THR A 531 6.36 29.48 -4.05
N GLY A 532 5.70 30.61 -3.77
CA GLY A 532 6.41 31.86 -3.63
C GLY A 532 5.44 33.03 -3.65
N ILE A 533 6.01 34.21 -3.91
CA ILE A 533 5.24 35.44 -3.94
C ILE A 533 4.48 35.56 -5.25
N SER A 534 3.20 35.88 -5.17
CA SER A 534 2.37 36.06 -6.35
C SER A 534 1.38 37.18 -6.11
N VAL A 535 0.86 37.74 -7.20
CA VAL A 535 -0.08 38.86 -7.16
C VAL A 535 -1.42 38.37 -7.72
N MET A 536 -2.49 38.64 -6.99
CA MET A 536 -3.84 38.26 -7.39
C MET A 536 -4.63 39.51 -7.73
N VAL A 537 -5.19 39.55 -8.94
CA VAL A 537 -5.96 40.69 -9.42
C VAL A 537 -7.07 40.19 -10.31
N SER A 538 -8.23 40.86 -10.25
CA SER A 538 -9.36 40.48 -11.09
C SER A 538 -9.05 40.76 -12.55
N ARG A 539 -9.45 39.84 -13.42
CA ARG A 539 -9.24 40.00 -14.85
C ARG A 539 -10.12 41.13 -15.40
N SER A 540 -9.55 41.93 -16.28
CA SER A 540 -10.25 43.03 -16.91
C SER A 540 -10.79 42.61 -18.27
N ASN A 541 -11.97 43.13 -18.62
CA ASN A 541 -12.58 42.79 -19.90
C ASN A 541 -11.76 43.34 -21.05
N GLY A 542 -11.62 42.55 -22.11
CA GLY A 542 -10.85 42.95 -23.28
C GLY A 542 -10.68 41.83 -24.28
N PHE A 549 -10.12 44.09 -39.51
CA PHE A 549 -10.21 44.53 -40.90
C PHE A 549 -9.26 43.73 -41.79
N LEU A 550 -9.07 42.46 -41.45
CA LEU A 550 -8.20 41.55 -42.19
C LEU A 550 -6.76 42.05 -42.24
N GLU A 551 -6.36 42.80 -41.23
CA GLU A 551 -5.01 43.35 -41.13
C GLU A 551 -3.97 42.32 -40.71
N PRO A 552 -4.17 41.58 -39.61
CA PRO A 552 -3.05 40.75 -39.09
C PRO A 552 -2.53 39.70 -40.05
N PHE A 553 -3.40 39.09 -40.86
CA PHE A 553 -2.97 38.01 -41.75
C PHE A 553 -2.74 38.49 -43.18
N SER A 554 -2.78 39.79 -43.43
CA SER A 554 -2.55 40.32 -44.77
C SER A 554 -1.07 40.49 -45.10
N ALA A 555 -0.17 40.16 -44.16
CA ALA A 555 1.25 40.30 -44.42
C ALA A 555 1.76 39.34 -45.49
N SER A 556 1.00 38.29 -45.81
CA SER A 556 1.40 37.31 -46.80
C SER A 556 0.46 37.23 -47.99
N VAL A 557 -0.86 37.20 -47.74
CA VAL A 557 -1.81 37.06 -48.84
C VAL A 557 -1.86 38.32 -49.69
N TRP A 558 -1.87 39.49 -49.04
CA TRP A 558 -1.98 40.74 -49.79
C TRP A 558 -0.76 40.97 -50.66
N VAL A 559 0.44 40.64 -50.16
CA VAL A 559 1.66 40.89 -50.91
C VAL A 559 1.65 40.11 -52.22
N MET A 560 1.27 38.83 -52.18
CA MET A 560 1.25 38.04 -53.40
C MET A 560 0.05 38.41 -54.28
N MET A 561 -1.10 38.71 -53.67
CA MET A 561 -2.27 39.05 -54.46
C MET A 561 -2.09 40.37 -55.20
N PHE A 562 -1.23 41.26 -54.69
CA PHE A 562 -0.99 42.53 -55.38
C PHE A 562 -0.38 42.28 -56.75
N VAL A 563 0.71 41.50 -56.81
CA VAL A 563 1.32 41.20 -58.11
C VAL A 563 0.43 40.26 -58.91
N MET A 564 -0.33 39.39 -58.24
CA MET A 564 -1.25 38.51 -58.95
C MET A 564 -2.30 39.32 -59.72
N LEU A 565 -2.82 40.38 -59.10
CA LEU A 565 -3.75 41.27 -59.78
C LEU A 565 -3.06 42.14 -60.81
N LEU A 566 -1.82 42.58 -60.53
CA LEU A 566 -1.11 43.43 -61.49
C LEU A 566 -0.86 42.71 -62.81
N ILE A 567 -0.42 41.46 -62.74
CA ILE A 567 -0.08 40.75 -63.98
C ILE A 567 -1.34 40.45 -64.79
N VAL A 568 -2.42 40.05 -64.12
CA VAL A 568 -3.66 39.79 -64.85
C VAL A 568 -4.25 41.08 -65.40
N SER A 569 -4.07 42.20 -64.69
CA SER A 569 -4.51 43.49 -65.23
C SER A 569 -3.73 43.86 -66.48
N ALA A 570 -2.41 43.63 -66.46
CA ALA A 570 -1.60 43.88 -67.65
C ALA A 570 -2.05 43.01 -68.82
N ILE A 571 -2.31 41.73 -68.56
CA ILE A 571 -2.77 40.83 -69.61
C ILE A 571 -4.12 41.30 -70.15
N ALA A 572 -5.04 41.69 -69.26
CA ALA A 572 -6.37 42.13 -69.67
C ALA A 572 -6.29 43.40 -70.51
N VAL A 573 -5.48 44.37 -70.10
CA VAL A 573 -5.38 45.61 -70.87
C VAL A 573 -4.71 45.35 -72.21
N PHE A 574 -3.73 44.45 -72.25
CA PHE A 574 -3.08 44.11 -73.52
C PHE A 574 -4.06 43.45 -74.47
N VAL A 575 -4.86 42.50 -73.99
CA VAL A 575 -5.81 41.82 -74.89
C VAL A 575 -6.93 42.77 -75.28
N PHE A 576 -7.33 43.69 -74.39
CA PHE A 576 -8.36 44.67 -74.75
C PHE A 576 -7.85 45.60 -75.84
N GLU A 577 -6.58 46.04 -75.74
CA GLU A 577 -6.00 46.83 -76.83
C GLU A 577 -5.92 46.02 -78.12
N TYR A 578 -5.58 44.73 -78.00
CA TYR A 578 -5.52 43.86 -79.18
C TYR A 578 -6.90 43.68 -79.80
N PHE A 579 -7.97 43.84 -79.01
CA PHE A 579 -9.35 43.68 -79.50
C PHE A 579 -9.81 44.81 -80.42
N SER A 580 -8.93 45.74 -80.85
CA SER A 580 -9.39 46.83 -81.71
C SER A 580 -9.97 46.34 -83.03
N PRO A 581 -9.32 45.43 -83.79
CA PRO A 581 -10.00 44.99 -85.01
C PRO A 581 -11.10 43.97 -84.75
N SER A 598 -15.57 51.79 -74.89
CA SER A 598 -14.88 51.24 -76.06
C SER A 598 -13.49 51.85 -76.20
N PHE A 599 -13.03 52.53 -75.15
CA PHE A 599 -11.72 53.16 -75.12
C PHE A 599 -10.84 52.45 -74.11
N THR A 600 -9.62 52.11 -74.52
CA THR A 600 -8.71 51.38 -73.64
C THR A 600 -8.33 52.17 -72.39
N ILE A 601 -8.45 53.50 -72.43
CA ILE A 601 -8.04 54.30 -71.28
C ILE A 601 -9.01 54.12 -70.12
N GLY A 602 -10.31 54.14 -70.39
CA GLY A 602 -11.28 54.07 -69.32
C GLY A 602 -12.06 52.78 -69.22
N LYS A 603 -12.43 52.20 -70.38
CA LYS A 603 -13.24 50.98 -70.37
C LYS A 603 -12.47 49.81 -69.76
N ALA A 604 -11.19 49.67 -70.09
CA ALA A 604 -10.38 48.60 -69.53
C ALA A 604 -10.26 48.73 -68.02
N ILE A 605 -10.02 49.96 -67.53
CA ILE A 605 -9.90 50.17 -66.09
C ILE A 605 -11.22 49.87 -65.40
N TRP A 606 -12.33 50.30 -66.00
CA TRP A 606 -13.64 50.04 -65.40
C TRP A 606 -13.93 48.54 -65.35
N LEU A 607 -13.66 47.82 -66.43
CA LEU A 607 -13.89 46.38 -66.46
C LEU A 607 -12.93 45.63 -65.55
N LEU A 608 -11.77 46.21 -65.24
CA LEU A 608 -10.82 45.58 -64.33
C LEU A 608 -11.40 45.36 -62.94
N TRP A 609 -12.45 46.10 -62.57
CA TRP A 609 -13.04 45.98 -61.25
C TRP A 609 -14.56 45.90 -61.27
N GLY A 610 -15.20 45.97 -62.44
CA GLY A 610 -16.65 45.89 -62.48
C GLY A 610 -17.20 44.50 -62.26
N LEU A 611 -16.40 43.46 -62.49
CA LEU A 611 -16.88 42.09 -62.36
C LEU A 611 -16.27 41.34 -61.17
N VAL A 612 -15.07 41.68 -60.76
CA VAL A 612 -14.47 41.02 -59.60
C VAL A 612 -15.27 41.33 -58.33
N PHE A 613 -15.80 42.55 -58.24
CA PHE A 613 -16.72 42.93 -57.17
C PHE A 613 -18.15 42.67 -57.65
N ASN A 614 -18.78 41.63 -57.09
CA ASN A 614 -20.13 41.28 -57.49
C ASN A 614 -21.14 42.36 -57.15
N ASN A 615 -20.82 43.24 -56.21
CA ASN A 615 -21.71 44.34 -55.82
C ASN A 615 -21.47 45.58 -56.67
N SER A 616 -21.50 45.40 -57.99
CA SER A 616 -21.30 46.51 -58.92
C SER A 616 -21.91 46.15 -60.26
N VAL A 617 -22.17 47.17 -61.07
CA VAL A 617 -22.71 46.98 -62.42
C VAL A 617 -21.98 47.92 -63.37
N PRO A 618 -20.65 47.97 -63.34
CA PRO A 618 -19.90 48.89 -64.22
C PRO A 618 -19.41 48.26 -65.52
N VAL A 619 -19.77 47.01 -65.82
CA VAL A 619 -19.30 46.36 -67.04
C VAL A 619 -20.02 46.94 -68.25
N GLN A 620 -21.34 46.78 -68.30
CA GLN A 620 -22.18 47.29 -69.37
C GLN A 620 -21.74 46.76 -70.74
N ASN A 621 -21.23 45.55 -70.77
CA ASN A 621 -20.78 44.94 -72.02
C ASN A 621 -20.80 43.41 -71.93
N THR A 625 -16.82 37.51 -79.60
CA THR A 625 -16.49 36.11 -79.35
C THR A 625 -15.26 35.99 -78.46
N THR A 626 -14.16 36.60 -78.88
CA THR A 626 -12.92 36.57 -78.10
C THR A 626 -13.10 37.27 -76.77
N SER A 627 -13.79 38.41 -76.76
CA SER A 627 -14.00 39.15 -75.52
C SER A 627 -14.85 38.36 -74.54
N LYS A 628 -15.88 37.66 -75.04
CA LYS A 628 -16.78 36.93 -74.16
C LYS A 628 -16.06 35.82 -73.40
N ILE A 629 -15.19 35.08 -74.09
CA ILE A 629 -14.47 33.99 -73.44
C ILE A 629 -13.56 34.53 -72.35
N MET A 630 -12.82 35.60 -72.64
CA MET A 630 -11.88 36.15 -71.68
C MET A 630 -12.60 36.68 -70.44
N VAL A 631 -13.67 37.45 -70.64
CA VAL A 631 -14.40 37.98 -69.49
C VAL A 631 -15.06 36.87 -68.70
N SER A 632 -15.54 35.81 -69.38
CA SER A 632 -16.17 34.70 -68.69
C SER A 632 -15.16 33.95 -67.81
N VAL A 633 -13.99 33.63 -68.37
CA VAL A 633 -12.99 32.90 -67.58
C VAL A 633 -12.46 33.77 -66.46
N TRP A 634 -12.31 35.08 -66.70
CA TRP A 634 -11.83 35.97 -65.65
C TRP A 634 -12.86 36.12 -64.54
N ALA A 635 -14.15 36.15 -64.88
CA ALA A 635 -15.19 36.17 -63.87
C ALA A 635 -15.21 34.87 -63.06
N PHE A 636 -14.99 33.74 -63.74
CA PHE A 636 -14.89 32.47 -63.03
C PHE A 636 -13.72 32.48 -62.05
N PHE A 637 -12.57 33.01 -62.50
CA PHE A 637 -11.41 33.11 -61.61
C PHE A 637 -11.70 34.04 -60.43
N ALA A 638 -12.40 35.16 -60.69
CA ALA A 638 -12.74 36.08 -59.62
C ALA A 638 -13.67 35.42 -58.60
N VAL A 639 -14.64 34.65 -59.07
CA VAL A 639 -15.54 33.95 -58.15
C VAL A 639 -14.77 32.92 -57.33
N ILE A 640 -13.85 32.18 -57.97
CA ILE A 640 -13.05 31.21 -57.24
C ILE A 640 -12.19 31.91 -56.19
N PHE A 641 -11.60 33.05 -56.55
CA PHE A 641 -10.78 33.80 -55.59
C PHE A 641 -11.61 34.32 -54.43
N LEU A 642 -12.84 34.78 -54.71
CA LEU A 642 -13.72 35.23 -53.64
C LEU A 642 -14.09 34.08 -52.70
N ALA A 643 -14.37 32.91 -53.26
CA ALA A 643 -14.67 31.75 -52.44
C ALA A 643 -13.47 31.36 -51.58
N SER A 644 -12.26 31.40 -52.17
CA SER A 644 -11.05 31.11 -51.41
C SER A 644 -10.84 32.12 -50.30
N TYR A 645 -11.11 33.40 -50.58
CA TYR A 645 -10.96 34.44 -49.56
C TYR A 645 -11.94 34.23 -48.42
N THR A 646 -13.19 33.89 -48.73
CA THR A 646 -14.17 33.60 -47.68
C THR A 646 -13.76 32.40 -46.86
N ALA A 647 -13.26 31.34 -47.52
CA ALA A 647 -12.80 30.17 -46.80
C ALA A 647 -11.61 30.50 -45.89
N ASN A 648 -10.68 31.32 -46.37
CA ASN A 648 -9.54 31.73 -45.57
C ASN A 648 -9.99 32.56 -44.36
N LEU A 649 -10.98 33.44 -44.56
CA LEU A 649 -11.51 34.21 -43.44
C LEU A 649 -12.18 33.30 -42.42
N ALA A 650 -12.92 32.30 -42.89
CA ALA A 650 -13.55 31.35 -41.97
C ALA A 650 -12.51 30.56 -41.19
N ALA A 651 -11.43 30.15 -41.86
CA ALA A 651 -10.36 29.43 -41.18
C ALA A 651 -9.64 30.33 -40.17
N PHE A 652 -9.47 31.60 -40.50
CA PHE A 652 -8.80 32.54 -39.60
C PHE A 652 -9.66 32.93 -38.40
N MET A 653 -10.99 32.89 -38.53
CA MET A 653 -11.85 33.38 -37.45
C MET A 653 -11.82 32.48 -36.20
N ILE A 654 -10.96 31.48 -36.09
CA ILE A 654 -10.87 30.68 -34.88
C ILE A 654 -9.50 30.87 -34.25
N GLN A 655 -9.42 31.76 -33.26
CA GLN A 655 -8.17 32.01 -32.56
C GLN A 655 -8.45 32.49 -31.14
N ASP A 660 -2.52 40.37 -19.18
CA ASP A 660 -2.76 41.02 -17.90
C ASP A 660 -2.47 42.51 -17.97
N GLN A 661 -2.22 43.13 -16.82
CA GLN A 661 -1.93 44.54 -16.74
C GLN A 661 -0.62 44.88 -16.04
N VAL A 662 -0.12 44.01 -15.15
CA VAL A 662 1.13 44.23 -14.43
C VAL A 662 1.99 42.99 -14.62
N THR A 663 3.32 43.20 -14.60
CA THR A 663 4.29 42.12 -14.78
C THR A 663 5.27 42.16 -13.61
N GLY A 664 5.01 41.36 -12.59
CA GLY A 664 5.90 41.26 -11.45
C GLY A 664 5.85 42.50 -10.57
N LEU A 665 6.82 42.56 -9.66
CA LEU A 665 6.95 43.69 -8.74
C LEU A 665 7.89 44.77 -9.25
N SER A 666 8.46 44.59 -10.45
CA SER A 666 9.37 45.57 -11.01
C SER A 666 8.65 46.72 -11.71
N ASP A 667 7.33 46.65 -11.86
CA ASP A 667 6.59 47.70 -12.54
C ASP A 667 6.60 48.98 -11.70
N LYS A 668 6.62 50.11 -12.40
CA LYS A 668 6.63 51.41 -11.73
C LYS A 668 5.30 51.73 -11.07
N LYS A 669 4.23 51.02 -11.44
CA LYS A 669 2.93 51.28 -10.82
C LYS A 669 2.95 50.98 -9.33
N PHE A 670 3.58 49.87 -8.93
CA PHE A 670 3.67 49.52 -7.52
C PHE A 670 4.53 50.53 -6.76
N GLN A 671 5.65 50.93 -7.35
CA GLN A 671 6.57 51.84 -6.67
C GLN A 671 6.11 53.29 -6.70
N ARG A 672 5.22 53.65 -7.62
CA ARG A 672 4.72 55.01 -7.76
C ARG A 672 3.20 55.00 -7.83
N PRO A 673 2.53 54.71 -6.73
CA PRO A 673 1.05 54.73 -6.75
C PRO A 673 0.46 56.11 -6.99
N HIS A 674 1.19 57.18 -6.67
CA HIS A 674 0.67 58.53 -6.80
C HIS A 674 0.73 59.07 -8.23
N ASP A 675 1.46 58.40 -9.14
CA ASP A 675 1.57 58.87 -10.50
C ASP A 675 0.27 58.70 -11.29
N TYR A 676 -0.70 57.95 -10.77
CA TYR A 676 -1.97 57.74 -11.42
C TYR A 676 -3.09 58.32 -10.57
N SER A 677 -4.13 58.84 -11.23
CA SER A 677 -5.26 59.41 -10.51
C SER A 677 -5.96 58.42 -9.60
N PRO A 678 -6.26 57.19 -10.02
CA PRO A 678 -6.83 56.21 -9.07
C PRO A 678 -5.73 55.66 -8.16
N PRO A 679 -5.83 55.92 -6.86
CA PRO A 679 -4.80 55.40 -5.94
C PRO A 679 -4.80 53.89 -5.91
N PHE A 680 -3.60 53.33 -5.79
CA PHE A 680 -3.45 51.88 -5.71
C PHE A 680 -3.56 51.42 -4.26
N ARG A 681 -4.33 50.36 -4.04
CA ARG A 681 -4.53 49.79 -2.71
C ARG A 681 -4.20 48.31 -2.75
N PHE A 682 -3.38 47.87 -1.79
CA PHE A 682 -2.94 46.49 -1.71
C PHE A 682 -3.24 45.93 -0.32
N GLY A 683 -3.34 44.61 -0.24
CA GLY A 683 -3.68 43.96 1.00
C GLY A 683 -2.82 42.73 1.23
N THR A 684 -2.54 42.47 2.51
CA THR A 684 -1.80 41.28 2.91
C THR A 684 -2.14 40.97 4.36
N VAL A 685 -1.84 39.74 4.76
CA VAL A 685 -2.08 39.28 6.12
C VAL A 685 -0.88 39.68 6.98
N PRO A 686 -1.08 40.43 8.06
CA PRO A 686 0.06 40.82 8.90
C PRO A 686 0.62 39.64 9.68
N ASN A 687 1.77 39.88 10.30
CA ASN A 687 2.46 38.88 11.13
C ASN A 687 2.80 37.62 10.34
N GLY A 688 3.07 37.77 9.04
CA GLY A 688 3.41 36.66 8.18
C GLY A 688 4.84 36.74 7.68
N SER A 689 5.09 36.03 6.58
CA SER A 689 6.41 36.01 5.95
C SER A 689 6.51 36.95 4.77
N THR A 690 5.43 37.15 4.02
CA THR A 690 5.46 38.07 2.89
C THR A 690 5.74 39.50 3.35
N GLU A 691 5.10 39.92 4.45
CA GLU A 691 5.34 41.26 4.98
C GLU A 691 6.78 41.42 5.42
N ARG A 692 7.34 40.41 6.08
CA ARG A 692 8.74 40.48 6.50
C ARG A 692 9.67 40.56 5.29
N ASN A 693 9.38 39.77 4.25
CA ASN A 693 10.21 39.81 3.05
C ASN A 693 10.14 41.18 2.38
N ILE A 694 8.95 41.77 2.32
CA ILE A 694 8.81 43.10 1.74
C ILE A 694 9.56 44.13 2.58
N ARG A 695 9.48 44.02 3.90
CA ARG A 695 10.18 44.96 4.78
C ARG A 695 11.68 44.86 4.60
N ASN A 696 12.22 43.64 4.50
CA ASN A 696 13.66 43.47 4.35
C ASN A 696 14.17 43.95 2.99
N ASN A 697 13.29 44.08 2.00
CA ASN A 697 13.70 44.48 0.66
C ASN A 697 13.31 45.93 0.35
N TYR A 698 12.03 46.28 0.49
CA TYR A 698 11.55 47.63 0.20
C TYR A 698 10.85 48.21 1.43
N PRO A 699 11.54 49.02 2.25
CA PRO A 699 10.85 49.63 3.39
C PRO A 699 9.70 50.54 3.01
N TYR A 700 9.81 51.24 1.87
CA TYR A 700 8.72 52.10 1.43
C TYR A 700 7.48 51.30 1.07
N MET A 701 7.67 50.14 0.43
CA MET A 701 6.53 49.28 0.13
C MET A 701 5.86 48.79 1.40
N HIS A 702 6.65 48.44 2.41
CA HIS A 702 6.06 48.03 3.69
C HIS A 702 5.30 49.18 4.34
N GLN A 703 5.84 50.40 4.29
CA GLN A 703 5.15 51.55 4.86
C GLN A 703 3.83 51.80 4.15
N TYR A 704 3.83 51.68 2.81
CA TYR A 704 2.58 51.84 2.07
C TYR A 704 1.60 50.70 2.35
N MET A 705 2.12 49.49 2.58
CA MET A 705 1.26 48.35 2.86
C MET A 705 0.61 48.46 4.23
N THR A 706 1.31 49.06 5.20
CA THR A 706 0.77 49.19 6.55
C THR A 706 -0.54 49.98 6.59
N LYS A 707 -0.78 50.84 5.60
CA LYS A 707 -2.02 51.61 5.60
C LYS A 707 -3.23 50.73 5.31
N PHE A 708 -3.11 49.80 4.36
CA PHE A 708 -4.19 48.92 3.96
C PHE A 708 -3.79 47.48 4.25
N ASN A 709 -4.41 46.89 5.28
CA ASN A 709 -4.12 45.52 5.67
C ASN A 709 -5.42 44.74 5.83
N GLN A 710 -5.34 43.43 5.61
CA GLN A 710 -6.48 42.53 5.75
C GLN A 710 -6.10 41.39 6.66
N LYS A 711 -7.07 40.93 7.46
CA LYS A 711 -6.82 39.95 8.51
C LYS A 711 -7.29 38.55 8.13
N GLY A 712 -7.43 38.27 6.84
CA GLY A 712 -7.84 36.95 6.41
C GLY A 712 -7.99 36.88 4.91
N VAL A 713 -7.89 35.66 4.39
CA VAL A 713 -8.07 35.43 2.96
C VAL A 713 -9.52 35.67 2.56
N GLU A 714 -10.47 35.34 3.44
CA GLU A 714 -11.88 35.56 3.11
C GLU A 714 -12.18 37.05 2.94
N ASP A 715 -11.59 37.89 3.79
CA ASP A 715 -11.76 39.33 3.64
C ASP A 715 -11.19 39.82 2.32
N ALA A 716 -10.02 39.28 1.92
CA ALA A 716 -9.45 39.66 0.63
C ALA A 716 -10.34 39.25 -0.52
N LEU A 717 -10.91 38.04 -0.46
CA LEU A 717 -11.81 37.59 -1.51
C LEU A 717 -13.06 38.45 -1.58
N VAL A 718 -13.61 38.83 -0.41
CA VAL A 718 -14.79 39.69 -0.40
C VAL A 718 -14.47 41.05 -0.99
N SER A 719 -13.31 41.61 -0.64
CA SER A 719 -12.91 42.90 -1.18
C SER A 719 -12.72 42.84 -2.69
N LEU A 720 -12.10 41.76 -3.18
CA LEU A 720 -11.92 41.61 -4.62
C LEU A 720 -13.26 41.47 -5.34
N LYS A 721 -14.19 40.70 -4.75
CA LYS A 721 -15.51 40.56 -5.36
C LYS A 721 -16.26 41.88 -5.40
N THR A 722 -16.18 42.65 -4.31
CA THR A 722 -16.88 43.93 -4.21
C THR A 722 -16.06 45.10 -4.74
N GLY A 723 -14.83 44.86 -5.21
CA GLY A 723 -14.00 45.93 -5.73
C GLY A 723 -13.32 46.79 -4.69
N LYS A 724 -13.40 46.42 -3.41
CA LYS A 724 -12.77 47.20 -2.35
C LYS A 724 -11.25 47.12 -2.37
N LEU A 725 -10.68 46.16 -3.10
CA LEU A 725 -9.23 46.02 -3.21
C LEU A 725 -8.85 45.85 -4.67
N ASP A 726 -7.69 46.41 -5.04
CA ASP A 726 -7.21 46.32 -6.42
C ASP A 726 -6.38 45.06 -6.64
N ALA A 727 -5.33 44.87 -5.85
CA ALA A 727 -4.45 43.72 -5.98
C ALA A 727 -4.19 43.11 -4.61
N PHE A 728 -4.03 41.80 -4.59
CA PHE A 728 -3.75 41.05 -3.37
C PHE A 728 -2.48 40.22 -3.55
N ILE A 729 -1.62 40.25 -2.55
CA ILE A 729 -0.34 39.56 -2.59
C ILE A 729 -0.28 38.54 -1.46
N TYR A 730 0.03 37.30 -1.78
CA TYR A 730 0.14 36.22 -0.81
C TYR A 730 0.97 35.11 -1.43
N ASP A 731 0.97 33.95 -0.77
CA ASP A 731 1.73 32.80 -1.27
C ASP A 731 1.15 32.30 -2.60
N ALA A 732 2.02 31.77 -3.44
CA ALA A 732 1.59 31.30 -4.75
C ALA A 732 0.63 30.13 -4.65
N ALA A 733 0.88 29.20 -3.73
CA ALA A 733 0.08 27.99 -3.64
C ALA A 733 -1.37 28.32 -3.26
N VAL A 734 -1.56 29.17 -2.25
CA VAL A 734 -2.91 29.48 -1.79
C VAL A 734 -3.66 30.29 -2.85
N LEU A 735 -2.98 31.21 -3.53
CA LEU A 735 -3.62 31.97 -4.59
C LEU A 735 -4.03 31.07 -5.75
N ASN A 736 -3.17 30.12 -6.13
CA ASN A 736 -3.52 29.17 -7.19
C ASN A 736 -4.69 28.31 -6.76
N TYR A 737 -4.71 27.86 -5.50
CA TYR A 737 -5.83 27.06 -5.01
C TYR A 737 -7.14 27.85 -5.07
N LYS A 738 -7.11 29.11 -4.64
CA LYS A 738 -8.31 29.93 -4.68
C LYS A 738 -8.76 30.18 -6.10
N ALA A 739 -7.83 30.42 -7.02
CA ALA A 739 -8.18 30.62 -8.42
C ALA A 739 -8.79 29.34 -9.01
N GLY A 740 -8.25 28.19 -8.65
CA GLY A 740 -8.80 26.94 -9.13
C GLY A 740 -10.20 26.67 -8.59
N ARG A 741 -10.45 27.07 -7.34
CA ARG A 741 -11.77 26.91 -6.74
C ARG A 741 -12.62 28.17 -6.81
N ASP A 742 -12.18 29.19 -7.57
CA ASP A 742 -12.97 30.39 -7.74
C ASP A 742 -14.16 30.12 -8.65
N GLU A 743 -15.24 30.88 -8.42
CA GLU A 743 -16.47 30.74 -9.19
C GLU A 743 -16.53 31.85 -10.24
N GLY A 744 -16.82 31.46 -11.48
CA GLY A 744 -16.93 32.39 -12.58
C GLY A 744 -15.65 32.66 -13.34
N CYS A 745 -14.51 32.15 -12.87
CA CYS A 745 -13.22 32.33 -13.53
C CYS A 745 -12.86 33.81 -13.70
N LYS A 746 -13.32 34.66 -12.80
CA LYS A 746 -13.06 36.09 -12.87
C LYS A 746 -11.83 36.51 -12.07
N LEU A 747 -11.19 35.58 -11.36
CA LEU A 747 -10.02 35.88 -10.54
C LEU A 747 -8.91 34.91 -10.93
N VAL A 748 -7.90 35.42 -11.63
CA VAL A 748 -6.77 34.62 -12.09
C VAL A 748 -5.47 35.37 -11.79
N THR A 749 -4.38 34.62 -11.76
CA THR A 749 -3.07 35.19 -11.55
C THR A 749 -2.45 35.63 -12.88
N ILE A 750 -1.33 36.34 -12.78
CA ILE A 750 -0.64 36.86 -13.96
C ILE A 750 0.33 35.79 -14.42
N GLY A 751 -0.17 34.86 -15.23
CA GLY A 751 0.66 33.84 -15.84
C GLY A 751 1.30 32.91 -14.81
N SER A 752 2.42 32.32 -15.22
CA SER A 752 3.21 31.46 -14.37
C SER A 752 4.69 31.70 -14.62
N GLY A 753 5.51 31.38 -13.63
CA GLY A 753 6.94 31.56 -13.72
C GLY A 753 7.44 32.94 -13.34
N TYR A 754 6.54 33.87 -13.02
CA TYR A 754 6.93 35.22 -12.60
C TYR A 754 6.97 35.36 -11.09
N ILE A 755 7.18 34.27 -10.37
CA ILE A 755 7.26 34.31 -8.92
C ILE A 755 8.52 35.05 -8.50
N PHE A 756 8.37 35.98 -7.55
CA PHE A 756 9.51 36.77 -7.09
C PHE A 756 10.57 35.90 -6.45
N ALA A 757 10.17 34.92 -5.63
CA ALA A 757 11.11 34.04 -4.94
C ALA A 757 10.48 32.66 -4.86
N THR A 758 10.91 31.75 -5.73
CA THR A 758 10.40 30.38 -5.74
C THR A 758 11.04 29.61 -4.58
N THR A 759 10.23 29.31 -3.56
CA THR A 759 10.70 28.58 -2.40
C THR A 759 9.62 27.60 -1.95
N GLY A 760 10.06 26.46 -1.41
CA GLY A 760 9.16 25.42 -0.98
C GLY A 760 8.72 25.58 0.47
N TYR A 761 8.19 24.49 1.02
CA TYR A 761 7.71 24.47 2.40
C TYR A 761 8.60 23.63 3.32
N GLY A 762 8.80 22.36 2.99
CA GLY A 762 9.61 21.51 3.83
C GLY A 762 8.89 21.12 5.11
N ILE A 763 9.64 20.44 5.98
CA ILE A 763 9.15 20.00 7.28
C ILE A 763 10.10 20.55 8.34
N ALA A 764 9.58 21.42 9.21
CA ALA A 764 10.39 22.02 10.26
C ALA A 764 10.67 21.00 11.34
N LEU A 765 11.95 20.80 11.66
CA LEU A 765 12.39 19.84 12.66
C LEU A 765 13.12 20.57 13.79
N GLN A 766 13.64 19.78 14.72
CA GLN A 766 14.44 20.29 15.83
C GLN A 766 15.91 20.16 15.52
N LYS A 767 16.71 21.10 16.04
CA LYS A 767 18.14 21.10 15.81
C LYS A 767 18.77 19.82 16.39
N GLY A 768 19.63 19.18 15.59
CA GLY A 768 20.29 17.97 16.02
C GLY A 768 19.46 16.72 15.91
N SER A 769 18.25 16.80 15.34
CA SER A 769 17.41 15.61 15.22
C SER A 769 17.95 14.70 14.13
N PRO A 770 18.20 13.42 14.43
CA PRO A 770 18.70 12.49 13.40
C PRO A 770 17.66 12.03 12.40
N TRP A 771 16.40 12.44 12.55
CA TRP A 771 15.35 12.01 11.65
C TRP A 771 15.35 12.76 10.32
N LYS A 772 16.16 13.81 10.19
CA LYS A 772 16.16 14.61 8.97
C LYS A 772 16.58 13.79 7.76
N ARG A 773 17.61 12.95 7.92
CA ARG A 773 18.09 12.11 6.82
C ARG A 773 16.99 11.18 6.33
N GLN A 774 16.34 10.48 7.26
CA GLN A 774 15.26 9.57 6.90
C GLN A 774 14.11 10.31 6.25
N ILE A 775 13.76 11.49 6.77
CA ILE A 775 12.64 12.25 6.22
C ILE A 775 12.94 12.68 4.79
N ASP A 776 14.15 13.19 4.54
CA ASP A 776 14.47 13.65 3.18
C ASP A 776 14.57 12.47 2.22
N LEU A 777 15.12 11.34 2.68
CA LEU A 777 15.16 10.16 1.83
C LEU A 777 13.76 9.68 1.47
N ALA A 778 12.86 9.66 2.44
CA ALA A 778 11.48 9.25 2.17
C ALA A 778 10.80 10.21 1.20
N LEU A 779 11.01 11.51 1.39
CA LEU A 779 10.40 12.49 0.48
C LEU A 779 10.95 12.35 -0.94
N LEU A 780 12.26 12.14 -1.07
CA LEU A 780 12.84 11.95 -2.39
C LEU A 780 12.33 10.68 -3.05
N GLN A 781 12.20 9.59 -2.28
CA GLN A 781 11.65 8.36 -2.84
C GLN A 781 10.21 8.55 -3.29
N PHE A 782 9.41 9.28 -2.49
CA PHE A 782 8.02 9.53 -2.86
C PHE A 782 7.93 10.35 -4.13
N VAL A 783 8.75 11.41 -4.24
CA VAL A 783 8.66 12.25 -5.43
C VAL A 783 9.21 11.52 -6.66
N GLY A 784 10.21 10.65 -6.47
CA GLY A 784 10.69 9.87 -7.60
C GLY A 784 9.70 8.85 -8.08
N ASP A 785 9.00 8.18 -7.16
CA ASP A 785 8.01 7.18 -7.53
C ASP A 785 6.69 7.79 -8.00
N GLY A 786 6.50 9.10 -7.82
CA GLY A 786 5.26 9.74 -8.24
C GLY A 786 4.04 9.25 -7.49
N GLU A 787 4.16 9.08 -6.17
CA GLU A 787 3.06 8.62 -5.35
C GLU A 787 2.15 9.74 -4.88
N MET A 788 2.50 11.00 -5.16
CA MET A 788 1.70 12.14 -4.76
C MET A 788 0.80 12.67 -5.88
N GLU A 789 0.83 12.05 -7.06
CA GLU A 789 0.04 12.56 -8.17
C GLU A 789 -1.46 12.44 -7.89
N GLU A 790 -1.90 11.33 -7.30
CA GLU A 790 -3.32 11.19 -6.98
C GLU A 790 -3.75 12.20 -5.93
N LEU A 791 -2.91 12.44 -4.93
CA LEU A 791 -3.22 13.46 -3.92
C LEU A 791 -3.32 14.84 -4.55
N GLU A 792 -2.39 15.17 -5.44
CA GLU A 792 -2.44 16.46 -6.12
C GLU A 792 -3.70 16.61 -6.96
N THR A 793 -4.08 15.54 -7.67
CA THR A 793 -5.27 15.61 -8.52
C THR A 793 -6.54 15.68 -7.71
N CYS A 794 -6.60 15.03 -6.54
CA CYS A 794 -7.84 15.01 -5.78
C CYS A 794 -7.98 16.25 -4.91
N TRP A 795 -6.89 16.75 -4.34
CA TRP A 795 -6.95 17.90 -3.44
C TRP A 795 -6.75 19.22 -4.16
N LEU A 796 -5.91 19.27 -5.18
CA LEU A 796 -5.62 20.50 -5.92
C LEU A 796 -6.26 20.37 -7.30
N THR A 797 -7.53 20.74 -7.39
CA THR A 797 -8.26 20.71 -8.64
C THR A 797 -9.46 21.65 -8.53
N GLY A 798 -10.03 21.99 -9.68
CA GLY A 798 -11.19 22.86 -9.69
C GLY A 798 -11.46 23.38 -11.09
N ILE A 799 -12.42 24.31 -11.14
CA ILE A 799 -12.83 24.93 -12.39
C ILE A 799 -11.76 25.90 -12.85
N CYS A 800 -11.85 26.36 -14.10
CA CYS A 800 -10.93 27.32 -14.68
C CYS A 800 -9.50 26.78 -14.71
N HIS A 801 -9.33 25.68 -15.44
CA HIS A 801 -8.04 25.03 -15.59
C HIS A 801 -7.08 25.90 -16.41
N ASP A 813 -14.06 44.43 -35.34
CA ASP A 813 -14.44 45.16 -34.13
C ASP A 813 -13.58 46.41 -33.96
N ILE A 814 -12.56 46.32 -33.10
CA ILE A 814 -11.68 47.46 -32.88
C ILE A 814 -10.87 47.76 -34.13
N ASP A 815 -10.49 46.73 -34.89
CA ASP A 815 -9.70 46.92 -36.10
C ASP A 815 -10.49 47.56 -37.23
N ASN A 816 -11.82 47.62 -37.11
CA ASN A 816 -12.63 48.20 -38.18
C ASN A 816 -12.33 49.69 -38.35
N MET A 817 -12.13 50.41 -37.25
CA MET A 817 -11.79 51.82 -37.33
C MET A 817 -10.45 52.01 -38.03
N ALA A 818 -9.46 51.19 -37.70
CA ALA A 818 -8.16 51.28 -38.38
C ALA A 818 -8.30 50.97 -39.86
N GLY A 819 -9.10 49.95 -40.20
CA GLY A 819 -9.30 49.61 -41.60
C GLY A 819 -9.96 50.71 -42.39
N VAL A 820 -11.00 51.33 -41.82
CA VAL A 820 -11.68 52.41 -42.54
C VAL A 820 -10.80 53.65 -42.62
N PHE A 821 -9.98 53.92 -41.59
CA PHE A 821 -9.10 55.07 -41.64
C PHE A 821 -7.91 54.87 -42.57
N TYR A 822 -7.54 53.61 -42.84
CA TYR A 822 -6.40 53.36 -43.72
C TYR A 822 -6.67 53.88 -45.13
N MET A 823 -7.88 53.65 -45.65
CA MET A 823 -8.20 54.09 -47.01
C MET A 823 -8.58 55.56 -47.09
N LEU A 824 -8.90 56.20 -45.95
CA LEU A 824 -9.26 57.61 -45.96
C LEU A 824 -8.09 58.48 -46.41
N ALA A 825 -6.87 58.15 -45.96
CA ALA A 825 -5.70 58.91 -46.37
C ALA A 825 -5.47 58.80 -47.87
N ALA A 826 -5.62 57.59 -48.43
CA ALA A 826 -5.45 57.41 -49.86
C ALA A 826 -6.53 58.16 -50.64
N ALA A 827 -7.77 58.12 -50.15
CA ALA A 827 -8.85 58.85 -50.82
C ALA A 827 -8.59 60.35 -50.80
N MET A 828 -8.14 60.87 -49.66
CA MET A 828 -7.83 62.29 -49.56
C MET A 828 -6.67 62.67 -50.49
N ALA A 829 -5.65 61.82 -50.56
CA ALA A 829 -4.53 62.09 -51.46
C ALA A 829 -4.98 62.11 -52.92
N LEU A 830 -5.82 61.15 -53.30
CA LEU A 830 -6.34 61.13 -54.67
C LEU A 830 -7.19 62.35 -54.96
N SER A 831 -8.02 62.77 -53.99
CA SER A 831 -8.83 63.97 -54.18
C SER A 831 -7.97 65.20 -54.35
N LEU A 832 -6.91 65.33 -53.54
CA LEU A 832 -6.01 66.47 -53.68
C LEU A 832 -5.30 66.45 -55.03
N ILE A 833 -4.88 65.27 -55.48
CA ILE A 833 -4.18 65.16 -56.76
C ILE A 833 -5.10 65.56 -57.90
N THR A 834 -6.34 65.07 -57.89
CA THR A 834 -7.26 65.40 -58.97
C THR A 834 -7.76 66.83 -58.88
N PHE A 835 -7.73 67.45 -57.69
CA PHE A 835 -8.07 68.86 -57.58
C PHE A 835 -6.96 69.75 -58.11
N ILE A 836 -5.70 69.41 -57.79
CA ILE A 836 -4.58 70.22 -58.26
C ILE A 836 -4.29 69.97 -59.73
N TRP A 837 -4.67 68.82 -60.28
CA TRP A 837 -4.49 68.56 -61.70
C TRP A 837 -5.79 68.79 -62.47
N LYS B 25 45.59 -35.43 46.18
CA LYS B 25 45.55 -34.06 45.69
C LYS B 25 46.96 -33.50 45.50
N ILE B 26 47.86 -34.34 45.01
CA ILE B 26 49.25 -33.97 44.79
C ILE B 26 49.46 -33.80 43.28
N VAL B 27 49.81 -32.60 42.86
CA VAL B 27 50.04 -32.29 41.46
C VAL B 27 51.35 -31.51 41.33
N ASN B 28 51.89 -31.51 40.11
CA ASN B 28 53.12 -30.79 39.80
C ASN B 28 52.84 -29.83 38.65
N ILE B 29 53.39 -28.62 38.75
CA ILE B 29 53.22 -27.59 37.74
C ILE B 29 54.59 -27.23 37.18
N GLY B 30 54.75 -27.33 35.87
CA GLY B 30 56.00 -26.99 35.22
C GLY B 30 56.06 -25.52 34.84
N ALA B 31 57.28 -24.98 34.82
CA ALA B 31 57.51 -23.59 34.49
C ALA B 31 58.69 -23.47 33.54
N VAL B 32 58.66 -22.46 32.70
CA VAL B 32 59.75 -22.15 31.77
C VAL B 32 60.31 -20.79 32.20
N LEU B 33 61.57 -20.79 32.65
CA LEU B 33 62.17 -19.60 33.24
C LEU B 33 63.52 -19.33 32.58
N SER B 34 64.08 -18.16 32.91
CA SER B 34 65.27 -17.69 32.20
C SER B 34 66.56 -18.30 32.74
N THR B 35 66.87 -18.03 34.01
CA THR B 35 68.15 -18.42 34.58
C THR B 35 67.94 -19.18 35.90
N ARG B 36 69.02 -19.77 36.39
CA ARG B 36 68.94 -20.63 37.56
C ARG B 36 68.52 -19.86 38.81
N LYS B 37 69.06 -18.66 39.00
CA LYS B 37 68.68 -17.86 40.16
C LYS B 37 67.21 -17.46 40.09
N HIS B 38 66.74 -17.11 38.90
CA HIS B 38 65.31 -16.87 38.73
C HIS B 38 64.50 -18.12 39.02
N GLU B 39 65.00 -19.28 38.58
CA GLU B 39 64.29 -20.53 38.84
C GLU B 39 64.14 -20.79 40.34
N GLN B 40 65.23 -20.62 41.09
CA GLN B 40 65.16 -20.90 42.53
C GLN B 40 64.33 -19.84 43.26
N MET B 41 64.41 -18.58 42.84
CA MET B 41 63.61 -17.55 43.49
C MET B 41 62.13 -17.74 43.20
N PHE B 42 61.78 -18.19 42.00
CA PHE B 42 60.38 -18.49 41.71
C PHE B 42 59.92 -19.75 42.42
N ARG B 43 60.82 -20.72 42.61
CA ARG B 43 60.47 -21.91 43.39
C ARG B 43 60.16 -21.54 44.84
N GLU B 44 60.99 -20.69 45.44
CA GLU B 44 60.70 -20.27 46.82
C GLU B 44 59.48 -19.37 46.87
N ALA B 45 59.22 -18.60 45.81
CA ALA B 45 58.02 -17.77 45.77
C ALA B 45 56.76 -18.63 45.73
N VAL B 46 56.75 -19.69 44.90
CA VAL B 46 55.58 -20.54 44.85
C VAL B 46 55.47 -21.36 46.14
N ASN B 47 56.59 -21.71 46.77
CA ASN B 47 56.53 -22.39 48.06
C ASN B 47 55.88 -21.52 49.12
N GLN B 48 56.29 -20.24 49.19
CA GLN B 48 55.69 -19.34 50.18
C GLN B 48 54.25 -18.99 49.82
N ALA B 49 53.90 -19.02 48.54
CA ALA B 49 52.51 -18.88 48.15
C ALA B 49 51.68 -20.07 48.60
N ASN B 50 52.27 -21.27 48.56
CA ASN B 50 51.61 -22.43 49.14
C ASN B 50 51.51 -22.32 50.66
N LYS B 51 52.48 -21.66 51.29
CA LYS B 51 52.49 -21.51 52.74
C LYS B 51 51.75 -20.27 53.24
N ARG B 52 51.35 -19.36 52.35
CA ARG B 52 50.65 -18.15 52.75
C ARG B 52 49.16 -18.44 52.98
N HIS B 53 48.34 -17.39 53.03
CA HIS B 53 46.92 -17.44 53.32
C HIS B 53 46.22 -18.68 52.74
N GLY B 54 46.55 -19.03 51.50
CA GLY B 54 46.04 -20.27 50.94
C GLY B 54 46.85 -21.45 51.44
N SER B 55 46.27 -22.20 52.37
CA SER B 55 46.99 -23.28 53.05
C SER B 55 45.96 -24.21 53.69
N TRP B 56 46.43 -25.09 54.58
CA TRP B 56 45.58 -26.03 55.30
C TRP B 56 44.93 -27.04 54.36
N LYS B 57 45.70 -27.53 53.39
CA LYS B 57 45.24 -28.55 52.46
C LYS B 57 46.48 -29.20 51.84
N ILE B 58 46.24 -30.14 50.93
CA ILE B 58 47.33 -30.82 50.25
C ILE B 58 47.96 -29.88 49.24
N GLN B 59 49.26 -29.66 49.35
CA GLN B 59 49.96 -28.71 48.51
C GLN B 59 50.40 -29.36 47.20
N LEU B 60 51.10 -28.59 46.37
CA LEU B 60 51.56 -29.03 45.06
C LEU B 60 53.06 -28.86 44.95
N ASN B 61 53.65 -29.59 44.01
CA ASN B 61 55.08 -29.54 43.77
C ASN B 61 55.42 -28.36 42.87
N ALA B 62 56.70 -28.25 42.51
CA ALA B 62 57.18 -27.18 41.65
C ALA B 62 58.19 -27.74 40.66
N THR B 63 58.06 -27.33 39.40
CA THR B 63 58.96 -27.76 38.33
C THR B 63 59.30 -26.56 37.46
N SER B 64 60.59 -26.41 37.13
CA SER B 64 61.06 -25.30 36.31
C SER B 64 61.98 -25.82 35.22
N VAL B 65 61.92 -25.15 34.06
CA VAL B 65 62.77 -25.47 32.92
C VAL B 65 63.27 -24.17 32.31
N THR B 66 64.31 -24.28 31.49
CA THR B 66 64.96 -23.13 30.89
C THR B 66 64.51 -22.93 29.45
N HIS B 67 64.73 -21.71 28.95
CA HIS B 67 64.43 -21.37 27.56
C HIS B 67 65.62 -21.76 26.68
N LYS B 68 65.84 -23.06 26.57
CA LYS B 68 66.97 -23.58 25.81
C LYS B 68 66.74 -23.35 24.33
N PRO B 69 67.74 -22.84 23.59
CA PRO B 69 67.51 -22.53 22.17
C PRO B 69 67.13 -23.74 21.31
N ASN B 70 67.64 -24.93 21.63
CA ASN B 70 67.36 -26.11 20.83
C ASN B 70 65.88 -26.48 20.90
N ALA B 71 65.16 -26.32 19.79
CA ALA B 71 63.72 -26.49 19.80
C ALA B 71 63.31 -27.94 20.05
N ILE B 72 63.94 -28.88 19.35
CA ILE B 72 63.58 -30.29 19.52
C ILE B 72 63.91 -30.76 20.93
N GLN B 73 65.09 -30.40 21.42
CA GLN B 73 65.48 -30.80 22.77
C GLN B 73 64.56 -30.20 23.82
N MET B 74 64.22 -28.91 23.68
CA MET B 74 63.35 -28.29 24.67
C MET B 74 61.94 -28.89 24.61
N ALA B 75 61.45 -29.22 23.41
CA ALA B 75 60.13 -29.83 23.30
C ALA B 75 60.09 -31.20 23.93
N LEU B 76 61.11 -32.03 23.67
CA LEU B 76 61.12 -33.37 24.27
C LEU B 76 61.29 -33.28 25.78
N SER B 77 62.11 -32.34 26.26
CA SER B 77 62.26 -32.16 27.70
C SER B 77 60.94 -31.72 28.33
N VAL B 78 60.22 -30.80 27.67
CA VAL B 78 58.93 -30.36 28.18
C VAL B 78 57.96 -31.53 28.27
N CYS B 79 57.87 -32.32 27.18
CA CYS B 79 57.05 -33.52 27.22
C CYS B 79 57.39 -34.39 28.43
N GLU B 80 58.64 -34.84 28.50
CA GLU B 80 59.04 -35.83 29.49
C GLU B 80 58.85 -35.30 30.92
N ASP B 81 59.16 -34.03 31.15
CA ASP B 81 59.08 -33.49 32.50
C ASP B 81 57.64 -33.12 32.87
N LEU B 82 57.05 -32.16 32.14
CA LEU B 82 55.75 -31.64 32.53
C LEU B 82 54.65 -32.66 32.31
N ILE B 83 54.61 -33.28 31.12
CA ILE B 83 53.47 -34.12 30.78
C ILE B 83 53.38 -35.34 31.68
N SER B 84 54.53 -35.88 32.10
CA SER B 84 54.54 -37.01 33.03
C SER B 84 54.28 -36.59 34.47
N SER B 85 54.22 -35.29 34.76
CA SER B 85 54.08 -34.78 36.12
C SER B 85 52.69 -34.21 36.39
N GLN B 86 51.69 -34.56 35.59
CA GLN B 86 50.29 -34.16 35.82
C GLN B 86 50.15 -32.64 35.88
N VAL B 87 50.75 -31.96 34.89
CA VAL B 87 50.67 -30.51 34.84
C VAL B 87 49.29 -30.09 34.35
N TYR B 88 48.74 -29.05 34.97
CA TYR B 88 47.46 -28.47 34.56
C TYR B 88 47.60 -27.07 33.99
N ALA B 89 48.75 -26.41 34.20
CA ALA B 89 49.00 -25.10 33.64
C ALA B 89 50.47 -24.99 33.28
N ILE B 90 50.77 -24.10 32.33
CA ILE B 90 52.12 -23.90 31.83
C ILE B 90 52.54 -22.48 32.14
N LEU B 91 53.72 -22.32 32.74
CA LEU B 91 54.27 -21.01 33.09
C LEU B 91 55.38 -20.68 32.11
N VAL B 92 55.07 -19.83 31.13
CA VAL B 92 56.03 -19.40 30.11
C VAL B 92 56.44 -17.97 30.42
N SER B 93 57.75 -17.73 30.49
CA SER B 93 58.30 -16.42 30.80
C SER B 93 58.88 -15.78 29.55
N HIS B 94 59.28 -14.53 29.70
CA HIS B 94 59.89 -13.80 28.59
C HIS B 94 61.26 -14.39 28.26
N PRO B 95 61.63 -14.44 26.99
CA PRO B 95 62.95 -14.96 26.62
C PRO B 95 64.06 -14.13 27.24
N PRO B 96 65.16 -14.77 27.65
CA PRO B 96 66.26 -14.01 28.29
C PRO B 96 66.90 -12.98 27.39
N THR B 97 66.80 -13.11 26.07
CA THR B 97 67.39 -12.17 25.14
C THR B 97 66.32 -11.30 24.51
N PRO B 98 66.22 -10.02 24.88
CA PRO B 98 65.21 -9.16 24.24
C PRO B 98 65.41 -9.00 22.75
N ASN B 99 66.67 -9.01 22.28
CA ASN B 99 66.92 -8.83 20.86
C ASN B 99 66.32 -9.95 20.03
N ASP B 100 66.47 -11.19 20.49
CA ASP B 100 65.90 -12.34 19.79
C ASP B 100 64.41 -12.46 20.09
N HIS B 101 63.62 -12.75 19.06
CA HIS B 101 62.17 -12.87 19.23
C HIS B 101 61.83 -14.03 20.17
N PHE B 102 62.18 -15.25 19.77
CA PHE B 102 61.88 -16.47 20.53
C PHE B 102 60.40 -16.53 20.93
N THR B 103 59.56 -16.54 19.90
CA THR B 103 58.12 -16.54 20.12
C THR B 103 57.69 -17.84 20.79
N PRO B 104 56.87 -17.77 21.85
CA PRO B 104 56.40 -18.98 22.55
C PRO B 104 55.28 -19.72 21.80
N THR B 105 55.53 -20.03 20.53
CA THR B 105 54.58 -20.77 19.71
C THR B 105 54.62 -22.28 19.97
N PRO B 106 55.80 -22.92 20.02
CA PRO B 106 55.80 -24.39 20.24
C PRO B 106 55.19 -24.80 21.57
N VAL B 107 55.39 -24.01 22.63
CA VAL B 107 54.81 -24.36 23.92
C VAL B 107 53.29 -24.29 23.86
N SER B 108 52.74 -23.25 23.22
CA SER B 108 51.30 -23.15 23.06
C SER B 108 50.76 -24.29 22.20
N TYR B 109 51.49 -24.66 21.15
CA TYR B 109 51.06 -25.77 20.31
C TYR B 109 51.03 -27.08 21.09
N THR B 110 52.05 -27.31 21.92
CA THR B 110 52.07 -28.52 22.74
C THR B 110 50.93 -28.51 23.76
N ALA B 111 50.65 -27.35 24.37
CA ALA B 111 49.58 -27.27 25.35
C ALA B 111 48.20 -27.32 24.71
N GLY B 112 48.11 -27.10 23.40
CA GLY B 112 46.82 -27.13 22.73
C GLY B 112 46.25 -28.51 22.49
N PHE B 113 47.06 -29.56 22.64
CA PHE B 113 46.55 -30.91 22.45
C PHE B 113 45.50 -31.25 23.50
N TYR B 114 45.74 -30.89 24.75
CA TYR B 114 44.83 -31.19 25.85
C TYR B 114 44.17 -29.95 26.42
N ARG B 115 44.14 -28.86 25.65
CA ARG B 115 43.55 -27.59 26.09
C ARG B 115 44.17 -27.10 27.40
N ILE B 116 45.49 -27.26 27.52
CA ILE B 116 46.20 -26.86 28.73
C ILE B 116 46.41 -25.35 28.71
N PRO B 117 45.91 -24.62 29.70
CA PRO B 117 46.13 -23.17 29.72
C PRO B 117 47.59 -22.82 29.98
N VAL B 118 48.01 -21.68 29.45
CA VAL B 118 49.36 -21.16 29.63
C VAL B 118 49.26 -19.74 30.15
N LEU B 119 50.36 -19.28 30.77
CA LEU B 119 50.42 -17.95 31.37
C LEU B 119 51.66 -17.23 30.83
N GLY B 120 51.46 -16.43 29.78
CA GLY B 120 52.57 -15.65 29.24
C GLY B 120 52.96 -14.51 30.16
N LEU B 121 54.26 -14.20 30.15
CA LEU B 121 54.78 -13.15 31.03
C LEU B 121 54.57 -11.76 30.43
N THR B 122 55.22 -11.50 29.29
CA THR B 122 55.15 -10.17 28.68
C THR B 122 54.97 -10.22 27.17
N THR B 123 54.44 -11.32 26.63
CA THR B 123 54.21 -11.41 25.19
C THR B 123 53.05 -10.50 24.81
N ARG B 124 53.35 -9.40 24.11
CA ARG B 124 52.35 -8.41 23.74
C ARG B 124 51.94 -8.52 22.28
N MET B 125 52.33 -9.58 21.59
CA MET B 125 51.95 -9.75 20.19
C MET B 125 50.45 -9.94 20.05
N SER B 126 49.87 -9.27 19.06
CA SER B 126 48.43 -9.35 18.84
C SER B 126 48.00 -10.68 18.24
N ILE B 127 48.94 -11.46 17.70
CA ILE B 127 48.59 -12.77 17.15
C ILE B 127 48.15 -13.71 18.26
N TYR B 128 48.78 -13.62 19.44
CA TYR B 128 48.40 -14.47 20.56
C TYR B 128 47.07 -14.07 21.17
N SER B 129 46.61 -12.84 20.93
CA SER B 129 45.32 -12.42 21.44
C SER B 129 44.19 -13.22 20.80
N ASP B 130 44.30 -13.52 19.51
CA ASP B 130 43.29 -14.30 18.82
C ASP B 130 43.28 -15.73 19.35
N LYS B 131 42.09 -16.21 19.70
CA LYS B 131 41.94 -17.56 20.23
C LYS B 131 41.78 -18.62 19.15
N SER B 132 41.56 -18.23 17.90
CA SER B 132 41.42 -19.21 16.83
C SER B 132 42.75 -19.91 16.54
N ILE B 133 43.82 -19.14 16.40
CA ILE B 133 45.13 -19.74 16.14
C ILE B 133 45.62 -20.50 17.37
N HIS B 134 45.50 -19.87 18.55
CA HIS B 134 45.92 -20.48 19.81
C HIS B 134 44.69 -20.67 20.68
N LEU B 135 44.23 -21.93 20.80
CA LEU B 135 43.01 -22.20 21.54
C LEU B 135 43.17 -21.87 23.02
N SER B 136 44.32 -22.21 23.61
CA SER B 136 44.58 -22.00 25.03
C SER B 136 45.80 -21.11 25.18
N PHE B 137 45.57 -19.83 25.46
CA PHE B 137 46.68 -18.89 25.70
C PHE B 137 46.15 -17.76 26.57
N LEU B 138 46.73 -17.61 27.76
CA LEU B 138 46.34 -16.55 28.68
C LEU B 138 47.58 -15.76 29.09
N ARG B 139 47.38 -14.47 29.32
CA ARG B 139 48.49 -13.60 29.71
C ARG B 139 47.94 -12.43 30.52
N THR B 140 48.83 -11.80 31.28
CA THR B 140 48.49 -10.69 32.17
C THR B 140 49.04 -9.37 31.64
N VAL B 141 49.05 -9.20 30.33
CA VAL B 141 49.54 -7.96 29.71
C VAL B 141 48.72 -7.68 28.44
N PRO B 142 48.13 -6.51 28.31
CA PRO B 142 47.36 -6.22 27.11
C PRO B 142 48.26 -6.08 25.89
N PRO B 143 47.77 -6.44 24.72
CA PRO B 143 48.57 -6.28 23.49
C PRO B 143 48.59 -4.83 23.03
N TYR B 144 49.21 -4.61 21.88
CA TYR B 144 49.23 -3.27 21.29
C TYR B 144 47.85 -2.82 20.83
N SER B 145 46.93 -3.76 20.60
CA SER B 145 45.59 -3.39 20.15
C SER B 145 44.82 -2.64 21.24
N HIS B 146 45.15 -2.87 22.51
CA HIS B 146 44.47 -2.18 23.60
C HIS B 146 44.83 -0.71 23.69
N GLN B 147 45.85 -0.25 22.95
CA GLN B 147 46.17 1.17 22.90
C GLN B 147 45.11 1.98 22.15
N SER B 148 44.19 1.30 21.45
CA SER B 148 43.12 2.02 20.76
C SER B 148 42.23 2.75 21.75
N SER B 149 41.98 2.15 22.92
CA SER B 149 41.19 2.83 23.94
C SER B 149 41.90 4.09 24.42
N VAL B 150 43.22 4.02 24.63
CA VAL B 150 43.98 5.19 25.06
C VAL B 150 43.93 6.27 23.99
N TRP B 151 44.09 5.89 22.72
CA TRP B 151 44.02 6.88 21.65
C TRP B 151 42.65 7.51 21.56
N PHE B 152 41.59 6.72 21.73
CA PHE B 152 40.23 7.27 21.70
C PHE B 152 40.01 8.23 22.86
N GLU B 153 40.52 7.88 24.04
CA GLU B 153 40.42 8.79 25.18
C GLU B 153 41.16 10.10 24.91
N MET B 154 42.34 10.01 24.30
CA MET B 154 43.09 11.21 23.95
C MET B 154 42.31 12.08 22.96
N MET B 155 41.71 11.44 21.95
CA MET B 155 40.90 12.20 20.99
C MET B 155 39.70 12.85 21.67
N ARG B 156 39.05 12.13 22.59
CA ARG B 156 37.89 12.68 23.28
C ARG B 156 38.28 13.86 24.17
N VAL B 157 39.40 13.77 24.88
CA VAL B 157 39.76 14.84 25.79
C VAL B 157 40.36 16.04 25.05
N TYR B 158 40.98 15.81 23.90
CA TYR B 158 41.58 16.88 23.12
C TYR B 158 40.71 17.31 21.95
N SER B 159 39.51 16.76 21.83
CA SER B 159 38.52 17.16 20.82
C SER B 159 39.08 17.04 19.40
N TRP B 160 39.80 15.95 19.13
CA TRP B 160 40.26 15.68 17.78
C TRP B 160 39.17 14.95 17.00
N ASN B 161 38.93 15.40 15.78
CA ASN B 161 37.90 14.79 14.92
C ASN B 161 38.44 14.28 13.60
N HIS B 162 39.41 14.98 13.00
CA HIS B 162 40.01 14.58 11.73
C HIS B 162 41.39 14.00 12.02
N ILE B 163 41.52 12.69 11.82
CA ILE B 163 42.77 11.98 12.10
C ILE B 163 43.10 11.08 10.92
N ILE B 164 44.38 10.69 10.83
CA ILE B 164 44.85 9.73 9.84
C ILE B 164 45.60 8.63 10.58
N LEU B 165 45.66 7.47 9.94
CA LEU B 165 46.24 6.28 10.54
C LEU B 165 47.34 5.73 9.64
N LEU B 166 48.49 5.40 10.24
CA LEU B 166 49.61 4.81 9.53
C LEU B 166 49.87 3.43 10.13
N VAL B 167 49.49 2.39 9.39
CA VAL B 167 49.58 1.01 9.85
C VAL B 167 50.32 0.19 8.81
N SER B 168 51.37 -0.51 9.24
CA SER B 168 52.11 -1.39 8.34
C SER B 168 51.32 -2.67 8.07
N ASP B 169 51.61 -3.30 6.94
CA ASP B 169 50.92 -4.52 6.54
C ASP B 169 51.41 -5.68 7.40
N ASP B 170 50.67 -5.95 8.47
CA ASP B 170 51.00 -7.05 9.36
C ASP B 170 49.72 -7.43 10.11
N HIS B 171 49.73 -8.63 10.70
CA HIS B 171 48.57 -9.10 11.44
C HIS B 171 48.29 -8.20 12.64
N GLU B 172 49.33 -7.82 13.38
CA GLU B 172 49.15 -6.94 14.53
C GLU B 172 48.61 -5.58 14.11
N GLY B 173 49.15 -5.03 13.02
CA GLY B 173 48.66 -3.74 12.54
C GLY B 173 47.22 -3.80 12.07
N ARG B 174 46.86 -4.89 11.36
CA ARG B 174 45.48 -5.04 10.93
C ARG B 174 44.53 -5.17 12.11
N ALA B 175 44.93 -5.94 13.14
CA ALA B 175 44.11 -6.05 14.33
C ALA B 175 43.95 -4.70 15.02
N ALA B 176 45.04 -3.94 15.13
CA ALA B 176 44.97 -2.63 15.77
C ALA B 176 44.07 -1.68 15.00
N GLN B 177 44.18 -1.65 13.67
CA GLN B 177 43.35 -0.74 12.89
C GLN B 177 41.89 -1.16 12.91
N LYS B 178 41.62 -2.48 12.93
CA LYS B 178 40.25 -2.94 13.05
C LYS B 178 39.66 -2.54 14.40
N ARG B 179 40.44 -2.68 15.47
CA ARG B 179 39.98 -2.28 16.80
C ARG B 179 39.71 -0.78 16.82
N LEU B 180 40.60 0.02 16.24
CA LEU B 180 40.40 1.46 16.21
C LEU B 180 39.14 1.84 15.43
N GLU B 181 38.92 1.21 14.28
CA GLU B 181 37.73 1.50 13.49
C GLU B 181 36.46 1.11 14.26
N THR B 182 36.47 -0.05 14.91
CA THR B 182 35.29 -0.48 15.68
C THR B 182 35.03 0.46 16.84
N LEU B 183 36.08 0.94 17.50
CA LEU B 183 35.90 1.83 18.65
C LEU B 183 35.49 3.23 18.20
N LEU B 184 35.88 3.64 17.00
CA LEU B 184 35.58 4.99 16.53
C LEU B 184 34.22 5.08 15.83
N GLU B 185 33.74 3.98 15.24
CA GLU B 185 32.49 4.02 14.49
C GLU B 185 31.27 4.23 15.37
N GLU B 186 31.39 4.06 16.68
CA GLU B 186 30.25 4.27 17.56
C GLU B 186 29.83 5.74 17.61
N ARG B 187 30.78 6.65 17.38
CA ARG B 187 30.49 8.08 17.36
C ARG B 187 30.27 8.62 15.95
N GLU B 188 30.15 7.72 14.97
CA GLU B 188 29.96 8.10 13.56
C GLU B 188 31.11 8.99 13.08
N SER B 189 32.32 8.55 13.38
CA SER B 189 33.54 9.25 12.97
C SER B 189 34.41 8.31 12.14
N LYS B 190 34.95 8.82 11.05
CA LYS B 190 35.78 8.04 10.13
C LYS B 190 37.05 8.80 9.81
N ALA B 191 38.17 8.09 9.80
CA ALA B 191 39.45 8.70 9.43
C ALA B 191 39.43 9.09 7.96
N GLU B 192 40.04 10.24 7.65
CA GLU B 192 40.05 10.74 6.28
C GLU B 192 40.80 9.78 5.36
N LYS B 193 41.97 9.31 5.79
CA LYS B 193 42.79 8.41 4.99
C LYS B 193 43.48 7.41 5.91
N VAL B 194 43.64 6.18 5.40
CA VAL B 194 44.34 5.12 6.10
C VAL B 194 45.37 4.55 5.14
N LEU B 195 46.64 4.88 5.37
CA LEU B 195 47.72 4.41 4.52
C LEU B 195 48.30 3.09 5.06
N GLN B 196 49.11 2.45 4.23
CA GLN B 196 49.71 1.17 4.58
C GLN B 196 51.22 1.21 4.29
N PHE B 197 51.97 0.48 5.11
CA PHE B 197 53.41 0.36 4.96
C PHE B 197 53.79 -1.10 4.72
N ASP B 198 55.07 -1.32 4.47
CA ASP B 198 55.59 -2.66 4.24
C ASP B 198 56.81 -2.90 5.12
N PRO B 199 57.01 -4.14 5.57
CA PRO B 199 58.16 -4.47 6.43
C PRO B 199 59.46 -4.65 5.65
N GLY B 200 60.11 -3.53 5.34
CA GLY B 200 61.38 -3.57 4.63
C GLY B 200 61.56 -2.46 3.62
N THR B 201 60.46 -1.86 3.18
CA THR B 201 60.54 -0.76 2.22
C THR B 201 61.12 0.48 2.87
N LYS B 202 61.94 1.21 2.12
CA LYS B 202 62.58 2.42 2.61
C LYS B 202 62.12 3.68 1.92
N ASN B 203 61.30 3.58 0.87
CA ASN B 203 60.82 4.74 0.13
C ASN B 203 59.36 4.96 0.47
N VAL B 204 59.09 5.98 1.29
CA VAL B 204 57.73 6.34 1.69
C VAL B 204 57.42 7.79 1.34
N THR B 205 58.15 8.36 0.38
CA THR B 205 57.97 9.77 0.03
C THR B 205 56.57 10.04 -0.52
N ALA B 206 56.08 9.15 -1.39
CA ALA B 206 54.75 9.35 -1.97
C ALA B 206 53.67 9.26 -0.89
N LEU B 207 53.77 8.28 0.01
CA LEU B 207 52.79 8.16 1.09
C LEU B 207 52.85 9.36 2.02
N LEU B 208 54.06 9.85 2.32
CA LEU B 208 54.19 11.02 3.17
C LEU B 208 53.59 12.26 2.53
N MET B 209 53.80 12.43 1.22
CA MET B 209 53.20 13.56 0.51
C MET B 209 51.69 13.45 0.49
N GLU B 210 51.16 12.23 0.29
CA GLU B 210 49.72 12.03 0.33
C GLU B 210 49.15 12.38 1.70
N ALA B 211 49.85 11.98 2.76
CA ALA B 211 49.42 12.33 4.11
C ALA B 211 49.45 13.83 4.34
N LYS B 212 50.50 14.50 3.83
CA LYS B 212 50.60 15.95 3.97
C LYS B 212 49.46 16.66 3.23
N GLU B 213 49.11 16.17 2.04
CA GLU B 213 48.03 16.78 1.26
C GLU B 213 46.67 16.33 1.80
N LEU B 214 46.43 16.67 3.06
CA LEU B 214 45.19 16.33 3.74
C LEU B 214 44.85 17.43 4.74
N GLU B 215 43.58 17.50 5.10
CA GLU B 215 43.13 18.50 6.07
C GLU B 215 43.66 18.20 7.46
N ALA B 216 43.68 16.93 7.85
CA ALA B 216 44.15 16.54 9.17
C ALA B 216 45.65 16.75 9.28
N ARG B 217 46.09 17.13 10.49
CA ARG B 217 47.51 17.36 10.77
C ARG B 217 47.94 16.60 12.03
N VAL B 218 47.33 15.45 12.28
CA VAL B 218 47.70 14.59 13.40
C VAL B 218 48.02 13.21 12.85
N ILE B 219 49.14 12.65 13.28
CA ILE B 219 49.66 11.39 12.74
C ILE B 219 49.73 10.37 13.87
N ILE B 220 49.18 9.19 13.62
CA ILE B 220 49.25 8.07 14.54
C ILE B 220 50.15 7.00 13.92
N LEU B 221 51.17 6.60 14.66
CA LEU B 221 52.18 5.67 14.17
C LEU B 221 52.08 4.35 14.91
N SER B 222 52.00 3.25 14.16
CA SER B 222 51.98 1.91 14.74
C SER B 222 52.58 0.96 13.72
N ALA B 223 53.85 0.63 13.91
CA ALA B 223 54.58 -0.25 13.00
C ALA B 223 55.82 -0.77 13.72
N SER B 224 56.71 -1.40 12.97
CA SER B 224 57.96 -1.90 13.54
C SER B 224 58.90 -0.74 13.85
N GLU B 225 59.95 -1.04 14.63
CA GLU B 225 60.89 -0.01 15.05
C GLU B 225 61.61 0.60 13.86
N ASP B 226 62.09 -0.24 12.94
CA ASP B 226 62.81 0.28 11.77
C ASP B 226 61.89 1.12 10.88
N ASP B 227 60.66 0.66 10.66
CA ASP B 227 59.72 1.43 9.86
C ASP B 227 59.40 2.77 10.51
N ALA B 228 59.20 2.77 11.83
CA ALA B 228 58.95 4.02 12.53
C ALA B 228 60.13 4.95 12.42
N ALA B 229 61.35 4.43 12.57
CA ALA B 229 62.54 5.27 12.48
C ALA B 229 62.67 5.89 11.09
N THR B 230 62.48 5.08 10.04
CA THR B 230 62.65 5.62 8.69
C THR B 230 61.55 6.59 8.32
N VAL B 231 60.31 6.33 8.76
CA VAL B 231 59.23 7.27 8.46
C VAL B 231 59.42 8.57 9.23
N TYR B 232 59.97 8.49 10.46
CA TYR B 232 60.25 9.72 11.20
C TYR B 232 61.39 10.50 10.55
N ARG B 233 62.40 9.80 10.03
CA ARG B 233 63.47 10.48 9.29
C ARG B 233 62.92 11.17 8.06
N ALA B 234 62.03 10.50 7.32
CA ALA B 234 61.42 11.12 6.15
C ALA B 234 60.58 12.33 6.54
N ALA B 235 59.83 12.23 7.64
CA ALA B 235 59.02 13.35 8.11
C ALA B 235 59.89 14.54 8.50
N ALA B 236 61.01 14.27 9.19
CA ALA B 236 61.93 15.35 9.54
C ALA B 236 62.54 15.97 8.29
N MET B 237 62.84 15.15 7.28
CA MET B 237 63.37 15.68 6.03
C MET B 237 62.35 16.57 5.34
N LEU B 238 61.07 16.19 5.38
CA LEU B 238 60.01 16.97 4.75
C LEU B 238 59.37 17.98 5.69
N ASN B 239 60.06 18.35 6.77
CA ASN B 239 59.61 19.40 7.69
C ASN B 239 58.24 19.10 8.29
N MET B 240 58.02 17.84 8.67
CA MET B 240 56.79 17.44 9.33
C MET B 240 56.85 17.55 10.85
N THR B 241 57.99 17.98 11.40
CA THR B 241 58.15 18.15 12.84
C THR B 241 57.91 19.58 13.29
N GLY B 242 57.38 20.43 12.42
CA GLY B 242 57.15 21.83 12.73
C GLY B 242 55.89 22.05 13.54
N SER B 243 55.57 23.33 13.72
CA SER B 243 54.40 23.72 14.49
C SER B 243 53.11 23.31 13.78
N GLY B 244 52.06 23.11 14.57
CA GLY B 244 50.77 22.75 14.03
C GLY B 244 50.55 21.27 13.77
N TYR B 245 51.48 20.41 14.20
CA TYR B 245 51.35 18.98 14.01
C TYR B 245 51.51 18.26 15.35
N VAL B 246 50.68 17.25 15.56
CA VAL B 246 50.70 16.44 16.77
C VAL B 246 50.99 15.00 16.36
N TRP B 247 51.98 14.39 17.01
CA TRP B 247 52.41 13.04 16.70
C TRP B 247 52.03 12.09 17.82
N LEU B 248 51.35 11.01 17.48
CA LEU B 248 50.98 9.95 18.41
C LEU B 248 51.79 8.71 18.06
N VAL B 249 52.57 8.22 19.02
CA VAL B 249 53.51 7.12 18.80
C VAL B 249 53.19 6.01 19.81
N GLY B 250 53.32 4.77 19.35
CA GLY B 250 53.03 3.62 20.19
C GLY B 250 54.13 3.36 21.22
N GLU B 251 53.88 2.33 22.02
CA GLU B 251 54.79 2.01 23.13
C GLU B 251 56.14 1.50 22.61
N ARG B 252 56.12 0.56 21.68
CA ARG B 252 57.36 -0.03 21.19
C ARG B 252 58.05 0.81 20.12
N GLU B 253 57.39 1.85 19.61
CA GLU B 253 57.94 2.68 18.55
C GLU B 253 58.73 3.88 19.08
N ILE B 254 58.86 4.02 20.40
CA ILE B 254 59.62 5.13 20.97
C ILE B 254 61.00 4.70 21.45
N SER B 255 61.22 3.42 21.70
CA SER B 255 62.51 2.95 22.19
C SER B 255 63.49 2.76 21.03
N GLY B 256 64.69 2.32 21.36
CA GLY B 256 65.70 2.10 20.33
C GLY B 256 66.22 3.40 19.74
N ASN B 257 66.40 3.40 18.42
CA ASN B 257 66.91 4.58 17.72
C ASN B 257 65.89 5.72 17.69
N ALA B 258 64.63 5.47 18.06
CA ALA B 258 63.62 6.51 18.05
C ALA B 258 63.96 7.63 19.03
N LEU B 259 64.49 7.27 20.21
CA LEU B 259 64.88 8.29 21.17
C LEU B 259 66.00 9.17 20.62
N ARG B 260 66.98 8.57 19.94
CA ARG B 260 68.10 9.33 19.42
C ARG B 260 67.68 10.21 18.24
N TYR B 261 66.82 9.69 17.36
CA TYR B 261 66.45 10.41 16.15
C TYR B 261 65.18 11.24 16.31
N ALA B 262 64.58 11.28 17.49
CA ALA B 262 63.36 12.03 17.71
C ALA B 262 63.62 13.22 18.61
N PRO B 263 63.44 14.46 18.14
CA PRO B 263 63.58 15.62 19.02
C PRO B 263 62.40 15.76 19.97
N ASP B 264 62.37 16.85 20.73
CA ASP B 264 61.33 17.06 21.73
C ASP B 264 59.98 17.30 21.05
N GLY B 265 58.92 17.30 21.87
CA GLY B 265 57.58 17.51 21.37
C GLY B 265 56.88 16.27 20.85
N ILE B 266 57.40 15.08 21.13
CA ILE B 266 56.84 13.82 20.64
C ILE B 266 56.17 13.10 21.82
N LEU B 267 54.89 12.77 21.65
CA LEU B 267 54.16 12.06 22.68
C LEU B 267 54.44 10.56 22.60
N GLY B 268 53.99 9.84 23.63
CA GLY B 268 54.18 8.40 23.67
C GLY B 268 53.40 7.80 24.81
N LEU B 269 53.40 6.48 24.85
CA LEU B 269 52.69 5.71 25.87
C LEU B 269 53.66 4.77 26.57
N GLN B 270 53.55 4.70 27.90
CA GLN B 270 54.37 3.83 28.72
C GLN B 270 53.47 3.04 29.66
N LEU B 271 53.80 1.76 29.85
CA LEU B 271 52.99 0.87 30.67
C LEU B 271 53.59 0.78 32.07
N ILE B 272 52.78 1.13 33.08
CA ILE B 272 53.20 0.97 34.46
C ILE B 272 53.16 -0.51 34.83
N ASN B 273 54.21 -0.96 35.52
CA ASN B 273 54.37 -2.37 35.89
C ASN B 273 54.42 -3.27 34.64
N GLY B 274 54.91 -2.71 33.54
CA GLY B 274 54.99 -3.48 32.31
C GLY B 274 56.03 -4.59 32.38
N LYS B 275 57.19 -4.31 32.98
CA LYS B 275 58.29 -5.27 33.07
C LYS B 275 58.63 -5.48 34.53
N ASN B 276 57.92 -6.41 35.17
CA ASN B 276 58.22 -6.86 36.54
C ASN B 276 58.01 -8.37 36.54
N GLU B 277 59.07 -9.11 36.21
CA GLU B 277 58.97 -10.55 36.04
C GLU B 277 58.54 -11.23 37.34
N SER B 278 59.19 -10.86 38.45
CA SER B 278 58.90 -11.51 39.72
C SER B 278 57.46 -11.25 40.15
N ALA B 279 57.02 -10.00 40.10
CA ALA B 279 55.66 -9.66 40.52
C ALA B 279 54.63 -10.32 39.63
N HIS B 280 54.83 -10.27 38.30
CA HIS B 280 53.87 -10.87 37.38
C HIS B 280 53.78 -12.37 37.57
N ILE B 281 54.92 -13.05 37.74
CA ILE B 281 54.90 -14.50 37.90
C ILE B 281 54.28 -14.87 39.25
N SER B 282 54.54 -14.09 40.31
CA SER B 282 53.91 -14.35 41.59
C SER B 282 52.39 -14.20 41.50
N ASP B 283 51.92 -13.14 40.83
CA ASP B 283 50.49 -12.97 40.65
C ASP B 283 49.90 -14.12 39.85
N ALA B 284 50.59 -14.55 38.78
CA ALA B 284 50.08 -15.63 37.95
C ALA B 284 49.99 -16.94 38.72
N VAL B 285 51.03 -17.26 39.50
CA VAL B 285 51.02 -18.52 40.24
C VAL B 285 49.97 -18.48 41.35
N GLY B 286 49.79 -17.33 41.99
CA GLY B 286 48.72 -17.21 42.97
C GLY B 286 47.35 -17.39 42.35
N VAL B 287 47.13 -16.77 41.18
CA VAL B 287 45.85 -16.89 40.49
C VAL B 287 45.58 -18.35 40.11
N VAL B 288 46.57 -19.02 39.54
CA VAL B 288 46.36 -20.39 39.10
C VAL B 288 46.19 -21.32 40.30
N ALA B 289 46.90 -21.06 41.40
CA ALA B 289 46.72 -21.87 42.60
C ALA B 289 45.32 -21.72 43.17
N GLN B 290 44.82 -20.48 43.25
CA GLN B 290 43.46 -20.28 43.74
C GLN B 290 42.44 -20.93 42.80
N ALA B 291 42.66 -20.82 41.49
CA ALA B 291 41.73 -21.41 40.54
C ALA B 291 41.69 -22.94 40.66
N VAL B 292 42.86 -23.57 40.78
CA VAL B 292 42.89 -25.02 40.87
C VAL B 292 42.33 -25.48 42.21
N HIS B 293 42.59 -24.72 43.28
CA HIS B 293 42.00 -25.07 44.57
C HIS B 293 40.48 -24.99 44.53
N GLU B 294 39.95 -23.97 43.85
CA GLU B 294 38.50 -23.85 43.72
C GLU B 294 37.92 -24.95 42.83
N LEU B 295 38.64 -25.36 41.79
CA LEU B 295 38.11 -26.33 40.85
C LEU B 295 38.29 -27.78 41.32
N LEU B 296 39.18 -28.03 42.28
CA LEU B 296 39.43 -29.40 42.72
C LEU B 296 38.21 -30.06 43.36
N GLU B 297 37.18 -29.31 43.72
CA GLU B 297 35.97 -29.89 44.27
C GLU B 297 35.09 -30.54 43.20
N LYS B 298 35.48 -30.45 41.93
CA LYS B 298 34.68 -31.02 40.85
C LYS B 298 34.62 -32.55 40.97
N GLU B 299 33.65 -33.13 40.26
CA GLU B 299 33.42 -34.57 40.34
C GLU B 299 34.61 -35.36 39.80
N ASN B 300 35.16 -34.94 38.67
CA ASN B 300 36.24 -35.68 38.02
C ASN B 300 37.32 -34.72 37.56
N ILE B 301 38.55 -35.23 37.49
CA ILE B 301 39.71 -34.48 37.02
C ILE B 301 40.40 -35.30 35.94
N THR B 302 40.72 -34.66 34.82
CA THR B 302 41.35 -35.33 33.69
C THR B 302 42.86 -35.40 33.92
N ASP B 303 43.41 -36.61 33.91
CA ASP B 303 44.84 -36.84 34.12
C ASP B 303 45.56 -36.96 32.79
N PRO B 304 46.57 -36.13 32.52
CA PRO B 304 47.32 -36.28 31.28
C PRO B 304 48.12 -37.58 31.28
N PRO B 305 48.40 -38.13 30.11
CA PRO B 305 49.19 -39.37 30.04
C PRO B 305 50.63 -39.13 30.46
N ARG B 306 51.30 -40.24 30.83
CA ARG B 306 52.69 -40.17 31.26
C ARG B 306 53.64 -39.78 30.14
N GLY B 307 53.21 -39.82 28.89
CA GLY B 307 54.06 -39.44 27.78
C GLY B 307 53.24 -38.86 26.66
N CYS B 308 53.88 -38.01 25.85
CA CYS B 308 53.23 -37.38 24.70
C CYS B 308 53.37 -38.20 23.43
N VAL B 309 53.55 -39.52 23.56
CA VAL B 309 53.70 -40.42 22.43
C VAL B 309 52.57 -41.45 22.46
N GLY B 310 51.85 -41.58 21.36
CA GLY B 310 50.83 -42.59 21.23
C GLY B 310 49.49 -42.26 21.86
N ASN B 311 49.33 -41.08 22.44
CA ASN B 311 48.09 -40.69 23.09
C ASN B 311 47.48 -39.51 22.34
N THR B 312 46.23 -39.67 21.93
CA THR B 312 45.47 -38.63 21.22
C THR B 312 44.12 -38.50 21.92
N ASN B 313 44.03 -37.56 22.86
CA ASN B 313 42.79 -37.35 23.60
C ASN B 313 42.71 -35.87 23.97
N ILE B 314 41.51 -35.45 24.36
CA ILE B 314 41.26 -34.07 24.73
C ILE B 314 40.69 -34.04 26.14
N TRP B 315 41.12 -33.05 26.93
CA TRP B 315 40.67 -32.93 28.30
C TRP B 315 39.23 -32.45 28.36
N LYS B 316 38.43 -33.12 29.18
CA LYS B 316 37.08 -32.63 29.45
C LYS B 316 37.12 -31.40 30.35
N THR B 317 38.22 -31.21 31.07
CA THR B 317 38.37 -30.10 32.00
C THR B 317 39.03 -28.88 31.37
N GLY B 318 39.35 -28.91 30.09
CA GLY B 318 39.91 -27.77 29.40
C GLY B 318 38.97 -26.58 29.37
N PRO B 319 37.76 -26.77 28.83
CA PRO B 319 36.76 -25.70 28.90
C PRO B 319 36.42 -25.29 30.32
N LEU B 320 36.46 -26.23 31.27
CA LEU B 320 36.22 -25.86 32.67
C LEU B 320 37.31 -24.92 33.17
N PHE B 321 38.57 -25.21 32.85
CA PHE B 321 39.67 -24.32 33.23
C PHE B 321 39.50 -22.95 32.59
N LYS B 322 39.14 -22.92 31.30
CA LYS B 322 38.97 -21.65 30.62
C LYS B 322 37.84 -20.83 31.26
N ARG B 323 36.72 -21.47 31.56
CA ARG B 323 35.60 -20.77 32.17
C ARG B 323 35.95 -20.27 33.57
N VAL B 324 36.64 -21.09 34.36
CA VAL B 324 36.97 -20.66 35.72
C VAL B 324 38.01 -19.54 35.69
N LEU B 325 38.90 -19.53 34.69
CA LEU B 325 39.83 -18.43 34.57
C LEU B 325 39.12 -17.15 34.13
N MET B 326 38.16 -17.27 33.21
CA MET B 326 37.44 -16.08 32.76
C MET B 326 36.55 -15.50 33.84
N SER B 327 35.93 -16.36 34.65
CA SER B 327 34.96 -15.92 35.64
C SER B 327 35.58 -15.59 37.00
N SER B 328 36.89 -15.68 37.13
CA SER B 328 37.57 -15.41 38.39
C SER B 328 38.13 -14.00 38.39
N LYS B 329 37.89 -13.27 39.48
CA LYS B 329 38.41 -11.92 39.66
C LYS B 329 39.31 -11.89 40.89
N TYR B 330 40.48 -11.27 40.74
CA TYR B 330 41.48 -11.24 41.81
C TYR B 330 41.80 -9.78 42.12
N ALA B 331 41.32 -9.31 43.27
CA ALA B 331 41.61 -7.96 43.73
C ALA B 331 42.83 -7.89 44.64
N ASP B 332 43.42 -9.03 44.98
CA ASP B 332 44.58 -9.09 45.86
C ASP B 332 45.81 -9.46 45.05
N GLY B 333 46.88 -8.70 45.23
CA GLY B 333 48.12 -8.96 44.53
C GLY B 333 48.94 -7.69 44.41
N VAL B 334 49.98 -7.77 43.56
CA VAL B 334 50.84 -6.62 43.32
C VAL B 334 50.04 -5.50 42.67
N THR B 335 49.23 -5.82 41.68
CA THR B 335 48.40 -4.84 41.01
C THR B 335 47.11 -4.61 41.79
N GLY B 336 46.38 -3.57 41.41
CA GLY B 336 45.13 -3.26 42.08
C GLY B 336 44.09 -4.36 41.91
N ARG B 337 43.93 -4.85 40.69
CA ARG B 337 42.97 -5.91 40.41
C ARG B 337 43.44 -6.70 39.19
N VAL B 338 43.08 -7.98 39.15
CA VAL B 338 43.44 -8.87 38.06
C VAL B 338 42.16 -9.49 37.52
N GLU B 339 41.86 -9.22 36.25
CA GLU B 339 40.70 -9.82 35.59
C GLU B 339 41.04 -10.05 34.12
N PHE B 340 40.30 -10.98 33.51
CA PHE B 340 40.53 -11.37 32.13
C PHE B 340 39.33 -10.96 31.28
N ASN B 341 39.62 -10.51 30.06
CA ASN B 341 38.58 -10.11 29.11
C ASN B 341 38.15 -11.34 28.30
N GLU B 342 37.40 -11.12 27.22
CA GLU B 342 36.97 -12.22 26.37
C GLU B 342 38.17 -12.92 25.74
N ASP B 343 39.17 -12.16 25.31
CA ASP B 343 40.39 -12.75 24.76
C ASP B 343 41.29 -13.38 25.83
N GLY B 344 40.98 -13.16 27.11
CA GLY B 344 41.76 -13.74 28.19
C GLY B 344 42.92 -12.88 28.65
N ASP B 345 43.19 -11.76 28.00
CA ASP B 345 44.29 -10.91 28.39
C ASP B 345 43.89 -10.00 29.56
N ARG B 346 44.86 -9.26 30.08
CA ARG B 346 44.62 -8.37 31.20
C ARG B 346 43.67 -7.25 30.81
N LYS B 347 42.77 -6.90 31.72
CA LYS B 347 41.79 -5.84 31.51
C LYS B 347 42.07 -4.69 32.47
N PHE B 348 41.87 -3.46 31.98
CA PHE B 348 42.05 -2.24 32.76
C PHE B 348 43.49 -2.14 33.29
N ALA B 349 44.43 -2.09 32.35
CA ALA B 349 45.83 -1.95 32.70
C ALA B 349 46.16 -0.49 33.01
N ASN B 350 47.34 -0.30 33.62
CA ASN B 350 47.79 1.04 34.00
C ASN B 350 48.56 1.66 32.84
N TYR B 351 48.02 2.71 32.26
CA TYR B 351 48.64 3.43 31.15
C TYR B 351 49.14 4.77 31.64
N SER B 352 50.40 5.06 31.36
CA SER B 352 51.04 6.31 31.77
C SER B 352 51.40 7.13 30.54
N ILE B 353 51.03 8.42 30.55
CA ILE B 353 51.36 9.31 29.44
C ILE B 353 52.86 9.54 29.43
N MET B 354 53.46 9.39 28.25
CA MET B 354 54.90 9.55 28.08
C MET B 354 55.17 10.70 27.12
N ASN B 355 56.03 11.62 27.53
CA ASN B 355 56.39 12.77 26.71
C ASN B 355 57.91 12.94 26.72
N LEU B 356 58.43 13.51 25.64
CA LEU B 356 59.86 13.74 25.48
C LEU B 356 60.13 15.23 25.60
N GLN B 357 60.80 15.62 26.70
CA GLN B 357 61.15 17.01 26.96
C GLN B 357 62.66 17.10 27.17
N ASN B 358 63.33 17.93 26.38
CA ASN B 358 64.78 18.10 26.45
C ASN B 358 65.50 16.76 26.32
N ARG B 359 65.03 15.94 25.38
CA ARG B 359 65.57 14.60 25.14
C ARG B 359 65.50 13.72 26.39
N LYS B 360 64.50 13.97 27.24
CA LYS B 360 64.29 13.20 28.46
C LYS B 360 62.82 12.79 28.54
N LEU B 361 62.58 11.64 29.17
CA LEU B 361 61.23 11.12 29.29
C LEU B 361 60.53 11.78 30.48
N VAL B 362 59.35 12.35 30.22
CA VAL B 362 58.56 13.03 31.24
C VAL B 362 57.16 12.45 31.23
N GLN B 363 56.68 12.07 32.41
CA GLN B 363 55.33 11.53 32.56
C GLN B 363 54.37 12.68 32.87
N VAL B 364 53.33 12.83 32.06
CA VAL B 364 52.38 13.91 32.20
C VAL B 364 50.96 13.39 32.48
N GLY B 365 50.85 12.16 32.97
CA GLY B 365 49.55 11.61 33.30
C GLY B 365 49.53 10.09 33.38
N ILE B 366 48.69 9.56 34.27
CA ILE B 366 48.53 8.12 34.44
C ILE B 366 47.05 7.79 34.29
N TYR B 367 46.75 6.85 33.40
CA TYR B 367 45.38 6.42 33.14
C TYR B 367 45.22 5.01 33.73
N ASN B 368 44.71 4.95 34.96
CA ASN B 368 44.48 3.65 35.60
C ASN B 368 43.38 2.88 34.88
N GLY B 369 42.31 3.57 34.48
CA GLY B 369 41.20 2.92 33.80
C GLY B 369 40.70 3.73 32.61
N THR B 370 41.63 4.41 31.93
CA THR B 370 41.31 5.27 30.78
C THR B 370 40.31 6.36 31.16
N HIS B 371 40.74 7.22 32.09
CA HIS B 371 39.95 8.35 32.55
C HIS B 371 40.78 9.62 32.40
N VAL B 372 40.14 10.76 32.67
CA VAL B 372 40.79 12.06 32.55
C VAL B 372 41.60 12.29 33.83
N ILE B 373 42.89 11.97 33.77
CA ILE B 373 43.79 12.18 34.91
C ILE B 373 45.03 12.93 34.42
N PRO B 374 44.96 14.24 34.24
CA PRO B 374 46.13 15.00 33.78
C PRO B 374 47.03 15.36 34.96
N ASN B 375 48.14 16.02 34.64
CA ASN B 375 49.09 16.49 35.64
C ASN B 375 49.33 17.98 35.46
N ASP B 376 49.92 18.60 36.48
CA ASP B 376 50.16 20.03 36.46
C ASP B 376 51.24 20.43 35.46
N ARG B 377 52.10 19.49 35.06
CA ARG B 377 53.17 19.81 34.11
C ARG B 377 52.59 20.16 32.74
N LYS B 378 53.12 21.20 32.13
CA LYS B 378 52.65 21.64 30.83
C LYS B 378 53.11 20.67 29.74
N ILE B 379 52.24 20.44 28.76
CA ILE B 379 52.54 19.55 27.64
C ILE B 379 53.11 20.37 26.50
N ILE B 380 54.33 20.04 26.08
CA ILE B 380 54.97 20.76 24.99
C ILE B 380 54.47 20.24 23.65
N TRP B 381 54.69 21.03 22.61
CA TRP B 381 54.27 20.71 21.26
C TRP B 381 55.41 20.96 20.28
N PRO B 382 55.42 20.27 19.15
CA PRO B 382 56.47 20.52 18.16
C PRO B 382 56.46 21.96 17.68
N GLY B 383 57.65 22.50 17.43
CA GLY B 383 57.79 23.88 17.01
C GLY B 383 57.77 24.89 18.13
N GLY B 384 57.78 24.45 19.39
CA GLY B 384 57.80 25.35 20.51
C GLY B 384 56.45 25.90 20.94
N GLU B 385 55.36 25.45 20.33
CA GLU B 385 54.04 25.93 20.71
C GLU B 385 53.69 25.44 22.11
N THR B 386 53.07 26.33 22.90
CA THR B 386 52.64 26.01 24.25
C THR B 386 51.13 25.85 24.36
N GLU B 387 50.41 25.81 23.24
CA GLU B 387 48.96 25.67 23.23
C GLU B 387 48.56 24.54 22.30
N LYS B 388 47.39 23.96 22.59
CA LYS B 388 46.89 22.85 21.78
C LYS B 388 46.44 23.35 20.42
N PRO B 389 46.98 22.82 19.32
CA PRO B 389 46.55 23.24 18.00
C PRO B 389 45.25 22.55 17.60
N ARG B 390 44.81 22.83 16.36
CA ARG B 390 43.60 22.26 15.82
C ARG B 390 43.87 21.67 14.45
N GLY B 391 43.13 20.62 14.12
CA GLY B 391 43.28 19.91 12.85
C GLY B 391 42.40 20.42 11.73
N TYR B 392 41.68 21.52 11.92
CA TYR B 392 40.80 22.06 10.90
C TYR B 392 41.58 23.07 10.07
N GLN B 393 41.99 22.66 8.87
CA GLN B 393 42.67 23.55 7.92
C GLN B 393 42.06 23.27 6.54
N MET B 394 41.01 24.04 6.21
CA MET B 394 40.36 23.86 4.91
C MET B 394 41.23 24.39 3.78
N SER B 395 42.01 25.43 4.04
CA SER B 395 42.91 26.09 3.09
C SER B 395 42.18 26.76 1.93
N THR B 396 40.85 26.73 1.91
CA THR B 396 40.03 27.37 0.87
C THR B 396 40.41 26.88 -0.52
N ARG B 397 40.88 25.64 -0.63
CA ARG B 397 41.28 25.05 -1.90
C ARG B 397 40.28 23.94 -2.23
N LEU B 398 39.23 24.30 -2.97
CA LEU B 398 38.17 23.36 -3.34
C LEU B 398 38.14 23.24 -4.86
N LYS B 399 38.55 22.08 -5.36
CA LYS B 399 38.51 21.82 -6.79
C LYS B 399 37.06 21.61 -7.24
N ILE B 400 36.74 22.10 -8.42
CA ILE B 400 35.38 22.09 -8.95
C ILE B 400 35.38 21.42 -10.31
N VAL B 401 34.42 20.53 -10.53
CA VAL B 401 34.21 19.88 -11.83
C VAL B 401 32.88 20.35 -12.39
N THR B 402 32.87 20.71 -13.67
CA THR B 402 31.70 21.28 -14.32
C THR B 402 31.43 20.53 -15.62
N ILE B 403 30.15 20.29 -15.90
CA ILE B 403 29.71 19.61 -17.12
C ILE B 403 29.29 20.65 -18.15
N HIS B 404 29.72 20.45 -19.39
CA HIS B 404 29.41 21.40 -20.46
C HIS B 404 27.91 21.35 -20.77
N GLN B 405 27.19 22.39 -20.34
CA GLN B 405 25.77 22.55 -20.63
C GLN B 405 25.58 23.81 -21.43
N GLU B 406 24.95 23.69 -22.61
CA GLU B 406 24.84 24.83 -23.51
C GLU B 406 24.10 26.01 -22.91
N PRO B 407 22.91 25.86 -22.30
CA PRO B 407 22.22 27.03 -21.75
C PRO B 407 22.82 27.58 -20.46
N PHE B 408 23.74 26.84 -19.83
CA PHE B 408 24.27 27.25 -18.53
C PHE B 408 25.78 27.48 -18.54
N VAL B 409 26.55 26.63 -19.23
CA VAL B 409 28.01 26.72 -19.21
C VAL B 409 28.46 26.76 -20.67
N TYR B 410 28.66 27.97 -21.20
CA TYR B 410 29.21 28.13 -22.53
C TYR B 410 30.71 27.93 -22.49
N VAL B 411 31.23 27.10 -23.39
CA VAL B 411 32.65 26.79 -23.47
C VAL B 411 33.14 27.18 -24.86
N LYS B 412 34.16 28.04 -24.91
CA LYS B 412 34.75 28.50 -26.15
C LYS B 412 36.26 28.42 -26.06
N PRO B 413 36.94 28.18 -27.17
CA PRO B 413 38.41 28.13 -27.15
C PRO B 413 39.02 29.47 -26.83
N THR B 414 40.19 29.43 -26.19
CA THR B 414 40.89 30.65 -25.83
C THR B 414 41.65 31.22 -27.03
N LEU B 415 42.18 32.42 -26.85
CA LEU B 415 42.92 33.10 -27.90
C LEU B 415 44.37 32.63 -27.88
N SER B 416 45.22 33.29 -28.69
CA SER B 416 46.63 32.91 -28.75
C SER B 416 47.34 33.23 -27.45
N ASP B 417 46.97 34.34 -26.80
CA ASP B 417 47.62 34.74 -25.55
C ASP B 417 47.22 33.86 -24.38
N GLY B 418 46.22 33.01 -24.53
CA GLY B 418 45.77 32.13 -23.46
C GLY B 418 44.54 32.60 -22.73
N THR B 419 44.00 33.76 -23.06
CA THR B 419 42.81 34.31 -22.42
C THR B 419 41.68 34.39 -23.43
N CYS B 420 40.52 34.83 -22.97
CA CYS B 420 39.32 34.96 -23.79
C CYS B 420 38.98 36.44 -23.97
N LYS B 421 38.12 36.70 -24.95
CA LYS B 421 37.73 38.07 -25.26
C LYS B 421 36.86 38.65 -24.15
N GLU B 422 36.85 39.98 -24.06
CA GLU B 422 36.06 40.70 -23.07
C GLU B 422 34.78 41.20 -23.74
N GLU B 423 33.78 40.33 -23.79
CA GLU B 423 32.51 40.65 -24.41
C GLU B 423 31.65 41.46 -23.46
N PHE B 424 30.57 42.03 -24.00
CA PHE B 424 29.62 42.82 -23.23
C PHE B 424 28.20 42.40 -23.57
N THR B 425 27.29 42.59 -22.61
CA THR B 425 25.90 42.25 -22.78
C THR B 425 25.15 43.41 -23.44
N VAL B 426 23.82 43.31 -23.49
CA VAL B 426 23.01 44.38 -24.07
C VAL B 426 23.09 45.64 -23.22
N ASN B 427 23.40 45.52 -21.93
CA ASN B 427 23.51 46.65 -21.04
C ASN B 427 24.92 47.23 -20.99
N GLY B 428 25.84 46.72 -21.80
CA GLY B 428 27.20 47.21 -21.80
C GLY B 428 27.97 46.93 -20.52
N ASP B 429 27.78 45.75 -19.93
CA ASP B 429 28.47 45.37 -18.72
C ASP B 429 29.56 44.35 -19.03
N PRO B 430 30.68 44.38 -18.30
CA PRO B 430 31.75 43.42 -18.55
C PRO B 430 31.33 42.01 -18.12
N VAL B 431 31.41 41.08 -19.06
CA VAL B 431 31.05 39.70 -18.79
C VAL B 431 32.23 38.99 -18.15
N LYS B 432 32.03 38.45 -16.95
CA LYS B 432 33.09 37.76 -16.25
C LYS B 432 33.40 36.42 -16.92
N LYS B 433 34.68 36.10 -17.01
CA LYS B 433 35.13 34.83 -17.57
C LYS B 433 36.20 34.23 -16.68
N VAL B 434 36.17 32.91 -16.53
CA VAL B 434 37.10 32.17 -15.68
C VAL B 434 37.86 31.18 -16.54
N ILE B 435 39.17 31.06 -16.29
CA ILE B 435 39.99 30.12 -17.02
C ILE B 435 39.49 28.70 -16.76
N CYS B 436 39.35 27.92 -17.84
CA CYS B 436 38.76 26.60 -17.78
C CYS B 436 39.80 25.55 -18.16
N THR B 437 39.81 24.44 -17.44
CA THR B 437 40.71 23.32 -17.71
C THR B 437 39.88 22.09 -18.04
N GLY B 438 40.22 21.43 -19.15
CA GLY B 438 39.52 20.24 -19.57
C GLY B 438 40.12 19.62 -20.82
N PRO B 439 39.63 18.43 -21.19
CA PRO B 439 40.14 17.78 -22.40
C PRO B 439 39.75 18.55 -23.65
N ASN B 440 40.62 18.45 -24.66
CA ASN B 440 40.37 19.15 -25.92
C ASN B 440 39.27 18.46 -26.72
N ASP B 441 39.26 17.12 -26.74
CA ASP B 441 38.29 16.34 -27.49
C ASP B 441 37.49 15.47 -26.53
N THR B 442 36.16 15.60 -26.59
CA THR B 442 35.30 14.79 -25.73
C THR B 442 35.17 13.36 -26.23
N SER B 443 35.21 13.15 -27.54
CA SER B 443 35.04 11.82 -28.09
C SER B 443 36.23 10.92 -27.75
N PRO B 444 36.00 9.64 -27.54
CA PRO B 444 37.11 8.72 -27.26
C PRO B 444 37.92 8.43 -28.50
N GLY B 445 39.08 7.81 -28.29
CA GLY B 445 39.98 7.50 -29.38
C GLY B 445 40.55 8.73 -30.06
N SER B 446 40.92 9.74 -29.28
CA SER B 446 41.45 10.99 -29.78
C SER B 446 42.64 11.40 -28.93
N PRO B 447 43.54 12.23 -29.47
CA PRO B 447 44.68 12.69 -28.67
C PRO B 447 44.27 13.66 -27.57
N ARG B 448 43.79 13.11 -26.45
CA ARG B 448 43.29 13.92 -25.35
C ARG B 448 44.38 14.82 -24.80
N HIS B 449 44.19 16.13 -24.92
CA HIS B 449 45.11 17.12 -24.38
C HIS B 449 44.34 18.06 -23.45
N THR B 450 44.91 18.31 -22.28
CA THR B 450 44.27 19.18 -21.29
C THR B 450 44.61 20.65 -21.56
N VAL B 451 44.18 21.12 -22.73
CA VAL B 451 44.40 22.50 -23.15
C VAL B 451 43.53 23.41 -22.28
N PRO B 452 43.94 24.65 -22.03
CA PRO B 452 43.12 25.56 -21.21
C PRO B 452 41.98 26.13 -22.03
N GLN B 453 40.74 25.89 -21.58
CA GLN B 453 39.56 26.45 -22.19
C GLN B 453 39.12 27.71 -21.46
N CYS B 454 37.93 28.21 -21.78
CA CYS B 454 37.39 29.39 -21.12
C CYS B 454 35.87 29.21 -21.04
N CYS B 455 35.39 28.73 -19.90
CA CYS B 455 33.98 28.45 -19.69
C CYS B 455 33.31 29.60 -18.93
N TYR B 456 32.15 30.01 -19.41
CA TYR B 456 31.39 31.08 -18.78
C TYR B 456 29.90 30.82 -19.01
N GLY B 457 29.07 31.44 -18.18
CA GLY B 457 27.64 31.26 -18.31
C GLY B 457 26.84 31.67 -17.09
N PHE B 458 25.95 30.78 -16.65
CA PHE B 458 25.03 31.07 -15.55
C PHE B 458 25.64 30.79 -14.19
N CYS B 459 26.18 29.58 -13.99
CA CYS B 459 26.70 29.19 -12.68
C CYS B 459 27.96 29.95 -12.30
N ILE B 460 28.65 30.56 -13.26
CA ILE B 460 29.87 31.29 -12.94
C ILE B 460 29.57 32.51 -12.09
N ASP B 461 28.43 33.17 -12.35
CA ASP B 461 28.05 34.32 -11.53
C ASP B 461 27.80 33.91 -10.09
N LEU B 462 27.10 32.79 -9.88
CA LEU B 462 26.85 32.31 -8.53
C LEU B 462 28.16 31.91 -7.84
N LEU B 463 29.06 31.27 -8.60
CA LEU B 463 30.36 30.89 -8.02
C LEU B 463 31.16 32.12 -7.61
N ILE B 464 31.14 33.17 -8.44
CA ILE B 464 31.85 34.40 -8.12
C ILE B 464 31.23 35.07 -6.89
N LYS B 465 29.90 35.06 -6.81
CA LYS B 465 29.23 35.61 -5.63
C LYS B 465 29.62 34.85 -4.36
N LEU B 466 29.68 33.52 -4.44
CA LEU B 466 30.10 32.72 -3.29
C LEU B 466 31.54 33.03 -2.91
N ALA B 467 32.43 33.15 -3.91
CA ALA B 467 33.83 33.45 -3.63
C ALA B 467 34.00 34.85 -3.06
N ARG B 468 33.11 35.77 -3.41
CA ARG B 468 33.17 37.11 -2.83
C ARG B 468 32.66 37.11 -1.39
N THR B 469 31.58 36.37 -1.14
CA THR B 469 31.03 36.32 0.22
C THR B 469 31.98 35.60 1.18
N MET B 470 32.58 34.50 0.74
CA MET B 470 33.50 33.72 1.57
C MET B 470 34.77 33.44 0.80
N ASN B 471 35.90 33.48 1.50
CA ASN B 471 37.21 33.30 0.88
C ASN B 471 37.33 31.92 0.22
N PHE B 472 37.40 31.90 -1.10
CA PHE B 472 37.52 30.66 -1.87
C PHE B 472 38.59 30.82 -2.94
N THR B 473 39.34 29.74 -3.16
CA THR B 473 40.30 29.64 -4.26
C THR B 473 39.89 28.44 -5.09
N TYR B 474 39.09 28.68 -6.12
CA TYR B 474 38.44 27.63 -6.89
C TYR B 474 39.10 27.46 -8.25
N GLU B 475 39.23 26.22 -8.68
CA GLU B 475 39.68 25.87 -10.03
C GLU B 475 38.65 24.94 -10.65
N VAL B 476 38.22 25.26 -11.86
CA VAL B 476 37.17 24.50 -12.54
C VAL B 476 37.81 23.39 -13.37
N HIS B 477 37.05 22.31 -13.56
CA HIS B 477 37.50 21.17 -14.33
C HIS B 477 36.35 20.65 -15.17
N LEU B 478 36.70 19.95 -16.25
CA LEU B 478 35.73 19.35 -17.16
C LEU B 478 35.84 17.84 -17.12
N VAL B 479 34.70 17.17 -17.00
CA VAL B 479 34.67 15.72 -16.96
C VAL B 479 35.05 15.17 -18.34
N ALA B 480 35.92 14.15 -18.35
CA ALA B 480 36.40 13.59 -19.60
C ALA B 480 35.28 12.92 -20.38
N ASP B 481 34.45 12.13 -19.71
CA ASP B 481 33.39 11.40 -20.39
C ASP B 481 32.16 12.26 -20.66
N GLY B 482 32.05 13.42 -20.03
CA GLY B 482 30.91 14.29 -20.26
C GLY B 482 29.58 13.71 -19.83
N LYS B 483 29.55 13.03 -18.68
CA LYS B 483 28.33 12.43 -18.16
C LYS B 483 28.16 12.80 -16.70
N PHE B 484 26.91 12.86 -16.26
CA PHE B 484 26.62 13.20 -14.87
C PHE B 484 27.16 12.13 -13.93
N GLY B 485 26.96 10.85 -14.28
CA GLY B 485 27.52 9.76 -13.50
C GLY B 485 26.51 9.05 -12.63
N THR B 486 26.34 7.76 -12.86
CA THR B 486 25.45 6.92 -12.06
C THR B 486 26.17 5.61 -11.75
N GLN B 487 25.44 4.64 -11.23
CA GLN B 487 26.00 3.32 -10.99
C GLN B 487 26.09 2.55 -12.29
N GLU B 488 27.28 2.02 -12.57
CA GLU B 488 27.54 1.27 -13.79
C GLU B 488 28.02 -0.13 -13.45
N ARG B 489 28.19 -0.94 -14.48
CA ARG B 489 28.63 -2.32 -14.33
C ARG B 489 29.85 -2.55 -15.21
N VAL B 490 30.90 -3.12 -14.62
CA VAL B 490 32.16 -3.39 -15.32
C VAL B 490 32.53 -4.84 -15.07
N ASN B 491 33.71 -5.25 -15.54
CA ASN B 491 34.22 -6.58 -15.27
C ASN B 491 34.18 -6.86 -13.77
N ASN B 492 33.85 -8.11 -13.41
CA ASN B 492 33.45 -8.46 -12.05
C ASN B 492 32.22 -7.64 -11.64
N SER B 493 31.11 -7.95 -12.30
CA SER B 493 29.87 -7.17 -12.24
C SER B 493 29.35 -6.96 -10.82
N ASN B 494 29.84 -7.72 -9.86
CA ASN B 494 29.39 -7.55 -8.48
C ASN B 494 30.11 -6.37 -7.83
N LYS B 495 30.03 -5.20 -8.46
CA LYS B 495 30.64 -3.98 -7.95
C LYS B 495 29.71 -2.81 -8.23
N LYS B 496 29.53 -1.94 -7.24
CA LYS B 496 28.70 -0.76 -7.37
C LYS B 496 29.61 0.47 -7.23
N GLU B 497 30.05 1.00 -8.37
CA GLU B 497 30.94 2.15 -8.40
C GLU B 497 30.32 3.24 -9.26
N TRP B 498 30.57 4.50 -8.88
CA TRP B 498 30.05 5.64 -9.62
C TRP B 498 31.08 6.15 -10.61
N ASN B 499 30.62 6.51 -11.80
CA ASN B 499 31.46 7.06 -12.85
C ASN B 499 31.17 8.55 -13.02
N GLY B 500 31.79 9.16 -14.02
CA GLY B 500 31.51 10.53 -14.38
C GLY B 500 31.81 11.52 -13.26
N MET B 501 31.00 12.59 -13.23
CA MET B 501 31.20 13.65 -12.26
C MET B 501 30.95 13.15 -10.83
N MET B 502 29.92 12.32 -10.63
CA MET B 502 29.65 11.80 -9.30
C MET B 502 30.80 10.94 -8.79
N GLY B 503 31.35 10.09 -9.66
CA GLY B 503 32.49 9.28 -9.28
C GLY B 503 33.73 10.11 -9.01
N GLU B 504 33.95 11.16 -9.80
CA GLU B 504 35.07 12.06 -9.55
C GLU B 504 34.92 12.76 -8.20
N LEU B 505 33.71 13.19 -7.87
CA LEU B 505 33.46 13.80 -6.57
C LEU B 505 33.70 12.82 -5.44
N LEU B 506 33.24 11.58 -5.60
CA LEU B 506 33.43 10.57 -4.55
C LEU B 506 34.90 10.18 -4.41
N SER B 507 35.67 10.26 -5.48
CA SER B 507 37.09 9.91 -5.43
C SER B 507 37.94 10.92 -4.69
N GLY B 508 37.38 12.09 -4.35
CA GLY B 508 38.12 13.12 -3.67
C GLY B 508 38.80 14.13 -4.58
N GLN B 509 38.71 13.97 -5.90
CA GLN B 509 39.32 14.92 -6.81
C GLN B 509 38.66 16.29 -6.69
N ALA B 510 37.33 16.32 -6.56
CA ALA B 510 36.58 17.56 -6.45
C ALA B 510 35.91 17.64 -5.08
N ASP B 511 35.71 18.87 -4.60
CA ASP B 511 35.07 19.11 -3.31
C ASP B 511 33.74 19.82 -3.42
N MET B 512 33.55 20.72 -4.38
CA MET B 512 32.31 21.43 -4.56
C MET B 512 31.97 21.47 -6.05
N ILE B 513 30.69 21.29 -6.36
CA ILE B 513 30.21 21.24 -7.74
C ILE B 513 29.17 22.34 -7.95
N VAL B 514 29.41 23.18 -8.95
CA VAL B 514 28.46 24.21 -9.36
C VAL B 514 28.11 23.91 -10.81
N ALA B 515 27.06 23.13 -11.02
CA ALA B 515 26.64 22.70 -12.34
C ALA B 515 25.20 22.25 -12.26
N PRO B 516 24.49 22.21 -13.39
CA PRO B 516 23.09 21.74 -13.37
C PRO B 516 23.01 20.25 -13.09
N LEU B 517 22.60 19.90 -11.88
CA LEU B 517 22.48 18.50 -11.46
C LEU B 517 21.13 18.30 -10.79
N THR B 518 20.36 17.35 -11.29
CA THR B 518 19.03 17.09 -10.76
C THR B 518 19.14 16.23 -9.51
N ILE B 519 18.49 16.67 -8.43
CA ILE B 519 18.53 15.95 -7.17
C ILE B 519 17.72 14.66 -7.30
N ASN B 520 18.31 13.54 -6.89
CA ASN B 520 17.65 12.25 -6.94
C ASN B 520 17.94 11.50 -5.64
N ASN B 521 17.05 10.55 -5.33
CA ASN B 521 17.19 9.79 -4.09
C ASN B 521 18.49 8.98 -4.06
N GLU B 522 18.81 8.30 -5.17
CA GLU B 522 20.02 7.50 -5.22
C GLU B 522 21.27 8.37 -5.07
N ARG B 523 21.29 9.53 -5.72
CA ARG B 523 22.42 10.44 -5.59
C ARG B 523 22.53 10.99 -4.17
N ALA B 524 21.39 11.28 -3.54
CA ALA B 524 21.41 11.83 -2.19
C ALA B 524 21.75 10.77 -1.13
N GLN B 525 21.59 9.48 -1.45
CA GLN B 525 21.96 8.44 -0.51
C GLN B 525 23.45 8.40 -0.24
N TYR B 526 24.27 8.98 -1.12
CA TYR B 526 25.71 9.00 -0.95
C TYR B 526 26.32 10.40 -0.94
N ILE B 527 25.71 11.36 -1.62
CA ILE B 527 26.22 12.72 -1.69
C ILE B 527 25.10 13.67 -1.27
N GLU B 528 25.32 14.43 -0.21
CA GLU B 528 24.33 15.39 0.26
C GLU B 528 24.26 16.60 -0.68
N PHE B 529 23.06 17.13 -0.84
CA PHE B 529 22.82 18.28 -1.69
C PHE B 529 22.32 19.45 -0.85
N SER B 530 22.24 20.61 -1.49
CA SER B 530 21.78 21.85 -0.87
C SER B 530 20.42 22.24 -1.44
N LYS B 531 19.92 23.40 -1.03
CA LYS B 531 18.64 23.87 -1.51
C LYS B 531 18.71 24.17 -3.00
N PRO B 532 17.70 23.78 -3.78
CA PRO B 532 17.75 24.01 -5.22
C PRO B 532 17.68 25.49 -5.57
N PHE B 533 18.34 25.84 -6.68
CA PHE B 533 18.29 27.22 -7.15
C PHE B 533 16.93 27.55 -7.76
N LYS B 534 16.39 26.63 -8.56
CA LYS B 534 15.12 26.85 -9.24
C LYS B 534 14.45 25.51 -9.48
N TYR B 535 13.14 25.55 -9.67
CA TYR B 535 12.31 24.34 -9.78
C TYR B 535 11.84 24.21 -11.23
N GLN B 536 12.46 23.28 -11.97
CA GLN B 536 12.05 22.99 -13.34
C GLN B 536 12.04 21.48 -13.54
N GLY B 537 10.99 20.98 -14.17
CA GLY B 537 10.84 19.57 -14.45
C GLY B 537 11.43 19.19 -15.80
N LEU B 538 10.88 18.12 -16.38
CA LEU B 538 11.29 17.63 -17.69
C LEU B 538 10.11 17.63 -18.64
N THR B 539 10.35 18.07 -19.87
CA THR B 539 9.31 18.14 -20.89
C THR B 539 9.71 17.39 -22.15
N ILE B 540 8.93 17.55 -23.21
CA ILE B 540 9.17 16.88 -24.49
C ILE B 540 9.45 17.94 -25.54
N LEU B 541 10.53 17.76 -26.29
CA LEU B 541 10.93 18.67 -27.36
C LEU B 541 10.74 17.98 -28.70
N VAL B 542 9.94 18.59 -29.57
CA VAL B 542 9.65 18.04 -30.89
C VAL B 542 9.72 19.17 -31.91
N LYS B 543 10.37 18.91 -33.03
CA LYS B 543 10.45 19.89 -34.10
C LYS B 543 9.10 20.03 -34.80
N LYS B 544 8.63 21.26 -34.94
CA LYS B 544 7.34 21.52 -35.56
C LYS B 544 7.49 21.75 -37.06
N GLU B 545 6.47 21.34 -37.80
CA GLU B 545 6.44 21.52 -39.25
C GLU B 545 5.61 22.74 -39.62
N ILE B 546 5.81 23.22 -40.84
CA ILE B 546 5.12 24.40 -41.35
C ILE B 546 4.15 23.94 -42.44
N PRO B 547 2.85 23.89 -42.16
CA PRO B 547 1.88 23.54 -43.21
C PRO B 547 1.78 24.66 -44.24
N ARG B 548 1.95 24.29 -45.52
CA ARG B 548 1.93 25.25 -46.61
C ARG B 548 0.71 25.07 -47.51
N SER B 549 0.49 23.85 -48.02
CA SER B 549 -0.64 23.61 -48.91
C SER B 549 -1.02 22.14 -48.84
N THR B 550 -2.25 21.85 -49.26
CA THR B 550 -2.76 20.49 -49.34
C THR B 550 -3.95 20.48 -50.28
N LEU B 551 -3.96 19.54 -51.23
CA LEU B 551 -5.03 19.39 -52.20
C LEU B 551 -5.23 20.67 -53.01
N ASP B 552 -4.25 20.97 -53.86
CA ASP B 552 -4.32 22.14 -54.71
C ASP B 552 -5.52 22.06 -55.65
N SER B 553 -6.22 23.19 -55.80
CA SER B 553 -7.45 23.25 -56.60
C SER B 553 -7.12 23.92 -57.94
N PHE B 554 -6.79 23.09 -58.94
CA PHE B 554 -6.46 23.58 -60.28
C PHE B 554 -7.66 23.48 -61.23
N MET B 555 -8.07 22.25 -61.55
CA MET B 555 -9.24 22.03 -62.40
C MET B 555 -10.26 21.11 -61.75
N GLN B 556 -9.81 20.09 -61.02
CA GLN B 556 -10.71 19.19 -60.31
C GLN B 556 -9.95 18.53 -59.16
N PRO B 557 -9.75 19.22 -58.05
CA PRO B 557 -8.97 18.64 -56.94
C PRO B 557 -9.71 17.52 -56.23
N PHE B 558 -11.04 17.55 -56.28
CA PHE B 558 -11.85 16.61 -55.52
C PHE B 558 -12.21 15.37 -56.35
N GLN B 559 -13.00 15.56 -57.41
CA GLN B 559 -13.40 14.47 -58.28
C GLN B 559 -13.49 14.98 -59.71
N SER B 560 -13.48 14.04 -60.66
CA SER B 560 -13.65 14.35 -62.07
C SER B 560 -15.00 13.92 -62.62
N THR B 561 -15.62 12.89 -62.03
CA THR B 561 -16.94 12.47 -62.49
C THR B 561 -17.98 13.56 -62.28
N LEU B 562 -17.88 14.30 -61.18
CA LEU B 562 -18.80 15.41 -60.95
C LEU B 562 -18.66 16.48 -62.02
N TRP B 563 -17.42 16.82 -62.38
CA TRP B 563 -17.21 17.82 -63.43
C TRP B 563 -17.71 17.31 -64.78
N LEU B 564 -17.49 16.02 -65.07
CA LEU B 564 -18.02 15.46 -66.31
C LEU B 564 -19.54 15.50 -66.34
N LEU B 565 -20.18 15.20 -65.20
CA LEU B 565 -21.64 15.27 -65.13
C LEU B 565 -22.13 16.70 -65.31
N VAL B 566 -21.43 17.67 -64.73
CA VAL B 566 -21.80 19.07 -64.91
C VAL B 566 -21.69 19.48 -66.38
N GLY B 567 -20.60 19.05 -67.03
CA GLY B 567 -20.44 19.35 -68.45
C GLY B 567 -21.53 18.72 -69.30
N LEU B 568 -21.87 17.46 -69.01
CA LEU B 568 -22.95 16.81 -69.74
C LEU B 568 -24.27 17.53 -69.52
N SER B 569 -24.54 17.95 -68.28
CA SER B 569 -25.79 18.64 -67.99
C SER B 569 -25.87 19.99 -68.72
N VAL B 570 -24.77 20.74 -68.72
CA VAL B 570 -24.80 22.03 -69.41
C VAL B 570 -24.92 21.83 -70.92
N HIS B 571 -24.28 20.80 -71.46
CA HIS B 571 -24.41 20.52 -72.89
C HIS B 571 -25.83 20.15 -73.27
N VAL B 572 -26.47 19.28 -72.47
CA VAL B 572 -27.82 18.85 -72.80
C VAL B 572 -28.81 20.00 -72.62
N VAL B 573 -28.61 20.83 -71.59
CA VAL B 573 -29.52 21.97 -71.41
C VAL B 573 -29.33 22.97 -72.54
N ALA B 574 -28.10 23.14 -73.03
CA ALA B 574 -27.87 24.04 -74.15
C ALA B 574 -28.55 23.52 -75.41
N VAL B 575 -28.41 22.22 -75.70
CA VAL B 575 -28.99 21.69 -76.92
C VAL B 575 -30.52 21.69 -76.84
N MET B 576 -31.08 21.42 -75.65
CA MET B 576 -32.53 21.48 -75.53
C MET B 576 -33.06 22.90 -75.61
N LEU B 577 -32.29 23.88 -75.10
CA LEU B 577 -32.68 25.28 -75.28
C LEU B 577 -32.66 25.68 -76.75
N TYR B 578 -31.63 25.23 -77.48
CA TYR B 578 -31.57 25.49 -78.91
C TYR B 578 -32.75 24.85 -79.64
N LEU B 579 -33.09 23.61 -79.27
CA LEU B 579 -34.23 22.94 -79.90
C LEU B 579 -35.53 23.67 -79.61
N LEU B 580 -35.71 24.12 -78.36
CA LEU B 580 -36.92 24.86 -78.01
C LEU B 580 -37.00 26.19 -78.76
N ASP B 581 -35.87 26.89 -78.89
CA ASP B 581 -35.85 28.14 -79.63
C ASP B 581 -36.18 27.93 -81.10
N ARG B 582 -35.62 26.86 -81.70
CA ARG B 582 -35.92 26.57 -83.10
C ARG B 582 -37.39 26.20 -83.29
N PHE B 583 -37.94 25.41 -82.36
CA PHE B 583 -39.36 25.04 -82.46
C PHE B 583 -40.26 26.25 -82.20
N SER B 584 -39.87 27.11 -81.27
CA SER B 584 -40.65 28.29 -80.90
C SER B 584 -42.09 27.94 -80.54
N LEU B 601 -32.32 32.99 -81.29
CA LEU B 601 -31.19 32.38 -80.59
C LEU B 601 -30.63 31.19 -81.38
N THR B 602 -30.84 31.22 -82.70
CA THR B 602 -30.34 30.14 -83.54
C THR B 602 -28.82 30.10 -83.54
N LEU B 603 -28.17 31.27 -83.56
CA LEU B 603 -26.72 31.36 -83.57
C LEU B 603 -26.18 31.14 -82.16
N SER B 604 -24.90 31.44 -81.95
CA SER B 604 -24.23 31.27 -80.66
C SER B 604 -24.72 32.24 -79.58
N SER B 605 -25.73 33.05 -79.87
CA SER B 605 -26.24 33.98 -78.87
C SER B 605 -26.83 33.22 -77.67
N ALA B 606 -27.49 32.09 -77.91
CA ALA B 606 -28.09 31.33 -76.82
C ALA B 606 -27.02 30.80 -75.87
N MET B 607 -25.95 30.22 -76.42
CA MET B 607 -24.88 29.70 -75.57
C MET B 607 -24.09 30.83 -74.91
N TRP B 608 -23.95 31.97 -75.59
CA TRP B 608 -23.33 33.13 -74.95
C TRP B 608 -24.14 33.60 -73.76
N PHE B 609 -25.46 33.66 -73.91
CA PHE B 609 -26.32 34.04 -72.79
C PHE B 609 -26.26 33.02 -71.66
N SER B 610 -26.22 31.73 -72.00
CA SER B 610 -26.12 30.70 -70.98
C SER B 610 -24.81 30.83 -70.20
N TRP B 611 -23.70 31.06 -70.90
CA TRP B 611 -22.42 31.22 -70.22
C TRP B 611 -22.38 32.51 -69.41
N GLY B 612 -23.04 33.57 -69.89
CA GLY B 612 -23.13 34.79 -69.09
C GLY B 612 -23.95 34.60 -67.82
N VAL B 613 -25.02 33.80 -67.89
CA VAL B 613 -25.78 33.47 -66.69
C VAL B 613 -24.93 32.64 -65.74
N LEU B 614 -24.20 31.67 -66.27
CA LEU B 614 -23.35 30.82 -65.42
C LEU B 614 -22.26 31.65 -64.74
N LEU B 615 -21.63 32.55 -65.48
CA LEU B 615 -20.55 33.38 -64.96
C LEU B 615 -20.89 34.84 -65.23
N ASN B 616 -21.14 35.61 -64.17
CA ASN B 616 -21.61 36.98 -64.29
C ASN B 616 -20.65 37.85 -65.09
N SER B 617 -21.08 38.30 -66.27
CA SER B 617 -20.27 39.17 -67.11
C SER B 617 -21.06 40.31 -67.74
N GLY B 618 -22.36 40.42 -67.47
CA GLY B 618 -23.16 41.47 -68.07
C GLY B 618 -23.31 41.37 -69.57
N ILE B 619 -23.49 40.15 -70.09
CA ILE B 619 -23.62 39.91 -71.52
C ILE B 619 -24.95 39.20 -71.76
N GLY B 620 -25.75 39.74 -72.68
CA GLY B 620 -27.04 39.15 -73.00
C GLY B 620 -28.04 40.18 -73.49
N SER B 626 -41.32 32.67 -76.00
CA SER B 626 -42.01 33.53 -75.03
C SER B 626 -41.82 33.00 -73.62
N PHE B 627 -42.87 32.40 -73.06
CA PHE B 627 -42.82 31.85 -71.71
C PHE B 627 -42.04 30.55 -71.64
N SER B 628 -41.82 29.88 -72.76
CA SER B 628 -41.08 28.61 -72.75
C SER B 628 -39.65 28.82 -72.30
N ALA B 629 -38.99 29.88 -72.77
CA ALA B 629 -37.61 30.15 -72.39
C ALA B 629 -37.50 30.73 -70.98
N ARG B 630 -38.55 31.35 -70.46
CA ARG B 630 -38.48 31.98 -69.14
C ARG B 630 -38.25 30.94 -68.05
N ILE B 631 -38.99 29.83 -68.09
CA ILE B 631 -38.83 28.81 -67.06
C ILE B 631 -37.46 28.15 -67.15
N LEU B 632 -36.97 27.93 -68.38
CA LEU B 632 -35.64 27.35 -68.54
C LEU B 632 -34.57 28.28 -67.98
N GLY B 633 -34.68 29.57 -68.27
CA GLY B 633 -33.73 30.53 -67.72
C GLY B 633 -33.79 30.59 -66.20
N MET B 634 -35.01 30.55 -65.65
CA MET B 634 -35.16 30.61 -64.20
C MET B 634 -34.54 29.39 -63.53
N VAL B 635 -34.82 28.18 -64.05
CA VAL B 635 -34.26 26.98 -63.44
C VAL B 635 -32.75 26.93 -63.61
N TRP B 636 -32.24 27.43 -64.74
CA TRP B 636 -30.80 27.47 -64.92
C TRP B 636 -30.14 28.45 -63.95
N ALA B 637 -30.76 29.60 -63.74
CA ALA B 637 -30.22 30.56 -62.77
C ALA B 637 -30.24 29.98 -61.36
N GLY B 638 -31.31 29.26 -61.00
CA GLY B 638 -31.36 28.62 -59.70
C GLY B 638 -30.32 27.52 -59.56
N PHE B 639 -30.07 26.77 -60.63
CA PHE B 639 -29.10 25.68 -60.60
C PHE B 639 -27.66 26.18 -60.61
N ALA B 640 -27.42 27.38 -61.12
CA ALA B 640 -26.04 27.88 -61.19
C ALA B 640 -25.44 28.08 -59.80
N MET B 641 -26.22 28.60 -58.86
CA MET B 641 -25.67 29.01 -57.57
C MET B 641 -25.33 27.83 -56.66
N ILE B 642 -26.03 26.71 -56.78
CA ILE B 642 -25.80 25.60 -55.86
C ILE B 642 -24.40 25.01 -56.06
N ILE B 643 -23.91 24.97 -57.30
CA ILE B 643 -22.58 24.42 -57.56
C ILE B 643 -21.52 25.25 -56.85
N VAL B 644 -21.58 26.58 -57.00
CA VAL B 644 -20.57 27.42 -56.36
C VAL B 644 -20.74 27.41 -54.85
N ALA B 645 -21.97 27.32 -54.35
CA ALA B 645 -22.18 27.22 -52.91
C ALA B 645 -21.55 25.95 -52.35
N SER B 646 -21.75 24.82 -53.03
CA SER B 646 -21.14 23.57 -52.59
C SER B 646 -19.62 23.64 -52.67
N TYR B 647 -19.09 24.26 -53.73
CA TYR B 647 -17.65 24.36 -53.90
C TYR B 647 -17.03 25.19 -52.77
N THR B 648 -17.64 26.34 -52.45
CA THR B 648 -17.08 27.17 -51.39
C THR B 648 -17.28 26.54 -50.02
N ALA B 649 -18.37 25.80 -49.81
CA ALA B 649 -18.54 25.07 -48.55
C ALA B 649 -17.46 24.02 -48.38
N ASN B 650 -17.17 23.26 -49.44
CA ASN B 650 -16.12 22.25 -49.37
C ASN B 650 -14.76 22.89 -49.15
N LEU B 651 -14.50 24.02 -49.82
CA LEU B 651 -13.23 24.71 -49.62
C LEU B 651 -13.07 25.19 -48.18
N ALA B 652 -14.14 25.76 -47.62
CA ALA B 652 -14.09 26.21 -46.23
C ALA B 652 -13.89 25.04 -45.28
N ALA B 653 -14.58 23.92 -45.52
CA ALA B 653 -14.42 22.75 -44.66
C ALA B 653 -13.00 22.21 -44.72
N PHE B 654 -12.41 22.14 -45.92
CA PHE B 654 -11.07 21.61 -46.06
C PHE B 654 -10.01 22.56 -45.52
N LEU B 655 -10.30 23.87 -45.52
CA LEU B 655 -9.36 24.81 -44.90
C LEU B 655 -9.46 24.77 -43.38
N VAL B 656 -10.67 24.59 -42.84
CA VAL B 656 -10.83 24.49 -41.39
C VAL B 656 -10.20 23.20 -40.88
N LEU B 657 -10.45 22.08 -41.56
CA LEU B 657 -9.89 20.79 -41.17
C LEU B 657 -8.51 20.64 -41.80
N ASP B 658 -7.48 20.75 -40.99
CA ASP B 658 -6.10 20.67 -41.45
C ASP B 658 -5.43 19.45 -40.80
N ARG B 659 -4.13 19.31 -41.05
CA ARG B 659 -3.38 18.18 -40.50
C ARG B 659 -3.38 18.17 -38.97
N PRO B 660 -3.12 19.30 -38.27
CA PRO B 660 -3.11 19.31 -36.80
C PRO B 660 -2.31 18.16 -36.20
N GLU B 661 -1.12 17.92 -36.74
CA GLU B 661 -0.28 16.81 -36.30
C GLU B 661 0.35 17.15 -34.96
N GLU B 662 -0.10 16.47 -33.90
CA GLU B 662 0.44 16.64 -32.56
C GLU B 662 1.28 15.41 -32.22
N ARG B 663 2.52 15.65 -31.79
CA ARG B 663 3.43 14.55 -31.51
C ARG B 663 3.17 13.93 -30.14
N ILE B 664 3.33 14.72 -29.08
CA ILE B 664 3.14 14.25 -27.72
C ILE B 664 2.20 15.21 -27.01
N THR B 665 1.11 14.68 -26.46
CA THR B 665 0.15 15.48 -25.70
C THR B 665 0.42 15.44 -24.19
N GLY B 666 1.40 14.66 -23.75
CA GLY B 666 1.70 14.57 -22.34
C GLY B 666 2.37 13.25 -22.01
N ILE B 667 2.59 13.05 -20.71
CA ILE B 667 3.22 11.82 -20.25
C ILE B 667 2.31 10.63 -20.49
N ASN B 668 0.99 10.82 -20.35
CA ASN B 668 0.01 9.76 -20.51
C ASN B 668 -0.44 9.58 -21.95
N ASP B 669 0.38 9.97 -22.91
CA ASP B 669 0.03 9.82 -24.32
C ASP B 669 0.02 8.33 -24.69
N PRO B 670 -1.10 7.80 -25.18
CA PRO B 670 -1.10 6.38 -25.58
C PRO B 670 -0.11 6.05 -26.68
N ARG B 671 0.17 6.99 -27.58
CA ARG B 671 1.15 6.75 -28.63
C ARG B 671 2.54 6.54 -28.03
N LEU B 672 2.90 7.34 -27.02
CA LEU B 672 4.17 7.16 -26.34
C LEU B 672 4.24 5.86 -25.57
N ARG B 673 3.09 5.29 -25.19
CA ARG B 673 3.07 4.06 -24.42
C ARG B 673 3.46 2.84 -25.23
N ASN B 674 3.59 2.95 -26.55
CA ASN B 674 3.93 1.83 -27.40
C ASN B 674 5.16 2.14 -28.23
N PRO B 675 6.00 1.15 -28.48
CA PRO B 675 7.20 1.39 -29.31
C PRO B 675 6.83 1.41 -30.79
N SER B 676 7.28 2.44 -31.49
CA SER B 676 7.03 2.60 -32.92
C SER B 676 8.34 2.94 -33.63
N ASP B 677 8.55 2.31 -34.79
CA ASP B 677 9.74 2.60 -35.57
C ASP B 677 9.64 3.95 -36.27
N LYS B 678 8.42 4.39 -36.58
CA LYS B 678 8.26 5.67 -37.27
C LYS B 678 8.69 6.83 -36.38
N PHE B 679 8.35 6.78 -35.09
CA PHE B 679 8.69 7.83 -34.14
C PHE B 679 9.69 7.27 -33.14
N ILE B 680 10.93 7.75 -33.21
CA ILE B 680 12.01 7.32 -32.32
C ILE B 680 12.35 8.45 -31.38
N TYR B 681 12.40 8.14 -30.08
CA TYR B 681 12.70 9.13 -29.06
C TYR B 681 13.40 8.45 -27.89
N ALA B 682 14.40 9.12 -27.33
CA ALA B 682 15.18 8.58 -26.22
C ALA B 682 15.99 9.70 -25.59
N THR B 683 16.58 9.41 -24.45
CA THR B 683 17.46 10.34 -23.76
C THR B 683 18.87 10.23 -24.34
N VAL B 684 19.84 10.88 -23.70
CA VAL B 684 21.22 10.87 -24.17
C VAL B 684 21.98 9.73 -23.49
N LYS B 685 21.99 9.73 -22.16
CA LYS B 685 22.72 8.73 -21.39
C LYS B 685 22.09 8.66 -20.00
N GLN B 686 22.76 7.96 -19.08
CA GLN B 686 22.25 7.82 -17.73
C GLN B 686 22.16 9.17 -17.04
N SER B 687 21.02 9.44 -16.40
CA SER B 687 20.80 10.68 -15.68
C SER B 687 19.62 10.46 -14.73
N SER B 688 19.11 11.56 -14.16
CA SER B 688 17.95 11.46 -13.29
C SER B 688 16.72 10.97 -14.05
N VAL B 689 16.60 11.38 -15.31
CA VAL B 689 15.51 10.89 -16.15
C VAL B 689 15.62 9.38 -16.36
N ASP B 690 16.86 8.89 -16.51
CA ASP B 690 17.06 7.45 -16.65
C ASP B 690 16.63 6.70 -15.39
N ILE B 691 16.94 7.25 -14.22
CA ILE B 691 16.52 6.61 -12.97
C ILE B 691 15.01 6.66 -12.82
N TYR B 692 14.39 7.78 -13.23
CA TYR B 692 12.93 7.87 -13.17
C TYR B 692 12.28 6.83 -14.08
N PHE B 693 12.82 6.65 -15.28
CA PHE B 693 12.29 5.62 -16.18
C PHE B 693 12.54 4.21 -15.65
N ARG B 694 13.68 4.00 -14.99
CA ARG B 694 13.94 2.69 -14.39
C ARG B 694 12.94 2.39 -13.29
N ARG B 695 12.63 3.38 -12.46
CA ARG B 695 11.68 3.19 -11.35
C ARG B 695 10.26 3.53 -11.80
N GLN B 696 9.72 2.65 -12.63
CA GLN B 696 8.36 2.75 -13.13
C GLN B 696 7.61 1.46 -12.81
N VAL B 697 6.37 1.61 -12.34
CA VAL B 697 5.59 0.44 -11.93
C VAL B 697 5.17 -0.39 -13.14
N CYS B 698 4.74 0.27 -14.23
CA CYS B 698 4.22 -0.45 -15.37
C CYS B 698 4.72 0.08 -16.72
N LEU B 699 5.79 0.85 -16.74
CA LEU B 699 6.38 1.35 -17.98
C LEU B 699 7.67 0.58 -18.25
N SER B 700 7.54 -0.54 -18.96
CA SER B 700 8.68 -1.42 -19.25
C SER B 700 9.21 -1.29 -20.66
N THR B 701 8.31 -1.19 -21.66
CA THR B 701 8.73 -1.13 -23.06
C THR B 701 9.49 0.14 -23.40
N MET B 702 9.47 1.14 -22.53
CA MET B 702 10.19 2.38 -22.80
C MET B 702 11.70 2.12 -22.91
N TYR B 703 12.24 1.30 -22.01
CA TYR B 703 13.67 1.00 -22.07
C TYR B 703 14.03 0.26 -23.34
N ARG B 704 13.23 -0.73 -23.74
CA ARG B 704 13.49 -1.42 -24.99
C ARG B 704 13.40 -0.50 -26.19
N HIS B 705 12.50 0.49 -26.14
CA HIS B 705 12.38 1.44 -27.24
C HIS B 705 13.51 2.45 -27.25
N MET B 706 14.12 2.74 -26.09
CA MET B 706 15.11 3.81 -25.98
C MET B 706 16.54 3.30 -25.95
N GLU B 707 16.80 2.09 -25.44
CA GLU B 707 18.16 1.59 -25.34
C GLU B 707 18.81 1.38 -26.70
N LYS B 708 18.02 1.25 -27.77
CA LYS B 708 18.56 1.02 -29.10
C LYS B 708 19.02 2.31 -29.78
N HIS B 709 18.75 3.48 -29.19
CA HIS B 709 19.14 4.76 -29.78
C HIS B 709 19.62 5.66 -28.64
N ASN B 710 20.93 5.84 -28.54
CA ASN B 710 21.53 6.69 -27.53
C ASN B 710 22.60 7.57 -28.15
N TYR B 711 22.82 8.74 -27.55
CA TYR B 711 23.79 9.71 -28.02
C TYR B 711 24.79 10.02 -26.89
N GLU B 712 25.66 10.99 -27.14
CA GLU B 712 26.71 11.34 -26.19
C GLU B 712 26.52 12.70 -25.53
N SER B 713 25.79 13.62 -26.16
CA SER B 713 25.62 14.95 -25.58
C SER B 713 24.30 15.54 -26.05
N ALA B 714 23.81 16.50 -25.26
CA ALA B 714 22.56 17.18 -25.59
C ALA B 714 22.70 18.00 -26.87
N ALA B 715 23.88 18.57 -27.13
CA ALA B 715 24.10 19.30 -28.37
C ALA B 715 23.97 18.38 -29.58
N GLU B 716 24.57 17.19 -29.51
CA GLU B 716 24.42 16.23 -30.60
C GLU B 716 22.98 15.77 -30.73
N ALA B 717 22.30 15.56 -29.60
CA ALA B 717 20.90 15.13 -29.66
C ALA B 717 20.03 16.18 -30.35
N ILE B 718 20.19 17.45 -29.97
CA ILE B 718 19.36 18.49 -30.57
C ILE B 718 19.74 18.71 -32.03
N GLN B 719 21.02 18.55 -32.37
CA GLN B 719 21.42 18.64 -33.77
C GLN B 719 20.77 17.53 -34.60
N ALA B 720 20.73 16.31 -34.06
CA ALA B 720 20.06 15.21 -34.75
C ALA B 720 18.56 15.47 -34.87
N VAL B 721 17.95 16.04 -33.83
CA VAL B 721 16.53 16.37 -33.89
C VAL B 721 16.27 17.40 -34.98
N ARG B 722 17.13 18.42 -35.07
CA ARG B 722 17.00 19.41 -36.14
C ARG B 722 17.18 18.78 -37.51
N ASP B 723 18.12 17.85 -37.63
CA ASP B 723 18.37 17.17 -38.90
C ASP B 723 17.36 16.08 -39.21
N ASN B 724 16.23 16.05 -38.51
CA ASN B 724 15.12 15.12 -38.71
C ASN B 724 15.50 13.67 -38.42
N LYS B 725 16.68 13.42 -37.85
CA LYS B 725 17.06 12.06 -37.48
C LYS B 725 16.14 11.52 -36.39
N LEU B 726 15.82 12.34 -35.40
CA LEU B 726 14.95 11.98 -34.29
C LEU B 726 13.61 12.71 -34.42
N HIS B 727 12.70 12.40 -33.51
CA HIS B 727 11.39 13.01 -33.48
C HIS B 727 11.04 13.66 -32.15
N ALA B 728 11.56 13.16 -31.03
CA ALA B 728 11.31 13.76 -29.73
C ALA B 728 12.52 13.53 -28.84
N PHE B 729 12.70 14.42 -27.87
CA PHE B 729 13.81 14.34 -26.93
C PHE B 729 13.32 14.74 -25.54
N ILE B 730 13.92 14.14 -24.52
CA ILE B 730 13.53 14.35 -23.13
C ILE B 730 14.72 14.92 -22.38
N TRP B 731 14.52 16.05 -21.71
CA TRP B 731 15.56 16.68 -20.91
C TRP B 731 14.88 17.69 -19.97
N ASP B 732 15.69 18.45 -19.25
CA ASP B 732 15.15 19.43 -18.31
C ASP B 732 14.33 20.49 -19.05
N SER B 733 13.22 20.90 -18.42
CA SER B 733 12.30 21.82 -19.08
C SER B 733 12.96 23.16 -19.37
N ALA B 734 13.81 23.64 -18.46
CA ALA B 734 14.46 24.93 -18.66
C ALA B 734 15.35 24.91 -19.90
N VAL B 735 16.10 23.83 -20.10
CA VAL B 735 16.99 23.73 -21.25
C VAL B 735 16.17 23.75 -22.55
N LEU B 736 15.09 22.98 -22.59
CA LEU B 736 14.25 22.95 -23.78
C LEU B 736 13.61 24.30 -24.04
N GLU B 737 13.15 24.99 -22.98
CA GLU B 737 12.56 26.31 -23.16
C GLU B 737 13.58 27.30 -23.70
N PHE B 738 14.81 27.27 -23.17
CA PHE B 738 15.85 28.16 -23.67
C PHE B 738 16.18 27.86 -25.13
N GLU B 739 16.27 26.57 -25.48
CA GLU B 739 16.55 26.21 -26.87
C GLU B 739 15.43 26.68 -27.80
N ALA B 740 14.17 26.54 -27.37
CA ALA B 740 13.05 27.00 -28.17
C ALA B 740 13.08 28.52 -28.31
N SER B 741 13.42 29.23 -27.25
CA SER B 741 13.48 30.69 -27.31
C SER B 741 14.59 31.15 -28.25
N GLN B 742 15.75 30.50 -28.20
CA GLN B 742 16.87 30.90 -29.05
C GLN B 742 16.75 30.38 -30.47
N LYS B 743 15.89 29.39 -30.72
CA LYS B 743 15.71 28.80 -32.03
C LYS B 743 14.22 28.62 -32.27
N CYS B 744 13.64 29.45 -33.12
CA CYS B 744 12.19 29.43 -33.34
C CYS B 744 11.73 28.22 -34.14
N ASP B 745 12.65 27.43 -34.70
CA ASP B 745 12.28 26.24 -35.46
C ASP B 745 11.92 25.06 -34.58
N LEU B 746 12.10 25.18 -33.26
CA LEU B 746 11.78 24.11 -32.32
C LEU B 746 10.78 24.60 -31.30
N VAL B 747 9.84 23.73 -30.93
CA VAL B 747 8.80 24.06 -29.97
C VAL B 747 8.74 22.95 -28.92
N THR B 748 8.28 23.31 -27.72
CA THR B 748 8.17 22.38 -26.61
C THR B 748 6.71 22.10 -26.33
N THR B 749 6.35 20.83 -26.23
CA THR B 749 4.99 20.40 -25.96
C THR B 749 4.93 19.68 -24.61
N GLY B 750 3.75 19.15 -24.29
CA GLY B 750 3.56 18.42 -23.05
C GLY B 750 3.42 19.34 -21.86
N GLU B 751 3.46 18.71 -20.68
CA GLU B 751 3.32 19.40 -19.41
C GLU B 751 4.39 18.91 -18.44
N LEU B 752 4.60 19.68 -17.38
CA LEU B 752 5.60 19.34 -16.39
C LEU B 752 5.20 18.09 -15.61
N PHE B 753 6.18 17.20 -15.41
CA PHE B 753 5.98 16.00 -14.63
C PHE B 753 7.30 15.60 -13.99
N PHE B 754 7.22 14.90 -12.86
CA PHE B 754 8.40 14.53 -12.08
C PHE B 754 9.26 15.76 -11.75
N ARG B 755 8.59 16.83 -11.34
CA ARG B 755 9.27 18.10 -11.09
C ARG B 755 10.24 17.96 -9.92
N SER B 756 11.45 18.50 -10.09
CA SER B 756 12.46 18.49 -9.04
C SER B 756 13.43 19.63 -9.31
N GLY B 757 14.14 20.03 -8.25
CA GLY B 757 15.08 21.13 -8.33
C GLY B 757 16.49 20.65 -8.62
N PHE B 758 17.43 21.59 -8.46
CA PHE B 758 18.85 21.32 -8.63
C PHE B 758 19.51 21.14 -7.27
N GLY B 759 20.84 21.04 -7.26
CA GLY B 759 21.56 20.88 -6.02
C GLY B 759 23.05 21.08 -6.22
N ILE B 760 23.77 21.05 -5.11
CA ILE B 760 25.22 21.21 -5.09
C ILE B 760 25.82 19.92 -4.53
N GLY B 761 26.73 19.32 -5.29
CA GLY B 761 27.36 18.09 -4.86
C GLY B 761 28.51 18.33 -3.89
N MET B 762 28.30 18.00 -2.62
CA MET B 762 29.31 18.16 -1.59
C MET B 762 29.39 16.90 -0.74
N ARG B 763 30.59 16.64 -0.22
CA ARG B 763 30.81 15.49 0.64
C ARG B 763 30.07 15.68 1.97
N LYS B 764 29.71 14.54 2.59
CA LYS B 764 28.89 14.59 3.80
C LYS B 764 29.62 15.25 4.96
N ASP B 765 30.96 15.18 4.98
CA ASP B 765 31.75 15.75 6.06
C ASP B 765 32.19 17.18 5.77
N SER B 766 31.72 17.78 4.68
CA SER B 766 32.08 19.16 4.38
C SER B 766 31.40 20.10 5.36
N PRO B 767 32.16 20.98 6.03
CA PRO B 767 31.54 21.90 6.99
C PRO B 767 30.95 23.13 6.34
N TRP B 768 30.78 23.10 5.02
CA TRP B 768 30.28 24.25 4.26
C TRP B 768 28.80 24.13 3.93
N LYS B 769 28.07 23.24 4.61
CA LYS B 769 26.66 23.06 4.31
C LYS B 769 25.87 24.33 4.59
N GLN B 770 25.85 24.76 5.86
CA GLN B 770 25.08 25.94 6.23
C GLN B 770 25.65 27.20 5.60
N ASN B 771 26.97 27.32 5.53
CA ASN B 771 27.60 28.53 5.00
C ASN B 771 27.30 28.72 3.52
N VAL B 772 26.93 27.66 2.81
CA VAL B 772 26.53 27.79 1.41
C VAL B 772 25.01 27.90 1.29
N SER B 773 24.26 27.16 2.12
CA SER B 773 22.81 27.22 2.05
C SER B 773 22.29 28.61 2.41
N LEU B 774 22.86 29.23 3.44
CA LEU B 774 22.44 30.58 3.82
C LEU B 774 22.71 31.58 2.70
N SER B 775 23.88 31.49 2.07
CA SER B 775 24.21 32.39 0.97
C SER B 775 23.27 32.18 -0.21
N ILE B 776 22.95 30.91 -0.52
CA ILE B 776 22.04 30.63 -1.63
C ILE B 776 20.66 31.21 -1.33
N LEU B 777 20.17 31.02 -0.11
CA LEU B 777 18.86 31.55 0.25
C LEU B 777 18.85 33.09 0.22
N LYS B 778 19.93 33.71 0.69
CA LYS B 778 20.01 35.17 0.64
C LYS B 778 20.01 35.67 -0.81
N SER B 779 20.76 35.02 -1.68
CA SER B 779 20.76 35.41 -3.09
C SER B 779 19.40 35.22 -3.72
N HIS B 780 18.71 34.13 -3.35
CA HIS B 780 17.38 33.87 -3.90
C HIS B 780 16.37 34.93 -3.43
N GLU B 781 16.45 35.32 -2.16
CA GLU B 781 15.50 36.28 -1.61
C GLU B 781 15.85 37.72 -1.91
N ASN B 782 17.08 38.01 -2.37
CA ASN B 782 17.48 39.37 -2.70
C ASN B 782 17.30 39.70 -4.17
N GLY B 783 16.72 38.80 -4.96
CA GLY B 783 16.47 39.06 -6.36
C GLY B 783 17.62 38.81 -7.30
N PHE B 784 18.70 38.19 -6.83
CA PHE B 784 19.79 37.85 -7.73
C PHE B 784 19.37 36.76 -8.73
N MET B 785 18.60 35.78 -8.27
CA MET B 785 18.20 34.68 -9.15
C MET B 785 17.34 35.16 -10.30
N GLU B 786 16.35 36.03 -10.01
CA GLU B 786 15.49 36.53 -11.07
C GLU B 786 16.27 37.41 -12.04
N ASP B 787 17.21 38.21 -11.53
CA ASP B 787 18.04 39.03 -12.41
C ASP B 787 18.89 38.15 -13.34
N LEU B 788 19.48 37.09 -12.80
CA LEU B 788 20.26 36.19 -13.63
C LEU B 788 19.38 35.47 -14.65
N ASP B 789 18.16 35.09 -14.25
CA ASP B 789 17.23 34.45 -15.17
C ASP B 789 16.86 35.40 -16.31
N LYS B 790 16.63 36.68 -15.99
CA LYS B 790 16.29 37.64 -17.04
C LYS B 790 17.48 37.91 -17.96
N THR B 791 18.69 37.98 -17.39
CA THR B 791 19.87 38.37 -18.16
C THR B 791 20.62 37.19 -18.77
N TRP B 792 20.13 35.97 -18.59
CA TRP B 792 20.80 34.80 -19.18
C TRP B 792 19.87 33.83 -19.90
N VAL B 793 18.58 33.82 -19.58
CA VAL B 793 17.65 32.84 -20.16
C VAL B 793 16.55 33.49 -20.99
N ARG B 794 16.36 34.81 -20.89
CA ARG B 794 15.27 35.48 -21.60
C ARG B 794 15.79 36.51 -22.58
N TYR B 795 16.79 36.12 -23.39
CA TYR B 795 17.34 37.04 -24.38
C TYR B 795 16.28 37.47 -25.39
N GLN B 796 15.75 36.52 -26.15
CA GLN B 796 14.77 36.80 -27.19
C GLN B 796 13.71 35.70 -27.17
N GLU B 797 12.56 36.00 -27.80
CA GLU B 797 11.47 35.05 -27.90
C GLU B 797 11.06 34.87 -29.36
N CYS B 798 9.97 34.12 -29.59
CA CYS B 798 9.49 33.88 -30.94
C CYS B 798 8.02 34.25 -31.07
N THR B 809 -0.99 30.82 -49.95
CA THR B 809 -0.31 29.54 -49.72
C THR B 809 0.90 29.38 -50.62
N PHE B 810 1.81 28.50 -50.22
CA PHE B 810 3.04 28.30 -50.99
C PHE B 810 2.76 27.65 -52.33
N GLU B 811 1.88 26.66 -52.37
CA GLU B 811 1.61 25.90 -53.58
C GLU B 811 0.15 25.94 -54.02
N ASN B 812 -0.79 25.90 -53.08
CA ASN B 812 -2.21 25.79 -53.44
C ASN B 812 -2.68 27.02 -54.22
N MET B 813 -2.23 28.21 -53.81
CA MET B 813 -2.63 29.45 -54.47
C MET B 813 -1.59 29.95 -55.48
N ALA B 814 -0.55 29.16 -55.75
CA ALA B 814 0.49 29.56 -56.69
C ALA B 814 0.57 28.65 -57.90
N GLY B 815 0.67 27.33 -57.69
CA GLY B 815 0.77 26.43 -58.81
C GLY B 815 -0.49 26.40 -59.67
N VAL B 816 -1.66 26.40 -59.02
CA VAL B 816 -2.89 26.43 -59.78
C VAL B 816 -3.04 27.76 -60.52
N PHE B 817 -2.58 28.86 -59.92
CA PHE B 817 -2.63 30.14 -60.62
C PHE B 817 -1.72 30.13 -61.84
N MET B 818 -0.52 29.54 -61.71
CA MET B 818 0.38 29.46 -62.86
C MET B 818 -0.22 28.60 -63.97
N LEU B 819 -0.82 27.47 -63.60
CA LEU B 819 -1.46 26.61 -64.58
C LEU B 819 -2.61 27.32 -65.27
N VAL B 820 -3.42 28.06 -64.50
CA VAL B 820 -4.54 28.80 -65.08
C VAL B 820 -4.04 29.87 -66.02
N ALA B 821 -2.98 30.59 -65.64
CA ALA B 821 -2.42 31.63 -66.51
C ALA B 821 -1.89 31.02 -67.80
N GLY B 822 -1.18 29.90 -67.72
CA GLY B 822 -0.70 29.25 -68.92
C GLY B 822 -1.82 28.78 -69.83
N GLY B 823 -2.87 28.20 -69.24
CA GLY B 823 -4.01 27.79 -70.02
C GLY B 823 -4.72 28.96 -70.67
N ILE B 824 -4.82 30.08 -69.96
CA ILE B 824 -5.46 31.27 -70.51
C ILE B 824 -4.63 31.81 -71.68
N VAL B 825 -3.31 31.84 -71.54
CA VAL B 825 -2.47 32.29 -72.65
C VAL B 825 -2.61 31.38 -73.86
N ALA B 826 -2.62 30.07 -73.62
CA ALA B 826 -2.79 29.12 -74.73
C ALA B 826 -4.14 29.30 -75.41
N GLY B 827 -5.20 29.48 -74.61
CA GLY B 827 -6.52 29.69 -75.19
C GLY B 827 -6.62 31.00 -75.96
N ILE B 828 -5.95 32.04 -75.47
CA ILE B 828 -5.94 33.32 -76.17
C ILE B 828 -5.25 33.17 -77.51
N PHE B 829 -4.10 32.49 -77.55
CA PHE B 829 -3.42 32.26 -78.82
C PHE B 829 -4.27 31.43 -79.77
N LEU B 830 -4.92 30.39 -79.24
CA LEU B 830 -5.76 29.53 -80.07
C LEU B 830 -6.93 30.30 -80.65
N ILE B 831 -7.61 31.11 -79.84
CA ILE B 831 -8.74 31.87 -80.35
C ILE B 831 -8.27 32.96 -81.31
N PHE B 832 -7.07 33.51 -81.09
CA PHE B 832 -6.53 34.50 -82.02
C PHE B 832 -6.31 33.88 -83.40
N ILE B 833 -5.64 32.73 -83.46
CA ILE B 833 -5.42 32.10 -84.76
C ILE B 833 -6.74 31.64 -85.35
N GLU B 834 -7.67 31.16 -84.52
CA GLU B 834 -8.97 30.71 -85.01
C GLU B 834 -9.73 31.85 -85.67
N ILE B 835 -9.80 33.01 -85.01
CA ILE B 835 -10.51 34.14 -85.62
C ILE B 835 -9.76 34.68 -86.82
N ALA B 836 -8.42 34.62 -86.80
CA ALA B 836 -7.65 35.06 -87.96
C ALA B 836 -7.98 34.22 -89.19
N TYR B 837 -8.12 32.90 -89.01
CA TYR B 837 -8.51 32.05 -90.13
C TYR B 837 -9.99 32.25 -90.48
N LYS B 838 -10.84 32.44 -89.48
CA LYS B 838 -12.28 32.52 -89.72
C LYS B 838 -12.65 33.79 -90.48
N ARG B 839 -12.05 34.92 -90.14
CA ARG B 839 -12.34 36.16 -90.86
C ARG B 839 -11.93 36.06 -92.32
N HIS B 840 -10.75 35.47 -92.58
CA HIS B 840 -10.30 35.29 -93.95
C HIS B 840 -11.22 34.34 -94.71
N LYS B 841 -11.66 33.26 -94.06
CA LYS B 841 -12.57 32.33 -94.72
C LYS B 841 -13.91 32.98 -95.04
N ASP B 842 -14.45 33.77 -94.11
CA ASP B 842 -15.73 34.42 -94.34
C ASP B 842 -15.63 35.49 -95.42
N ALA B 843 -14.56 36.29 -95.39
CA ALA B 843 -14.34 37.35 -96.36
C ALA B 843 -13.10 36.99 -97.18
N ARG B 844 -13.32 36.26 -98.27
CA ARG B 844 -12.22 35.84 -99.13
C ARG B 844 -12.24 36.59 -100.45
N LEU C 34 61.54 -33.99 -7.05
CA LEU C 34 62.42 -35.14 -7.23
C LEU C 34 62.10 -36.23 -6.19
N ASN C 35 61.81 -35.80 -4.98
CA ASN C 35 61.52 -36.71 -3.87
C ASN C 35 60.25 -36.24 -3.16
N ILE C 36 59.22 -37.08 -3.16
CA ILE C 36 57.93 -36.76 -2.57
C ILE C 36 57.56 -37.86 -1.58
N ALA C 37 57.10 -37.47 -0.40
CA ALA C 37 56.70 -38.40 0.64
C ALA C 37 55.23 -38.18 0.99
N VAL C 38 54.51 -39.28 1.21
CA VAL C 38 53.10 -39.24 1.56
C VAL C 38 52.85 -40.25 2.67
N MET C 39 52.02 -39.88 3.64
CA MET C 39 51.72 -40.73 4.78
C MET C 39 50.22 -40.78 5.01
N LEU C 40 49.71 -41.99 5.29
CA LEU C 40 48.31 -42.21 5.62
C LEU C 40 48.22 -43.12 6.83
N GLY C 41 47.14 -42.97 7.59
CA GLY C 41 46.96 -43.77 8.79
C GLY C 41 45.99 -44.92 8.62
N HIS C 42 46.52 -46.14 8.48
CA HIS C 42 45.76 -47.38 8.37
C HIS C 42 44.51 -47.25 7.51
N SER C 43 44.65 -46.61 6.34
CA SER C 43 43.50 -46.42 5.47
C SER C 43 43.08 -47.73 4.81
N HIS C 44 43.97 -48.32 4.02
CA HIS C 44 43.67 -49.56 3.31
C HIS C 44 44.97 -50.37 3.22
N ASP C 45 44.98 -51.36 2.32
CA ASP C 45 46.16 -52.19 2.14
C ASP C 45 47.35 -51.34 1.69
N VAL C 46 48.49 -51.55 2.33
CA VAL C 46 49.63 -50.64 2.15
C VAL C 46 50.30 -50.85 0.80
N THR C 47 50.57 -52.10 0.43
CA THR C 47 51.39 -52.37 -0.76
C THR C 47 50.69 -51.92 -2.04
N GLU C 48 49.38 -52.15 -2.16
CA GLU C 48 48.66 -51.73 -3.36
C GLU C 48 48.65 -50.21 -3.49
N ARG C 49 48.47 -49.50 -2.37
CA ARG C 49 48.51 -48.04 -2.41
C ARG C 49 49.90 -47.54 -2.77
N GLU C 50 50.95 -48.19 -2.24
CA GLU C 50 52.31 -47.79 -2.59
C GLU C 50 52.58 -47.99 -4.07
N LEU C 51 52.15 -49.13 -4.62
CA LEU C 51 52.33 -49.38 -6.05
C LEU C 51 51.56 -48.38 -6.90
N ARG C 52 50.33 -48.05 -6.49
CA ARG C 52 49.53 -47.08 -7.23
C ARG C 52 50.19 -45.70 -7.19
N THR C 53 50.71 -45.29 -6.03
CA THR C 53 51.37 -43.99 -5.93
C THR C 53 52.65 -43.97 -6.76
N LEU C 54 53.39 -45.08 -6.79
CA LEU C 54 54.58 -45.15 -7.63
C LEU C 54 54.21 -45.05 -9.12
N TRP C 55 53.14 -45.73 -9.53
CA TRP C 55 52.70 -45.67 -10.91
C TRP C 55 52.13 -44.31 -11.29
N GLY C 56 51.64 -43.55 -10.32
CA GLY C 56 51.03 -42.25 -10.56
C GLY C 56 51.80 -41.34 -11.51
N PRO C 57 52.99 -40.88 -11.10
CA PRO C 57 53.75 -39.98 -11.96
C PRO C 57 54.34 -40.64 -13.20
N GLU C 58 54.27 -41.96 -13.32
CA GLU C 58 54.87 -42.66 -14.44
C GLU C 58 53.95 -42.77 -15.66
N GLN C 59 52.68 -42.38 -15.53
CA GLN C 59 51.76 -42.51 -16.65
C GLN C 59 51.98 -41.44 -17.71
N ALA C 60 52.38 -40.24 -17.31
CA ALA C 60 52.61 -39.14 -18.25
C ALA C 60 53.50 -38.10 -17.56
N ALA C 61 53.61 -36.93 -18.19
CA ALA C 61 54.40 -35.81 -17.67
C ALA C 61 55.86 -36.22 -17.44
N GLY C 62 56.50 -36.62 -18.53
CA GLY C 62 57.90 -37.01 -18.45
C GLY C 62 58.78 -35.80 -18.12
N LEU C 63 59.61 -35.94 -17.11
CA LEU C 63 60.52 -34.90 -16.68
C LEU C 63 61.89 -35.49 -16.39
N PRO C 64 62.96 -34.70 -16.56
CA PRO C 64 64.31 -35.25 -16.36
C PRO C 64 64.57 -35.79 -14.97
N LEU C 65 63.97 -35.20 -13.94
CA LEU C 65 64.15 -35.64 -12.56
C LEU C 65 62.80 -36.20 -12.08
N ASP C 66 62.58 -37.48 -12.35
CA ASP C 66 61.32 -38.12 -11.98
C ASP C 66 61.17 -38.16 -10.47
N VAL C 67 59.95 -37.88 -10.00
CA VAL C 67 59.67 -37.85 -8.57
C VAL C 67 59.39 -39.26 -8.08
N ASN C 68 59.89 -39.57 -6.88
CA ASN C 68 59.65 -40.85 -6.24
C ASN C 68 58.64 -40.67 -5.09
N VAL C 69 58.09 -41.79 -4.64
CA VAL C 69 57.09 -41.81 -3.58
C VAL C 69 57.60 -42.68 -2.45
N VAL C 70 57.59 -42.13 -1.23
CA VAL C 70 57.95 -42.87 -0.03
C VAL C 70 56.72 -42.87 0.87
N ALA C 71 56.00 -43.99 0.89
CA ALA C 71 54.75 -44.09 1.62
C ALA C 71 54.95 -44.91 2.90
N LEU C 72 54.52 -44.34 4.02
CA LEU C 72 54.60 -44.99 5.31
C LEU C 72 53.26 -44.88 6.02
N LEU C 73 52.92 -45.90 6.82
CA LEU C 73 51.64 -45.98 7.50
C LEU C 73 51.89 -46.00 9.01
N MET C 74 51.67 -44.87 9.66
CA MET C 74 51.74 -44.76 11.11
C MET C 74 50.42 -44.21 11.63
N ASN C 75 49.85 -44.88 12.64
CA ASN C 75 48.59 -44.44 13.23
C ASN C 75 48.79 -43.45 14.36
N ARG C 76 50.03 -43.15 14.76
CA ARG C 76 50.31 -42.24 15.86
C ARG C 76 50.59 -40.85 15.33
N THR C 77 49.97 -39.85 15.95
CA THR C 77 50.15 -38.45 15.60
C THR C 77 50.71 -37.73 16.82
N ASP C 78 52.03 -37.66 16.90
CA ASP C 78 52.74 -37.10 18.04
C ASP C 78 53.77 -36.10 17.56
N PRO C 79 54.13 -35.12 18.41
CA PRO C 79 55.14 -34.13 17.99
C PRO C 79 56.51 -34.75 17.72
N LYS C 80 57.05 -35.51 18.67
CA LYS C 80 58.37 -36.10 18.45
C LYS C 80 58.33 -37.19 17.40
N SER C 81 57.18 -37.86 17.23
CA SER C 81 57.04 -38.78 16.10
C SER C 81 57.13 -38.04 14.78
N LEU C 82 56.51 -36.86 14.69
CA LEU C 82 56.63 -36.04 13.50
C LEU C 82 58.07 -35.58 13.29
N ILE C 83 58.77 -35.26 14.37
CA ILE C 83 60.17 -34.86 14.26
C ILE C 83 61.01 -36.01 13.72
N THR C 84 60.77 -37.23 14.22
CA THR C 84 61.49 -38.40 13.72
C THR C 84 61.17 -38.66 12.26
N HIS C 85 59.91 -38.46 11.86
CA HIS C 85 59.54 -38.60 10.45
C HIS C 85 60.27 -37.58 9.59
N VAL C 86 60.38 -36.34 10.08
CA VAL C 86 61.11 -35.31 9.34
C VAL C 86 62.57 -35.68 9.21
N CYS C 87 63.17 -36.20 10.28
CA CYS C 87 64.57 -36.64 10.22
C CYS C 87 64.74 -37.77 9.23
N ASP C 88 63.80 -38.72 9.22
CA ASP C 88 63.88 -39.83 8.26
C ASP C 88 63.76 -39.34 6.83
N LEU C 89 62.87 -38.38 6.57
CA LEU C 89 62.70 -37.91 5.20
C LEU C 89 63.89 -37.08 4.74
N MET C 90 64.46 -36.24 5.63
CA MET C 90 65.63 -35.47 5.24
C MET C 90 66.84 -36.38 5.06
N SER C 91 66.97 -37.43 5.87
CA SER C 91 67.99 -38.44 5.61
C SER C 91 67.62 -39.35 4.45
N GLY C 92 66.36 -39.33 4.02
CA GLY C 92 65.91 -40.13 2.91
C GLY C 92 66.07 -39.43 1.57
N ALA C 93 67.31 -39.21 1.16
CA ALA C 93 67.65 -38.61 -0.13
C ALA C 93 67.04 -37.21 -0.28
N ARG C 94 66.97 -36.48 0.83
CA ARG C 94 66.55 -35.08 0.84
C ARG C 94 65.15 -34.91 0.23
N ILE C 95 64.18 -35.54 0.90
CA ILE C 95 62.78 -35.46 0.47
C ILE C 95 62.36 -34.01 0.33
N HIS C 96 62.00 -33.61 -0.89
CA HIS C 96 61.71 -32.21 -1.17
C HIS C 96 60.40 -31.76 -0.54
N GLY C 97 59.36 -32.57 -0.66
CA GLY C 97 58.06 -32.21 -0.14
C GLY C 97 57.35 -33.40 0.46
N LEU C 98 56.45 -33.11 1.38
CA LEU C 98 55.70 -34.13 2.12
C LEU C 98 54.20 -33.90 1.96
N VAL C 99 53.46 -34.98 1.75
CA VAL C 99 52.01 -34.96 1.71
C VAL C 99 51.49 -35.61 2.99
N PHE C 100 50.73 -34.84 3.78
CA PHE C 100 50.30 -35.28 5.09
C PHE C 100 48.83 -35.70 5.03
N GLY C 101 48.55 -36.92 5.48
CA GLY C 101 47.19 -37.42 5.57
C GLY C 101 46.80 -37.76 6.99
N ASP C 102 45.51 -37.75 7.29
CA ASP C 102 45.04 -38.03 8.63
C ASP C 102 43.62 -38.55 8.56
N ASP C 103 43.19 -39.21 9.65
CA ASP C 103 41.85 -39.75 9.76
C ASP C 103 41.00 -39.05 10.81
N THR C 104 41.61 -38.63 11.92
CA THR C 104 40.87 -37.95 12.97
C THR C 104 40.56 -36.50 12.56
N ASP C 105 39.66 -35.88 13.30
CA ASP C 105 39.24 -34.49 13.06
C ASP C 105 39.72 -33.64 14.23
N GLN C 106 40.94 -33.13 14.13
CA GLN C 106 41.53 -32.28 15.15
C GLN C 106 42.15 -31.06 14.48
N GLU C 107 41.78 -29.88 14.97
CA GLU C 107 42.33 -28.64 14.43
C GLU C 107 43.75 -28.36 14.90
N ALA C 108 44.19 -29.00 15.98
CA ALA C 108 45.54 -28.78 16.49
C ALA C 108 46.61 -29.40 15.60
N VAL C 109 46.24 -30.39 14.78
CA VAL C 109 47.22 -31.03 13.91
C VAL C 109 47.75 -30.04 12.87
N ALA C 110 46.84 -29.24 12.29
CA ALA C 110 47.26 -28.24 11.32
C ALA C 110 48.16 -27.19 11.98
N GLN C 111 47.81 -26.76 13.18
CA GLN C 111 48.63 -25.78 13.89
C GLN C 111 50.02 -26.34 14.18
N MET C 112 50.10 -27.60 14.60
CA MET C 112 51.40 -28.23 14.82
C MET C 112 52.21 -28.33 13.53
N LEU C 113 51.55 -28.71 12.43
CA LEU C 113 52.26 -28.91 11.17
C LEU C 113 52.69 -27.60 10.53
N ASP C 114 52.00 -26.49 10.82
CA ASP C 114 52.40 -25.21 10.25
C ASP C 114 53.79 -24.80 10.72
N PHE C 115 54.07 -24.98 12.01
CA PHE C 115 55.40 -24.65 12.53
C PHE C 115 56.47 -25.51 11.91
N ILE C 116 56.20 -26.80 11.74
CA ILE C 116 57.17 -27.71 11.13
C ILE C 116 57.43 -27.30 9.68
N SER C 117 56.37 -26.97 8.94
CA SER C 117 56.55 -26.54 7.56
C SER C 117 57.33 -25.24 7.48
N SER C 118 57.07 -24.30 8.40
CA SER C 118 57.77 -23.02 8.37
C SER C 118 59.25 -23.20 8.71
N HIS C 119 59.58 -24.07 9.65
CA HIS C 119 60.96 -24.20 10.08
C HIS C 119 61.78 -25.09 9.15
N THR C 120 61.20 -26.22 8.70
CA THR C 120 61.93 -27.14 7.85
C THR C 120 62.06 -26.66 6.41
N PHE C 121 61.36 -25.59 6.05
CA PHE C 121 61.39 -25.05 4.68
C PHE C 121 60.96 -26.11 3.67
N VAL C 122 59.98 -26.92 4.04
CA VAL C 122 59.45 -27.99 3.20
C VAL C 122 57.98 -27.73 2.95
N PRO C 123 57.56 -27.52 1.70
CA PRO C 123 56.13 -27.30 1.43
C PRO C 123 55.30 -28.53 1.80
N ILE C 124 54.12 -28.27 2.37
CA ILE C 124 53.21 -29.32 2.80
C ILE C 124 51.82 -29.00 2.28
N LEU C 125 51.16 -29.99 1.71
CA LEU C 125 49.80 -29.85 1.18
C LEU C 125 48.83 -30.57 2.10
N GLY C 126 47.68 -29.95 2.35
CA GLY C 126 46.69 -30.50 3.26
C GLY C 126 45.71 -31.40 2.54
N ILE C 127 45.46 -32.57 3.12
CA ILE C 127 44.54 -33.55 2.56
C ILE C 127 43.45 -33.82 3.59
N HIS C 128 42.52 -34.71 3.26
CA HIS C 128 41.41 -35.02 4.16
C HIS C 128 41.92 -35.52 5.50
N GLY C 129 41.29 -35.04 6.58
CA GLY C 129 41.70 -35.40 7.92
C GLY C 129 41.67 -34.23 8.88
N GLY C 130 42.57 -34.24 9.87
CA GLY C 130 42.62 -33.15 10.83
C GLY C 130 43.04 -31.84 10.21
N ALA C 131 43.95 -31.88 9.23
CA ALA C 131 44.44 -30.68 8.57
C ALA C 131 43.64 -30.31 7.33
N SER C 132 42.55 -31.02 7.05
CA SER C 132 41.74 -30.71 5.87
C SER C 132 41.14 -29.32 5.96
N MET C 133 40.61 -28.96 7.13
CA MET C 133 39.99 -27.65 7.31
C MET C 133 41.07 -26.58 7.47
N ILE C 134 40.88 -25.45 6.78
CA ILE C 134 41.80 -24.32 6.86
C ILE C 134 41.09 -23.23 7.66
N MET C 135 41.52 -23.03 8.90
CA MET C 135 40.94 -22.02 9.77
C MET C 135 41.96 -21.01 10.25
N ALA C 136 43.11 -21.47 10.76
CA ALA C 136 44.14 -20.56 11.25
C ALA C 136 44.88 -19.91 10.08
N ASP C 137 45.44 -18.74 10.36
CA ASP C 137 46.21 -18.00 9.36
C ASP C 137 47.69 -18.39 9.47
N LYS C 138 48.23 -18.92 8.38
CA LYS C 138 49.61 -19.35 8.37
C LYS C 138 50.57 -18.16 8.36
N ASP C 139 51.78 -18.39 8.82
CA ASP C 139 52.80 -17.35 8.82
C ASP C 139 53.20 -17.01 7.39
N PRO C 140 53.49 -15.74 7.10
CA PRO C 140 53.91 -15.39 5.72
C PRO C 140 55.15 -16.13 5.25
N THR C 141 56.08 -16.44 6.16
CA THR C 141 57.28 -17.19 5.79
C THR C 141 57.04 -18.69 5.68
N SER C 142 55.87 -19.18 6.03
CA SER C 142 55.57 -20.60 5.95
C SER C 142 55.23 -20.99 4.51
N THR C 143 55.31 -22.29 4.24
CA THR C 143 55.02 -22.86 2.93
C THR C 143 53.88 -23.85 3.01
N PHE C 144 52.81 -23.48 3.70
CA PHE C 144 51.66 -24.36 3.92
C PHE C 144 50.51 -23.94 3.02
N PHE C 145 49.96 -24.90 2.28
CA PHE C 145 48.85 -24.65 1.36
C PHE C 145 47.92 -25.86 1.42
N GLN C 146 46.73 -25.66 2.00
CA GLN C 146 45.78 -26.75 2.18
C GLN C 146 44.77 -26.80 1.03
N PHE C 147 44.03 -27.90 0.98
CA PHE C 147 42.98 -28.09 -0.01
C PHE C 147 41.61 -27.67 0.49
N GLY C 148 41.53 -27.08 1.69
CA GLY C 148 40.28 -26.67 2.27
C GLY C 148 39.73 -25.41 1.64
N ALA C 149 38.64 -24.93 2.23
CA ALA C 149 37.93 -23.75 1.74
C ALA C 149 37.81 -22.71 2.83
N SER C 150 37.93 -21.44 2.46
CA SER C 150 37.83 -20.35 3.40
C SER C 150 36.37 -20.02 3.70
N ILE C 151 36.17 -19.27 4.78
CA ILE C 151 34.82 -18.87 5.17
C ILE C 151 34.21 -17.92 4.15
N GLN C 152 35.03 -17.05 3.54
CA GLN C 152 34.51 -16.11 2.55
C GLN C 152 33.88 -16.82 1.37
N GLN C 153 34.49 -17.92 0.92
CA GLN C 153 33.90 -18.71 -0.15
C GLN C 153 32.55 -19.29 0.27
N GLN C 154 32.45 -19.75 1.51
CA GLN C 154 31.17 -20.24 2.02
C GLN C 154 30.13 -19.13 2.02
N ALA C 155 30.54 -17.91 2.38
CA ALA C 155 29.60 -16.79 2.42
C ALA C 155 29.02 -16.50 1.04
N THR C 156 29.87 -16.46 0.01
CA THR C 156 29.37 -16.17 -1.32
C THR C 156 28.58 -17.34 -1.89
N VAL C 157 28.94 -18.57 -1.52
CA VAL C 157 28.13 -19.72 -1.93
C VAL C 157 26.72 -19.61 -1.32
N MET C 158 26.65 -19.25 -0.03
CA MET C 158 25.34 -19.05 0.60
C MET C 158 24.56 -17.92 -0.06
N LEU C 159 25.25 -16.84 -0.41
CA LEU C 159 24.59 -15.73 -1.08
C LEU C 159 24.03 -16.16 -2.43
N LYS C 160 24.80 -16.93 -3.20
CA LYS C 160 24.31 -17.44 -4.48
C LYS C 160 23.11 -18.36 -4.29
N ILE C 161 23.16 -19.23 -3.27
CA ILE C 161 22.06 -20.14 -3.01
C ILE C 161 20.79 -19.36 -2.67
N MET C 162 20.92 -18.35 -1.81
CA MET C 162 19.76 -17.54 -1.44
C MET C 162 19.24 -16.72 -2.62
N GLN C 163 20.14 -16.24 -3.49
CA GLN C 163 19.71 -15.56 -4.70
C GLN C 163 18.92 -16.49 -5.61
N ASP C 164 19.37 -17.74 -5.73
CA ASP C 164 18.60 -18.73 -6.49
C ASP C 164 17.24 -18.98 -5.83
N TYR C 165 17.20 -19.02 -4.51
CA TYR C 165 15.95 -19.21 -3.78
C TYR C 165 15.14 -17.92 -3.63
N ASP C 166 15.70 -16.78 -4.03
CA ASP C 166 15.02 -15.49 -3.92
C ASP C 166 14.61 -15.18 -2.48
N TRP C 167 15.47 -15.53 -1.53
CA TRP C 167 15.23 -15.29 -0.11
C TRP C 167 15.92 -13.97 0.25
N HIS C 168 15.22 -12.86 0.01
CA HIS C 168 15.78 -11.54 0.29
C HIS C 168 15.82 -11.21 1.78
N VAL C 169 15.04 -11.91 2.61
CA VAL C 169 15.02 -11.63 4.03
C VAL C 169 16.31 -12.14 4.66
N PHE C 170 16.95 -11.29 5.46
CA PHE C 170 18.21 -11.62 6.12
C PHE C 170 18.05 -11.56 7.62
N SER C 171 18.77 -12.44 8.31
CA SER C 171 18.80 -12.44 9.78
C SER C 171 20.06 -13.16 10.21
N LEU C 172 21.02 -12.44 10.79
CA LEU C 172 22.31 -13.00 11.17
C LEU C 172 22.35 -13.14 12.69
N VAL C 173 22.30 -14.37 13.17
CA VAL C 173 22.44 -14.68 14.58
C VAL C 173 23.86 -15.20 14.80
N THR C 174 24.64 -14.45 15.57
CA THR C 174 26.05 -14.76 15.78
C THR C 174 26.38 -14.76 17.27
N THR C 175 27.45 -15.47 17.61
CA THR C 175 27.97 -15.53 18.97
C THR C 175 29.43 -15.12 18.95
N ILE C 176 29.93 -14.64 20.09
CA ILE C 176 31.29 -14.13 20.17
C ILE C 176 32.25 -15.31 19.96
N PHE C 177 32.92 -15.33 18.82
CA PHE C 177 33.96 -16.28 18.49
C PHE C 177 35.03 -15.58 17.68
N PRO C 178 36.28 -16.05 17.74
CA PRO C 178 37.35 -15.39 16.98
C PRO C 178 37.06 -15.38 15.48
N GLY C 179 37.34 -14.24 14.85
CA GLY C 179 37.23 -14.09 13.43
C GLY C 179 35.83 -13.85 12.90
N TYR C 180 34.82 -13.81 13.75
CA TYR C 180 33.45 -13.62 13.26
C TYR C 180 33.17 -12.17 12.91
N ARG C 181 33.80 -11.22 13.59
CA ARG C 181 33.55 -9.80 13.30
C ARG C 181 34.00 -9.44 11.88
N GLU C 182 35.18 -9.92 11.48
CA GLU C 182 35.65 -9.66 10.12
C GLU C 182 34.78 -10.36 9.09
N PHE C 183 34.26 -11.54 9.42
CA PHE C 183 33.34 -12.23 8.51
C PHE C 183 32.05 -11.43 8.33
N ILE C 184 31.53 -10.88 9.43
CA ILE C 184 30.34 -10.04 9.34
C ILE C 184 30.61 -8.79 8.51
N SER C 185 31.78 -8.17 8.71
CA SER C 185 32.13 -7.00 7.92
C SER C 185 32.22 -7.35 6.44
N PHE C 186 32.83 -8.50 6.13
CA PHE C 186 32.94 -8.92 4.73
C PHE C 186 31.57 -9.19 4.13
N VAL C 187 30.69 -9.87 4.86
CA VAL C 187 29.39 -10.21 4.29
C VAL C 187 28.55 -8.95 4.10
N LYS C 188 28.66 -7.98 5.01
CA LYS C 188 27.88 -6.76 4.84
C LYS C 188 28.43 -5.90 3.70
N THR C 189 29.76 -5.79 3.60
CA THR C 189 30.34 -5.03 2.49
C THR C 189 30.19 -5.74 1.16
N THR C 190 29.84 -7.03 1.17
CA THR C 190 29.49 -7.72 -0.06
C THR C 190 28.02 -7.56 -0.42
N VAL C 191 27.13 -7.66 0.56
CA VAL C 191 25.70 -7.58 0.27
C VAL C 191 25.30 -6.15 -0.11
N ASP C 192 25.88 -5.14 0.56
CA ASP C 192 25.53 -3.77 0.20
C ASP C 192 26.07 -3.38 -1.17
N ASN C 193 27.11 -4.06 -1.65
CA ASN C 193 27.67 -3.77 -2.96
C ASN C 193 26.80 -4.31 -4.09
N SER C 194 26.04 -5.36 -3.85
CA SER C 194 25.23 -5.97 -4.89
C SER C 194 24.03 -5.09 -5.23
N PHE C 195 23.53 -5.25 -6.46
CA PHE C 195 22.38 -4.50 -6.95
C PHE C 195 21.06 -5.20 -6.70
N VAL C 196 21.07 -6.38 -6.05
CA VAL C 196 19.83 -7.11 -5.80
C VAL C 196 18.93 -6.33 -4.86
N GLY C 197 19.50 -5.74 -3.81
CA GLY C 197 18.72 -5.00 -2.84
C GLY C 197 18.19 -5.88 -1.73
N TRP C 198 19.08 -6.57 -1.04
CA TRP C 198 18.69 -7.47 0.04
C TRP C 198 18.24 -6.67 1.26
N ASP C 199 17.66 -7.38 2.22
CA ASP C 199 17.25 -6.76 3.47
C ASP C 199 18.47 -6.34 4.28
N MET C 200 18.28 -5.32 5.12
CA MET C 200 19.37 -4.79 5.94
C MET C 200 19.04 -4.93 7.41
N GLN C 201 18.53 -6.10 7.81
CA GLN C 201 18.22 -6.35 9.20
C GLN C 201 19.49 -6.36 10.04
N ASN C 202 19.41 -5.76 11.23
CA ASN C 202 20.56 -5.71 12.12
C ASN C 202 20.93 -7.10 12.61
N VAL C 203 22.22 -7.29 12.89
CA VAL C 203 22.71 -8.59 13.33
C VAL C 203 22.26 -8.84 14.77
N ILE C 204 21.65 -10.00 15.01
CA ILE C 204 21.19 -10.38 16.35
C ILE C 204 22.32 -11.19 16.98
N THR C 205 23.24 -10.49 17.63
CA THR C 205 24.40 -11.12 18.24
C THR C 205 24.08 -11.47 19.69
N LEU C 206 24.26 -12.74 20.04
CA LEU C 206 24.07 -13.18 21.41
C LEU C 206 25.18 -12.62 22.30
N ASP C 207 24.80 -12.19 23.50
CA ASP C 207 25.78 -11.62 24.42
C ASP C 207 26.75 -12.67 24.92
N THR C 208 26.24 -13.72 25.56
CA THR C 208 27.07 -14.81 26.03
C THR C 208 26.24 -16.08 26.12
N SER C 209 26.94 -17.21 26.20
CA SER C 209 26.25 -18.49 26.27
C SER C 209 25.62 -18.70 27.64
N PHE C 210 24.66 -19.62 27.69
CA PHE C 210 23.94 -19.98 28.92
C PHE C 210 23.25 -18.76 29.53
N GLU C 211 22.33 -18.17 28.76
CA GLU C 211 21.52 -17.04 29.21
C GLU C 211 20.08 -17.50 29.31
N ASP C 212 19.60 -17.69 30.54
CA ASP C 212 18.23 -18.11 30.76
C ASP C 212 17.23 -16.96 30.76
N ALA C 213 17.70 -15.71 30.80
CA ALA C 213 16.82 -14.55 30.82
C ALA C 213 17.12 -13.55 29.71
N LYS C 214 18.39 -13.33 29.38
CA LYS C 214 18.73 -12.34 28.37
C LYS C 214 18.32 -12.79 26.98
N THR C 215 18.26 -14.10 26.74
CA THR C 215 17.79 -14.59 25.44
C THR C 215 16.34 -14.20 25.20
N GLN C 216 15.50 -14.31 26.23
CA GLN C 216 14.12 -13.85 26.11
C GLN C 216 14.04 -12.35 25.90
N VAL C 217 15.01 -11.60 26.43
CA VAL C 217 15.02 -10.15 26.23
C VAL C 217 15.35 -9.82 24.78
N GLN C 218 16.37 -10.48 24.22
CA GLN C 218 16.75 -10.23 22.83
C GLN C 218 15.83 -10.93 21.83
N LEU C 219 14.92 -11.78 22.30
CA LEU C 219 13.98 -12.44 21.40
C LEU C 219 13.10 -11.46 20.63
N LYS C 220 12.94 -10.23 21.13
CA LYS C 220 12.12 -9.24 20.43
C LYS C 220 12.70 -8.93 19.04
N LYS C 221 14.03 -8.82 18.94
CA LYS C 221 14.65 -8.53 17.66
C LYS C 221 14.53 -9.69 16.68
N ILE C 222 14.18 -10.89 17.14
CA ILE C 222 14.10 -12.06 16.29
C ILE C 222 12.72 -12.09 15.61
N HIS C 223 12.63 -11.48 14.44
CA HIS C 223 11.39 -11.47 13.66
C HIS C 223 11.77 -11.46 12.19
N SER C 224 11.81 -12.64 11.58
CA SER C 224 12.21 -12.79 10.19
C SER C 224 11.75 -14.15 9.69
N SER C 225 12.19 -14.52 8.49
CA SER C 225 11.86 -15.81 7.90
C SER C 225 13.08 -16.70 7.72
N VAL C 226 14.17 -16.16 7.18
CA VAL C 226 15.41 -16.91 6.98
C VAL C 226 16.45 -16.36 7.95
N ILE C 227 17.08 -17.26 8.70
CA ILE C 227 18.02 -16.90 9.75
C ILE C 227 19.37 -17.53 9.43
N LEU C 228 20.42 -16.71 9.43
CA LEU C 228 21.79 -17.17 9.27
C LEU C 228 22.43 -17.34 10.64
N LEU C 229 22.97 -18.52 10.90
CA LEU C 229 23.51 -18.87 12.21
C LEU C 229 25.01 -19.09 12.08
N TYR C 230 25.80 -18.10 12.53
CA TYR C 230 27.25 -18.22 12.61
C TYR C 230 27.60 -18.52 14.07
N CYS C 231 27.57 -19.80 14.42
CA CYS C 231 27.81 -20.23 15.79
C CYS C 231 28.68 -21.48 15.75
N SER C 232 28.80 -22.14 16.90
CA SER C 232 29.58 -23.36 17.04
C SER C 232 28.67 -24.56 17.21
N LYS C 233 29.25 -25.75 17.04
CA LYS C 233 28.47 -26.98 17.12
C LYS C 233 27.92 -27.20 18.52
N ASP C 234 28.72 -26.91 19.55
CA ASP C 234 28.28 -27.15 20.92
C ASP C 234 27.07 -26.30 21.29
N GLU C 235 27.09 -25.02 20.92
CA GLU C 235 25.99 -24.13 21.22
C GLU C 235 24.87 -24.21 20.21
N ALA C 236 25.08 -24.88 19.08
CA ALA C 236 24.02 -25.02 18.09
C ALA C 236 22.85 -25.82 18.64
N VAL C 237 23.12 -26.82 19.48
CA VAL C 237 22.05 -27.62 20.06
C VAL C 237 21.14 -26.75 20.92
N LEU C 238 21.71 -25.92 21.79
CA LEU C 238 20.89 -25.06 22.64
C LEU C 238 20.21 -23.96 21.83
N ILE C 239 20.88 -23.43 20.80
CA ILE C 239 20.24 -22.42 19.95
C ILE C 239 19.02 -23.01 19.25
N LEU C 240 19.15 -24.22 18.71
CA LEU C 240 18.01 -24.86 18.04
C LEU C 240 16.93 -25.26 19.04
N SER C 241 17.31 -25.63 20.27
CA SER C 241 16.29 -25.91 21.29
C SER C 241 15.50 -24.65 21.62
N GLU C 242 16.18 -23.51 21.76
CA GLU C 242 15.47 -22.25 21.98
C GLU C 242 14.59 -21.88 20.80
N ALA C 243 15.08 -22.13 19.58
CA ALA C 243 14.27 -21.85 18.39
C ALA C 243 13.02 -22.73 18.36
N ARG C 244 13.17 -24.01 18.73
CA ARG C 244 12.02 -24.91 18.81
C ARG C 244 11.03 -24.44 19.86
N SER C 245 11.54 -23.98 21.01
CA SER C 245 10.67 -23.43 22.04
C SER C 245 9.90 -22.23 21.53
N LEU C 246 10.58 -21.33 20.80
CA LEU C 246 9.89 -20.21 20.17
C LEU C 246 9.09 -20.65 18.95
N GLY C 247 9.51 -21.73 18.29
CA GLY C 247 8.80 -22.23 17.13
C GLY C 247 9.35 -21.73 15.80
N LEU C 248 10.65 -21.93 15.58
CA LEU C 248 11.30 -21.57 14.33
C LEU C 248 11.44 -22.75 13.38
N THR C 249 10.80 -23.88 13.67
CA THR C 249 10.88 -25.07 12.84
C THR C 249 9.71 -25.18 11.87
N GLY C 250 9.13 -24.05 11.46
CA GLY C 250 8.04 -24.07 10.53
C GLY C 250 8.49 -24.22 9.09
N TYR C 251 7.50 -24.44 8.22
CA TYR C 251 7.80 -24.58 6.79
C TYR C 251 8.36 -23.30 6.20
N ASP C 252 7.79 -22.15 6.58
CA ASP C 252 8.24 -20.88 6.05
C ASP C 252 9.64 -20.53 6.54
N PHE C 253 10.00 -20.94 7.75
CA PHE C 253 11.32 -20.64 8.30
C PHE C 253 12.38 -21.50 7.65
N PHE C 254 13.57 -20.92 7.45
CA PHE C 254 14.69 -21.64 6.87
C PHE C 254 15.94 -21.37 7.70
N TRP C 255 16.86 -22.32 7.69
CA TRP C 255 18.10 -22.24 8.44
C TRP C 255 19.29 -22.62 7.57
N ILE C 256 20.37 -21.85 7.70
CA ILE C 256 21.61 -22.11 6.98
C ILE C 256 22.72 -22.28 8.01
N VAL C 257 23.47 -23.37 7.91
CA VAL C 257 24.50 -23.74 8.87
C VAL C 257 25.82 -23.87 8.12
N PRO C 258 26.90 -23.24 8.59
CA PRO C 258 28.19 -23.34 7.89
C PRO C 258 28.84 -24.71 8.01
N SER C 259 30.04 -24.85 7.45
CA SER C 259 30.70 -26.16 7.40
C SER C 259 31.25 -26.56 8.77
N LEU C 260 31.70 -25.60 9.57
CA LEU C 260 32.35 -25.94 10.84
C LEU C 260 31.40 -26.64 11.79
N VAL C 261 30.15 -26.20 11.86
CA VAL C 261 29.18 -26.84 12.74
C VAL C 261 28.86 -28.25 12.26
N SER C 262 28.63 -28.41 10.97
CA SER C 262 28.34 -29.73 10.39
C SER C 262 29.61 -30.42 9.92
N GLY C 263 30.58 -30.56 10.83
CA GLY C 263 31.83 -31.20 10.47
C GLY C 263 31.67 -32.67 10.15
N ASN C 264 30.89 -33.39 10.94
CA ASN C 264 30.67 -34.82 10.76
C ASN C 264 29.23 -35.07 10.32
N THR C 265 29.08 -35.78 9.21
CA THR C 265 27.75 -36.11 8.69
C THR C 265 27.11 -37.30 9.39
N GLU C 266 27.88 -38.09 10.14
CA GLU C 266 27.34 -39.25 10.82
C GLU C 266 26.76 -38.91 12.18
N LEU C 267 27.23 -37.84 12.83
CA LEU C 267 26.73 -37.43 14.13
C LEU C 267 25.60 -36.42 13.89
N ILE C 268 24.37 -36.90 13.90
CA ILE C 268 23.19 -36.08 13.66
C ILE C 268 22.34 -36.08 14.92
N PRO C 269 22.39 -35.01 15.71
CA PRO C 269 21.53 -34.94 16.90
C PRO C 269 20.07 -34.85 16.53
N LYS C 270 19.21 -35.34 17.43
CA LYS C 270 17.78 -35.39 17.17
C LYS C 270 17.15 -34.01 17.08
N GLU C 271 17.83 -32.96 17.55
CA GLU C 271 17.28 -31.62 17.55
C GLU C 271 17.48 -30.88 16.24
N PHE C 272 18.18 -31.48 15.27
CA PHE C 272 18.37 -30.84 13.98
C PHE C 272 17.08 -30.91 13.17
N PRO C 273 16.50 -29.78 12.77
CA PRO C 273 15.28 -29.83 11.95
C PRO C 273 15.59 -30.17 10.50
N SER C 274 14.64 -30.84 9.87
CA SER C 274 14.79 -31.22 8.47
C SER C 274 14.67 -29.99 7.57
N GLY C 275 15.23 -30.11 6.36
CA GLY C 275 15.26 -29.01 5.43
C GLY C 275 16.40 -28.03 5.64
N LEU C 276 17.29 -28.30 6.58
CA LEU C 276 18.40 -27.40 6.85
C LEU C 276 19.38 -27.41 5.68
N ILE C 277 19.89 -26.22 5.33
CA ILE C 277 20.84 -26.07 4.23
C ILE C 277 22.23 -25.89 4.80
N SER C 278 23.17 -26.72 4.35
CA SER C 278 24.56 -26.63 4.77
C SER C 278 25.47 -26.81 3.57
N VAL C 279 26.65 -26.20 3.64
CA VAL C 279 27.65 -26.28 2.59
C VAL C 279 28.95 -26.78 3.18
N SER C 280 29.56 -27.76 2.54
CA SER C 280 30.81 -28.36 2.99
C SER C 280 31.46 -29.08 1.81
N TYR C 281 32.48 -29.88 2.11
CA TYR C 281 33.12 -30.71 1.10
C TYR C 281 33.46 -32.06 1.72
N ASP C 282 33.17 -33.13 0.99
CA ASP C 282 33.39 -34.49 1.49
C ASP C 282 33.94 -35.34 0.36
N ASP C 283 34.32 -36.57 0.70
CA ASP C 283 34.87 -37.52 -0.25
C ASP C 283 33.81 -38.17 -1.13
N TRP C 284 32.57 -37.69 -1.08
CA TRP C 284 31.50 -38.26 -1.89
C TRP C 284 31.71 -38.03 -3.38
N ASP C 285 32.52 -37.03 -3.75
CA ASP C 285 32.80 -36.75 -5.14
C ASP C 285 34.28 -36.79 -5.50
N TYR C 286 35.17 -36.71 -4.51
CA TYR C 286 36.62 -36.78 -4.73
C TYR C 286 37.22 -37.65 -3.64
N SER C 287 37.68 -38.85 -4.02
CA SER C 287 38.21 -39.79 -3.06
C SER C 287 39.63 -39.41 -2.66
N LEU C 288 40.18 -40.17 -1.70
CA LEU C 288 41.55 -39.93 -1.25
C LEU C 288 42.54 -40.14 -2.38
N GLU C 289 42.30 -41.14 -3.23
CA GLU C 289 43.17 -41.37 -4.37
C GLU C 289 43.16 -40.17 -5.32
N ALA C 290 41.97 -39.62 -5.59
CA ALA C 290 41.89 -38.44 -6.44
C ALA C 290 42.58 -37.25 -5.81
N ARG C 291 42.42 -37.06 -4.49
CA ARG C 291 43.05 -35.93 -3.83
C ARG C 291 44.57 -36.05 -3.85
N VAL C 292 45.12 -37.23 -3.60
CA VAL C 292 46.57 -37.39 -3.64
C VAL C 292 47.08 -37.29 -5.07
N ARG C 293 46.28 -37.73 -6.05
CA ARG C 293 46.66 -37.52 -7.45
C ARG C 293 46.77 -36.03 -7.77
N ASP C 294 45.79 -35.24 -7.32
CA ASP C 294 45.83 -33.80 -7.54
C ASP C 294 47.04 -33.19 -6.83
N GLY C 295 47.32 -33.64 -5.61
CA GLY C 295 48.46 -33.09 -4.88
C GLY C 295 49.78 -33.39 -5.56
N ILE C 296 49.98 -34.64 -6.00
CA ILE C 296 51.22 -35.00 -6.67
C ILE C 296 51.33 -34.30 -8.01
N GLY C 297 50.20 -34.11 -8.71
CA GLY C 297 50.24 -33.34 -9.95
C GLY C 297 50.66 -31.89 -9.73
N ILE C 298 50.12 -31.27 -8.68
CA ILE C 298 50.50 -29.89 -8.35
C ILE C 298 51.98 -29.82 -8.00
N LEU C 299 52.46 -30.79 -7.22
CA LEU C 299 53.88 -30.82 -6.86
C LEU C 299 54.76 -30.98 -8.09
N THR C 300 54.37 -31.87 -9.02
CA THR C 300 55.15 -32.05 -10.23
C THR C 300 55.15 -30.80 -11.10
N THR C 301 54.00 -30.13 -11.21
CA THR C 301 53.96 -28.88 -11.97
C THR C 301 54.84 -27.81 -11.34
N ALA C 302 54.82 -27.71 -10.01
CA ALA C 302 55.67 -26.74 -9.33
C ALA C 302 57.15 -27.06 -9.54
N ALA C 303 57.51 -28.34 -9.48
CA ALA C 303 58.89 -28.73 -9.71
C ALA C 303 59.32 -28.42 -11.15
N SER C 304 58.44 -28.68 -12.11
CA SER C 304 58.75 -28.37 -13.50
C SER C 304 58.92 -26.87 -13.71
N SER C 305 58.06 -26.05 -13.08
CA SER C 305 58.20 -24.61 -13.18
C SER C 305 59.51 -24.14 -12.55
N MET C 306 59.88 -24.71 -11.40
CA MET C 306 61.14 -24.35 -10.76
C MET C 306 62.32 -24.72 -11.63
N LEU C 307 62.30 -25.90 -12.25
CA LEU C 307 63.39 -26.31 -13.13
C LEU C 307 63.45 -25.43 -14.38
N GLU C 308 62.29 -24.99 -14.90
CA GLU C 308 62.29 -24.10 -16.04
C GLU C 308 62.87 -22.73 -15.67
N LYS C 309 62.55 -22.24 -14.47
CA LYS C 309 63.05 -20.93 -14.06
C LYS C 309 64.47 -21.02 -13.51
N PHE C 310 64.67 -21.80 -12.45
CA PHE C 310 65.99 -21.95 -11.83
C PHE C 310 66.60 -23.29 -12.18
N SER C 311 67.89 -23.43 -11.88
CA SER C 311 68.66 -24.63 -12.16
C SER C 311 69.34 -25.13 -10.89
N TYR C 312 68.60 -25.17 -9.79
CA TYR C 312 69.11 -25.62 -8.51
C TYR C 312 68.15 -26.62 -7.89
N ILE C 313 68.71 -27.61 -7.23
CA ILE C 313 67.95 -28.66 -6.55
C ILE C 313 67.77 -28.24 -5.10
N PRO C 314 66.54 -28.10 -4.60
CA PRO C 314 66.34 -27.72 -3.20
C PRO C 314 66.90 -28.77 -2.26
N GLU C 315 67.45 -28.30 -1.13
CA GLU C 315 68.02 -29.18 -0.12
C GLU C 315 67.48 -28.81 1.24
N ALA C 316 67.33 -29.81 2.10
CA ALA C 316 66.81 -29.60 3.44
C ALA C 316 67.91 -29.08 4.37
N LYS C 317 67.50 -28.73 5.59
CA LYS C 317 68.44 -28.25 6.59
C LYS C 317 69.34 -29.39 7.07
N ALA C 318 70.49 -29.02 7.61
CA ALA C 318 71.40 -30.02 8.16
C ALA C 318 70.76 -30.78 9.32
N SER C 319 70.06 -30.05 10.19
CA SER C 319 69.29 -30.67 11.27
C SER C 319 67.81 -30.63 10.92
N CYS C 320 67.11 -31.74 11.18
CA CYS C 320 65.70 -31.82 10.82
C CYS C 320 64.88 -30.79 11.59
N TYR C 321 65.16 -30.62 12.89
CA TYR C 321 64.42 -29.68 13.70
C TYR C 321 65.34 -29.12 14.77
N GLY C 322 65.01 -27.94 15.26
CA GLY C 322 65.81 -27.25 16.26
C GLY C 322 66.32 -25.92 15.74
N GLN C 323 66.90 -25.16 16.67
CA GLN C 323 67.45 -23.83 16.40
C GLN C 323 68.88 -23.79 16.91
N MET C 324 69.83 -24.15 16.04
CA MET C 324 71.24 -24.11 16.38
C MET C 324 72.05 -23.12 15.53
N GLU C 325 71.59 -22.80 14.33
CA GLU C 325 72.22 -21.81 13.48
C GLU C 325 71.22 -20.71 13.14
N ARG C 326 71.70 -19.67 12.46
CA ARG C 326 70.84 -18.57 12.07
C ARG C 326 69.85 -19.03 11.00
N PRO C 327 68.62 -18.49 11.01
CA PRO C 327 67.63 -18.86 10.00
C PRO C 327 67.84 -18.06 8.72
N GLU C 328 68.21 -18.78 7.65
CA GLU C 328 68.41 -18.16 6.35
C GLU C 328 67.77 -19.03 5.27
N VAL C 329 67.26 -18.38 4.23
CA VAL C 329 66.65 -19.08 3.10
C VAL C 329 67.32 -18.58 1.82
N PRO C 330 68.52 -19.07 1.49
CA PRO C 330 69.19 -18.59 0.27
C PRO C 330 68.42 -18.88 -1.01
N MET C 331 67.70 -20.00 -1.08
CA MET C 331 66.95 -20.37 -2.28
C MET C 331 65.54 -19.84 -2.19
N HIS C 332 65.04 -19.33 -3.32
CA HIS C 332 63.68 -18.80 -3.37
C HIS C 332 62.67 -19.91 -3.15
N THR C 333 61.56 -19.56 -2.49
CA THR C 333 60.52 -20.51 -2.18
C THR C 333 59.67 -20.80 -3.41
N LEU C 334 58.63 -21.62 -3.24
CA LEU C 334 57.76 -22.03 -4.32
C LEU C 334 56.46 -21.22 -4.39
N HIS C 335 56.37 -20.13 -3.63
CA HIS C 335 55.16 -19.31 -3.65
C HIS C 335 54.84 -18.75 -5.03
N PRO C 336 55.79 -18.12 -5.76
CA PRO C 336 55.45 -17.63 -7.10
C PRO C 336 55.35 -18.71 -8.16
N PHE C 337 55.95 -19.89 -7.93
CA PHE C 337 55.91 -20.95 -8.92
C PHE C 337 54.56 -21.64 -8.97
N MET C 338 53.82 -21.66 -7.86
CA MET C 338 52.54 -22.35 -7.79
C MET C 338 51.35 -21.44 -8.10
N VAL C 339 51.60 -20.19 -8.49
CA VAL C 339 50.50 -19.30 -8.87
C VAL C 339 49.78 -19.83 -10.10
N ASN C 340 50.53 -20.25 -11.11
CA ASN C 340 49.98 -20.77 -12.35
C ASN C 340 50.22 -22.28 -12.37
N VAL C 341 49.19 -23.05 -12.05
CA VAL C 341 49.25 -24.50 -12.04
C VAL C 341 48.13 -25.05 -12.91
N THR C 342 48.49 -25.90 -13.87
CA THR C 342 47.53 -26.54 -14.76
C THR C 342 47.84 -28.02 -14.83
N TRP C 343 46.91 -28.86 -14.35
CA TRP C 343 47.11 -30.30 -14.32
C TRP C 343 45.82 -30.99 -14.75
N ASP C 344 45.92 -31.86 -15.75
CA ASP C 344 44.80 -32.65 -16.27
C ASP C 344 43.65 -31.75 -16.73
N GLY C 345 43.96 -30.59 -17.28
CA GLY C 345 42.96 -29.72 -17.85
C GLY C 345 42.25 -28.81 -16.86
N LYS C 346 42.55 -28.92 -15.57
CA LYS C 346 41.93 -28.09 -14.55
C LYS C 346 42.99 -27.29 -13.82
N ASP C 347 42.73 -26.00 -13.61
CA ASP C 347 43.68 -25.10 -12.97
C ASP C 347 43.50 -25.17 -11.47
N LEU C 348 44.23 -26.10 -10.84
CA LEU C 348 44.21 -26.23 -9.38
C LEU C 348 45.26 -25.30 -8.77
N SER C 349 44.98 -24.01 -8.88
CA SER C 349 45.86 -22.97 -8.38
C SER C 349 45.44 -22.55 -6.97
N PHE C 350 46.26 -21.68 -6.38
CA PHE C 350 46.02 -21.17 -5.03
C PHE C 350 46.22 -19.67 -5.01
N THR C 351 45.54 -19.01 -4.07
CA THR C 351 45.64 -17.58 -3.90
C THR C 351 46.83 -17.23 -3.01
N GLU C 352 46.99 -15.93 -2.72
CA GLU C 352 48.08 -15.50 -1.86
C GLU C 352 47.92 -16.03 -0.45
N GLU C 353 46.69 -16.02 0.07
CA GLU C 353 46.45 -16.53 1.41
C GLU C 353 46.56 -18.05 1.50
N GLY C 354 46.47 -18.75 0.38
CA GLY C 354 46.55 -20.19 0.37
C GLY C 354 45.20 -20.87 0.28
N TYR C 355 44.33 -20.34 -0.57
CA TYR C 355 42.99 -20.88 -0.76
C TYR C 355 42.82 -21.34 -2.19
N GLN C 356 42.06 -22.42 -2.37
CA GLN C 356 41.82 -22.95 -3.71
C GLN C 356 40.98 -21.99 -4.53
N VAL C 357 41.37 -21.81 -5.80
CA VAL C 357 40.62 -20.94 -6.69
C VAL C 357 39.27 -21.56 -7.03
N HIS C 358 39.24 -22.87 -7.23
CA HIS C 358 38.02 -23.60 -7.59
C HIS C 358 37.83 -24.75 -6.61
N PRO C 359 37.33 -24.47 -5.40
CA PRO C 359 37.09 -25.56 -4.44
C PRO C 359 35.86 -26.38 -4.81
N ARG C 360 35.55 -27.39 -4.00
CA ARG C 360 34.40 -28.24 -4.29
C ARG C 360 33.09 -27.58 -3.89
N LEU C 361 32.92 -27.30 -2.60
CA LEU C 361 31.77 -26.59 -2.06
C LEU C 361 30.45 -27.24 -2.49
N VAL C 362 30.27 -28.49 -2.09
CA VAL C 362 29.01 -29.18 -2.34
C VAL C 362 27.98 -28.73 -1.33
N VAL C 363 26.71 -28.79 -1.72
CA VAL C 363 25.60 -28.35 -0.88
C VAL C 363 24.83 -29.57 -0.42
N ILE C 364 24.63 -29.70 0.89
CA ILE C 364 23.94 -30.84 1.50
C ILE C 364 22.72 -30.32 2.25
N VAL C 365 21.59 -30.98 2.03
CA VAL C 365 20.33 -30.64 2.69
C VAL C 365 19.88 -31.84 3.49
N LEU C 366 19.50 -31.61 4.75
CA LEU C 366 19.08 -32.71 5.62
C LEU C 366 17.87 -33.42 5.04
N ASN C 367 17.94 -34.75 5.02
CA ASN C 367 16.88 -35.57 4.43
C ASN C 367 15.73 -35.73 5.42
N LYS C 368 14.62 -36.28 4.91
CA LYS C 368 13.47 -36.55 5.77
C LYS C 368 13.82 -37.57 6.86
N ASP C 369 14.59 -38.59 6.51
CA ASP C 369 15.05 -39.59 7.47
C ASP C 369 16.40 -39.25 8.08
N ARG C 370 16.75 -37.96 8.12
CA ARG C 370 17.99 -37.49 8.74
C ARG C 370 19.23 -38.06 8.03
N GLU C 371 19.35 -37.73 6.75
CA GLU C 371 20.55 -38.01 5.96
C GLU C 371 20.96 -36.74 5.23
N TRP C 372 22.07 -36.83 4.50
CA TRP C 372 22.59 -35.72 3.72
C TRP C 372 22.75 -36.15 2.27
N GLU C 373 22.22 -35.33 1.35
CA GLU C 373 22.31 -35.61 -0.07
C GLU C 373 22.76 -34.36 -0.81
N LYS C 374 23.50 -34.56 -1.89
CA LYS C 374 23.97 -33.45 -2.71
C LYS C 374 22.81 -32.87 -3.52
N VAL C 375 22.72 -31.55 -3.54
CA VAL C 375 21.70 -30.84 -4.31
C VAL C 375 22.33 -29.87 -5.29
N GLY C 376 23.60 -30.02 -5.58
CA GLY C 376 24.31 -29.15 -6.50
C GLY C 376 25.78 -29.05 -6.14
N LYS C 377 26.58 -28.69 -7.14
CA LYS C 377 28.02 -28.56 -6.99
C LYS C 377 28.43 -27.11 -7.25
N TRP C 378 29.72 -26.84 -7.08
CA TRP C 378 30.24 -25.49 -7.24
C TRP C 378 31.53 -25.42 -8.04
N GLU C 379 32.08 -26.56 -8.49
CA GLU C 379 33.34 -26.55 -9.23
C GLU C 379 33.19 -26.02 -10.65
N ASN C 380 31.97 -25.81 -11.13
CA ASN C 380 31.75 -25.37 -12.50
C ASN C 380 32.13 -23.91 -12.71
N HIS C 381 33.43 -23.63 -12.73
CA HIS C 381 33.94 -22.28 -12.96
C HIS C 381 33.39 -21.27 -11.96
N THR C 382 33.33 -21.68 -10.69
CA THR C 382 32.83 -20.85 -9.59
C THR C 382 31.42 -20.35 -9.85
N LEU C 383 30.57 -21.23 -10.37
CA LEU C 383 29.16 -20.95 -10.59
C LEU C 383 28.32 -21.80 -9.64
N SER C 384 27.01 -21.61 -9.72
CA SER C 384 26.07 -22.32 -8.85
C SER C 384 25.22 -23.27 -9.68
N LEU C 385 25.06 -24.50 -9.18
CA LEU C 385 24.25 -25.52 -9.83
C LEU C 385 23.24 -26.06 -8.84
N ARG C 386 22.03 -26.34 -9.32
CA ARG C 386 20.95 -26.80 -8.46
C ARG C 386 20.21 -27.93 -9.16
N HIS C 387 19.71 -28.88 -8.36
CA HIS C 387 18.96 -30.01 -8.86
C HIS C 387 17.46 -29.72 -9.01
N ALA C 388 17.04 -28.49 -8.73
CA ALA C 388 15.64 -28.07 -8.86
C ALA C 388 14.72 -28.94 -8.00
N VAL C 389 14.94 -28.87 -6.69
CA VAL C 389 14.11 -29.57 -5.72
C VAL C 389 13.67 -28.52 -4.70
N TRP C 390 12.49 -27.92 -4.92
CA TRP C 390 12.01 -26.88 -4.01
C TRP C 390 11.50 -27.45 -2.70
N PRO C 391 10.47 -28.33 -2.67
CA PRO C 391 9.92 -28.75 -1.38
C PRO C 391 10.76 -29.84 -0.72
N ARG C 392 11.52 -29.47 0.31
CA ARG C 392 12.29 -30.43 1.10
C ARG C 392 12.26 -30.08 2.58
N TYR C 393 11.31 -29.26 3.03
CA TYR C 393 11.25 -28.76 4.39
C TYR C 393 10.03 -29.33 5.09
N LYS C 394 10.23 -29.86 6.29
CA LYS C 394 9.13 -30.41 7.08
C LYS C 394 9.49 -30.30 8.56
N SER C 395 8.47 -30.04 9.38
CA SER C 395 8.68 -29.91 10.81
C SER C 395 8.78 -31.28 11.47
N PHE C 396 9.86 -31.50 12.21
CA PHE C 396 10.07 -32.74 12.92
C PHE C 396 10.22 -32.58 14.43
N SER C 397 10.66 -31.41 14.90
CA SER C 397 10.70 -31.17 16.34
C SER C 397 9.31 -31.21 16.95
N ASP C 398 8.33 -30.61 16.27
CA ASP C 398 6.94 -30.63 16.67
C ASP C 398 6.08 -31.17 15.53
N CYS C 399 4.79 -31.31 15.78
CA CYS C 399 3.84 -31.82 14.80
C CYS C 399 2.81 -30.74 14.50
N GLU C 400 2.93 -30.14 13.32
CA GLU C 400 2.00 -29.09 12.90
C GLU C 400 1.89 -29.07 11.39
N PRO C 401 0.82 -29.62 10.82
CA PRO C 401 0.66 -29.60 9.37
C PRO C 401 0.41 -28.19 8.85
N ASP C 402 0.81 -27.96 7.60
CA ASP C 402 0.64 -26.66 6.97
C ASP C 402 0.40 -26.87 5.49
N ASP C 403 -0.38 -25.96 4.89
CA ASP C 403 -0.72 -26.03 3.48
C ASP C 403 -0.71 -24.66 2.83
N ASN C 404 0.14 -23.75 3.30
CA ASN C 404 0.19 -22.41 2.73
C ASN C 404 0.73 -22.39 1.31
N HIS C 405 1.49 -23.41 0.92
CA HIS C 405 2.05 -23.48 -0.44
C HIS C 405 0.95 -23.87 -1.41
N LEU C 406 0.33 -22.87 -2.03
CA LEU C 406 -0.76 -23.08 -2.99
C LEU C 406 -0.22 -22.83 -4.39
N SER C 407 -0.12 -23.90 -5.19
CA SER C 407 0.37 -23.77 -6.55
C SER C 407 -0.68 -23.11 -7.44
N ILE C 408 -0.23 -22.27 -8.36
CA ILE C 408 -1.09 -21.55 -9.28
C ILE C 408 -0.62 -21.82 -10.70
N VAL C 409 -1.56 -22.15 -11.59
CA VAL C 409 -1.25 -22.46 -12.98
C VAL C 409 -1.75 -21.30 -13.84
N THR C 410 -0.86 -20.79 -14.70
CA THR C 410 -1.16 -19.65 -15.56
C THR C 410 -0.67 -19.94 -16.96
N LEU C 411 -1.32 -19.32 -17.95
CA LEU C 411 -0.98 -19.50 -19.35
C LEU C 411 -0.02 -18.40 -19.80
N GLU C 412 0.26 -18.37 -21.10
CA GLU C 412 1.21 -17.42 -21.66
C GLU C 412 0.64 -16.69 -22.87
N GLU C 413 -0.29 -17.35 -23.58
CA GLU C 413 -0.82 -16.78 -24.81
C GLU C 413 -1.65 -15.53 -24.55
N ALA C 414 -2.32 -15.46 -23.41
CA ALA C 414 -3.17 -14.32 -23.11
C ALA C 414 -2.31 -13.07 -22.90
N PRO C 415 -2.77 -11.91 -23.40
CA PRO C 415 -2.01 -10.67 -23.18
C PRO C 415 -1.95 -10.26 -21.72
N PHE C 416 -2.85 -10.76 -20.87
CA PHE C 416 -2.84 -10.39 -19.46
C PHE C 416 -1.63 -10.94 -18.72
N VAL C 417 -0.95 -11.94 -19.27
CA VAL C 417 0.25 -12.51 -18.66
C VAL C 417 1.30 -12.67 -19.76
N ILE C 418 2.43 -11.99 -19.60
CA ILE C 418 3.53 -12.05 -20.56
C ILE C 418 4.78 -12.51 -19.82
N VAL C 419 5.44 -13.53 -20.36
CA VAL C 419 6.64 -14.09 -19.76
C VAL C 419 7.86 -13.48 -20.42
N GLU C 420 8.97 -13.41 -19.67
CA GLU C 420 10.21 -12.87 -20.18
C GLU C 420 11.37 -13.73 -19.67
N ASP C 421 12.40 -13.84 -20.49
CA ASP C 421 13.59 -14.58 -20.11
C ASP C 421 14.43 -13.78 -19.12
N ILE C 422 15.22 -14.49 -18.32
CA ILE C 422 16.08 -13.84 -17.35
C ILE C 422 17.23 -13.13 -18.07
N ASP C 423 17.43 -11.86 -17.74
CA ASP C 423 18.47 -11.07 -18.39
C ASP C 423 19.84 -11.46 -17.83
N PRO C 424 20.80 -11.83 -18.68
CA PRO C 424 22.14 -12.16 -18.20
C PRO C 424 22.97 -10.92 -17.86
N LEU C 425 22.49 -10.17 -16.87
CA LEU C 425 23.11 -8.93 -16.42
C LEU C 425 23.26 -8.94 -14.90
N THR C 426 23.77 -10.06 -14.38
CA THR C 426 24.05 -10.32 -12.96
C THR C 426 22.83 -10.18 -12.07
N GLU C 427 21.64 -10.00 -12.65
CA GLU C 427 20.40 -9.90 -11.91
C GLU C 427 19.40 -10.89 -12.48
N THR C 428 18.56 -11.46 -11.60
CA THR C 428 17.56 -12.43 -12.04
C THR C 428 16.59 -11.82 -13.03
N CYS C 429 15.84 -10.82 -12.59
CA CYS C 429 14.86 -10.12 -13.44
C CYS C 429 14.46 -8.84 -12.71
N VAL C 430 13.42 -8.18 -13.21
CA VAL C 430 12.97 -6.93 -12.60
C VAL C 430 12.32 -7.21 -11.25
N ARG C 431 12.15 -6.14 -10.47
CA ARG C 431 11.55 -6.28 -9.15
C ARG C 431 10.03 -6.44 -9.21
N ASN C 432 9.39 -5.92 -10.26
CA ASN C 432 7.93 -5.93 -10.35
C ASN C 432 7.46 -7.14 -11.15
N THR C 433 7.69 -8.31 -10.56
CA THR C 433 7.27 -9.58 -11.14
C THR C 433 7.44 -10.66 -10.07
N VAL C 434 6.99 -11.87 -10.39
CA VAL C 434 7.12 -13.02 -9.49
C VAL C 434 7.72 -14.18 -10.29
N PRO C 435 8.48 -15.07 -9.66
CA PRO C 435 9.09 -16.18 -10.39
C PRO C 435 8.05 -17.17 -10.89
N CYS C 436 8.40 -17.81 -12.01
CA CYS C 436 7.55 -18.85 -12.58
C CYS C 436 8.44 -19.89 -13.27
N ARG C 437 7.90 -21.08 -13.45
CA ARG C 437 8.65 -22.21 -13.97
C ARG C 437 7.97 -22.78 -15.21
N LYS C 438 8.78 -23.26 -16.14
CA LYS C 438 8.30 -23.80 -17.40
C LYS C 438 9.07 -25.07 -17.73
N PHE C 439 8.39 -26.01 -18.38
CA PHE C 439 9.00 -27.24 -18.86
C PHE C 439 9.31 -27.10 -20.34
N VAL C 440 10.58 -27.25 -20.71
CA VAL C 440 11.03 -27.15 -22.09
C VAL C 440 11.61 -28.49 -22.50
N LYS C 441 11.04 -29.09 -23.55
CA LYS C 441 11.51 -30.38 -24.03
C LYS C 441 12.88 -30.23 -24.70
N ILE C 442 13.75 -31.21 -24.47
CA ILE C 442 15.11 -31.13 -24.99
C ILE C 442 15.11 -31.21 -26.51
N ASN C 443 14.40 -32.19 -27.07
CA ASN C 443 14.37 -32.39 -28.52
C ASN C 443 12.94 -32.73 -28.92
N ASN C 444 12.78 -33.17 -30.17
CA ASN C 444 11.46 -33.53 -30.69
C ASN C 444 11.02 -34.92 -30.24
N SER C 445 11.92 -35.73 -29.70
CA SER C 445 11.58 -37.08 -29.26
C SER C 445 11.93 -37.33 -27.81
N THR C 446 13.03 -36.77 -27.30
CA THR C 446 13.45 -36.97 -25.92
C THR C 446 12.58 -36.10 -25.02
N ASN C 447 11.58 -36.71 -24.40
CA ASN C 447 10.65 -35.99 -23.54
C ASN C 447 11.31 -35.77 -22.18
N GLU C 448 11.85 -34.58 -21.97
CA GLU C 448 12.49 -34.23 -20.71
C GLU C 448 12.47 -32.72 -20.56
N GLY C 449 11.76 -32.22 -19.56
CA GLY C 449 11.63 -30.79 -19.36
C GLY C 449 12.41 -30.27 -18.17
N MET C 450 13.33 -29.34 -18.41
CA MET C 450 14.09 -28.74 -17.34
C MET C 450 13.33 -27.56 -16.74
N ASN C 451 13.38 -27.45 -15.41
CA ASN C 451 12.66 -26.40 -14.68
C ASN C 451 13.44 -25.09 -14.84
N VAL C 452 13.27 -24.46 -16.00
CA VAL C 452 13.92 -23.17 -16.25
C VAL C 452 13.24 -22.09 -15.41
N LYS C 453 14.05 -21.28 -14.75
CA LYS C 453 13.54 -20.23 -13.86
C LYS C 453 13.30 -18.96 -14.66
N LYS C 454 12.04 -18.53 -14.72
CA LYS C 454 11.66 -17.31 -15.42
C LYS C 454 10.80 -16.45 -14.50
N CYS C 455 10.54 -15.22 -14.95
CA CYS C 455 9.72 -14.27 -14.20
C CYS C 455 8.53 -13.88 -15.05
N CYS C 456 7.34 -14.01 -14.48
CA CYS C 456 6.09 -13.73 -15.18
C CYS C 456 5.49 -12.43 -14.66
N LYS C 457 5.12 -11.54 -15.58
CA LYS C 457 4.57 -10.23 -15.25
C LYS C 457 3.33 -9.96 -16.07
N GLY C 458 2.33 -9.34 -15.44
CA GLY C 458 1.11 -9.00 -16.14
C GLY C 458 0.03 -8.54 -15.16
N PHE C 459 -1.15 -8.32 -15.73
CA PHE C 459 -2.29 -7.90 -14.92
C PHE C 459 -2.69 -8.98 -13.92
N CYS C 460 -2.72 -10.24 -14.36
CA CYS C 460 -3.00 -11.34 -13.44
C CYS C 460 -1.92 -11.45 -12.37
N ILE C 461 -0.68 -11.11 -12.71
CA ILE C 461 0.39 -11.10 -11.71
C ILE C 461 0.11 -10.04 -10.65
N ASP C 462 -0.35 -8.86 -11.08
CA ASP C 462 -0.72 -7.82 -10.12
C ASP C 462 -1.88 -8.26 -9.24
N ILE C 463 -2.86 -8.95 -9.83
CA ILE C 463 -3.99 -9.46 -9.05
C ILE C 463 -3.51 -10.47 -8.02
N LEU C 464 -2.59 -11.36 -8.42
CA LEU C 464 -2.05 -12.34 -7.49
C LEU C 464 -1.26 -11.65 -6.37
N LYS C 465 -0.51 -10.60 -6.71
CA LYS C 465 0.21 -9.86 -5.68
C LYS C 465 -0.74 -9.21 -4.68
N LYS C 466 -1.83 -8.62 -5.19
CA LYS C 466 -2.83 -8.03 -4.29
C LYS C 466 -3.47 -9.09 -3.40
N LEU C 467 -3.78 -10.25 -3.96
CA LEU C 467 -4.36 -11.32 -3.16
C LEU C 467 -3.38 -11.82 -2.11
N SER C 468 -2.10 -11.92 -2.46
CA SER C 468 -1.09 -12.33 -1.49
C SER C 468 -0.95 -11.32 -0.37
N ARG C 469 -0.98 -10.02 -0.71
CA ARG C 469 -0.86 -8.99 0.31
C ARG C 469 -2.12 -8.87 1.17
N THR C 470 -3.28 -9.29 0.65
CA THR C 470 -4.52 -9.20 1.41
C THR C 470 -4.74 -10.42 2.30
N VAL C 471 -4.72 -11.61 1.72
CA VAL C 471 -4.97 -12.82 2.49
C VAL C 471 -3.75 -13.28 3.28
N LYS C 472 -2.56 -12.79 2.93
CA LYS C 472 -1.31 -13.11 3.61
C LYS C 472 -1.01 -14.61 3.54
N PHE C 473 -0.86 -15.10 2.31
CA PHE C 473 -0.47 -16.47 2.06
C PHE C 473 0.42 -16.53 0.82
N THR C 474 1.50 -17.31 0.91
CA THR C 474 2.43 -17.42 -0.20
C THR C 474 1.81 -18.21 -1.35
N TYR C 475 1.97 -17.69 -2.56
CA TYR C 475 1.42 -18.29 -3.77
C TYR C 475 2.55 -18.59 -4.75
N ASP C 476 2.54 -19.79 -5.32
CA ASP C 476 3.53 -20.18 -6.30
C ASP C 476 3.01 -19.86 -7.70
N LEU C 477 3.72 -20.32 -8.73
CA LEU C 477 3.32 -20.07 -10.11
C LEU C 477 3.74 -21.24 -10.98
N TYR C 478 2.84 -21.66 -11.87
CA TYR C 478 3.11 -22.72 -12.83
C TYR C 478 2.64 -22.26 -14.20
N LEU C 479 3.36 -22.69 -15.24
CA LEU C 479 3.07 -22.30 -16.60
C LEU C 479 2.54 -23.48 -17.39
N VAL C 480 1.49 -23.24 -18.19
CA VAL C 480 0.86 -24.31 -18.95
C VAL C 480 1.79 -24.76 -20.07
N THR C 481 1.99 -26.08 -20.17
CA THR C 481 2.80 -26.66 -21.23
C THR C 481 2.04 -27.67 -22.08
N ASN C 482 0.86 -28.11 -21.66
CA ASN C 482 0.11 -29.12 -22.38
C ASN C 482 -0.97 -28.47 -23.25
N GLY C 483 -0.51 -27.88 -24.34
CA GLY C 483 -1.41 -27.32 -25.34
C GLY C 483 -2.21 -26.13 -24.84
N LYS C 484 -3.43 -26.03 -25.34
CA LYS C 484 -4.32 -24.92 -25.04
C LYS C 484 -4.98 -25.12 -23.68
N HIS C 485 -6.03 -24.35 -23.41
CA HIS C 485 -6.74 -24.45 -22.13
C HIS C 485 -7.26 -25.87 -21.91
N GLY C 486 -7.86 -26.46 -22.94
CA GLY C 486 -8.35 -27.83 -22.84
C GLY C 486 -9.84 -27.96 -23.03
N LYS C 487 -10.30 -29.16 -23.37
CA LYS C 487 -11.71 -29.42 -23.56
C LYS C 487 -12.00 -30.87 -23.21
N LYS C 488 -13.27 -31.16 -22.96
CA LYS C 488 -13.71 -32.50 -22.59
C LYS C 488 -13.63 -33.40 -23.81
N VAL C 489 -12.59 -34.23 -23.88
CA VAL C 489 -12.41 -35.19 -24.96
C VAL C 489 -12.28 -36.58 -24.35
N ASN C 490 -13.13 -37.50 -24.79
CA ASN C 490 -13.17 -38.86 -24.26
C ASN C 490 -13.35 -38.86 -22.74
N ASN C 491 -14.18 -37.94 -22.26
CA ASN C 491 -14.45 -37.77 -20.83
C ASN C 491 -13.18 -37.49 -20.03
N VAL C 492 -12.20 -36.85 -20.67
CA VAL C 492 -10.92 -36.52 -20.04
C VAL C 492 -10.67 -35.03 -20.25
N TRP C 493 -10.36 -34.33 -19.16
CA TRP C 493 -10.04 -32.92 -19.21
C TRP C 493 -8.54 -32.73 -19.44
N ASN C 494 -8.20 -31.77 -20.30
CA ASN C 494 -6.81 -31.50 -20.68
C ASN C 494 -6.46 -30.07 -20.32
N GLY C 495 -5.15 -29.80 -20.27
CA GLY C 495 -4.68 -28.46 -20.03
C GLY C 495 -4.82 -28.04 -18.57
N MET C 496 -5.07 -26.73 -18.38
CA MET C 496 -5.20 -26.19 -17.03
C MET C 496 -6.38 -26.81 -16.29
N ILE C 497 -7.51 -26.98 -16.97
CA ILE C 497 -8.67 -27.60 -16.34
C ILE C 497 -8.36 -29.04 -15.93
N GLY C 498 -7.69 -29.78 -16.81
CA GLY C 498 -7.31 -31.14 -16.47
C GLY C 498 -6.36 -31.20 -15.28
N GLU C 499 -5.41 -30.27 -15.21
CA GLU C 499 -4.51 -30.22 -14.06
C GLU C 499 -5.26 -29.91 -12.78
N VAL C 500 -6.24 -29.00 -12.85
CA VAL C 500 -7.04 -28.66 -11.68
C VAL C 500 -7.85 -29.87 -11.22
N VAL C 501 -8.44 -30.60 -12.17
CA VAL C 501 -9.25 -31.77 -11.82
C VAL C 501 -8.38 -32.85 -11.19
N TYR C 502 -7.15 -33.02 -11.69
CA TYR C 502 -6.25 -34.05 -11.20
C TYR C 502 -5.51 -33.64 -9.92
N GLN C 503 -6.01 -32.63 -9.21
CA GLN C 503 -5.43 -32.18 -7.94
C GLN C 503 -3.98 -31.75 -8.08
N ARG C 504 -3.60 -31.27 -9.28
CA ARG C 504 -2.25 -30.75 -9.48
C ARG C 504 -2.11 -29.30 -9.06
N ALA C 505 -3.21 -28.61 -8.80
CA ALA C 505 -3.18 -27.22 -8.37
C ALA C 505 -4.51 -26.88 -7.72
N VAL C 506 -4.45 -26.15 -6.61
CA VAL C 506 -5.66 -25.75 -5.90
C VAL C 506 -6.24 -24.44 -6.44
N MET C 507 -5.46 -23.66 -7.19
CA MET C 507 -5.93 -22.40 -7.73
C MET C 507 -5.42 -22.24 -9.15
N ALA C 508 -6.30 -21.81 -10.05
CA ALA C 508 -5.97 -21.56 -11.44
C ALA C 508 -6.33 -20.12 -11.78
N VAL C 509 -5.36 -19.37 -12.29
CA VAL C 509 -5.53 -17.96 -12.63
C VAL C 509 -5.09 -17.77 -14.08
N GLY C 510 -5.94 -17.10 -14.86
CA GLY C 510 -5.61 -16.85 -16.25
C GLY C 510 -6.85 -16.39 -17.00
N SER C 511 -6.71 -16.36 -18.33
CA SER C 511 -7.80 -15.97 -19.22
C SER C 511 -8.66 -17.19 -19.53
N LEU C 512 -9.37 -17.66 -18.50
CA LEU C 512 -10.25 -18.81 -18.60
C LEU C 512 -11.69 -18.32 -18.65
N THR C 513 -12.35 -18.54 -19.78
CA THR C 513 -13.73 -18.12 -19.95
C THR C 513 -14.66 -19.05 -19.19
N ILE C 514 -15.60 -18.47 -18.45
CA ILE C 514 -16.57 -19.27 -17.71
C ILE C 514 -17.53 -19.94 -18.68
N ASN C 515 -17.70 -21.25 -18.53
CA ASN C 515 -18.53 -22.03 -19.42
C ASN C 515 -19.38 -22.99 -18.61
N GLU C 516 -20.46 -23.47 -19.22
CA GLU C 516 -21.36 -24.40 -18.54
C GLU C 516 -20.66 -25.71 -18.23
N GLU C 517 -19.80 -26.19 -19.14
CA GLU C 517 -19.11 -27.46 -18.93
C GLU C 517 -18.21 -27.41 -17.70
N ARG C 518 -17.50 -26.29 -17.51
CA ARG C 518 -16.62 -26.15 -16.36
C ARG C 518 -17.36 -25.74 -15.09
N SER C 519 -18.66 -25.46 -15.18
CA SER C 519 -19.39 -24.97 -14.01
C SER C 519 -19.52 -26.03 -12.92
N GLU C 520 -19.79 -27.28 -13.32
CA GLU C 520 -19.96 -28.36 -12.35
C GLU C 520 -18.69 -29.15 -12.09
N VAL C 521 -17.77 -29.20 -13.05
CA VAL C 521 -16.53 -29.94 -12.86
C VAL C 521 -15.65 -29.24 -11.84
N VAL C 522 -15.51 -27.92 -11.96
CA VAL C 522 -14.71 -27.11 -11.04
C VAL C 522 -15.55 -25.93 -10.59
N ASP C 523 -15.05 -25.21 -9.60
CA ASP C 523 -15.71 -24.04 -9.05
C ASP C 523 -14.86 -22.80 -9.26
N PHE C 524 -15.52 -21.68 -9.50
CA PHE C 524 -14.84 -20.42 -9.76
C PHE C 524 -15.50 -19.30 -8.97
N SER C 525 -14.72 -18.26 -8.68
CA SER C 525 -15.17 -17.15 -7.87
C SER C 525 -15.88 -16.12 -8.74
N VAL C 526 -16.19 -14.96 -8.17
CA VAL C 526 -16.87 -13.89 -8.90
C VAL C 526 -15.93 -13.32 -9.95
N PRO C 527 -16.34 -13.22 -11.22
CA PRO C 527 -15.46 -12.65 -12.24
C PRO C 527 -15.21 -11.16 -12.00
N PHE C 528 -14.04 -10.71 -12.44
CA PHE C 528 -13.63 -9.32 -12.29
C PHE C 528 -13.62 -8.53 -13.59
N VAL C 529 -13.41 -9.19 -14.72
CA VAL C 529 -13.41 -8.54 -16.03
C VAL C 529 -14.39 -9.26 -16.93
N GLU C 530 -15.33 -8.52 -17.51
CA GLU C 530 -16.35 -9.10 -18.38
C GLU C 530 -15.85 -9.12 -19.83
N THR C 531 -16.35 -10.10 -20.58
CA THR C 531 -15.98 -10.28 -21.97
C THR C 531 -17.04 -11.16 -22.64
N GLY C 532 -16.74 -11.63 -23.85
CA GLY C 532 -17.67 -12.50 -24.53
C GLY C 532 -17.30 -12.66 -26.00
N ILE C 533 -18.28 -13.13 -26.78
CA ILE C 533 -18.07 -13.38 -28.20
C ILE C 533 -18.16 -12.06 -28.95
N SER C 534 -17.17 -11.82 -29.82
CA SER C 534 -17.14 -10.62 -30.64
C SER C 534 -16.61 -10.96 -32.02
N VAL C 535 -16.92 -10.11 -32.98
CA VAL C 535 -16.53 -10.30 -34.38
C VAL C 535 -15.58 -9.18 -34.77
N MET C 536 -14.43 -9.55 -35.34
CA MET C 536 -13.42 -8.59 -35.78
C MET C 536 -13.37 -8.57 -37.30
N VAL C 537 -13.52 -7.38 -37.87
CA VAL C 537 -13.53 -7.21 -39.32
C VAL C 537 -12.91 -5.85 -39.64
N SER C 538 -12.17 -5.80 -40.75
CA SER C 538 -11.55 -4.56 -41.18
C SER C 538 -12.60 -3.55 -41.59
N ARG C 539 -12.39 -2.29 -41.21
CA ARG C 539 -13.31 -1.23 -41.56
C ARG C 539 -13.27 -0.96 -43.06
N SER C 540 -14.44 -0.73 -43.65
CA SER C 540 -14.56 -0.44 -45.06
C SER C 540 -14.66 1.07 -45.28
N ASN C 541 -14.06 1.54 -46.38
CA ASN C 541 -14.08 2.95 -46.69
C ASN C 541 -15.50 3.42 -47.01
N GLY C 542 -15.84 4.60 -46.51
CA GLY C 542 -17.16 5.17 -46.74
C GLY C 542 -17.41 6.44 -45.94
N PHE C 549 -26.05 18.18 -50.89
CA PHE C 549 -26.81 19.16 -51.65
C PHE C 549 -27.79 19.91 -50.76
N LEU C 550 -27.37 20.16 -49.52
CA LEU C 550 -28.17 20.88 -48.52
C LEU C 550 -29.49 20.19 -48.22
N GLU C 551 -29.55 18.87 -48.41
CA GLU C 551 -30.75 18.08 -48.17
C GLU C 551 -31.02 17.83 -46.69
N PRO C 552 -30.06 17.31 -45.91
CA PRO C 552 -30.40 16.86 -44.55
C PRO C 552 -30.96 17.94 -43.63
N PHE C 553 -30.47 19.18 -43.74
CA PHE C 553 -30.90 20.25 -42.84
C PHE C 553 -31.98 21.15 -43.45
N SER C 554 -32.51 20.79 -44.62
CA SER C 554 -33.54 21.58 -45.27
C SER C 554 -34.94 21.29 -44.74
N ALA C 555 -35.08 20.36 -43.79
CA ALA C 555 -36.39 20.03 -43.25
C ALA C 555 -37.01 21.18 -42.45
N SER C 556 -36.20 22.15 -42.04
CA SER C 556 -36.69 23.28 -41.24
C SER C 556 -36.48 24.62 -41.93
N VAL C 557 -35.29 24.87 -42.46
CA VAL C 557 -35.00 26.18 -43.05
C VAL C 557 -35.77 26.37 -44.36
N TRP C 558 -35.84 25.32 -45.18
CA TRP C 558 -36.51 25.44 -46.47
C TRP C 558 -38.00 25.69 -46.31
N VAL C 559 -38.63 25.04 -45.31
CA VAL C 559 -40.07 25.18 -45.12
C VAL C 559 -40.44 26.63 -44.83
N MET C 560 -39.68 27.28 -43.94
CA MET C 560 -39.97 28.67 -43.61
C MET C 560 -39.52 29.62 -44.71
N MET C 561 -38.40 29.32 -45.37
CA MET C 561 -37.94 30.21 -46.44
C MET C 561 -38.88 30.18 -47.63
N PHE C 562 -39.61 29.08 -47.83
CA PHE C 562 -40.58 29.02 -48.93
C PHE C 562 -41.69 30.04 -48.72
N VAL C 563 -42.30 30.04 -47.53
CA VAL C 563 -43.37 31.01 -47.27
C VAL C 563 -42.81 32.42 -47.18
N MET C 564 -41.56 32.58 -46.71
CA MET C 564 -40.93 33.90 -46.72
C MET C 564 -40.80 34.43 -48.14
N LEU C 565 -40.33 33.58 -49.06
CA LEU C 565 -40.22 34.00 -50.45
C LEU C 565 -41.59 34.29 -51.05
N LEU C 566 -42.60 33.48 -50.70
CA LEU C 566 -43.94 33.72 -51.22
C LEU C 566 -44.47 35.08 -50.77
N ILE C 567 -44.33 35.41 -49.48
CA ILE C 567 -44.88 36.66 -48.99
C ILE C 567 -44.10 37.86 -49.53
N VAL C 568 -42.77 37.75 -49.61
CA VAL C 568 -42.01 38.88 -50.16
C VAL C 568 -42.32 39.05 -51.64
N SER C 569 -42.53 37.96 -52.38
CA SER C 569 -42.93 38.07 -53.78
C SER C 569 -44.29 38.73 -53.92
N ALA C 570 -45.24 38.38 -53.03
CA ALA C 570 -46.55 39.01 -53.06
C ALA C 570 -46.44 40.50 -52.79
N ILE C 571 -45.63 40.89 -51.80
CA ILE C 571 -45.45 42.32 -51.51
C ILE C 571 -44.81 43.02 -52.70
N ALA C 572 -43.81 42.39 -53.31
CA ALA C 572 -43.11 43.02 -54.43
C ALA C 572 -44.04 43.20 -55.63
N VAL C 573 -44.85 42.19 -55.95
CA VAL C 573 -45.75 42.31 -57.09
C VAL C 573 -46.85 43.33 -56.79
N PHE C 574 -47.32 43.40 -55.54
CA PHE C 574 -48.33 44.39 -55.19
C PHE C 574 -47.77 45.81 -55.34
N VAL C 575 -46.55 46.05 -54.85
CA VAL C 575 -45.99 47.40 -54.97
C VAL C 575 -45.63 47.72 -56.41
N PHE C 576 -45.23 46.71 -57.20
CA PHE C 576 -44.95 46.95 -58.61
C PHE C 576 -46.22 47.32 -59.36
N GLU C 577 -47.34 46.65 -59.06
CA GLU C 577 -48.61 47.04 -59.65
C GLU C 577 -49.02 48.44 -59.19
N TYR C 578 -48.77 48.76 -57.93
CA TYR C 578 -49.06 50.11 -57.43
C TYR C 578 -48.19 51.16 -58.12
N PHE C 579 -47.02 50.76 -58.63
CA PHE C 579 -46.10 51.68 -59.31
C PHE C 579 -46.61 52.14 -60.68
N SER C 580 -47.84 51.81 -61.09
CA SER C 580 -48.30 52.22 -62.42
C SER C 580 -48.32 53.73 -62.61
N PRO C 581 -48.88 54.54 -61.69
CA PRO C 581 -48.79 55.98 -61.95
C PRO C 581 -47.40 56.56 -61.63
N SER C 598 -41.62 46.47 -68.11
CA SER C 598 -42.57 47.45 -67.58
C SER C 598 -43.97 46.84 -67.44
N PHE C 599 -44.05 45.52 -67.56
CA PHE C 599 -45.30 44.80 -67.45
C PHE C 599 -45.28 43.94 -66.18
N THR C 600 -46.36 44.01 -65.41
CA THR C 600 -46.42 43.27 -64.14
C THR C 600 -46.38 41.76 -64.35
N ILE C 601 -46.74 41.28 -65.52
CA ILE C 601 -46.78 39.83 -65.76
C ILE C 601 -45.38 39.25 -65.80
N GLY C 602 -44.46 39.91 -66.51
CA GLY C 602 -43.12 39.35 -66.68
C GLY C 602 -42.02 40.07 -65.93
N LYS C 603 -42.09 41.40 -65.87
CA LYS C 603 -41.03 42.17 -65.23
C LYS C 603 -40.96 41.87 -63.74
N ALA C 604 -42.12 41.77 -63.08
CA ALA C 604 -42.12 41.46 -61.65
C ALA C 604 -41.53 40.08 -61.39
N ILE C 605 -41.91 39.08 -62.20
CA ILE C 605 -41.37 37.74 -62.03
C ILE C 605 -39.86 37.74 -62.24
N TRP C 606 -39.39 38.44 -63.28
CA TRP C 606 -37.95 38.50 -63.54
C TRP C 606 -37.20 39.17 -62.40
N LEU C 607 -37.73 40.29 -61.89
CA LEU C 607 -37.07 41.01 -60.81
C LEU C 607 -37.15 40.26 -59.49
N LEU C 608 -38.11 39.34 -59.35
CA LEU C 608 -38.20 38.53 -58.13
C LEU C 608 -36.94 37.70 -57.92
N TRP C 609 -36.27 37.30 -59.00
CA TRP C 609 -35.09 36.47 -58.89
C TRP C 609 -33.83 37.09 -59.50
N GLY C 610 -33.94 38.26 -60.13
CA GLY C 610 -32.76 38.89 -60.70
C GLY C 610 -31.82 39.49 -59.68
N LEU C 611 -32.31 39.76 -58.46
CA LEU C 611 -31.50 40.41 -57.44
C LEU C 611 -31.07 39.47 -56.31
N VAL C 612 -31.86 38.44 -56.01
CA VAL C 612 -31.47 37.50 -54.96
C VAL C 612 -30.26 36.69 -55.41
N PHE C 613 -30.17 36.35 -56.69
CA PHE C 613 -29.03 35.64 -57.24
C PHE C 613 -28.06 36.66 -57.85
N ASN C 614 -26.89 36.79 -57.23
CA ASN C 614 -25.89 37.74 -57.72
C ASN C 614 -25.33 37.35 -59.08
N ASN C 615 -25.45 36.08 -59.46
CA ASN C 615 -24.92 35.60 -60.74
C ASN C 615 -25.97 35.74 -61.85
N SER C 616 -26.52 36.94 -62.00
CA SER C 616 -27.52 37.21 -63.02
C SER C 616 -27.56 38.70 -63.28
N VAL C 617 -28.12 39.06 -64.44
CA VAL C 617 -28.27 40.46 -64.82
C VAL C 617 -29.62 40.63 -65.50
N PRO C 618 -30.71 40.14 -64.92
CA PRO C 618 -32.04 40.27 -65.54
C PRO C 618 -32.86 41.47 -65.07
N VAL C 619 -32.30 42.33 -64.22
CA VAL C 619 -33.07 43.48 -63.73
C VAL C 619 -33.22 44.53 -64.83
N GLN C 620 -32.10 45.06 -65.32
CA GLN C 620 -32.09 46.07 -66.37
C GLN C 620 -32.91 47.30 -66.00
N ASN C 621 -32.93 47.64 -64.72
CA ASN C 621 -33.68 48.81 -64.24
C ASN C 621 -33.09 49.36 -62.95
N THR C 625 -38.11 56.88 -57.88
CA THR C 625 -37.73 57.10 -56.48
C THR C 625 -38.22 55.96 -55.61
N THR C 626 -39.53 55.68 -55.66
CA THR C 626 -40.09 54.60 -54.86
C THR C 626 -39.52 53.25 -55.28
N SER C 627 -39.37 53.02 -56.58
CA SER C 627 -38.82 51.75 -57.06
C SER C 627 -37.38 51.56 -56.60
N LYS C 628 -36.58 52.63 -56.64
CA LYS C 628 -35.17 52.51 -56.28
C LYS C 628 -35.00 52.11 -54.81
N ILE C 629 -35.80 52.71 -53.91
CA ILE C 629 -35.69 52.38 -52.50
C ILE C 629 -36.08 50.92 -52.26
N MET C 630 -37.17 50.47 -52.89
CA MET C 630 -37.64 49.11 -52.69
C MET C 630 -36.62 48.10 -53.19
N VAL C 631 -36.08 48.31 -54.40
CA VAL C 631 -35.11 47.36 -54.92
C VAL C 631 -33.82 47.41 -54.11
N SER C 632 -33.44 48.59 -53.61
CA SER C 632 -32.22 48.67 -52.80
C SER C 632 -32.38 47.90 -51.49
N VAL C 633 -33.50 48.10 -50.79
CA VAL C 633 -33.70 47.40 -49.52
C VAL C 633 -33.86 45.90 -49.76
N TRP C 634 -34.49 45.52 -50.87
CA TRP C 634 -34.63 44.09 -51.17
C TRP C 634 -33.28 43.47 -51.50
N ALA C 635 -32.41 44.20 -52.20
CA ALA C 635 -31.06 43.70 -52.46
C ALA C 635 -30.26 43.58 -51.17
N PHE C 636 -30.41 44.53 -50.26
CA PHE C 636 -29.76 44.43 -48.96
C PHE C 636 -30.23 43.20 -48.20
N PHE C 637 -31.55 42.96 -48.19
CA PHE C 637 -32.10 41.79 -47.53
C PHE C 637 -31.59 40.50 -48.18
N ALA C 638 -31.52 40.48 -49.50
CA ALA C 638 -31.03 39.29 -50.21
C ALA C 638 -29.56 39.03 -49.88
N VAL C 639 -28.75 40.08 -49.81
CA VAL C 639 -27.34 39.92 -49.46
C VAL C 639 -27.20 39.40 -48.03
N ILE C 640 -28.01 39.94 -47.11
CA ILE C 640 -27.96 39.47 -45.73
C ILE C 640 -28.38 38.01 -45.65
N PHE C 641 -29.42 37.63 -46.39
CA PHE C 641 -29.88 36.24 -46.38
C PHE C 641 -28.83 35.31 -46.97
N LEU C 642 -28.16 35.74 -48.04
CA LEU C 642 -27.11 34.93 -48.64
C LEU C 642 -25.94 34.75 -47.67
N ALA C 643 -25.57 35.83 -46.96
CA ALA C 643 -24.51 35.73 -45.96
C ALA C 643 -24.90 34.77 -44.84
N SER C 644 -26.15 34.84 -44.38
CA SER C 644 -26.62 33.92 -43.34
C SER C 644 -26.62 32.48 -43.84
N TYR C 645 -27.02 32.27 -45.10
CA TYR C 645 -27.01 30.93 -45.66
C TYR C 645 -25.59 30.37 -45.77
N THR C 646 -24.64 31.20 -46.20
CA THR C 646 -23.25 30.76 -46.26
C THR C 646 -22.72 30.45 -44.87
N ALA C 647 -23.05 31.28 -43.89
CA ALA C 647 -22.63 31.01 -42.52
C ALA C 647 -23.21 29.71 -41.99
N ASN C 648 -24.49 29.45 -42.28
CA ASN C 648 -25.11 28.19 -41.87
C ASN C 648 -24.46 26.99 -42.55
N LEU C 649 -24.14 27.12 -43.83
CA LEU C 649 -23.46 26.04 -44.54
C LEU C 649 -22.08 25.77 -43.94
N ALA C 650 -21.35 26.82 -43.60
CA ALA C 650 -20.05 26.65 -42.96
C ALA C 650 -20.20 25.99 -41.59
N ALA C 651 -21.21 26.40 -40.82
CA ALA C 651 -21.40 25.85 -39.49
C ALA C 651 -21.87 24.40 -39.55
N PHE C 652 -22.57 24.01 -40.61
CA PHE C 652 -23.11 22.66 -40.73
C PHE C 652 -22.02 21.62 -40.93
N MET C 653 -20.80 22.07 -41.24
CA MET C 653 -19.69 21.17 -41.59
C MET C 653 -18.79 20.84 -40.41
N ILE C 654 -19.37 20.67 -39.22
CA ILE C 654 -18.61 20.18 -38.07
C ILE C 654 -19.31 18.95 -37.51
N GLN C 655 -18.83 17.77 -37.90
CA GLN C 655 -19.41 16.52 -37.44
C GLN C 655 -18.38 15.40 -37.52
N ASP C 660 -20.56 0.36 -39.48
CA ASP C 660 -20.58 -1.08 -39.23
C ASP C 660 -20.89 -1.84 -40.51
N GLN C 661 -20.55 -3.13 -40.54
CA GLN C 661 -20.78 -3.95 -41.71
C GLN C 661 -21.84 -5.01 -41.41
N VAL C 662 -21.63 -5.78 -40.34
CA VAL C 662 -22.57 -6.79 -39.89
C VAL C 662 -23.01 -6.44 -38.48
N THR C 663 -24.22 -6.89 -38.13
CA THR C 663 -24.81 -6.63 -36.82
C THR C 663 -25.11 -7.96 -36.15
N GLY C 664 -24.20 -8.41 -35.30
CA GLY C 664 -24.39 -9.62 -34.54
C GLY C 664 -24.28 -10.88 -35.39
N LEU C 665 -24.59 -12.00 -34.75
CA LEU C 665 -24.56 -13.31 -35.39
C LEU C 665 -25.92 -13.71 -35.97
N SER C 666 -26.95 -12.89 -35.80
CA SER C 666 -28.28 -13.19 -36.30
C SER C 666 -28.46 -12.80 -37.76
N ASP C 667 -27.47 -12.17 -38.38
CA ASP C 667 -27.59 -11.78 -39.78
C ASP C 667 -27.60 -13.01 -40.68
N LYS C 668 -28.34 -12.92 -41.78
CA LYS C 668 -28.45 -14.03 -42.72
C LYS C 668 -27.16 -14.26 -43.49
N LYS C 669 -26.24 -13.29 -43.48
CA LYS C 669 -24.97 -13.47 -44.19
C LYS C 669 -24.15 -14.61 -43.60
N PHE C 670 -24.09 -14.68 -42.27
CA PHE C 670 -23.34 -15.77 -41.63
C PHE C 670 -24.00 -17.11 -41.87
N GLN C 671 -25.34 -17.17 -41.80
CA GLN C 671 -26.05 -18.44 -41.96
C GLN C 671 -26.17 -18.87 -43.42
N ARG C 672 -26.02 -17.94 -44.36
CA ARG C 672 -26.14 -18.23 -45.79
C ARG C 672 -24.96 -17.64 -46.53
N PRO C 673 -23.76 -18.23 -46.37
CA PRO C 673 -22.60 -17.71 -47.10
C PRO C 673 -22.71 -17.89 -48.61
N HIS C 674 -23.50 -18.85 -49.07
CA HIS C 674 -23.60 -19.14 -50.49
C HIS C 674 -24.54 -18.20 -51.25
N ASP C 675 -25.34 -17.40 -50.53
CA ASP C 675 -26.26 -16.48 -51.19
C ASP C 675 -25.54 -15.31 -51.85
N TYR C 676 -24.26 -15.11 -51.57
CA TYR C 676 -23.48 -14.04 -52.18
C TYR C 676 -22.36 -14.63 -53.02
N SER C 677 -22.02 -13.93 -54.11
CA SER C 677 -20.97 -14.41 -54.99
C SER C 677 -19.61 -14.52 -54.29
N PRO C 678 -19.16 -13.54 -53.50
CA PRO C 678 -17.91 -13.73 -52.74
C PRO C 678 -18.15 -14.64 -51.54
N PRO C 679 -17.53 -15.81 -51.51
CA PRO C 679 -17.73 -16.72 -50.37
C PRO C 679 -17.20 -16.11 -49.09
N PHE C 680 -17.91 -16.37 -47.99
CA PHE C 680 -17.50 -15.88 -46.68
C PHE C 680 -16.55 -16.87 -46.02
N ARG C 681 -15.46 -16.35 -45.47
CA ARG C 681 -14.46 -17.17 -44.78
C ARG C 681 -14.25 -16.62 -43.38
N PHE C 682 -14.29 -17.51 -42.39
CA PHE C 682 -14.15 -17.12 -40.99
C PHE C 682 -13.04 -17.95 -40.36
N GLY C 683 -12.47 -17.40 -39.29
CA GLY C 683 -11.36 -18.06 -38.60
C GLY C 683 -11.54 -18.04 -37.11
N THR C 684 -11.02 -19.09 -36.48
CA THR C 684 -11.04 -19.22 -35.02
C THR C 684 -9.94 -20.19 -34.61
N VAL C 685 -9.60 -20.13 -33.33
CA VAL C 685 -8.58 -21.01 -32.75
C VAL C 685 -9.26 -22.30 -32.30
N PRO C 686 -8.84 -23.46 -32.78
CA PRO C 686 -9.48 -24.71 -32.36
C PRO C 686 -9.14 -25.06 -30.92
N ASN C 687 -9.84 -26.07 -30.40
CA ASN C 687 -9.65 -26.58 -29.04
C ASN C 687 -9.89 -25.50 -27.98
N GLY C 688 -10.75 -24.53 -28.29
CA GLY C 688 -11.09 -23.46 -27.39
C GLY C 688 -12.50 -23.55 -26.88
N SER C 689 -13.00 -22.43 -26.37
CA SER C 689 -14.35 -22.33 -25.85
C SER C 689 -15.34 -21.77 -26.86
N THR C 690 -14.90 -20.86 -27.73
CA THR C 690 -15.79 -20.31 -28.74
C THR C 690 -16.27 -21.39 -29.70
N GLU C 691 -15.37 -22.28 -30.12
CA GLU C 691 -15.75 -23.37 -31.02
C GLU C 691 -16.76 -24.30 -30.35
N ARG C 692 -16.54 -24.62 -29.07
CA ARG C 692 -17.49 -25.46 -28.35
C ARG C 692 -18.85 -24.79 -28.23
N ASN C 693 -18.86 -23.49 -27.94
CA ASN C 693 -20.13 -22.75 -27.84
C ASN C 693 -20.87 -22.74 -29.17
N ILE C 694 -20.14 -22.54 -30.27
CA ILE C 694 -20.75 -22.57 -31.59
C ILE C 694 -21.31 -23.96 -31.90
N ARG C 695 -20.54 -25.01 -31.54
CA ARG C 695 -20.99 -26.38 -31.79
C ARG C 695 -22.27 -26.69 -31.01
N ASN C 696 -22.33 -26.26 -29.75
CA ASN C 696 -23.51 -26.54 -28.93
C ASN C 696 -24.74 -25.78 -29.39
N ASN C 697 -24.57 -24.71 -30.17
CA ASN C 697 -25.69 -23.89 -30.61
C ASN C 697 -26.01 -24.10 -32.09
N TYR C 698 -25.03 -23.94 -32.97
CA TYR C 698 -25.24 -24.11 -34.41
C TYR C 698 -24.26 -25.15 -34.96
N PRO C 699 -24.69 -26.40 -35.13
CA PRO C 699 -23.79 -27.40 -35.72
C PRO C 699 -23.36 -27.06 -37.14
N TYR C 700 -24.25 -26.46 -37.93
CA TYR C 700 -23.88 -26.08 -39.30
C TYR C 700 -22.79 -25.02 -39.30
N MET C 701 -22.86 -24.06 -38.39
CA MET C 701 -21.81 -23.05 -38.29
C MET C 701 -20.47 -23.68 -37.92
N HIS C 702 -20.49 -24.66 -37.01
CA HIS C 702 -19.25 -25.37 -36.66
C HIS C 702 -18.71 -26.14 -37.86
N GLN C 703 -19.59 -26.79 -38.62
CA GLN C 703 -19.14 -27.53 -39.80
C GLN C 703 -18.51 -26.59 -40.82
N TYR C 704 -19.12 -25.43 -41.03
CA TYR C 704 -18.54 -24.45 -41.95
C TYR C 704 -17.24 -23.87 -41.40
N MET C 705 -17.12 -23.73 -40.08
CA MET C 705 -15.91 -23.20 -39.46
C MET C 705 -14.75 -24.18 -39.57
N THR C 706 -15.04 -25.49 -39.52
CA THR C 706 -13.98 -26.48 -39.58
C THR C 706 -13.19 -26.43 -40.88
N LYS C 707 -13.77 -25.87 -41.95
CA LYS C 707 -13.04 -25.77 -43.21
C LYS C 707 -11.91 -24.75 -43.12
N PHE C 708 -12.16 -23.61 -42.49
CA PHE C 708 -11.18 -22.54 -42.37
C PHE C 708 -10.87 -22.31 -40.89
N ASN C 709 -9.67 -22.72 -40.46
CA ASN C 709 -9.24 -22.57 -39.09
C ASN C 709 -7.86 -21.95 -39.04
N GLN C 710 -7.59 -21.23 -37.95
CA GLN C 710 -6.31 -20.58 -37.72
C GLN C 710 -5.77 -21.01 -36.36
N LYS C 711 -4.45 -21.15 -36.27
CA LYS C 711 -3.80 -21.70 -35.08
C LYS C 711 -3.13 -20.61 -34.23
N GLY C 712 -3.58 -19.37 -34.34
CA GLY C 712 -3.00 -18.32 -33.51
C GLY C 712 -3.60 -16.97 -33.88
N VAL C 713 -3.51 -16.05 -32.92
CA VAL C 713 -3.99 -14.69 -33.14
C VAL C 713 -3.10 -13.97 -34.15
N GLU C 714 -1.79 -14.25 -34.14
CA GLU C 714 -0.89 -13.61 -35.09
C GLU C 714 -1.26 -13.99 -36.52
N ASP C 715 -1.60 -15.26 -36.74
CA ASP C 715 -2.03 -15.68 -38.08
C ASP C 715 -3.30 -14.96 -38.51
N ALA C 716 -4.24 -14.79 -37.58
CA ALA C 716 -5.47 -14.06 -37.89
C ALA C 716 -5.17 -12.60 -38.25
N LEU C 717 -4.27 -11.97 -37.50
CA LEU C 717 -3.90 -10.59 -37.79
C LEU C 717 -3.22 -10.48 -39.16
N VAL C 718 -2.34 -11.43 -39.48
CA VAL C 718 -1.68 -11.41 -40.78
C VAL C 718 -2.70 -11.60 -41.90
N SER C 719 -3.64 -12.52 -41.72
CA SER C 719 -4.67 -12.75 -42.74
C SER C 719 -5.54 -11.51 -42.93
N LEU C 720 -5.91 -10.84 -41.83
CA LEU C 720 -6.70 -9.62 -41.94
C LEU C 720 -5.93 -8.51 -42.64
N LYS C 721 -4.63 -8.38 -42.33
CA LYS C 721 -3.82 -7.36 -42.99
C LYS C 721 -3.67 -7.64 -44.48
N THR C 722 -3.48 -8.91 -44.84
CA THR C 722 -3.30 -9.29 -46.23
C THR C 722 -4.61 -9.61 -46.94
N GLY C 723 -5.75 -9.53 -46.24
CA GLY C 723 -7.02 -9.81 -46.85
C GLY C 723 -7.36 -11.28 -47.01
N LYS C 724 -6.55 -12.18 -46.44
CA LYS C 724 -6.79 -13.61 -46.56
C LYS C 724 -8.00 -14.07 -45.74
N LEU C 725 -8.50 -13.24 -44.82
CA LEU C 725 -9.65 -13.58 -44.01
C LEU C 725 -10.63 -12.40 -44.00
N ASP C 726 -11.93 -12.72 -44.00
CA ASP C 726 -12.96 -11.69 -43.99
C ASP C 726 -13.30 -11.24 -42.57
N ALA C 727 -13.71 -12.18 -41.73
CA ALA C 727 -14.09 -11.88 -40.35
C ALA C 727 -13.42 -12.87 -39.40
N PHE C 728 -13.10 -12.39 -38.21
CA PHE C 728 -12.46 -13.20 -37.18
C PHE C 728 -13.29 -13.12 -35.90
N ILE C 729 -13.51 -14.27 -35.27
CA ILE C 729 -14.33 -14.37 -34.07
C ILE C 729 -13.47 -14.91 -32.94
N TYR C 730 -13.46 -14.21 -31.81
CA TYR C 730 -12.71 -14.62 -30.63
C TYR C 730 -13.30 -13.91 -29.43
N ASP C 731 -12.60 -13.97 -28.30
CA ASP C 731 -13.06 -13.33 -27.07
C ASP C 731 -13.07 -11.82 -27.24
N ALA C 732 -14.01 -11.17 -26.54
CA ALA C 732 -14.15 -9.72 -26.66
C ALA C 732 -12.93 -8.98 -26.13
N ALA C 733 -12.36 -9.46 -25.01
CA ALA C 733 -11.26 -8.75 -24.38
C ALA C 733 -10.03 -8.72 -25.27
N VAL C 734 -9.66 -9.86 -25.85
CA VAL C 734 -8.46 -9.93 -26.67
C VAL C 734 -8.64 -9.13 -27.95
N LEU C 735 -9.84 -9.17 -28.55
CA LEU C 735 -10.09 -8.38 -29.75
C LEU C 735 -10.03 -6.89 -29.45
N ASN C 736 -10.59 -6.46 -28.31
CA ASN C 736 -10.50 -5.06 -27.93
C ASN C 736 -9.06 -4.65 -27.67
N TYR C 737 -8.28 -5.52 -27.03
CA TYR C 737 -6.87 -5.22 -26.79
C TYR C 737 -6.11 -5.06 -28.12
N LYS C 738 -6.36 -5.97 -29.07
CA LYS C 738 -5.69 -5.87 -30.37
C LYS C 738 -6.11 -4.61 -31.11
N ALA C 739 -7.39 -4.26 -31.06
CA ALA C 739 -7.85 -3.04 -31.71
C ALA C 739 -7.22 -1.81 -31.07
N GLY C 740 -7.10 -1.80 -29.74
CA GLY C 740 -6.44 -0.69 -29.06
C GLY C 740 -4.97 -0.57 -29.41
N ARG C 741 -4.30 -1.70 -29.60
CA ARG C 741 -2.89 -1.68 -29.99
C ARG C 741 -2.68 -1.88 -31.48
N ASP C 742 -3.75 -1.81 -32.28
CA ASP C 742 -3.61 -1.91 -33.72
C ASP C 742 -3.00 -0.63 -34.29
N GLU C 743 -2.26 -0.79 -35.38
CA GLU C 743 -1.61 0.33 -36.05
C GLU C 743 -2.45 0.79 -37.24
N GLY C 744 -2.69 2.09 -37.32
CA GLY C 744 -3.46 2.67 -38.40
C GLY C 744 -4.95 2.76 -38.16
N CYS C 745 -5.46 2.19 -37.08
CA CYS C 745 -6.88 2.22 -36.74
C CYS C 745 -7.74 1.63 -37.85
N LYS C 746 -7.20 0.67 -38.60
CA LYS C 746 -7.94 0.05 -39.69
C LYS C 746 -8.66 -1.23 -39.27
N LEU C 747 -8.53 -1.65 -38.01
CA LEU C 747 -9.17 -2.86 -37.51
C LEU C 747 -9.92 -2.51 -36.24
N VAL C 748 -11.26 -2.45 -36.33
CA VAL C 748 -12.11 -2.10 -35.20
C VAL C 748 -13.26 -3.09 -35.13
N THR C 749 -13.86 -3.18 -33.95
CA THR C 749 -15.02 -4.03 -33.73
C THR C 749 -16.30 -3.27 -34.07
N ILE C 750 -17.41 -4.01 -34.09
CA ILE C 750 -18.71 -3.44 -34.46
C ILE C 750 -19.34 -2.93 -33.16
N GLY C 751 -18.98 -1.70 -32.79
CA GLY C 751 -19.56 -1.04 -31.64
C GLY C 751 -19.30 -1.77 -30.33
N SER C 752 -20.23 -1.58 -29.40
CA SER C 752 -20.17 -2.23 -28.10
C SER C 752 -21.58 -2.59 -27.66
N GLY C 753 -21.68 -3.58 -26.77
CA GLY C 753 -22.95 -4.03 -26.27
C GLY C 753 -23.63 -5.11 -27.09
N TYR C 754 -23.05 -5.48 -28.23
CA TYR C 754 -23.59 -6.53 -29.09
C TYR C 754 -22.92 -7.88 -28.84
N ILE C 755 -22.40 -8.09 -27.64
CA ILE C 755 -21.75 -9.36 -27.30
C ILE C 755 -22.80 -10.46 -27.23
N PHE C 756 -22.52 -11.59 -27.87
CA PHE C 756 -23.47 -12.69 -27.88
C PHE C 756 -23.73 -13.24 -26.48
N ALA C 757 -22.67 -13.39 -25.69
CA ALA C 757 -22.78 -13.92 -24.33
C ALA C 757 -21.79 -13.20 -23.44
N THR C 758 -22.27 -12.21 -22.69
CA THR C 758 -21.42 -11.46 -21.77
C THR C 758 -21.09 -12.32 -20.56
N THR C 759 -19.84 -12.78 -20.48
CA THR C 759 -19.40 -13.62 -19.38
C THR C 759 -17.99 -13.20 -18.97
N GLY C 760 -17.69 -13.34 -17.68
CA GLY C 760 -16.41 -12.96 -17.13
C GLY C 760 -15.40 -14.08 -17.18
N TYR C 761 -14.33 -13.92 -16.40
CA TYR C 761 -13.26 -14.91 -16.30
C TYR C 761 -13.25 -15.63 -14.97
N GLY C 762 -13.17 -14.90 -13.86
CA GLY C 762 -13.12 -15.52 -12.56
C GLY C 762 -11.79 -16.19 -12.29
N ILE C 763 -11.73 -16.88 -11.15
CA ILE C 763 -10.55 -17.63 -10.73
C ILE C 763 -10.98 -19.07 -10.48
N ALA C 764 -10.43 -19.99 -11.27
CA ALA C 764 -10.78 -21.40 -11.15
C ALA C 764 -10.12 -21.99 -9.91
N LEU C 765 -10.93 -22.60 -9.04
CA LEU C 765 -10.45 -23.19 -7.80
C LEU C 765 -10.72 -24.70 -7.79
N GLN C 766 -10.41 -25.32 -6.66
CA GLN C 766 -10.67 -26.73 -6.44
C GLN C 766 -11.97 -26.92 -5.68
N LYS C 767 -12.67 -28.02 -5.97
CA LYS C 767 -13.94 -28.29 -5.32
C LYS C 767 -13.74 -28.46 -3.82
N GLY C 768 -14.60 -27.82 -3.04
CA GLY C 768 -14.52 -27.88 -1.59
C GLY C 768 -13.48 -26.98 -0.96
N SER C 769 -12.81 -26.14 -1.74
CA SER C 769 -11.81 -25.25 -1.18
C SER C 769 -12.48 -24.13 -0.40
N PRO C 770 -12.11 -23.89 0.86
CA PRO C 770 -12.72 -22.81 1.64
C PRO C 770 -12.22 -21.43 1.28
N TRP C 771 -11.24 -21.32 0.38
CA TRP C 771 -10.68 -20.02 0.01
C TRP C 771 -11.60 -19.22 -0.91
N LYS C 772 -12.67 -19.83 -1.42
CA LYS C 772 -13.53 -19.13 -2.38
C LYS C 772 -14.19 -17.92 -1.74
N ARG C 773 -14.65 -18.04 -0.49
CA ARG C 773 -15.29 -16.92 0.18
C ARG C 773 -14.34 -15.74 0.32
N GLN C 774 -13.12 -16.01 0.80
CA GLN C 774 -12.13 -14.96 0.97
C GLN C 774 -11.76 -14.33 -0.37
N ILE C 775 -11.63 -15.16 -1.42
CA ILE C 775 -11.26 -14.65 -2.73
C ILE C 775 -12.33 -13.71 -3.27
N ASP C 776 -13.60 -14.14 -3.17
CA ASP C 776 -14.67 -13.29 -3.71
C ASP C 776 -14.83 -12.02 -2.88
N LEU C 777 -14.67 -12.11 -1.55
CA LEU C 777 -14.73 -10.91 -0.73
C LEU C 777 -13.62 -9.93 -1.09
N ALA C 778 -12.40 -10.44 -1.30
CA ALA C 778 -11.29 -9.58 -1.69
C ALA C 778 -11.55 -8.93 -3.05
N LEU C 779 -12.06 -9.72 -4.01
CA LEU C 779 -12.33 -9.16 -5.33
C LEU C 779 -13.42 -8.08 -5.26
N LEU C 780 -14.47 -8.32 -4.48
CA LEU C 780 -15.53 -7.33 -4.33
C LEU C 780 -15.00 -6.06 -3.65
N GLN C 781 -14.16 -6.22 -2.63
CA GLN C 781 -13.58 -5.04 -1.99
C GLN C 781 -12.71 -4.26 -2.96
N PHE C 782 -11.92 -4.97 -3.78
CA PHE C 782 -11.06 -4.30 -4.75
C PHE C 782 -11.88 -3.54 -5.79
N VAL C 783 -12.95 -4.16 -6.30
CA VAL C 783 -13.75 -3.49 -7.32
C VAL C 783 -14.54 -2.33 -6.72
N GLY C 784 -14.96 -2.45 -5.45
CA GLY C 784 -15.65 -1.35 -4.80
C GLY C 784 -14.73 -0.16 -4.54
N ASP C 785 -13.50 -0.44 -4.12
CA ASP C 785 -12.54 0.63 -3.85
C ASP C 785 -11.91 1.19 -5.11
N GLY C 786 -12.11 0.56 -6.25
CA GLY C 786 -11.52 1.04 -7.50
C GLY C 786 -10.00 1.02 -7.50
N GLU C 787 -9.40 -0.05 -6.98
CA GLU C 787 -7.94 -0.16 -6.94
C GLU C 787 -7.35 -0.71 -8.22
N MET C 788 -8.18 -1.12 -9.19
CA MET C 788 -7.70 -1.64 -10.46
C MET C 788 -7.71 -0.62 -11.57
N GLU C 789 -8.08 0.63 -11.28
CA GLU C 789 -8.17 1.64 -12.34
C GLU C 789 -6.81 1.93 -12.95
N GLU C 790 -5.76 2.02 -12.13
CA GLU C 790 -4.43 2.27 -12.67
C GLU C 790 -3.96 1.11 -13.53
N LEU C 791 -4.22 -0.13 -13.10
CA LEU C 791 -3.86 -1.28 -13.91
C LEU C 791 -4.60 -1.29 -15.24
N GLU C 792 -5.90 -0.95 -15.22
CA GLU C 792 -6.67 -0.89 -16.45
C GLU C 792 -6.13 0.19 -17.38
N THR C 793 -5.77 1.36 -16.82
CA THR C 793 -5.28 2.45 -17.66
C THR C 793 -3.88 2.18 -18.20
N CYS C 794 -3.06 1.42 -17.48
CA CYS C 794 -1.70 1.19 -17.94
C CYS C 794 -1.59 -0.02 -18.85
N TRP C 795 -2.13 -1.17 -18.43
CA TRP C 795 -2.00 -2.38 -19.25
C TRP C 795 -2.93 -2.33 -20.46
N LEU C 796 -4.13 -1.78 -20.29
CA LEU C 796 -5.13 -1.75 -21.35
C LEU C 796 -5.25 -0.31 -21.85
N THR C 797 -4.40 0.04 -22.81
CA THR C 797 -4.43 1.36 -23.43
C THR C 797 -3.74 1.27 -24.77
N GLY C 798 -3.99 2.27 -25.62
CA GLY C 798 -3.37 2.29 -26.92
C GLY C 798 -4.02 3.34 -27.80
N ILE C 799 -3.60 3.33 -29.08
CA ILE C 799 -4.11 4.26 -30.08
C ILE C 799 -5.53 3.87 -30.46
N CYS C 800 -6.22 4.77 -31.16
CA CYS C 800 -7.58 4.53 -31.65
C CYS C 800 -8.55 4.31 -30.48
N HIS C 801 -8.67 5.34 -29.65
CA HIS C 801 -9.57 5.29 -28.49
C HIS C 801 -11.03 5.26 -28.94
N ASP C 813 -20.95 15.72 -52.37
CA ASP C 813 -20.31 14.51 -52.87
C ASP C 813 -21.35 13.55 -53.44
N ILE C 814 -21.73 12.56 -52.65
CA ILE C 814 -22.74 11.60 -53.09
C ILE C 814 -24.10 12.27 -53.25
N ASP C 815 -24.40 13.23 -52.38
CA ASP C 815 -25.68 13.92 -52.43
C ASP C 815 -25.80 14.87 -53.63
N ASN C 816 -24.70 15.15 -54.32
CA ASN C 816 -24.75 16.05 -55.47
C ASN C 816 -25.60 15.46 -56.60
N MET C 817 -25.49 14.15 -56.84
CA MET C 817 -26.31 13.51 -57.86
C MET C 817 -27.79 13.60 -57.52
N ALA C 818 -28.15 13.36 -56.24
CA ALA C 818 -29.54 13.50 -55.83
C ALA C 818 -30.01 14.93 -55.99
N GLY C 819 -29.18 15.90 -55.63
CA GLY C 819 -29.57 17.29 -55.76
C GLY C 819 -29.80 17.70 -57.20
N VAL C 820 -28.91 17.27 -58.12
CA VAL C 820 -29.08 17.64 -59.51
C VAL C 820 -30.27 16.90 -60.13
N PHE C 821 -30.52 15.66 -59.70
CA PHE C 821 -31.66 14.92 -60.23
C PHE C 821 -33.00 15.41 -59.68
N TYR C 822 -33.00 16.05 -58.51
CA TYR C 822 -34.25 16.54 -57.95
C TYR C 822 -34.90 17.59 -58.83
N MET C 823 -34.10 18.51 -59.37
CA MET C 823 -34.66 19.58 -60.20
C MET C 823 -34.89 19.14 -61.65
N LEU C 824 -34.31 18.02 -62.06
CA LEU C 824 -34.50 17.55 -63.43
C LEU C 824 -35.96 17.17 -63.69
N ALA C 825 -36.61 16.53 -62.70
CA ALA C 825 -38.02 16.19 -62.86
C ALA C 825 -38.89 17.44 -63.00
N ALA C 826 -38.62 18.46 -62.19
CA ALA C 826 -39.37 19.70 -62.29
C ALA C 826 -39.14 20.39 -63.62
N ALA C 827 -37.89 20.39 -64.09
CA ALA C 827 -37.59 21.00 -65.39
C ALA C 827 -38.30 20.26 -66.52
N MET C 828 -38.30 18.92 -66.47
CA MET C 828 -39.00 18.15 -67.49
C MET C 828 -40.50 18.39 -67.45
N ALA C 829 -41.07 18.49 -66.25
CA ALA C 829 -42.50 18.77 -66.14
C ALA C 829 -42.84 20.14 -66.71
N LEU C 830 -42.01 21.15 -66.41
CA LEU C 830 -42.24 22.48 -66.96
C LEU C 830 -42.11 22.49 -68.48
N SER C 831 -41.12 21.76 -69.00
CA SER C 831 -40.96 21.68 -70.45
C SER C 831 -42.17 21.02 -71.10
N LEU C 832 -42.67 19.94 -70.50
CA LEU C 832 -43.86 19.28 -71.04
C LEU C 832 -45.08 20.20 -70.99
N ILE C 833 -45.22 20.95 -69.89
CA ILE C 833 -46.36 21.85 -69.76
C ILE C 833 -46.30 22.95 -70.82
N THR C 834 -45.13 23.56 -70.99
CA THR C 834 -45.01 24.62 -71.98
C THR C 834 -45.06 24.10 -73.42
N PHE C 835 -44.73 22.83 -73.63
CA PHE C 835 -44.88 22.25 -74.97
C PHE C 835 -46.35 21.96 -75.28
N ILE C 836 -47.09 21.42 -74.31
CA ILE C 836 -48.49 21.11 -74.54
C ILE C 836 -49.36 22.36 -74.53
N TRP C 837 -48.92 23.43 -73.88
CA TRP C 837 -49.65 24.69 -73.89
C TRP C 837 -49.06 25.67 -74.90
N LYS D 25 -2.27 -39.21 62.62
CA LYS D 25 -2.94 -39.35 61.33
C LYS D 25 -4.35 -39.89 61.53
N ILE D 26 -5.02 -39.46 62.59
CA ILE D 26 -6.37 -39.89 62.92
C ILE D 26 -7.33 -38.77 62.53
N VAL D 27 -8.22 -39.06 61.58
CA VAL D 27 -9.20 -38.09 61.11
C VAL D 27 -10.57 -38.75 61.07
N ASN D 28 -11.61 -37.91 61.04
CA ASN D 28 -12.99 -38.35 60.98
C ASN D 28 -13.66 -37.72 59.77
N ILE D 29 -14.48 -38.51 59.07
CA ILE D 29 -15.18 -38.06 57.88
C ILE D 29 -16.68 -38.16 58.14
N GLY D 30 -17.39 -37.05 57.98
CA GLY D 30 -18.83 -37.04 58.15
C GLY D 30 -19.57 -37.37 56.86
N ALA D 31 -20.75 -37.96 57.03
CA ALA D 31 -21.58 -38.36 55.90
C ALA D 31 -23.03 -37.97 56.17
N VAL D 32 -23.75 -37.68 55.10
CA VAL D 32 -25.19 -37.39 55.15
C VAL D 32 -25.89 -38.50 54.40
N LEU D 33 -26.66 -39.31 55.12
CA LEU D 33 -27.27 -40.52 54.57
C LEU D 33 -28.77 -40.51 54.83
N SER D 34 -29.47 -41.46 54.21
CA SER D 34 -30.93 -41.44 54.23
C SER D 34 -31.51 -42.07 55.49
N THR D 35 -31.23 -43.35 55.72
CA THR D 35 -31.85 -44.10 56.80
C THR D 35 -30.79 -44.82 57.63
N ARG D 36 -31.22 -45.34 58.78
CA ARG D 36 -30.29 -45.94 59.73
C ARG D 36 -29.61 -47.18 59.16
N LYS D 37 -30.37 -48.03 58.46
CA LYS D 37 -29.77 -49.22 57.87
C LYS D 37 -28.76 -48.85 56.79
N HIS D 38 -29.08 -47.83 55.99
CA HIS D 38 -28.10 -47.32 55.03
C HIS D 38 -26.87 -46.77 55.76
N GLU D 39 -27.09 -46.08 56.89
CA GLU D 39 -25.97 -45.53 57.65
C GLU D 39 -25.03 -46.64 58.13
N GLN D 40 -25.59 -47.71 58.69
CA GLN D 40 -24.75 -48.78 59.21
C GLN D 40 -24.08 -49.57 58.09
N MET D 41 -24.79 -49.76 56.97
CA MET D 41 -24.18 -50.50 55.86
C MET D 41 -23.06 -49.68 55.22
N PHE D 42 -23.20 -48.36 55.16
CA PHE D 42 -22.12 -47.52 54.65
C PHE D 42 -20.98 -47.44 55.65
N ARG D 43 -21.28 -47.49 56.95
CA ARG D 43 -20.21 -47.53 57.95
C ARG D 43 -19.39 -48.81 57.81
N GLU D 44 -20.05 -49.95 57.65
CA GLU D 44 -19.30 -51.18 57.47
C GLU D 44 -18.58 -51.21 56.12
N ALA D 45 -19.16 -50.57 55.10
CA ALA D 45 -18.49 -50.47 53.80
C ALA D 45 -17.21 -49.67 53.91
N VAL D 46 -17.24 -48.52 54.60
CA VAL D 46 -16.02 -47.73 54.73
C VAL D 46 -15.03 -48.43 55.65
N ASN D 47 -15.51 -49.18 56.64
CA ASN D 47 -14.61 -49.96 57.48
C ASN D 47 -13.86 -51.02 56.67
N GLN D 48 -14.59 -51.75 55.80
CA GLN D 48 -13.93 -52.76 54.99
C GLN D 48 -13.08 -52.13 53.90
N ALA D 49 -13.41 -50.92 53.45
CA ALA D 49 -12.53 -50.20 52.55
C ALA D 49 -11.24 -49.79 53.25
N ASN D 50 -11.32 -49.47 54.53
CA ASN D 50 -10.11 -49.24 55.31
C ASN D 50 -9.32 -50.54 55.50
N LYS D 51 -10.02 -51.67 55.61
CA LYS D 51 -9.37 -52.96 55.82
C LYS D 51 -8.95 -53.65 54.53
N ARG D 52 -9.37 -53.16 53.36
CA ARG D 52 -9.01 -53.78 52.09
C ARG D 52 -7.61 -53.36 51.66
N HIS D 53 -7.29 -53.57 50.37
CA HIS D 53 -5.98 -53.30 49.78
C HIS D 53 -5.29 -52.07 50.34
N GLY D 54 -6.04 -50.98 50.52
CA GLY D 54 -5.48 -49.81 51.18
C GLY D 54 -5.52 -49.96 52.68
N SER D 55 -4.37 -50.28 53.27
CA SER D 55 -4.27 -50.60 54.69
C SER D 55 -2.81 -50.44 55.11
N TRP D 56 -2.48 -50.95 56.29
CA TRP D 56 -1.13 -50.93 56.85
C TRP D 56 -0.68 -49.49 57.14
N LYS D 57 -1.57 -48.70 57.71
CA LYS D 57 -1.28 -47.34 58.13
C LYS D 57 -2.32 -46.93 59.17
N ILE D 58 -2.26 -45.67 59.62
CA ILE D 58 -3.22 -45.19 60.60
C ILE D 58 -4.57 -45.00 59.92
N GLN D 59 -5.61 -45.60 60.49
CA GLN D 59 -6.93 -45.59 59.89
C GLN D 59 -7.68 -44.31 60.27
N LEU D 60 -8.93 -44.22 59.83
CA LEU D 60 -9.76 -43.05 60.08
C LEU D 60 -11.13 -43.51 60.58
N ASN D 61 -11.80 -42.60 61.30
CA ASN D 61 -13.10 -42.88 61.87
C ASN D 61 -14.20 -42.69 60.82
N ALA D 62 -15.44 -42.92 61.24
CA ALA D 62 -16.60 -42.77 60.37
C ALA D 62 -17.70 -42.02 61.11
N THR D 63 -18.35 -41.10 60.40
CA THR D 63 -19.45 -40.32 60.96
C THR D 63 -20.55 -40.19 59.92
N SER D 64 -21.79 -40.38 60.36
CA SER D 64 -22.95 -40.32 59.48
C SER D 64 -24.04 -39.47 60.12
N VAL D 65 -24.82 -38.79 59.27
CA VAL D 65 -25.94 -37.97 59.70
C VAL D 65 -27.07 -38.17 58.72
N THR D 66 -28.28 -37.76 59.13
CA THR D 66 -29.48 -37.94 58.34
C THR D 66 -29.87 -36.64 57.64
N HIS D 67 -30.69 -36.78 56.59
CA HIS D 67 -31.22 -35.64 55.85
C HIS D 67 -32.47 -35.12 56.57
N LYS D 68 -32.24 -34.56 57.75
CA LYS D 68 -33.34 -34.07 58.57
C LYS D 68 -33.93 -32.80 57.95
N PRO D 69 -35.26 -32.72 57.81
CA PRO D 69 -35.84 -31.56 57.11
C PRO D 69 -35.55 -30.22 57.77
N ASN D 70 -35.44 -30.17 59.09
CA ASN D 70 -35.21 -28.91 59.79
C ASN D 70 -33.86 -28.31 59.42
N ALA D 71 -33.87 -27.19 58.72
CA ALA D 71 -32.65 -26.63 58.15
C ALA D 71 -31.70 -26.14 59.24
N ILE D 72 -32.21 -25.36 60.19
CA ILE D 72 -31.35 -24.81 61.24
C ILE D 72 -30.78 -25.93 62.10
N GLN D 73 -31.62 -26.90 62.49
CA GLN D 73 -31.17 -28.01 63.31
C GLN D 73 -30.12 -28.84 62.57
N MET D 74 -30.36 -29.14 61.29
CA MET D 74 -29.39 -29.94 60.54
C MET D 74 -28.08 -29.18 60.35
N ALA D 75 -28.15 -27.86 60.14
CA ALA D 75 -26.93 -27.08 59.97
C ALA D 75 -26.12 -27.05 61.26
N LEU D 76 -26.78 -26.83 62.41
CA LEU D 76 -26.03 -26.80 63.66
C LEU D 76 -25.48 -28.18 64.00
N SER D 77 -26.24 -29.24 63.70
CA SER D 77 -25.72 -30.59 63.92
C SER D 77 -24.51 -30.86 63.04
N VAL D 78 -24.56 -30.45 61.78
CA VAL D 78 -23.42 -30.63 60.88
C VAL D 78 -22.21 -29.90 61.41
N CYS D 79 -22.39 -28.63 61.80
CA CYS D 79 -21.29 -27.89 62.43
C CYS D 79 -20.69 -28.68 63.59
N GLU D 80 -21.51 -28.96 64.60
CA GLU D 80 -21.00 -29.53 65.84
C GLU D 80 -20.35 -30.90 65.61
N ASP D 81 -20.92 -31.72 64.73
CA ASP D 81 -20.38 -33.06 64.52
C ASP D 81 -19.17 -33.04 63.58
N LEU D 82 -19.38 -32.62 62.33
CA LEU D 82 -18.32 -32.73 61.34
C LEU D 82 -17.19 -31.75 61.61
N ILE D 83 -17.53 -30.47 61.86
CA ILE D 83 -16.50 -29.45 61.93
C ILE D 83 -15.57 -29.68 63.12
N SER D 84 -16.10 -30.18 64.22
CA SER D 84 -15.28 -30.50 65.38
C SER D 84 -14.52 -31.80 65.23
N SER D 85 -14.77 -32.57 64.17
CA SER D 85 -14.15 -33.89 63.99
C SER D 85 -13.10 -33.90 62.87
N GLN D 86 -12.58 -32.73 62.49
CA GLN D 86 -11.49 -32.62 61.51
C GLN D 86 -11.87 -33.27 60.18
N VAL D 87 -13.06 -32.94 59.68
CA VAL D 87 -13.52 -33.48 58.41
C VAL D 87 -12.81 -32.78 57.27
N TYR D 88 -12.43 -33.55 56.24
CA TYR D 88 -11.81 -33.01 55.04
C TYR D 88 -12.69 -33.15 53.80
N ALA D 89 -13.71 -34.01 53.84
CA ALA D 89 -14.63 -34.18 52.74
C ALA D 89 -16.04 -34.38 53.29
N ILE D 90 -17.03 -34.06 52.48
CA ILE D 90 -18.44 -34.15 52.86
C ILE D 90 -19.11 -35.17 51.96
N LEU D 91 -19.80 -36.13 52.57
CA LEU D 91 -20.51 -37.18 51.84
C LEU D 91 -22.00 -36.86 51.89
N VAL D 92 -22.52 -36.30 50.80
CA VAL D 92 -23.93 -35.94 50.68
C VAL D 92 -24.60 -36.91 49.73
N SER D 93 -25.70 -37.52 50.18
CA SER D 93 -26.43 -38.50 49.41
C SER D 93 -27.72 -37.91 48.86
N HIS D 94 -28.40 -38.69 48.03
CA HIS D 94 -29.67 -38.27 47.47
C HIS D 94 -30.74 -38.21 48.57
N PRO D 95 -31.64 -37.23 48.52
CA PRO D 95 -32.71 -37.14 49.52
C PRO D 95 -33.57 -38.38 49.50
N PRO D 96 -34.06 -38.82 50.67
CA PRO D 96 -34.89 -40.04 50.71
C PRO D 96 -36.20 -39.92 49.95
N THR D 97 -36.69 -38.71 49.72
CA THR D 97 -37.96 -38.52 49.01
C THR D 97 -37.69 -37.99 47.61
N PRO D 98 -37.85 -38.81 46.56
CA PRO D 98 -37.65 -38.31 45.19
C PRO D 98 -38.59 -37.17 44.83
N ASN D 99 -39.81 -37.17 45.34
CA ASN D 99 -40.77 -36.12 44.99
C ASN D 99 -40.29 -34.75 45.46
N ASP D 100 -39.77 -34.68 46.68
CA ASP D 100 -39.25 -33.42 47.20
C ASP D 100 -37.86 -33.15 46.64
N HIS D 101 -37.61 -31.89 46.28
CA HIS D 101 -36.31 -31.53 45.71
C HIS D 101 -35.19 -31.72 46.74
N PHE D 102 -35.25 -30.98 47.84
CA PHE D 102 -34.25 -31.02 48.90
C PHE D 102 -32.84 -30.87 48.33
N THR D 103 -32.64 -29.75 47.63
CA THR D 103 -31.37 -29.50 46.97
C THR D 103 -30.27 -29.32 48.02
N PRO D 104 -29.10 -29.95 47.84
CA PRO D 104 -27.99 -29.84 48.79
C PRO D 104 -27.21 -28.52 48.67
N THR D 105 -27.93 -27.41 48.70
CA THR D 105 -27.32 -26.09 48.62
C THR D 105 -26.74 -25.62 49.95
N PRO D 106 -27.46 -25.72 51.09
CA PRO D 106 -26.88 -25.24 52.35
C PRO D 106 -25.61 -25.95 52.76
N VAL D 107 -25.52 -27.26 52.50
CA VAL D 107 -24.31 -28.00 52.85
C VAL D 107 -23.13 -27.52 52.03
N SER D 108 -23.34 -27.30 50.73
CA SER D 108 -22.26 -26.79 49.88
C SER D 108 -21.86 -25.38 50.31
N TYR D 109 -22.84 -24.54 50.67
CA TYR D 109 -22.54 -23.19 51.13
C TYR D 109 -21.71 -23.21 52.41
N THR D 110 -22.06 -24.09 53.35
CA THR D 110 -21.29 -24.21 54.58
C THR D 110 -19.89 -24.73 54.31
N ALA D 111 -19.77 -25.71 53.41
CA ALA D 111 -18.45 -26.27 53.11
C ALA D 111 -17.59 -25.32 52.28
N GLY D 112 -18.20 -24.31 51.64
CA GLY D 112 -17.44 -23.37 50.84
C GLY D 112 -16.63 -22.37 51.64
N PHE D 113 -16.91 -22.23 52.93
CA PHE D 113 -16.14 -21.30 53.76
C PHE D 113 -14.67 -21.73 53.85
N TYR D 114 -14.43 -23.03 54.02
CA TYR D 114 -13.08 -23.56 54.14
C TYR D 114 -12.67 -24.36 52.90
N ARG D 115 -13.36 -24.17 51.78
CA ARG D 115 -13.07 -24.87 50.53
C ARG D 115 -13.09 -26.39 50.73
N ILE D 116 -14.06 -26.86 51.51
CA ILE D 116 -14.18 -28.29 51.81
C ILE D 116 -14.87 -28.98 50.64
N PRO D 117 -14.23 -29.95 50.00
CA PRO D 117 -14.87 -30.65 48.89
C PRO D 117 -16.03 -31.51 49.38
N VAL D 118 -17.01 -31.68 48.50
CA VAL D 118 -18.19 -32.51 48.78
C VAL D 118 -18.34 -33.53 47.66
N LEU D 119 -19.06 -34.60 47.95
CA LEU D 119 -19.28 -35.69 47.00
C LEU D 119 -20.78 -35.96 46.88
N GLY D 120 -21.41 -35.37 45.88
CA GLY D 120 -22.82 -35.61 45.65
C GLY D 120 -23.07 -36.99 45.09
N LEU D 121 -24.23 -37.55 45.44
CA LEU D 121 -24.57 -38.91 45.01
C LEU D 121 -25.15 -38.93 43.60
N THR D 122 -26.32 -38.29 43.42
CA THR D 122 -27.00 -38.32 42.14
C THR D 122 -27.57 -36.96 41.74
N THR D 123 -27.04 -35.87 42.27
CA THR D 123 -27.52 -34.54 41.91
C THR D 123 -27.09 -34.22 40.49
N ARG D 124 -28.04 -34.20 39.56
CA ARG D 124 -27.76 -33.97 38.15
C ARG D 124 -28.10 -32.55 37.70
N MET D 125 -28.38 -31.64 38.63
CA MET D 125 -28.71 -30.27 38.27
C MET D 125 -27.50 -29.57 37.66
N SER D 126 -27.74 -28.83 36.58
CA SER D 126 -26.67 -28.12 35.90
C SER D 126 -26.17 -26.90 36.66
N ILE D 127 -26.92 -26.44 37.66
CA ILE D 127 -26.46 -25.30 38.46
C ILE D 127 -25.22 -25.68 39.27
N TYR D 128 -25.17 -26.93 39.75
CA TYR D 128 -24.02 -27.38 40.52
C TYR D 128 -22.79 -27.60 39.65
N SER D 129 -22.96 -27.72 38.33
CA SER D 129 -21.81 -27.87 37.45
C SER D 129 -20.94 -26.63 37.46
N ASP D 130 -21.55 -25.45 37.51
CA ASP D 130 -20.79 -24.21 37.55
C ASP D 130 -20.03 -24.11 38.87
N LYS D 131 -18.73 -23.79 38.77
CA LYS D 131 -17.88 -23.68 39.94
C LYS D 131 -17.88 -22.28 40.54
N SER D 132 -18.39 -21.27 39.82
CA SER D 132 -18.42 -19.92 40.38
C SER D 132 -19.43 -19.81 41.52
N ILE D 133 -20.64 -20.34 41.31
CA ILE D 133 -21.65 -20.32 42.37
C ILE D 133 -21.25 -21.24 43.50
N HIS D 134 -20.81 -22.45 43.18
CA HIS D 134 -20.38 -23.44 44.17
C HIS D 134 -18.90 -23.70 43.98
N LEU D 135 -18.08 -23.10 44.84
CA LEU D 135 -16.63 -23.21 44.70
C LEU D 135 -16.15 -24.65 44.85
N SER D 136 -16.71 -25.38 45.81
CA SER D 136 -16.31 -26.75 46.11
C SER D 136 -17.52 -27.67 45.99
N PHE D 137 -17.65 -28.35 44.86
CA PHE D 137 -18.71 -29.31 44.65
C PHE D 137 -18.24 -30.35 43.63
N LEU D 138 -18.19 -31.61 44.05
CA LEU D 138 -17.78 -32.71 43.18
C LEU D 138 -18.85 -33.79 43.21
N ARG D 139 -19.02 -34.46 42.08
CA ARG D 139 -20.02 -35.52 41.95
C ARG D 139 -19.56 -36.52 40.92
N THR D 140 -20.13 -37.72 40.99
CA THR D 140 -19.80 -38.82 40.09
C THR D 140 -20.94 -39.13 39.14
N VAL D 141 -21.65 -38.10 38.69
CA VAL D 141 -22.75 -38.26 37.73
C VAL D 141 -22.80 -37.04 36.82
N PRO D 142 -22.78 -37.23 35.51
CA PRO D 142 -22.84 -36.08 34.61
C PRO D 142 -24.20 -35.41 34.66
N PRO D 143 -24.26 -34.10 34.45
CA PRO D 143 -25.55 -33.41 34.43
C PRO D 143 -26.27 -33.64 33.11
N TYR D 144 -27.42 -32.96 32.96
CA TYR D 144 -28.17 -33.04 31.71
C TYR D 144 -27.44 -32.39 30.55
N SER D 145 -26.48 -31.50 30.83
CA SER D 145 -25.74 -30.83 29.77
C SER D 145 -24.85 -31.81 29.00
N HIS D 146 -24.42 -32.89 29.65
CA HIS D 146 -23.58 -33.88 28.98
C HIS D 146 -24.32 -34.69 27.93
N GLN D 147 -25.66 -34.62 27.91
CA GLN D 147 -26.44 -35.27 26.85
C GLN D 147 -26.21 -34.63 25.49
N SER D 148 -25.60 -33.45 25.45
CA SER D 148 -25.32 -32.81 24.17
C SER D 148 -24.36 -33.65 23.33
N SER D 149 -23.38 -34.30 23.98
CA SER D 149 -22.48 -35.19 23.25
C SER D 149 -23.24 -36.36 22.65
N VAL D 150 -24.17 -36.94 23.40
CA VAL D 150 -24.97 -38.05 22.89
C VAL D 150 -25.82 -37.60 21.70
N TRP D 151 -26.44 -36.42 21.83
CA TRP D 151 -27.24 -35.90 20.72
C TRP D 151 -26.38 -35.65 19.49
N PHE D 152 -25.19 -35.10 19.68
CA PHE D 152 -24.29 -34.85 18.55
C PHE D 152 -23.86 -36.16 17.89
N GLU D 153 -23.59 -37.19 18.70
CA GLU D 153 -23.26 -38.50 18.13
C GLU D 153 -24.43 -39.06 17.34
N MET D 154 -25.65 -38.91 17.86
CA MET D 154 -26.83 -39.37 17.13
C MET D 154 -26.97 -38.64 15.80
N MET D 155 -26.76 -37.32 15.81
CA MET D 155 -26.84 -36.56 14.56
C MET D 155 -25.76 -37.01 13.58
N ARG D 156 -24.55 -37.27 14.07
CA ARG D 156 -23.47 -37.69 13.19
C ARG D 156 -23.74 -39.07 12.59
N VAL D 157 -24.27 -40.00 13.38
CA VAL D 157 -24.48 -41.34 12.86
C VAL D 157 -25.72 -41.42 11.99
N TYR D 158 -26.72 -40.56 12.22
CA TYR D 158 -27.93 -40.55 11.44
C TYR D 158 -27.95 -39.46 10.37
N SER D 159 -26.84 -38.73 10.22
CA SER D 159 -26.67 -37.72 9.18
C SER D 159 -27.77 -36.66 9.22
N TRP D 160 -28.12 -36.21 10.42
CA TRP D 160 -29.05 -35.11 10.57
C TRP D 160 -28.30 -33.78 10.48
N ASN D 161 -28.86 -32.85 9.70
CA ASN D 161 -28.24 -31.53 9.51
C ASN D 161 -29.15 -30.38 9.89
N HIS D 162 -30.45 -30.50 9.64
CA HIS D 162 -31.42 -29.46 9.99
C HIS D 162 -32.19 -29.92 11.22
N ILE D 163 -31.96 -29.24 12.36
CA ILE D 163 -32.59 -29.58 13.61
C ILE D 163 -33.13 -28.32 14.26
N ILE D 164 -34.06 -28.51 15.19
CA ILE D 164 -34.60 -27.43 16.01
C ILE D 164 -34.47 -27.84 17.48
N LEU D 165 -34.43 -26.83 18.34
CA LEU D 165 -34.20 -27.03 19.76
C LEU D 165 -35.33 -26.40 20.56
N LEU D 166 -35.86 -27.14 21.53
CA LEU D 166 -36.91 -26.67 22.43
C LEU D 166 -36.35 -26.67 23.85
N VAL D 167 -36.07 -25.47 24.37
CA VAL D 167 -35.46 -25.31 25.67
C VAL D 167 -36.30 -24.34 26.50
N SER D 168 -36.69 -24.75 27.70
CA SER D 168 -37.42 -23.88 28.59
C SER D 168 -36.49 -22.86 29.23
N ASP D 169 -37.07 -21.73 29.65
CA ASP D 169 -36.30 -20.66 30.25
C ASP D 169 -35.86 -21.03 31.66
N ASP D 170 -34.65 -21.58 31.77
CA ASP D 170 -34.10 -21.97 33.06
C ASP D 170 -32.58 -22.01 32.92
N HIS D 171 -31.89 -22.00 34.07
CA HIS D 171 -30.43 -22.05 34.04
C HIS D 171 -29.94 -23.35 33.43
N GLU D 172 -30.55 -24.47 33.79
CA GLU D 172 -30.14 -25.76 33.23
C GLU D 172 -30.38 -25.79 31.72
N GLY D 173 -31.52 -25.29 31.27
CA GLY D 173 -31.81 -25.26 29.84
C GLY D 173 -30.84 -24.36 29.08
N ARG D 174 -30.53 -23.20 29.64
CA ARG D 174 -29.58 -22.30 29.00
C ARG D 174 -28.19 -22.94 28.91
N ALA D 175 -27.77 -23.61 29.98
CA ALA D 175 -26.47 -24.30 29.95
C ALA D 175 -26.48 -25.40 28.90
N ALA D 176 -27.57 -26.17 28.82
CA ALA D 176 -27.64 -27.24 27.83
C ALA D 176 -27.60 -26.70 26.41
N GLN D 177 -28.35 -25.62 26.15
CA GLN D 177 -28.37 -25.09 24.79
C GLN D 177 -27.04 -24.44 24.44
N LYS D 178 -26.38 -23.80 25.40
CA LYS D 178 -25.05 -23.25 25.14
C LYS D 178 -24.05 -24.36 24.83
N ARG D 179 -24.11 -25.46 25.59
CA ARG D 179 -23.24 -26.60 25.30
C ARG D 179 -23.51 -27.17 23.92
N LEU D 180 -24.79 -27.30 23.56
CA LEU D 180 -25.13 -27.83 22.24
C LEU D 180 -24.62 -26.91 21.13
N GLU D 181 -24.78 -25.60 21.29
CA GLU D 181 -24.30 -24.66 20.28
C GLU D 181 -22.78 -24.72 20.15
N THR D 182 -22.08 -24.78 21.29
CA THR D 182 -20.62 -24.86 21.24
C THR D 182 -20.15 -26.15 20.59
N LEU D 183 -20.85 -27.27 20.85
CA LEU D 183 -20.45 -28.55 20.27
C LEU D 183 -20.81 -28.63 18.79
N LEU D 184 -21.85 -27.92 18.37
CA LEU D 184 -22.28 -27.98 16.98
C LEU D 184 -21.58 -26.96 16.08
N GLU D 185 -21.08 -25.86 16.65
CA GLU D 185 -20.46 -24.82 15.82
C GLU D 185 -19.12 -25.26 15.25
N GLU D 186 -18.53 -26.34 15.75
CA GLU D 186 -17.25 -26.79 15.21
C GLU D 186 -17.38 -27.32 13.79
N ARG D 187 -18.57 -27.81 13.43
CA ARG D 187 -18.84 -28.31 12.08
C ARG D 187 -19.52 -27.27 11.20
N GLU D 188 -19.59 -26.03 11.67
CA GLU D 188 -20.25 -24.94 10.94
C GLU D 188 -21.71 -25.28 10.65
N SER D 189 -22.40 -25.76 11.67
CA SER D 189 -23.81 -26.10 11.59
C SER D 189 -24.60 -25.31 12.62
N LYS D 190 -25.74 -24.77 12.21
CA LYS D 190 -26.58 -23.95 13.07
C LYS D 190 -28.03 -24.42 12.98
N ALA D 191 -28.69 -24.47 14.13
CA ALA D 191 -30.11 -24.84 14.16
C ALA D 191 -30.94 -23.76 13.48
N GLU D 192 -31.97 -24.19 12.75
CA GLU D 192 -32.82 -23.25 12.03
C GLU D 192 -33.55 -22.32 12.98
N LYS D 193 -34.12 -22.87 14.06
CA LYS D 193 -34.86 -22.09 15.03
C LYS D 193 -34.64 -22.67 16.42
N VAL D 194 -34.59 -21.77 17.41
CA VAL D 194 -34.46 -22.15 18.81
C VAL D 194 -35.56 -21.44 19.59
N LEU D 195 -36.58 -22.20 19.98
CA LEU D 195 -37.71 -21.64 20.71
C LEU D 195 -37.47 -21.73 22.22
N GLN D 196 -38.30 -21.02 22.98
CA GLN D 196 -38.19 -20.96 24.42
C GLN D 196 -39.55 -21.24 25.06
N PHE D 197 -39.51 -21.87 26.22
CA PHE D 197 -40.70 -22.18 27.00
C PHE D 197 -40.63 -21.50 28.35
N ASP D 198 -41.70 -21.62 29.13
CA ASP D 198 -41.78 -21.04 30.45
C ASP D 198 -42.25 -22.09 31.45
N PRO D 199 -41.77 -22.02 32.70
CA PRO D 199 -42.18 -22.99 33.73
C PRO D 199 -43.55 -22.68 34.35
N GLY D 200 -44.59 -23.10 33.65
CA GLY D 200 -45.94 -22.90 34.14
C GLY D 200 -46.96 -22.58 33.06
N THR D 201 -46.48 -22.09 31.91
CA THR D 201 -47.38 -21.77 30.82
C THR D 201 -47.96 -23.04 30.20
N LYS D 202 -49.23 -22.97 29.81
CA LYS D 202 -49.93 -24.11 29.24
C LYS D 202 -50.32 -23.92 27.78
N ASN D 203 -50.15 -22.72 27.23
CA ASN D 203 -50.52 -22.42 25.85
C ASN D 203 -49.23 -22.32 25.02
N VAL D 204 -48.96 -23.34 24.23
CA VAL D 204 -47.80 -23.37 23.34
C VAL D 204 -48.21 -23.60 21.89
N THR D 205 -49.46 -23.26 21.55
CA THR D 205 -49.95 -23.51 20.20
C THR D 205 -49.19 -22.69 19.17
N ALA D 206 -48.92 -21.41 19.47
CA ALA D 206 -48.19 -20.57 18.52
C ALA D 206 -46.77 -21.08 18.30
N LEU D 207 -46.08 -21.47 19.38
CA LEU D 207 -44.74 -22.00 19.25
C LEU D 207 -44.73 -23.31 18.48
N LEU D 208 -45.72 -24.17 18.73
CA LEU D 208 -45.80 -25.43 18.01
C LEU D 208 -46.06 -25.20 16.52
N MET D 209 -46.93 -24.24 16.18
CA MET D 209 -47.17 -23.92 14.78
C MET D 209 -45.92 -23.35 14.12
N GLU D 210 -45.17 -22.51 14.85
CA GLU D 210 -43.93 -21.97 14.31
C GLU D 210 -42.92 -23.09 14.06
N ALA D 211 -42.84 -24.05 14.98
CA ALA D 211 -41.94 -25.20 14.78
C ALA D 211 -42.39 -26.03 13.58
N LYS D 212 -43.70 -26.23 13.41
CA LYS D 212 -44.20 -26.99 12.27
C LYS D 212 -43.87 -26.29 10.96
N GLU D 213 -44.01 -24.97 10.92
CA GLU D 213 -43.73 -24.20 9.71
C GLU D 213 -42.21 -24.02 9.54
N LEU D 214 -41.53 -25.15 9.42
CA LEU D 214 -40.08 -25.17 9.26
C LEU D 214 -39.71 -26.36 8.39
N GLU D 215 -38.51 -26.28 7.79
CA GLU D 215 -38.03 -27.37 6.95
C GLU D 215 -37.67 -28.59 7.78
N ALA D 216 -37.06 -28.39 8.94
CA ALA D 216 -36.67 -29.50 9.80
C ALA D 216 -37.90 -30.18 10.39
N ARG D 217 -37.79 -31.50 10.55
CA ARG D 217 -38.87 -32.31 11.12
C ARG D 217 -38.37 -33.18 12.26
N VAL D 218 -37.35 -32.72 12.99
CA VAL D 218 -36.81 -33.42 14.14
C VAL D 218 -36.88 -32.48 15.34
N ILE D 219 -37.38 -32.98 16.46
CA ILE D 219 -37.64 -32.18 17.65
C ILE D 219 -36.80 -32.71 18.80
N ILE D 220 -36.07 -31.83 19.46
CA ILE D 220 -35.30 -32.15 20.66
C ILE D 220 -35.97 -31.48 21.85
N LEU D 221 -36.31 -32.27 22.87
CA LEU D 221 -37.04 -31.80 24.02
C LEU D 221 -36.15 -31.84 25.26
N SER D 222 -36.09 -30.71 25.97
CA SER D 222 -35.33 -30.63 27.22
C SER D 222 -35.98 -29.57 28.09
N ALA D 223 -36.81 -30.00 29.03
CA ALA D 223 -37.53 -29.10 29.92
C ALA D 223 -38.01 -29.90 31.12
N SER D 224 -38.89 -29.30 31.93
CA SER D 224 -39.44 -29.97 33.09
C SER D 224 -40.44 -31.05 32.65
N GLU D 225 -40.81 -31.91 33.59
CA GLU D 225 -41.70 -33.02 33.28
C GLU D 225 -43.08 -32.51 32.85
N ASP D 226 -43.63 -31.53 33.57
CA ASP D 226 -44.94 -31.01 33.23
C ASP D 226 -44.92 -30.31 31.87
N ASP D 227 -43.88 -29.52 31.61
CA ASP D 227 -43.77 -28.85 30.31
C ASP D 227 -43.65 -29.85 29.18
N ALA D 228 -42.85 -30.91 29.38
CA ALA D 228 -42.72 -31.94 28.37
C ALA D 228 -44.06 -32.65 28.13
N ALA D 229 -44.79 -32.94 29.21
CA ALA D 229 -46.08 -33.61 29.06
C ALA D 229 -47.07 -32.74 28.29
N THR D 230 -47.14 -31.45 28.63
CA THR D 230 -48.12 -30.59 27.96
C THR D 230 -47.74 -30.33 26.51
N VAL D 231 -46.43 -30.19 26.23
CA VAL D 231 -46.04 -29.98 24.84
C VAL D 231 -46.26 -31.24 24.03
N TYR D 232 -46.08 -32.42 24.63
CA TYR D 232 -46.37 -33.65 23.91
C TYR D 232 -47.86 -33.82 23.66
N ARG D 233 -48.69 -33.42 24.63
CA ARG D 233 -50.14 -33.43 24.41
C ARG D 233 -50.53 -32.49 23.28
N ALA D 234 -49.94 -31.30 23.24
CA ALA D 234 -50.22 -30.37 22.15
C ALA D 234 -49.76 -30.93 20.80
N ALA D 235 -48.60 -31.57 20.78
CA ALA D 235 -48.10 -32.18 19.55
C ALA D 235 -49.02 -33.29 19.07
N ALA D 236 -49.49 -34.13 19.99
CA ALA D 236 -50.44 -35.18 19.62
C ALA D 236 -51.75 -34.60 19.11
N MET D 237 -52.19 -33.49 19.72
CA MET D 237 -53.41 -32.83 19.25
C MET D 237 -53.22 -32.29 17.84
N LEU D 238 -52.04 -31.74 17.54
CA LEU D 238 -51.75 -31.18 16.22
C LEU D 238 -51.11 -32.20 15.27
N ASN D 239 -51.27 -33.50 15.55
CA ASN D 239 -50.82 -34.57 14.65
C ASN D 239 -49.32 -34.49 14.37
N MET D 240 -48.53 -34.21 15.41
CA MET D 240 -47.09 -34.18 15.28
C MET D 240 -46.43 -35.53 15.58
N THR D 241 -47.22 -36.55 15.90
CA THR D 241 -46.71 -37.88 16.16
C THR D 241 -46.78 -38.80 14.94
N GLY D 242 -47.07 -38.24 13.76
CA GLY D 242 -47.21 -39.03 12.56
C GLY D 242 -45.88 -39.40 11.93
N SER D 243 -45.97 -39.98 10.74
CA SER D 243 -44.79 -40.40 10.01
C SER D 243 -43.96 -39.20 9.56
N GLY D 244 -42.65 -39.44 9.40
CA GLY D 244 -41.75 -38.41 8.94
C GLY D 244 -41.20 -37.50 10.01
N TYR D 245 -41.44 -37.81 11.29
CA TYR D 245 -40.95 -37.00 12.39
C TYR D 245 -40.18 -37.87 13.37
N VAL D 246 -39.06 -37.34 13.86
CA VAL D 246 -38.22 -38.03 14.83
C VAL D 246 -38.16 -37.18 16.10
N TRP D 247 -38.43 -37.80 17.24
CA TRP D 247 -38.48 -37.11 18.52
C TRP D 247 -37.30 -37.54 19.38
N LEU D 248 -36.55 -36.55 19.87
CA LEU D 248 -35.45 -36.78 20.81
C LEU D 248 -35.85 -36.22 22.17
N VAL D 249 -35.85 -37.09 23.18
CA VAL D 249 -36.34 -36.75 24.51
C VAL D 249 -35.23 -37.03 25.52
N GLY D 250 -35.13 -36.16 26.52
CA GLY D 250 -34.10 -36.29 27.54
C GLY D 250 -34.39 -37.41 28.52
N GLU D 251 -33.46 -37.58 29.47
CA GLU D 251 -33.56 -38.68 30.42
C GLU D 251 -34.72 -38.46 31.39
N ARG D 252 -34.84 -37.27 31.96
CA ARG D 252 -35.87 -37.01 32.96
C ARG D 252 -37.23 -36.70 32.35
N GLU D 253 -37.30 -36.49 31.04
CA GLU D 253 -38.54 -36.14 30.37
C GLU D 253 -39.33 -37.35 29.87
N ILE D 254 -38.84 -38.56 30.11
CA ILE D 254 -39.55 -39.76 29.68
C ILE D 254 -40.29 -40.45 30.83
N SER D 255 -39.91 -40.19 32.07
CA SER D 255 -40.55 -40.83 33.21
C SER D 255 -41.84 -40.10 33.59
N GLY D 256 -42.50 -40.59 34.63
CA GLY D 256 -43.73 -39.95 35.08
C GLY D 256 -44.87 -40.17 34.10
N ASN D 257 -45.67 -39.12 33.89
CA ASN D 257 -46.81 -39.20 32.99
C ASN D 257 -46.40 -39.31 31.52
N ALA D 258 -45.12 -39.12 31.21
CA ALA D 258 -44.67 -39.20 29.82
C ALA D 258 -44.85 -40.61 29.27
N LEU D 259 -44.59 -41.63 30.08
CA LEU D 259 -44.78 -43.00 29.64
C LEU D 259 -46.25 -43.28 29.32
N ARG D 260 -47.16 -42.76 30.16
CA ARG D 260 -48.58 -43.02 29.95
C ARG D 260 -49.11 -42.25 28.74
N TYR D 261 -48.67 -41.01 28.56
CA TYR D 261 -49.19 -40.15 27.50
C TYR D 261 -48.38 -40.21 26.21
N ALA D 262 -47.33 -41.04 26.15
CA ALA D 262 -46.50 -41.13 24.97
C ALA D 262 -46.66 -42.49 24.31
N PRO D 263 -47.17 -42.56 23.07
CA PRO D 263 -47.23 -43.84 22.37
C PRO D 263 -45.87 -44.32 21.89
N ASP D 264 -45.85 -45.42 21.14
CA ASP D 264 -44.59 -45.99 20.68
C ASP D 264 -43.90 -45.08 19.67
N GLY D 265 -42.67 -45.41 19.34
CA GLY D 265 -41.89 -44.64 18.39
C GLY D 265 -41.16 -43.45 18.96
N ILE D 266 -41.07 -43.34 20.28
CA ILE D 266 -40.43 -42.21 20.95
C ILE D 266 -39.08 -42.69 21.49
N LEU D 267 -38.02 -42.01 21.09
CA LEU D 267 -36.68 -42.34 21.56
C LEU D 267 -36.44 -41.72 22.93
N GLY D 268 -35.33 -42.13 23.56
CA GLY D 268 -34.98 -41.62 24.86
C GLY D 268 -33.59 -42.08 25.25
N LEU D 269 -33.12 -41.54 26.38
CA LEU D 269 -31.80 -41.85 26.90
C LEU D 269 -31.91 -42.36 28.33
N GLN D 270 -31.17 -43.42 28.64
CA GLN D 270 -31.14 -44.01 29.97
C GLN D 270 -29.69 -44.17 30.40
N LEU D 271 -29.43 -43.91 31.68
CA LEU D 271 -28.08 -43.95 32.24
C LEU D 271 -27.84 -45.28 32.93
N ILE D 272 -26.82 -46.01 32.47
CA ILE D 272 -26.43 -47.25 33.13
C ILE D 272 -25.73 -46.91 34.44
N ASN D 273 -26.08 -47.66 35.49
CA ASN D 273 -25.56 -47.40 36.84
C ASN D 273 -25.92 -46.00 37.33
N GLY D 274 -27.06 -45.49 36.84
CA GLY D 274 -27.48 -44.15 37.25
C GLY D 274 -27.89 -44.08 38.70
N LYS D 275 -28.60 -45.10 39.19
CA LYS D 275 -29.11 -45.12 40.56
C LYS D 275 -28.61 -46.39 41.25
N ASN D 276 -27.40 -46.29 41.81
CA ASN D 276 -26.83 -47.36 42.65
C ASN D 276 -26.15 -46.65 43.81
N GLU D 277 -26.91 -46.40 44.89
CA GLU D 277 -26.40 -45.61 46.00
C GLU D 277 -25.21 -46.29 46.66
N SER D 278 -25.32 -47.60 46.92
CA SER D 278 -24.25 -48.31 47.61
C SER D 278 -22.97 -48.30 46.79
N ALA D 279 -23.07 -48.64 45.51
CA ALA D 279 -21.88 -48.69 44.66
C ALA D 279 -21.25 -47.31 44.50
N HIS D 280 -22.08 -46.29 44.25
CA HIS D 280 -21.55 -44.94 44.07
C HIS D 280 -20.87 -44.44 45.34
N ILE D 281 -21.48 -44.67 46.51
CA ILE D 281 -20.89 -44.19 47.75
C ILE D 281 -19.61 -44.96 48.06
N SER D 282 -19.59 -46.27 47.78
CA SER D 282 -18.36 -47.04 47.98
C SER D 282 -17.23 -46.52 47.09
N ASP D 283 -17.54 -46.25 45.82
CA ASP D 283 -16.53 -45.70 44.92
C ASP D 283 -16.04 -44.34 45.42
N ALA D 284 -16.97 -43.49 45.87
CA ALA D 284 -16.59 -42.16 46.34
C ALA D 284 -15.71 -42.23 47.58
N VAL D 285 -16.06 -43.09 48.54
CA VAL D 285 -15.26 -43.18 49.76
C VAL D 285 -13.90 -43.79 49.46
N GLY D 286 -13.83 -44.76 48.55
CA GLY D 286 -12.54 -45.29 48.15
C GLY D 286 -11.67 -44.24 47.48
N VAL D 287 -12.27 -43.44 46.59
CA VAL D 287 -11.52 -42.39 45.90
C VAL D 287 -11.00 -41.37 46.90
N VAL D 288 -11.85 -40.92 47.82
CA VAL D 288 -11.42 -39.89 48.78
C VAL D 288 -10.39 -40.46 49.74
N ALA D 289 -10.51 -41.74 50.13
CA ALA D 289 -9.51 -42.34 51.01
C ALA D 289 -8.16 -42.43 50.32
N GLN D 290 -8.14 -42.85 49.05
CA GLN D 290 -6.88 -42.90 48.32
C GLN D 290 -6.29 -41.51 48.16
N ALA D 291 -7.13 -40.52 47.86
CA ALA D 291 -6.65 -39.15 47.69
C ALA D 291 -6.04 -38.60 48.98
N VAL D 292 -6.72 -38.81 50.11
CA VAL D 292 -6.21 -38.29 51.37
C VAL D 292 -4.95 -39.04 51.78
N HIS D 293 -4.89 -40.35 51.53
CA HIS D 293 -3.67 -41.10 51.81
C HIS D 293 -2.49 -40.59 50.99
N GLU D 294 -2.74 -40.28 49.72
CA GLU D 294 -1.67 -39.74 48.89
C GLU D 294 -1.27 -38.34 49.32
N LEU D 295 -2.22 -37.52 49.78
CA LEU D 295 -1.91 -36.14 50.13
C LEU D 295 -1.34 -35.98 51.53
N LEU D 296 -1.50 -36.98 52.40
CA LEU D 296 -1.03 -36.84 53.78
C LEU D 296 0.48 -36.71 53.89
N GLU D 297 1.23 -37.00 52.83
CA GLU D 297 2.68 -36.81 52.84
C GLU D 297 3.09 -35.36 52.72
N LYS D 298 2.14 -34.43 52.54
CA LYS D 298 2.46 -33.03 52.39
C LYS D 298 3.07 -32.46 53.66
N GLU D 299 3.70 -31.30 53.51
CA GLU D 299 4.41 -30.68 54.64
C GLU D 299 3.46 -30.28 55.75
N ASN D 300 2.31 -29.69 55.41
CA ASN D 300 1.39 -29.19 56.41
C ASN D 300 -0.04 -29.55 56.03
N ILE D 301 -0.90 -29.67 57.03
CA ILE D 301 -2.31 -29.98 56.86
C ILE D 301 -3.11 -28.97 57.65
N THR D 302 -4.13 -28.39 57.01
CA THR D 302 -4.97 -27.38 57.63
C THR D 302 -6.02 -28.04 58.51
N ASP D 303 -6.05 -27.68 59.79
CA ASP D 303 -7.01 -28.24 60.73
C ASP D 303 -8.20 -27.30 60.91
N PRO D 304 -9.42 -27.76 60.63
CA PRO D 304 -10.58 -26.89 60.84
C PRO D 304 -10.79 -26.62 62.31
N PRO D 305 -11.40 -25.49 62.66
CA PRO D 305 -11.65 -25.18 64.08
C PRO D 305 -12.69 -26.11 64.68
N ARG D 306 -12.66 -26.19 66.01
CA ARG D 306 -13.59 -27.05 66.74
C ARG D 306 -15.04 -26.59 66.63
N GLY D 307 -15.29 -25.37 66.17
CA GLY D 307 -16.65 -24.89 66.01
C GLY D 307 -16.73 -23.91 64.86
N CYS D 308 -17.93 -23.78 64.28
CA CYS D 308 -18.17 -22.86 63.19
C CYS D 308 -18.62 -21.49 63.68
N VAL D 309 -18.25 -21.11 64.90
CA VAL D 309 -18.60 -19.83 65.48
C VAL D 309 -17.32 -19.08 65.84
N GLY D 310 -17.21 -17.83 65.39
CA GLY D 310 -16.09 -16.99 65.74
C GLY D 310 -14.83 -17.21 64.94
N ASN D 311 -14.82 -18.13 63.98
CA ASN D 311 -13.64 -18.42 63.17
C ASN D 311 -13.95 -18.11 61.72
N THR D 312 -13.12 -17.26 61.10
CA THR D 312 -13.26 -16.90 59.70
C THR D 312 -11.88 -17.02 59.05
N ASN D 313 -11.62 -18.17 58.43
CA ASN D 313 -10.35 -18.43 57.79
C ASN D 313 -10.58 -19.31 56.57
N ILE D 314 -9.53 -19.51 55.79
CA ILE D 314 -9.59 -20.33 54.58
C ILE D 314 -8.50 -21.38 54.65
N TRP D 315 -8.74 -22.51 54.01
CA TRP D 315 -7.81 -23.63 54.00
C TRP D 315 -6.77 -23.43 52.90
N LYS D 316 -5.50 -23.53 53.27
CA LYS D 316 -4.44 -23.56 52.27
C LYS D 316 -4.47 -24.86 51.47
N THR D 317 -5.07 -25.90 52.03
CA THR D 317 -5.14 -27.21 51.39
C THR D 317 -6.40 -27.40 50.56
N GLY D 318 -7.26 -26.40 50.46
CA GLY D 318 -8.44 -26.48 49.62
C GLY D 318 -8.11 -26.64 48.14
N PRO D 319 -7.33 -25.70 47.59
CA PRO D 319 -6.85 -25.88 46.22
C PRO D 319 -6.03 -27.13 46.03
N LEU D 320 -5.28 -27.57 47.05
CA LEU D 320 -4.53 -28.82 46.94
C LEU D 320 -5.47 -30.00 46.80
N PHE D 321 -6.56 -30.02 47.59
CA PHE D 321 -7.56 -31.08 47.46
C PHE D 321 -8.20 -31.06 46.08
N LYS D 322 -8.54 -29.86 45.59
CA LYS D 322 -9.16 -29.76 44.27
C LYS D 322 -8.23 -30.27 43.18
N ARG D 323 -6.96 -29.88 43.25
CA ARG D 323 -6.00 -30.33 42.23
C ARG D 323 -5.77 -31.83 42.30
N VAL D 324 -5.66 -32.38 43.51
CA VAL D 324 -5.42 -33.83 43.62
C VAL D 324 -6.64 -34.62 43.19
N LEU D 325 -7.84 -34.08 43.38
CA LEU D 325 -9.04 -34.75 42.88
C LEU D 325 -9.11 -34.68 41.36
N MET D 326 -8.74 -33.54 40.77
CA MET D 326 -8.79 -33.40 39.32
C MET D 326 -7.73 -34.27 38.64
N SER D 327 -6.55 -34.39 39.25
CA SER D 327 -5.43 -35.09 38.64
C SER D 327 -5.39 -36.58 38.97
N SER D 328 -6.36 -37.10 39.71
CA SER D 328 -6.37 -38.50 40.10
C SER D 328 -7.31 -39.29 39.21
N LYS D 329 -6.83 -40.43 38.71
CA LYS D 329 -7.61 -41.32 37.87
C LYS D 329 -7.74 -42.67 38.56
N TYR D 330 -8.96 -43.20 38.60
CA TYR D 330 -9.27 -44.44 39.30
C TYR D 330 -9.88 -45.43 38.31
N ALA D 331 -9.10 -46.44 37.93
CA ALA D 331 -9.58 -47.49 37.05
C ALA D 331 -10.15 -48.69 37.80
N ASP D 332 -10.05 -48.69 39.13
CA ASP D 332 -10.54 -49.79 39.95
C ASP D 332 -11.80 -49.36 40.69
N GLY D 333 -12.84 -50.18 40.61
CA GLY D 333 -14.09 -49.88 41.27
C GLY D 333 -15.24 -50.59 40.59
N VAL D 334 -16.45 -50.18 40.97
CA VAL D 334 -17.66 -50.75 40.37
C VAL D 334 -17.71 -50.41 38.89
N THR D 335 -17.43 -49.15 38.54
CA THR D 335 -17.42 -48.74 37.15
C THR D 335 -16.08 -49.08 36.51
N GLY D 336 -16.02 -48.94 35.18
CA GLY D 336 -14.80 -49.23 34.46
C GLY D 336 -13.67 -48.28 34.82
N ARG D 337 -13.96 -46.99 34.89
CA ARG D 337 -12.97 -45.99 35.25
C ARG D 337 -13.67 -44.79 35.86
N VAL D 338 -12.96 -44.09 36.75
CA VAL D 338 -13.47 -42.91 37.43
C VAL D 338 -12.49 -41.76 37.20
N GLU D 339 -12.96 -40.71 36.54
CA GLU D 339 -12.14 -39.53 36.31
C GLU D 339 -13.04 -38.30 36.34
N PHE D 340 -12.44 -37.15 36.62
CA PHE D 340 -13.15 -35.89 36.74
C PHE D 340 -12.74 -34.95 35.62
N ASN D 341 -13.71 -34.20 35.11
CA ASN D 341 -13.47 -33.23 34.05
C ASN D 341 -13.10 -31.88 34.68
N GLU D 342 -13.10 -30.82 33.88
CA GLU D 342 -12.79 -29.49 34.40
C GLU D 342 -13.83 -29.06 35.44
N ASP D 343 -15.11 -29.35 35.19
CA ASP D 343 -16.16 -29.04 36.15
C ASP D 343 -16.14 -29.97 37.36
N GLY D 344 -15.35 -31.04 37.33
CA GLY D 344 -15.27 -31.97 38.43
C GLY D 344 -16.26 -33.10 38.41
N ASP D 345 -17.18 -33.12 37.45
CA ASP D 345 -18.16 -34.18 37.36
C ASP D 345 -17.58 -35.41 36.66
N ARG D 346 -18.37 -36.48 36.64
CA ARG D 346 -17.93 -37.73 36.02
C ARG D 346 -17.73 -37.56 34.53
N LYS D 347 -16.69 -38.19 34.00
CA LYS D 347 -16.35 -38.13 32.58
C LYS D 347 -16.52 -39.52 31.96
N PHE D 348 -17.00 -39.55 30.73
CA PHE D 348 -17.19 -40.78 29.97
C PHE D 348 -18.13 -41.75 30.70
N ALA D 349 -19.36 -41.29 30.89
CA ALA D 349 -20.37 -42.10 31.54
C ALA D 349 -20.98 -43.10 30.55
N ASN D 350 -21.69 -44.08 31.08
CA ASN D 350 -22.32 -45.12 30.28
C ASN D 350 -23.72 -44.65 29.88
N TYR D 351 -23.92 -44.42 28.59
CA TYR D 351 -25.20 -43.99 28.05
C TYR D 351 -25.83 -45.14 27.28
N SER D 352 -27.08 -45.45 27.60
CA SER D 352 -27.81 -46.54 26.97
C SER D 352 -28.98 -45.97 26.18
N ILE D 353 -29.09 -46.38 24.91
CA ILE D 353 -30.20 -45.94 24.07
C ILE D 353 -31.50 -46.53 24.59
N MET D 354 -32.51 -45.67 24.75
CA MET D 354 -33.80 -46.08 25.28
C MET D 354 -34.87 -45.84 24.22
N ASN D 355 -35.67 -46.87 23.95
CA ASN D 355 -36.74 -46.79 22.98
C ASN D 355 -38.02 -47.36 23.58
N LEU D 356 -39.16 -46.86 23.12
CA LEU D 356 -40.47 -47.27 23.60
C LEU D 356 -41.14 -48.10 22.50
N GLN D 357 -41.29 -49.40 22.75
CA GLN D 357 -41.93 -50.32 21.82
C GLN D 357 -43.05 -51.04 22.54
N ASN D 358 -44.27 -50.96 21.98
CA ASN D 358 -45.46 -51.58 22.57
C ASN D 358 -45.65 -51.13 24.01
N ARG D 359 -45.45 -49.83 24.26
CA ARG D 359 -45.54 -49.24 25.60
C ARG D 359 -44.58 -49.90 26.58
N LYS D 360 -43.45 -50.38 26.07
CA LYS D 360 -42.43 -51.01 26.89
C LYS D 360 -41.07 -50.43 26.54
N LEU D 361 -40.18 -50.39 27.53
CA LEU D 361 -38.85 -49.83 27.33
C LEU D 361 -37.93 -50.88 26.71
N VAL D 362 -37.31 -50.51 25.59
CA VAL D 362 -36.40 -51.40 24.86
C VAL D 362 -35.07 -50.69 24.67
N GLN D 363 -33.98 -51.36 25.02
CA GLN D 363 -32.64 -50.82 24.84
C GLN D 363 -32.11 -51.26 23.49
N VAL D 364 -31.71 -50.30 22.66
CA VAL D 364 -31.23 -50.57 21.31
C VAL D 364 -29.78 -50.12 21.13
N GLY D 365 -29.04 -49.98 22.22
CA GLY D 365 -27.65 -49.59 22.14
C GLY D 365 -27.08 -49.00 23.40
N ILE D 366 -25.79 -49.24 23.66
CA ILE D 366 -25.10 -48.73 24.83
C ILE D 366 -23.88 -47.97 24.36
N TYR D 367 -23.76 -46.70 24.77
CA TYR D 367 -22.63 -45.86 24.40
C TYR D 367 -21.74 -45.71 25.63
N ASN D 368 -20.71 -46.56 25.72
CA ASN D 368 -19.77 -46.46 26.83
C ASN D 368 -18.96 -45.17 26.77
N GLY D 369 -18.55 -44.77 25.57
CA GLY D 369 -17.77 -43.55 25.41
C GLY D 369 -18.22 -42.72 24.22
N THR D 370 -19.53 -42.73 23.96
CA THR D 370 -20.14 -42.03 22.84
C THR D 370 -19.52 -42.47 21.51
N HIS D 371 -19.68 -43.77 21.22
CA HIS D 371 -19.20 -44.37 19.99
C HIS D 371 -20.37 -45.04 19.28
N VAL D 372 -20.09 -45.56 18.08
CA VAL D 372 -21.12 -46.21 17.26
C VAL D 372 -21.24 -47.65 17.75
N ILE D 373 -22.19 -47.90 18.66
CA ILE D 373 -22.44 -49.24 19.18
C ILE D 373 -23.92 -49.55 19.06
N PRO D 374 -24.40 -49.93 17.88
CA PRO D 374 -25.81 -50.27 17.72
C PRO D 374 -26.07 -51.72 18.12
N ASN D 375 -27.35 -52.11 18.03
CA ASN D 375 -27.78 -53.47 18.33
C ASN D 375 -28.55 -54.02 17.13
N ASP D 376 -28.79 -55.34 17.16
CA ASP D 376 -29.47 -56.01 16.07
C ASP D 376 -30.96 -55.68 16.02
N ARG D 377 -31.54 -55.23 17.14
CA ARG D 377 -32.96 -54.91 17.17
C ARG D 377 -33.27 -53.71 16.29
N LYS D 378 -34.36 -53.81 15.53
CA LYS D 378 -34.75 -52.73 14.64
C LYS D 378 -35.32 -51.56 15.43
N ILE D 379 -35.02 -50.36 14.98
CA ILE D 379 -35.50 -49.13 15.63
C ILE D 379 -36.79 -48.70 14.95
N ILE D 380 -37.87 -48.61 15.73
CA ILE D 380 -39.15 -48.21 15.17
C ILE D 380 -39.21 -46.69 15.07
N TRP D 381 -40.16 -46.21 14.26
CA TRP D 381 -40.36 -44.79 14.03
C TRP D 381 -41.83 -44.45 14.16
N PRO D 382 -42.16 -43.20 14.50
CA PRO D 382 -43.58 -42.81 14.58
C PRO D 382 -44.28 -43.00 13.25
N GLY D 383 -45.55 -43.41 13.32
CA GLY D 383 -46.33 -43.68 12.13
C GLY D 383 -46.13 -45.05 11.53
N GLY D 384 -45.38 -45.92 12.19
CA GLY D 384 -45.16 -47.27 11.70
C GLY D 384 -44.06 -47.42 10.67
N GLU D 385 -43.31 -46.35 10.37
CA GLU D 385 -42.23 -46.45 9.40
C GLU D 385 -41.10 -47.30 9.96
N THR D 386 -40.53 -48.13 9.08
CA THR D 386 -39.42 -49.01 9.45
C THR D 386 -38.10 -48.54 8.87
N GLU D 387 -38.05 -47.35 8.29
CA GLU D 387 -36.84 -46.81 7.69
C GLU D 387 -36.57 -45.41 8.24
N LYS D 388 -35.31 -45.02 8.21
CA LYS D 388 -34.90 -43.71 8.71
C LYS D 388 -35.37 -42.62 7.76
N PRO D 389 -36.15 -41.64 8.23
CA PRO D 389 -36.60 -40.56 7.36
C PRO D 389 -35.51 -39.51 7.20
N ARG D 390 -35.85 -38.44 6.48
CA ARG D 390 -34.93 -37.34 6.24
C ARG D 390 -35.62 -36.02 6.55
N GLY D 391 -34.84 -35.05 7.00
CA GLY D 391 -35.32 -33.74 7.38
C GLY D 391 -35.34 -32.71 6.28
N TYR D 392 -35.05 -33.10 5.04
CA TYR D 392 -35.02 -32.17 3.92
C TYR D 392 -36.39 -32.16 3.26
N GLN D 393 -37.17 -31.11 3.54
CA GLN D 393 -38.48 -30.90 2.90
C GLN D 393 -38.56 -29.43 2.52
N MET D 394 -38.12 -29.11 1.29
CA MET D 394 -38.17 -27.73 0.83
C MET D 394 -39.60 -27.28 0.55
N SER D 395 -40.46 -28.20 0.10
CA SER D 395 -41.86 -27.99 -0.23
C SER D 395 -42.06 -27.05 -1.41
N THR D 396 -40.98 -26.57 -2.04
CA THR D 396 -41.05 -25.69 -3.21
C THR D 396 -41.87 -24.43 -2.94
N ARG D 397 -41.85 -23.95 -1.70
CA ARG D 397 -42.60 -22.76 -1.29
C ARG D 397 -41.58 -21.68 -0.92
N LEU D 398 -41.22 -20.86 -1.91
CA LEU D 398 -40.23 -19.80 -1.73
C LEU D 398 -40.91 -18.46 -1.98
N LYS D 399 -41.10 -17.69 -0.91
CA LYS D 399 -41.67 -16.35 -1.06
C LYS D 399 -40.65 -15.41 -1.67
N ILE D 400 -41.13 -14.50 -2.52
CA ILE D 400 -40.28 -13.61 -3.29
C ILE D 400 -40.72 -12.17 -3.05
N VAL D 401 -39.75 -11.29 -2.81
CA VAL D 401 -39.98 -9.86 -2.66
C VAL D 401 -39.34 -9.14 -3.84
N THR D 402 -40.11 -8.24 -4.46
CA THR D 402 -39.66 -7.54 -5.66
C THR D 402 -39.83 -6.03 -5.47
N ILE D 403 -38.84 -5.28 -5.92
CA ILE D 403 -38.85 -3.82 -5.85
C ILE D 403 -39.37 -3.26 -7.16
N HIS D 404 -40.25 -2.26 -7.06
CA HIS D 404 -40.84 -1.65 -8.25
C HIS D 404 -39.77 -0.88 -9.02
N GLN D 405 -39.34 -1.44 -10.16
CA GLN D 405 -38.39 -0.79 -11.04
C GLN D 405 -39.06 -0.58 -12.39
N GLU D 406 -39.08 0.67 -12.85
CA GLU D 406 -39.82 0.99 -14.07
C GLU D 406 -39.31 0.24 -15.30
N PRO D 407 -38.01 0.19 -15.61
CA PRO D 407 -37.59 -0.54 -16.81
C PRO D 407 -37.62 -2.05 -16.68
N PHE D 408 -37.81 -2.58 -15.48
CA PHE D 408 -37.74 -4.03 -15.27
C PHE D 408 -39.03 -4.62 -14.73
N VAL D 409 -39.71 -3.95 -13.79
CA VAL D 409 -40.91 -4.48 -13.15
C VAL D 409 -42.01 -3.42 -13.29
N TYR D 410 -42.82 -3.55 -14.33
CA TYR D 410 -43.97 -2.68 -14.50
C TYR D 410 -45.10 -3.13 -13.58
N VAL D 411 -45.66 -2.19 -12.82
CA VAL D 411 -46.75 -2.46 -11.89
C VAL D 411 -47.95 -1.62 -12.30
N LYS D 412 -49.07 -2.27 -12.53
CA LYS D 412 -50.31 -1.62 -12.92
C LYS D 412 -51.46 -2.17 -12.08
N PRO D 413 -52.47 -1.35 -11.80
CA PRO D 413 -53.62 -1.83 -11.03
C PRO D 413 -54.42 -2.87 -11.79
N THR D 414 -55.03 -3.77 -11.04
CA THR D 414 -55.83 -4.84 -11.64
C THR D 414 -57.22 -4.31 -12.01
N LEU D 415 -57.97 -5.15 -12.73
CA LEU D 415 -59.31 -4.79 -13.18
C LEU D 415 -60.31 -5.09 -12.06
N SER D 416 -61.60 -4.96 -12.38
CA SER D 416 -62.64 -5.22 -11.38
C SER D 416 -62.69 -6.71 -11.01
N ASP D 417 -62.47 -7.59 -11.99
CA ASP D 417 -62.51 -9.02 -11.73
C ASP D 417 -61.34 -9.51 -10.90
N GLY D 418 -60.31 -8.69 -10.70
CA GLY D 418 -59.14 -9.08 -9.94
C GLY D 418 -57.94 -9.47 -10.76
N THR D 419 -58.07 -9.52 -12.08
CA THR D 419 -56.97 -9.88 -12.98
C THR D 419 -56.58 -8.68 -13.82
N CYS D 420 -55.56 -8.89 -14.66
CA CYS D 420 -55.05 -7.86 -15.54
C CYS D 420 -55.34 -8.21 -17.00
N LYS D 421 -55.22 -7.21 -17.87
CA LYS D 421 -55.52 -7.39 -19.27
C LYS D 421 -54.47 -8.28 -19.95
N GLU D 422 -54.88 -8.90 -21.05
CA GLU D 422 -54.01 -9.79 -21.82
C GLU D 422 -53.47 -9.01 -23.01
N GLU D 423 -52.40 -8.27 -22.78
CA GLU D 423 -51.79 -7.47 -23.83
C GLU D 423 -50.89 -8.33 -24.72
N PHE D 424 -50.48 -7.76 -25.84
CA PHE D 424 -49.62 -8.42 -26.79
C PHE D 424 -48.50 -7.50 -27.23
N THR D 425 -47.37 -8.09 -27.61
CA THR D 425 -46.21 -7.33 -28.04
C THR D 425 -46.32 -7.02 -29.53
N VAL D 426 -45.24 -6.50 -30.12
CA VAL D 426 -45.23 -6.19 -31.54
C VAL D 426 -45.32 -7.46 -32.38
N ASN D 427 -44.89 -8.59 -31.82
CA ASN D 427 -44.93 -9.87 -32.52
C ASN D 427 -46.24 -10.62 -32.32
N GLY D 428 -47.20 -10.03 -31.61
CA GLY D 428 -48.47 -10.69 -31.35
C GLY D 428 -48.36 -11.90 -30.45
N ASP D 429 -47.52 -11.83 -29.42
CA ASP D 429 -47.36 -12.93 -28.48
C ASP D 429 -48.04 -12.59 -27.16
N PRO D 430 -48.60 -13.59 -26.46
CA PRO D 430 -49.26 -13.33 -25.18
C PRO D 430 -48.24 -12.96 -24.11
N VAL D 431 -48.44 -11.79 -23.50
CA VAL D 431 -47.54 -11.31 -22.45
C VAL D 431 -47.95 -11.95 -21.14
N LYS D 432 -47.02 -12.66 -20.51
CA LYS D 432 -47.30 -13.32 -19.24
C LYS D 432 -47.43 -12.29 -18.13
N LYS D 433 -48.39 -12.51 -17.24
CA LYS D 433 -48.60 -11.65 -16.08
C LYS D 433 -48.83 -12.50 -14.85
N VAL D 434 -48.28 -12.06 -13.72
CA VAL D 434 -48.36 -12.78 -12.46
C VAL D 434 -49.06 -11.89 -11.44
N ILE D 435 -49.95 -12.49 -10.64
CA ILE D 435 -50.64 -11.74 -9.61
C ILE D 435 -49.64 -11.19 -8.61
N CYS D 436 -49.78 -9.91 -8.27
CA CYS D 436 -48.83 -9.21 -7.42
C CYS D 436 -49.51 -8.79 -6.13
N THR D 437 -48.78 -8.92 -5.02
CA THR D 437 -49.26 -8.53 -3.70
C THR D 437 -48.34 -7.45 -3.14
N GLY D 438 -48.93 -6.34 -2.68
CA GLY D 438 -48.17 -5.26 -2.11
C GLY D 438 -49.05 -4.14 -1.59
N PRO D 439 -48.43 -3.17 -0.91
CA PRO D 439 -49.21 -2.04 -0.39
C PRO D 439 -49.76 -1.18 -1.51
N ASN D 440 -50.92 -0.57 -1.24
CA ASN D 440 -51.56 0.29 -2.23
C ASN D 440 -50.84 1.62 -2.37
N ASP D 441 -50.38 2.20 -1.25
CA ASP D 441 -49.70 3.48 -1.26
C ASP D 441 -48.30 3.31 -0.70
N THR D 442 -47.30 3.74 -1.46
CA THR D 442 -45.91 3.63 -1.01
C THR D 442 -45.57 4.70 0.02
N SER D 443 -46.16 5.89 -0.09
CA SER D 443 -45.83 6.97 0.82
C SER D 443 -46.33 6.67 2.23
N PRO D 444 -45.60 7.12 3.25
CA PRO D 444 -46.05 6.89 4.62
C PRO D 444 -47.22 7.80 5.00
N GLY D 445 -47.82 7.49 6.14
CA GLY D 445 -48.98 8.26 6.59
C GLY D 445 -50.18 8.11 5.68
N SER D 446 -50.43 6.91 5.20
CA SER D 446 -51.53 6.63 4.28
C SER D 446 -52.21 5.34 4.72
N PRO D 447 -53.48 5.14 4.33
CA PRO D 447 -54.17 3.91 4.69
C PRO D 447 -53.64 2.71 3.92
N ARG D 448 -52.53 2.15 4.40
CA ARG D 448 -51.87 1.04 3.72
C ARG D 448 -52.79 -0.17 3.63
N HIS D 449 -53.13 -0.55 2.40
CA HIS D 449 -53.96 -1.72 2.14
C HIS D 449 -53.22 -2.64 1.18
N THR D 450 -53.17 -3.92 1.52
CA THR D 450 -52.47 -4.91 0.70
C THR D 450 -53.38 -5.42 -0.42
N VAL D 451 -53.77 -4.49 -1.29
CA VAL D 451 -54.61 -4.81 -2.45
C VAL D 451 -53.80 -5.64 -3.43
N PRO D 452 -54.43 -6.51 -4.22
CA PRO D 452 -53.68 -7.31 -5.21
C PRO D 452 -53.33 -6.48 -6.43
N GLN D 453 -52.04 -6.37 -6.71
CA GLN D 453 -51.56 -5.69 -7.91
C GLN D 453 -51.30 -6.70 -9.02
N CYS D 454 -50.65 -6.25 -10.09
CA CYS D 454 -50.29 -7.12 -11.20
C CYS D 454 -48.98 -6.61 -11.78
N CYS D 455 -47.87 -7.20 -11.35
CA CYS D 455 -46.54 -6.78 -11.77
C CYS D 455 -46.03 -7.68 -12.88
N TYR D 456 -45.46 -7.07 -13.93
CA TYR D 456 -44.89 -7.81 -15.04
C TYR D 456 -43.73 -7.01 -15.62
N GLY D 457 -42.86 -7.70 -16.34
CA GLY D 457 -41.71 -7.03 -16.94
C GLY D 457 -40.61 -7.96 -17.40
N PHE D 458 -39.38 -7.67 -16.99
CA PHE D 458 -38.20 -8.41 -17.43
C PHE D 458 -37.94 -9.65 -16.58
N CYS D 459 -37.86 -9.48 -15.26
CA CYS D 459 -37.50 -10.60 -14.38
C CYS D 459 -38.59 -11.66 -14.32
N ILE D 460 -39.82 -11.34 -14.69
CA ILE D 460 -40.90 -12.32 -14.64
C ILE D 460 -40.65 -13.45 -15.63
N ASP D 461 -40.09 -13.13 -16.79
CA ASP D 461 -39.77 -14.18 -17.77
C ASP D 461 -38.73 -15.14 -17.22
N LEU D 462 -37.69 -14.62 -16.57
CA LEU D 462 -36.67 -15.47 -15.98
C LEU D 462 -37.25 -16.31 -14.85
N LEU D 463 -38.14 -15.71 -14.04
CA LEU D 463 -38.77 -16.45 -12.96
C LEU D 463 -39.63 -17.58 -13.50
N ILE D 464 -40.37 -17.33 -14.58
CA ILE D 464 -41.21 -18.36 -15.18
C ILE D 464 -40.33 -19.46 -15.78
N LYS D 465 -39.21 -19.10 -16.40
CA LYS D 465 -38.30 -20.09 -16.93
C LYS D 465 -37.74 -20.97 -15.81
N LEU D 466 -37.36 -20.36 -14.68
CA LEU D 466 -36.88 -21.13 -13.54
C LEU D 466 -37.96 -22.07 -13.00
N ALA D 467 -39.19 -21.57 -12.90
CA ALA D 467 -40.29 -22.40 -12.40
C ALA D 467 -40.63 -23.53 -13.36
N ARG D 468 -40.40 -23.33 -14.65
CA ARG D 468 -40.61 -24.40 -15.62
C ARG D 468 -39.51 -25.44 -15.53
N THR D 469 -38.26 -24.99 -15.38
CA THR D 469 -37.14 -25.93 -15.30
C THR D 469 -37.20 -26.75 -14.02
N MET D 470 -37.52 -26.12 -12.89
CA MET D 470 -37.59 -26.79 -11.61
C MET D 470 -38.91 -26.44 -10.91
N ASN D 471 -39.49 -27.42 -10.23
CA ASN D 471 -40.78 -27.26 -9.58
C ASN D 471 -40.73 -26.15 -8.52
N PHE D 472 -41.43 -25.05 -8.78
CA PHE D 472 -41.47 -23.92 -7.86
C PHE D 472 -42.91 -23.43 -7.71
N THR D 473 -43.26 -23.04 -6.49
CA THR D 473 -44.55 -22.41 -6.18
C THR D 473 -44.20 -21.06 -5.54
N TYR D 474 -44.14 -20.03 -6.37
CA TYR D 474 -43.63 -18.72 -5.96
C TYR D 474 -44.76 -17.72 -5.81
N GLU D 475 -44.66 -16.88 -4.78
CA GLU D 475 -45.56 -15.75 -4.59
C GLU D 475 -44.72 -14.49 -4.46
N VAL D 476 -45.08 -13.46 -5.22
CA VAL D 476 -44.30 -12.22 -5.25
C VAL D 476 -44.84 -11.27 -4.20
N HIS D 477 -43.96 -10.39 -3.71
CA HIS D 477 -44.32 -9.41 -2.70
C HIS D 477 -43.62 -8.10 -3.01
N LEU D 478 -44.18 -7.01 -2.50
CA LEU D 478 -43.65 -5.67 -2.70
C LEU D 478 -43.20 -5.10 -1.36
N VAL D 479 -42.00 -4.53 -1.33
CA VAL D 479 -41.48 -3.95 -0.10
C VAL D 479 -42.27 -2.69 0.24
N ALA D 480 -42.62 -2.55 1.52
CA ALA D 480 -43.44 -1.41 1.94
C ALA D 480 -42.69 -0.09 1.78
N ASP D 481 -41.42 -0.04 2.18
CA ASP D 481 -40.65 1.19 2.12
C ASP D 481 -40.08 1.47 0.73
N GLY D 482 -40.07 0.49 -0.16
CA GLY D 482 -39.56 0.71 -1.51
C GLY D 482 -38.08 1.04 -1.56
N LYS D 483 -37.27 0.35 -0.76
CA LYS D 483 -35.83 0.58 -0.72
C LYS D 483 -35.11 -0.76 -0.78
N PHE D 484 -33.91 -0.74 -1.36
CA PHE D 484 -33.11 -1.97 -1.46
C PHE D 484 -32.74 -2.51 -0.09
N GLY D 485 -32.32 -1.62 0.81
CA GLY D 485 -32.02 -2.03 2.18
C GLY D 485 -30.54 -2.10 2.49
N THR D 486 -30.09 -1.29 3.45
CA THR D 486 -28.71 -1.30 3.89
C THR D 486 -28.66 -1.24 5.41
N GLN D 487 -27.47 -1.03 5.97
CA GLN D 487 -27.33 -0.87 7.42
C GLN D 487 -27.80 0.52 7.83
N GLU D 488 -28.70 0.57 8.80
CA GLU D 488 -29.27 1.82 9.29
C GLU D 488 -29.03 1.96 10.78
N ARG D 489 -29.36 3.14 11.30
CA ARG D 489 -29.18 3.44 12.72
C ARG D 489 -30.51 3.90 13.31
N VAL D 490 -30.89 3.30 14.43
CA VAL D 490 -32.15 3.59 15.11
C VAL D 490 -31.85 3.88 16.57
N ASN D 491 -32.90 4.04 17.38
CA ASN D 491 -32.72 4.19 18.82
C ASN D 491 -31.87 3.05 19.36
N ASN D 492 -31.01 3.38 20.33
CA ASN D 492 -29.91 2.51 20.75
C ASN D 492 -29.00 2.21 19.55
N SER D 493 -28.31 3.28 19.12
CA SER D 493 -27.56 3.31 17.86
C SER D 493 -26.50 2.20 17.76
N ASN D 494 -26.18 1.54 18.86
CA ASN D 494 -25.22 0.45 18.82
C ASN D 494 -25.89 -0.83 18.32
N LYS D 495 -26.51 -0.75 17.15
CA LYS D 495 -27.18 -1.89 16.53
C LYS D 495 -26.98 -1.82 15.03
N LYS D 496 -26.61 -2.94 14.42
CA LYS D 496 -26.42 -3.05 12.98
C LYS D 496 -27.48 -4.00 12.43
N GLU D 497 -28.59 -3.44 11.96
CA GLU D 497 -29.69 -4.22 11.41
C GLU D 497 -30.01 -3.74 10.00
N TRP D 498 -30.38 -4.67 9.14
CA TRP D 498 -30.71 -4.37 7.76
C TRP D 498 -32.21 -4.08 7.63
N ASN D 499 -32.54 -3.08 6.83
CA ASN D 499 -33.91 -2.70 6.55
C ASN D 499 -34.27 -3.09 5.12
N GLY D 500 -35.48 -2.71 4.71
CA GLY D 500 -35.90 -2.89 3.32
C GLY D 500 -35.93 -4.34 2.89
N MET D 501 -35.63 -4.54 1.61
CA MET D 501 -35.67 -5.88 1.02
C MET D 501 -34.62 -6.80 1.63
N MET D 502 -33.41 -6.27 1.88
CA MET D 502 -32.37 -7.09 2.49
C MET D 502 -32.76 -7.54 3.88
N GLY D 503 -33.33 -6.63 4.68
CA GLY D 503 -33.79 -7.01 6.01
C GLY D 503 -34.93 -7.99 5.97
N GLU D 504 -35.86 -7.83 5.01
CA GLU D 504 -36.94 -8.80 4.86
C GLU D 504 -36.40 -10.18 4.51
N LEU D 505 -35.40 -10.23 3.62
CA LEU D 505 -34.78 -11.50 3.27
C LEU D 505 -34.09 -12.13 4.48
N LEU D 506 -33.38 -11.31 5.26
CA LEU D 506 -32.69 -11.85 6.44
C LEU D 506 -33.67 -12.29 7.52
N SER D 507 -34.85 -11.67 7.58
CA SER D 507 -35.83 -12.03 8.60
C SER D 507 -36.52 -13.36 8.31
N GLY D 508 -36.30 -13.96 7.14
CA GLY D 508 -36.92 -15.22 6.78
C GLY D 508 -38.24 -15.09 6.07
N GLN D 509 -38.74 -13.87 5.86
CA GLN D 509 -40.01 -13.70 5.15
C GLN D 509 -39.88 -14.15 3.70
N ALA D 510 -38.75 -13.86 3.06
CA ALA D 510 -38.51 -14.24 1.68
C ALA D 510 -37.33 -15.19 1.60
N ASP D 511 -37.34 -16.05 0.58
CA ASP D 511 -36.27 -17.01 0.36
C ASP D 511 -35.48 -16.79 -0.91
N MET D 512 -36.12 -16.30 -1.98
CA MET D 512 -35.44 -16.03 -3.24
C MET D 512 -35.90 -14.68 -3.77
N ILE D 513 -34.98 -13.91 -4.32
CA ILE D 513 -35.24 -12.58 -4.82
C ILE D 513 -34.88 -12.53 -6.30
N VAL D 514 -35.85 -12.15 -7.13
CA VAL D 514 -35.62 -11.91 -8.56
C VAL D 514 -35.94 -10.45 -8.81
N ALA D 515 -34.92 -9.59 -8.71
CA ALA D 515 -35.09 -8.17 -8.85
C ALA D 515 -33.71 -7.56 -9.16
N PRO D 516 -33.68 -6.36 -9.74
CA PRO D 516 -32.38 -5.72 -10.01
C PRO D 516 -31.68 -5.29 -8.73
N LEU D 517 -30.63 -6.02 -8.35
CA LEU D 517 -29.89 -5.76 -7.14
C LEU D 517 -28.40 -5.79 -7.46
N THR D 518 -27.72 -4.66 -7.25
CA THR D 518 -26.30 -4.57 -7.55
C THR D 518 -25.49 -5.31 -6.49
N ILE D 519 -24.58 -6.18 -6.94
CA ILE D 519 -23.76 -6.94 -6.01
C ILE D 519 -22.74 -6.03 -5.35
N ASN D 520 -22.65 -6.10 -4.03
CA ASN D 520 -21.72 -5.29 -3.27
C ASN D 520 -21.05 -6.15 -2.21
N ASN D 521 -19.88 -5.71 -1.75
CA ASN D 521 -19.12 -6.47 -0.76
C ASN D 521 -19.88 -6.58 0.55
N GLU D 522 -20.45 -5.48 1.02
CA GLU D 522 -21.18 -5.51 2.29
C GLU D 522 -22.40 -6.42 2.20
N ARG D 523 -23.13 -6.37 1.09
CA ARG D 523 -24.28 -7.24 0.90
C ARG D 523 -23.85 -8.70 0.82
N ALA D 524 -22.73 -8.99 0.16
CA ALA D 524 -22.25 -10.35 0.03
C ALA D 524 -21.66 -10.90 1.32
N GLN D 525 -21.26 -10.03 2.25
CA GLN D 525 -20.74 -10.50 3.53
C GLN D 525 -21.80 -11.21 4.36
N TYR D 526 -23.08 -10.99 4.06
CA TYR D 526 -24.16 -11.62 4.80
C TYR D 526 -25.12 -12.43 3.93
N ILE D 527 -25.29 -12.06 2.66
CA ILE D 527 -26.19 -12.76 1.75
C ILE D 527 -25.40 -13.14 0.51
N GLU D 528 -25.33 -14.43 0.21
CA GLU D 528 -24.63 -14.90 -0.98
C GLU D 528 -25.44 -14.59 -2.23
N PHE D 529 -24.72 -14.28 -3.32
CA PHE D 529 -25.33 -13.96 -4.60
C PHE D 529 -24.92 -14.99 -5.64
N SER D 530 -25.56 -14.91 -6.80
CA SER D 530 -25.31 -15.80 -7.92
C SER D 530 -24.62 -15.03 -9.05
N LYS D 531 -24.42 -15.70 -10.17
CA LYS D 531 -23.78 -15.06 -11.32
C LYS D 531 -24.68 -13.95 -11.87
N PRO D 532 -24.10 -12.80 -12.20
CA PRO D 532 -24.92 -11.69 -12.69
C PRO D 532 -25.55 -11.99 -14.05
N PHE D 533 -26.74 -11.43 -14.27
CA PHE D 533 -27.40 -11.59 -15.55
C PHE D 533 -26.72 -10.78 -16.64
N LYS D 534 -26.36 -9.53 -16.33
CA LYS D 534 -25.74 -8.64 -17.30
C LYS D 534 -24.86 -7.64 -16.55
N TYR D 535 -23.89 -7.07 -17.27
CA TYR D 535 -22.88 -6.20 -16.70
C TYR D 535 -23.16 -4.77 -17.13
N GLN D 536 -23.73 -3.97 -16.23
CA GLN D 536 -23.97 -2.54 -16.49
C GLN D 536 -23.55 -1.74 -15.27
N GLY D 537 -22.83 -0.65 -15.51
CA GLY D 537 -22.37 0.23 -14.45
C GLY D 537 -23.37 1.32 -14.14
N LEU D 538 -22.85 2.43 -13.62
CA LEU D 538 -23.65 3.60 -13.30
C LEU D 538 -23.15 4.80 -14.08
N THR D 539 -24.08 5.65 -14.52
CA THR D 539 -23.75 6.81 -15.34
C THR D 539 -24.47 8.06 -14.83
N ILE D 540 -24.42 9.13 -15.62
CA ILE D 540 -25.01 10.41 -15.25
C ILE D 540 -26.11 10.73 -16.26
N LEU D 541 -27.29 11.08 -15.75
CA LEU D 541 -28.43 11.46 -16.57
C LEU D 541 -28.69 12.96 -16.40
N VAL D 542 -28.65 13.69 -17.50
CA VAL D 542 -28.88 15.14 -17.49
C VAL D 542 -29.80 15.50 -18.64
N LYS D 543 -30.79 16.34 -18.37
CA LYS D 543 -31.70 16.80 -19.41
C LYS D 543 -30.99 17.77 -20.34
N LYS D 544 -31.08 17.52 -21.64
CA LYS D 544 -30.43 18.35 -22.63
C LYS D 544 -31.34 19.49 -23.07
N GLU D 545 -30.73 20.61 -23.42
CA GLU D 545 -31.45 21.77 -23.91
C GLU D 545 -31.40 21.84 -25.43
N ILE D 546 -32.33 22.61 -26.00
CA ILE D 546 -32.45 22.76 -27.44
C ILE D 546 -32.01 24.19 -27.80
N PRO D 547 -30.82 24.38 -28.38
CA PRO D 547 -30.40 25.72 -28.81
C PRO D 547 -31.21 26.16 -30.02
N ARG D 548 -31.84 27.32 -29.92
CA ARG D 548 -32.70 27.86 -30.97
C ARG D 548 -32.10 29.09 -31.63
N SER D 549 -31.74 30.10 -30.83
CA SER D 549 -31.20 31.34 -31.37
C SER D 549 -30.35 32.02 -30.31
N THR D 550 -29.48 32.91 -30.77
CA THR D 550 -28.65 33.72 -29.89
C THR D 550 -28.13 34.92 -30.68
N LEU D 551 -28.28 36.12 -30.10
CA LEU D 551 -27.83 37.36 -30.72
C LEU D 551 -28.48 37.57 -32.09
N ASP D 552 -29.79 37.84 -32.05
CA ASP D 552 -30.54 38.08 -33.27
C ASP D 552 -30.00 39.32 -34.00
N SER D 553 -29.87 39.21 -35.31
CA SER D 553 -29.31 40.27 -36.15
C SER D 553 -30.44 41.01 -36.86
N PHE D 554 -30.91 42.09 -36.25
CA PHE D 554 -32.00 42.90 -36.82
C PHE D 554 -31.45 44.13 -37.54
N MET D 555 -30.86 45.05 -36.79
CA MET D 555 -30.25 46.26 -37.37
C MET D 555 -28.80 46.44 -36.95
N GLN D 556 -28.45 46.10 -35.72
CA GLN D 556 -27.07 46.18 -35.23
C GLN D 556 -26.91 45.27 -34.01
N PRO D 557 -26.75 43.97 -34.20
CA PRO D 557 -26.67 43.06 -33.06
C PRO D 557 -25.34 43.17 -32.32
N PHE D 558 -24.31 43.62 -33.03
CA PHE D 558 -22.97 43.64 -32.47
C PHE D 558 -22.65 44.99 -31.81
N GLN D 559 -22.62 46.06 -32.61
CA GLN D 559 -22.34 47.39 -32.09
C GLN D 559 -23.15 48.41 -32.87
N SER D 560 -23.31 49.59 -32.29
CA SER D 560 -23.98 50.71 -32.94
C SER D 560 -23.02 51.82 -33.37
N THR D 561 -21.91 51.98 -32.66
CA THR D 561 -20.93 52.99 -33.05
C THR D 561 -20.34 52.70 -34.43
N LEU D 562 -20.13 51.42 -34.74
CA LEU D 562 -19.64 51.06 -36.06
C LEU D 562 -20.62 51.45 -37.16
N TRP D 563 -21.92 51.19 -36.93
CA TRP D 563 -22.93 51.58 -37.91
C TRP D 563 -23.02 53.10 -38.04
N LEU D 564 -22.91 53.82 -36.92
CA LEU D 564 -22.90 55.27 -36.99
C LEU D 564 -21.70 55.79 -37.78
N LEU D 565 -20.54 55.18 -37.58
CA LEU D 565 -19.35 55.57 -38.32
C LEU D 565 -19.52 55.28 -39.81
N VAL D 566 -20.12 54.14 -40.15
CA VAL D 566 -20.36 53.81 -41.55
C VAL D 566 -21.32 54.82 -42.17
N GLY D 567 -22.36 55.20 -41.45
CA GLY D 567 -23.29 56.21 -41.95
C GLY D 567 -22.62 57.56 -42.15
N LEU D 568 -21.77 57.96 -41.19
CA LEU D 568 -21.04 59.22 -41.33
C LEU D 568 -20.11 59.16 -42.54
N SER D 569 -19.43 58.03 -42.74
CA SER D 569 -18.51 57.89 -43.87
C SER D 569 -19.25 57.96 -45.20
N VAL D 570 -20.40 57.29 -45.30
CA VAL D 570 -21.13 57.33 -46.57
C VAL D 570 -21.70 58.72 -46.80
N HIS D 571 -22.14 59.41 -45.74
CA HIS D 571 -22.64 60.77 -45.90
C HIS D 571 -21.54 61.71 -46.38
N VAL D 572 -20.35 61.62 -45.77
CA VAL D 572 -19.27 62.54 -46.16
C VAL D 572 -18.76 62.21 -47.55
N VAL D 573 -18.71 60.93 -47.92
CA VAL D 573 -18.27 60.59 -49.27
C VAL D 573 -19.31 61.06 -50.30
N ALA D 574 -20.59 61.00 -49.95
CA ALA D 574 -21.63 61.49 -50.85
C ALA D 574 -21.51 63.00 -51.04
N VAL D 575 -21.34 63.74 -49.95
CA VAL D 575 -21.28 65.19 -50.06
C VAL D 575 -20.01 65.63 -50.79
N MET D 576 -18.89 64.91 -50.58
CA MET D 576 -17.67 65.27 -51.29
C MET D 576 -17.77 64.91 -52.77
N LEU D 577 -18.47 63.82 -53.11
CA LEU D 577 -18.72 63.49 -54.51
C LEU D 577 -19.58 64.57 -55.16
N TYR D 578 -20.61 65.04 -54.45
CA TYR D 578 -21.44 66.12 -54.98
C TYR D 578 -20.62 67.39 -55.19
N LEU D 579 -19.74 67.72 -54.22
CA LEU D 579 -18.91 68.90 -54.36
C LEU D 579 -17.96 68.78 -55.55
N LEU D 580 -17.36 67.60 -55.73
CA LEU D 580 -16.47 67.38 -56.87
C LEU D 580 -17.22 67.49 -58.19
N ASP D 581 -18.43 66.92 -58.25
CA ASP D 581 -19.22 67.01 -59.47
C ASP D 581 -19.61 68.45 -59.78
N ARG D 582 -19.98 69.21 -58.76
CA ARG D 582 -20.32 70.63 -58.98
C ARG D 582 -19.11 71.42 -59.43
N PHE D 583 -17.95 71.16 -58.82
CA PHE D 583 -16.73 71.87 -59.23
C PHE D 583 -16.28 71.44 -60.62
N SER D 584 -16.43 70.17 -60.94
CA SER D 584 -16.02 69.61 -62.23
C SER D 584 -14.57 69.93 -62.57
N LEU D 601 -24.48 65.20 -62.20
CA LEU D 601 -24.86 64.50 -60.98
C LEU D 601 -25.28 65.49 -59.90
N THR D 602 -25.75 66.67 -60.33
CA THR D 602 -26.19 67.69 -59.37
C THR D 602 -27.42 67.21 -58.60
N LEU D 603 -28.34 66.53 -59.28
CA LEU D 603 -29.56 66.04 -58.64
C LEU D 603 -29.25 64.76 -57.86
N SER D 604 -30.30 64.04 -57.45
CA SER D 604 -30.17 62.81 -56.68
C SER D 604 -29.59 61.65 -57.48
N SER D 605 -29.17 61.87 -58.72
CA SER D 605 -28.58 60.79 -59.50
C SER D 605 -27.30 60.28 -58.87
N ALA D 606 -26.49 61.18 -58.31
CA ALA D 606 -25.23 60.77 -57.69
C ALA D 606 -25.47 59.85 -56.50
N MET D 607 -26.41 60.22 -55.63
CA MET D 607 -26.69 59.37 -54.46
C MET D 607 -27.40 58.09 -54.87
N TRP D 608 -28.23 58.14 -55.93
CA TRP D 608 -28.82 56.90 -56.44
C TRP D 608 -27.75 55.95 -56.94
N PHE D 609 -26.75 56.48 -57.67
CA PHE D 609 -25.65 55.64 -58.15
C PHE D 609 -24.83 55.09 -56.98
N SER D 610 -24.60 55.92 -55.96
CA SER D 610 -23.85 55.45 -54.80
C SER D 610 -24.58 54.32 -54.09
N TRP D 611 -25.90 54.47 -53.92
CA TRP D 611 -26.68 53.41 -53.28
C TRP D 611 -26.76 52.16 -54.15
N GLY D 612 -26.79 52.33 -55.47
CA GLY D 612 -26.74 51.17 -56.35
C GLY D 612 -25.41 50.43 -56.28
N VAL D 613 -24.31 51.18 -56.14
CA VAL D 613 -23.01 50.54 -55.94
C VAL D 613 -22.96 49.82 -54.61
N LEU D 614 -23.49 50.45 -53.54
CA LEU D 614 -23.51 49.81 -52.24
C LEU D 614 -24.35 48.54 -52.24
N LEU D 615 -25.52 48.58 -52.88
CA LEU D 615 -26.43 47.45 -52.95
C LEU D 615 -26.77 47.20 -54.40
N ASN D 616 -26.29 46.08 -54.94
CA ASN D 616 -26.43 45.77 -56.36
C ASN D 616 -27.89 45.74 -56.80
N SER D 617 -28.27 46.70 -57.65
CA SER D 617 -29.63 46.76 -58.16
C SER D 617 -29.71 47.08 -59.65
N GLY D 618 -28.57 47.21 -60.33
CA GLY D 618 -28.57 47.54 -61.75
C GLY D 618 -29.11 48.92 -62.06
N ILE D 619 -28.77 49.92 -61.25
CA ILE D 619 -29.22 51.30 -61.43
C ILE D 619 -27.99 52.19 -61.56
N GLY D 620 -27.98 53.01 -62.61
CA GLY D 620 -26.87 53.91 -62.84
C GLY D 620 -26.65 54.23 -64.32
N SER D 626 -14.73 63.87 -65.33
CA SER D 626 -13.95 62.93 -66.13
C SER D 626 -13.22 61.92 -65.23
N PHE D 627 -11.90 62.10 -65.12
CA PHE D 627 -11.10 61.20 -64.29
C PHE D 627 -11.25 61.47 -62.81
N SER D 628 -11.79 62.63 -62.43
CA SER D 628 -11.94 62.97 -61.02
C SER D 628 -12.91 62.01 -60.32
N ALA D 629 -14.02 61.68 -60.98
CA ALA D 629 -15.01 60.78 -60.38
C ALA D 629 -14.59 59.31 -60.49
N ARG D 630 -13.68 58.98 -61.42
CA ARG D 630 -13.30 57.58 -61.60
C ARG D 630 -12.61 57.02 -60.37
N ILE D 631 -11.67 57.78 -59.79
CA ILE D 631 -10.95 57.31 -58.61
C ILE D 631 -11.90 57.19 -57.42
N LEU D 632 -12.82 58.15 -57.26
CA LEU D 632 -13.79 58.08 -56.17
C LEU D 632 -14.68 56.85 -56.32
N GLY D 633 -15.16 56.58 -57.53
CA GLY D 633 -15.97 55.39 -57.75
C GLY D 633 -15.19 54.11 -57.48
N MET D 634 -13.92 54.08 -57.91
CA MET D 634 -13.10 52.90 -57.69
C MET D 634 -12.88 52.63 -56.20
N VAL D 635 -12.52 53.67 -55.45
CA VAL D 635 -12.26 53.48 -54.02
C VAL D 635 -13.56 53.14 -53.28
N TRP D 636 -14.69 53.72 -53.71
CA TRP D 636 -15.96 53.38 -53.07
C TRP D 636 -16.35 51.93 -53.36
N ALA D 637 -16.14 51.46 -54.59
CA ALA D 637 -16.43 50.08 -54.92
C ALA D 637 -15.54 49.13 -54.12
N GLY D 638 -14.25 49.48 -53.97
CA GLY D 638 -13.36 48.66 -53.17
C GLY D 638 -13.75 48.64 -51.70
N PHE D 639 -14.19 49.78 -51.18
CA PHE D 639 -14.54 49.88 -49.77
C PHE D 639 -15.89 49.23 -49.44
N ALA D 640 -16.79 49.15 -50.43
CA ALA D 640 -18.13 48.62 -50.16
C ALA D 640 -18.09 47.17 -49.71
N MET D 641 -17.27 46.33 -50.36
CA MET D 641 -17.34 44.89 -50.15
C MET D 641 -16.72 44.45 -48.83
N ILE D 642 -15.77 45.20 -48.28
CA ILE D 642 -15.10 44.76 -47.06
C ILE D 642 -16.08 44.74 -45.89
N ILE D 643 -17.05 45.66 -45.87
CA ILE D 643 -18.02 45.68 -44.77
C ILE D 643 -18.85 44.40 -44.76
N VAL D 644 -19.38 44.01 -45.92
CA VAL D 644 -20.19 42.79 -45.97
C VAL D 644 -19.33 41.56 -45.75
N ALA D 645 -18.06 41.58 -46.21
CA ALA D 645 -17.16 40.46 -45.94
C ALA D 645 -16.93 40.28 -44.45
N SER D 646 -16.68 41.39 -43.74
CA SER D 646 -16.50 41.32 -42.30
C SER D 646 -17.78 40.87 -41.61
N TYR D 647 -18.93 41.35 -42.08
CA TYR D 647 -20.21 40.97 -41.47
C TYR D 647 -20.45 39.46 -41.61
N THR D 648 -20.23 38.92 -42.81
CA THR D 648 -20.46 37.49 -43.00
C THR D 648 -19.41 36.65 -42.29
N ALA D 649 -18.17 37.14 -42.18
CA ALA D 649 -17.17 36.42 -41.40
C ALA D 649 -17.55 36.36 -39.92
N ASN D 650 -18.03 37.48 -39.37
CA ASN D 650 -18.48 37.49 -37.97
C ASN D 650 -19.69 36.59 -37.79
N LEU D 651 -20.63 36.60 -38.74
CA LEU D 651 -21.79 35.74 -38.64
C LEU D 651 -21.38 34.26 -38.66
N ALA D 652 -20.47 33.90 -39.56
CA ALA D 652 -19.99 32.51 -39.61
C ALA D 652 -19.28 32.12 -38.32
N ALA D 653 -18.45 33.02 -37.78
CA ALA D 653 -17.75 32.72 -36.53
C ALA D 653 -18.72 32.53 -35.38
N PHE D 654 -19.75 33.37 -35.30
CA PHE D 654 -20.71 33.27 -34.20
C PHE D 654 -21.62 32.06 -34.37
N LEU D 655 -21.87 31.63 -35.60
CA LEU D 655 -22.64 30.40 -35.79
C LEU D 655 -21.80 29.16 -35.48
N VAL D 656 -20.52 29.20 -35.79
CA VAL D 656 -19.65 28.07 -35.47
C VAL D 656 -19.46 27.95 -33.95
N LEU D 657 -19.21 29.08 -33.29
CA LEU D 657 -19.01 29.10 -31.84
C LEU D 657 -20.37 29.21 -31.17
N ASP D 658 -20.87 28.10 -30.66
CA ASP D 658 -22.16 28.03 -30.00
C ASP D 658 -21.98 27.83 -28.50
N ARG D 659 -23.10 27.68 -27.79
CA ARG D 659 -23.05 27.47 -26.35
C ARG D 659 -22.30 26.20 -25.98
N PRO D 660 -22.55 25.03 -26.62
CA PRO D 660 -21.83 23.80 -26.28
C PRO D 660 -21.77 23.52 -24.79
N GLU D 661 -22.91 23.67 -24.10
CA GLU D 661 -22.95 23.48 -22.65
C GLU D 661 -22.95 22.00 -22.32
N GLU D 662 -21.89 21.55 -21.66
CA GLU D 662 -21.76 20.17 -21.22
C GLU D 662 -21.87 20.13 -19.69
N ARG D 663 -22.74 19.25 -19.18
CA ARG D 663 -22.98 19.17 -17.75
C ARG D 663 -21.89 18.37 -17.05
N ILE D 664 -21.77 17.09 -17.39
CA ILE D 664 -20.79 16.20 -16.78
C ILE D 664 -20.01 15.50 -17.89
N THR D 665 -18.69 15.63 -17.85
CA THR D 665 -17.81 14.96 -18.81
C THR D 665 -17.29 13.63 -18.30
N GLY D 666 -17.60 13.26 -17.06
CA GLY D 666 -17.12 12.01 -16.52
C GLY D 666 -17.06 12.07 -15.00
N ILE D 667 -16.54 10.98 -14.44
CA ILE D 667 -16.41 10.89 -12.98
C ILE D 667 -15.37 11.89 -12.49
N ASN D 668 -14.32 12.13 -13.27
CA ASN D 668 -13.25 13.03 -12.89
C ASN D 668 -13.52 14.48 -13.28
N ASP D 669 -14.78 14.85 -13.44
CA ASP D 669 -15.14 16.23 -13.80
C ASP D 669 -14.79 17.16 -12.63
N PRO D 670 -13.95 18.18 -12.84
CA PRO D 670 -13.66 19.11 -11.74
C PRO D 670 -14.88 19.85 -11.23
N ARG D 671 -15.86 20.13 -12.09
CA ARG D 671 -17.09 20.78 -11.64
C ARG D 671 -17.84 19.90 -10.65
N LEU D 672 -17.91 18.60 -10.92
CA LEU D 672 -18.55 17.67 -10.00
C LEU D 672 -17.79 17.54 -8.68
N ARG D 673 -16.49 17.83 -8.68
CA ARG D 673 -15.69 17.72 -7.47
C ARG D 673 -15.98 18.81 -6.45
N ASN D 674 -16.74 19.83 -6.81
CA ASN D 674 -17.04 20.93 -5.91
C ASN D 674 -18.55 21.10 -5.78
N PRO D 675 -19.03 21.42 -4.58
CA PRO D 675 -20.46 21.62 -4.38
C PRO D 675 -20.90 22.99 -4.88
N SER D 676 -21.95 23.01 -5.70
CA SER D 676 -22.50 24.24 -6.26
C SER D 676 -24.00 24.27 -6.08
N ASP D 677 -24.53 25.42 -5.70
CA ASP D 677 -25.98 25.57 -5.54
C ASP D 677 -26.68 25.62 -6.88
N LYS D 678 -26.00 26.08 -7.93
CA LYS D 678 -26.62 26.18 -9.24
C LYS D 678 -26.94 24.80 -9.80
N PHE D 679 -26.04 23.83 -9.64
CA PHE D 679 -26.22 22.47 -10.13
C PHE D 679 -26.36 21.54 -8.94
N ILE D 680 -27.56 20.99 -8.75
CA ILE D 680 -27.85 20.08 -7.65
C ILE D 680 -28.05 18.69 -8.22
N TYR D 681 -27.36 17.70 -7.64
CA TYR D 681 -27.45 16.33 -8.09
C TYR D 681 -27.20 15.40 -6.91
N ALA D 682 -27.96 14.31 -6.86
CA ALA D 682 -27.85 13.35 -5.77
C ALA D 682 -28.59 12.08 -6.17
N THR D 683 -28.42 11.04 -5.36
CA THR D 683 -29.10 9.77 -5.56
C THR D 683 -30.47 9.84 -4.90
N VAL D 684 -31.17 8.69 -4.84
CA VAL D 684 -32.49 8.64 -4.25
C VAL D 684 -32.40 8.29 -2.77
N LYS D 685 -31.76 7.16 -2.46
CA LYS D 685 -31.63 6.70 -1.08
C LYS D 685 -30.43 5.76 -1.02
N GLN D 686 -30.29 5.05 0.10
CA GLN D 686 -29.17 4.15 0.27
C GLN D 686 -29.22 3.01 -0.74
N SER D 687 -28.09 2.74 -1.38
CA SER D 687 -27.97 1.70 -2.39
C SER D 687 -26.49 1.37 -2.56
N SER D 688 -26.17 0.60 -3.60
CA SER D 688 -24.78 0.30 -3.90
C SER D 688 -24.00 1.56 -4.26
N VAL D 689 -24.66 2.50 -4.94
CA VAL D 689 -24.01 3.77 -5.26
C VAL D 689 -23.69 4.53 -3.97
N ASP D 690 -24.60 4.48 -3.00
CA ASP D 690 -24.35 5.13 -1.72
C ASP D 690 -23.14 4.52 -1.01
N ILE D 691 -23.01 3.19 -1.05
CA ILE D 691 -21.87 2.54 -0.42
C ILE D 691 -20.59 2.89 -1.16
N TYR D 692 -20.64 2.96 -2.50
CA TYR D 692 -19.48 3.37 -3.27
C TYR D 692 -19.04 4.78 -2.91
N PHE D 693 -19.99 5.70 -2.78
CA PHE D 693 -19.66 7.06 -2.39
C PHE D 693 -19.13 7.13 -0.96
N ARG D 694 -19.65 6.29 -0.07
CA ARG D 694 -19.14 6.24 1.30
C ARG D 694 -17.69 5.77 1.31
N ARG D 695 -17.37 4.74 0.52
CA ARG D 695 -16.02 4.19 0.47
C ARG D 695 -15.20 4.91 -0.60
N GLN D 696 -14.90 6.17 -0.31
CA GLN D 696 -14.08 7.02 -1.16
C GLN D 696 -12.91 7.57 -0.35
N VAL D 697 -11.72 7.54 -0.96
CA VAL D 697 -10.52 7.96 -0.24
C VAL D 697 -10.52 9.46 0.00
N CYS D 698 -10.92 10.26 -1.01
CA CYS D 698 -10.84 11.70 -0.91
C CYS D 698 -12.06 12.42 -1.45
N LEU D 699 -13.16 11.72 -1.70
CA LEU D 699 -14.40 12.34 -2.16
C LEU D 699 -15.33 12.49 -0.96
N SER D 700 -15.09 13.56 -0.20
CA SER D 700 -15.84 13.81 1.04
C SER D 700 -16.98 14.79 0.87
N THR D 701 -16.79 15.87 0.10
CA THR D 701 -17.81 16.89 -0.05
C THR D 701 -19.03 16.40 -0.82
N MET D 702 -18.93 15.26 -1.49
CA MET D 702 -20.07 14.72 -2.23
C MET D 702 -21.25 14.42 -1.30
N TYR D 703 -20.97 13.84 -0.13
CA TYR D 703 -22.03 13.53 0.81
C TYR D 703 -22.70 14.79 1.33
N ARG D 704 -21.91 15.82 1.66
CA ARG D 704 -22.50 17.08 2.10
C ARG D 704 -23.33 17.73 1.00
N HIS D 705 -22.90 17.57 -0.26
CA HIS D 705 -23.67 18.14 -1.36
C HIS D 705 -24.93 17.35 -1.66
N MET D 706 -24.95 16.05 -1.36
CA MET D 706 -26.05 15.18 -1.74
C MET D 706 -27.04 14.90 -0.61
N GLU D 707 -26.59 14.89 0.64
CA GLU D 707 -27.48 14.56 1.75
C GLU D 707 -28.59 15.60 1.94
N LYS D 708 -28.40 16.81 1.44
CA LYS D 708 -29.41 17.85 1.58
C LYS D 708 -30.54 17.74 0.58
N HIS D 709 -30.44 16.84 -0.40
CA HIS D 709 -31.48 16.65 -1.42
C HIS D 709 -31.61 15.16 -1.69
N ASN D 710 -32.68 14.56 -1.16
CA ASN D 710 -32.96 13.14 -1.36
C ASN D 710 -34.43 12.95 -1.72
N TYR D 711 -34.70 11.87 -2.46
CA TYR D 711 -36.04 11.54 -2.90
C TYR D 711 -36.39 10.13 -2.42
N GLU D 712 -37.55 9.64 -2.87
CA GLU D 712 -38.06 8.35 -2.43
C GLU D 712 -38.06 7.27 -3.51
N SER D 713 -38.08 7.65 -4.79
CA SER D 713 -38.11 6.67 -5.86
C SER D 713 -37.48 7.24 -7.12
N ALA D 714 -37.02 6.33 -7.98
CA ALA D 714 -36.41 6.75 -9.24
C ALA D 714 -37.42 7.44 -10.15
N ALA D 715 -38.69 7.02 -10.10
CA ALA D 715 -39.71 7.68 -10.90
C ALA D 715 -39.89 9.13 -10.47
N GLU D 716 -39.93 9.38 -9.16
CA GLU D 716 -40.02 10.75 -8.67
C GLU D 716 -38.76 11.54 -9.02
N ALA D 717 -37.60 10.90 -8.93
CA ALA D 717 -36.35 11.59 -9.26
C ALA D 717 -36.33 12.02 -10.72
N ILE D 718 -36.71 11.11 -11.63
CA ILE D 718 -36.69 11.45 -13.05
C ILE D 718 -37.78 12.46 -13.38
N GLN D 719 -38.93 12.39 -12.70
CA GLN D 719 -39.95 13.41 -12.89
C GLN D 719 -39.46 14.78 -12.47
N ALA D 720 -38.75 14.86 -11.35
CA ALA D 720 -38.17 16.13 -10.90
C ALA D 720 -37.12 16.63 -11.88
N VAL D 721 -36.31 15.71 -12.41
CA VAL D 721 -35.31 16.09 -13.40
C VAL D 721 -35.97 16.66 -14.65
N ARG D 722 -37.05 16.02 -15.11
CA ARG D 722 -37.80 16.54 -16.25
C ARG D 722 -38.40 17.91 -15.95
N ASP D 723 -38.90 18.09 -14.73
CA ASP D 723 -39.51 19.36 -14.32
C ASP D 723 -38.47 20.43 -13.98
N ASN D 724 -37.20 20.22 -14.35
CA ASN D 724 -36.10 21.16 -14.16
C ASN D 724 -35.77 21.40 -12.69
N LYS D 725 -36.36 20.63 -11.77
CA LYS D 725 -36.03 20.77 -10.36
C LYS D 725 -34.58 20.38 -10.10
N LEU D 726 -34.12 19.31 -10.72
CA LEU D 726 -32.75 18.82 -10.58
C LEU D 726 -31.98 19.05 -11.88
N HIS D 727 -30.69 18.72 -11.85
CA HIS D 727 -29.82 18.86 -13.00
C HIS D 727 -29.13 17.59 -13.42
N ALA D 728 -28.84 16.68 -12.49
CA ALA D 728 -28.21 15.41 -12.82
C ALA D 728 -28.67 14.35 -11.83
N PHE D 729 -28.64 13.10 -12.27
CA PHE D 729 -29.05 11.97 -11.45
C PHE D 729 -28.11 10.80 -11.70
N ILE D 730 -27.90 9.99 -10.66
CA ILE D 730 -26.98 8.86 -10.71
C ILE D 730 -27.77 7.60 -10.43
N TRP D 731 -27.66 6.63 -11.33
CA TRP D 731 -28.33 5.33 -11.19
C TRP D 731 -27.66 4.36 -12.15
N ASP D 732 -28.21 3.15 -12.25
CA ASP D 732 -27.65 2.12 -13.12
C ASP D 732 -27.71 2.58 -14.57
N SER D 733 -26.65 2.26 -15.32
CA SER D 733 -26.54 2.72 -16.70
C SER D 733 -27.65 2.17 -17.57
N ALA D 734 -28.06 0.93 -17.35
CA ALA D 734 -29.12 0.33 -18.16
C ALA D 734 -30.44 1.08 -17.99
N VAL D 735 -30.77 1.47 -16.75
CA VAL D 735 -32.01 2.19 -16.49
C VAL D 735 -32.00 3.53 -17.21
N LEU D 736 -30.88 4.26 -17.12
CA LEU D 736 -30.78 5.56 -17.77
C LEU D 736 -30.85 5.41 -19.29
N GLU D 737 -30.20 4.39 -19.84
CA GLU D 737 -30.25 4.17 -21.29
C GLU D 737 -31.67 3.86 -21.74
N PHE D 738 -32.39 3.02 -20.98
CA PHE D 738 -33.77 2.72 -21.34
C PHE D 738 -34.65 3.96 -21.25
N GLU D 739 -34.46 4.78 -20.21
CA GLU D 739 -35.24 6.00 -20.08
C GLU D 739 -34.95 6.95 -21.24
N ALA D 740 -33.68 7.08 -21.64
CA ALA D 740 -33.34 7.93 -22.77
C ALA D 740 -33.94 7.40 -24.07
N SER D 741 -33.92 6.08 -24.25
CA SER D 741 -34.50 5.49 -25.46
C SER D 741 -36.01 5.72 -25.52
N GLN D 742 -36.70 5.56 -24.38
CA GLN D 742 -38.14 5.73 -24.37
C GLN D 742 -38.57 7.19 -24.30
N LYS D 743 -37.67 8.10 -23.96
CA LYS D 743 -37.97 9.53 -23.86
C LYS D 743 -36.81 10.30 -24.47
N CYS D 744 -37.02 10.85 -25.67
CA CYS D 744 -35.95 11.53 -26.39
C CYS D 744 -35.56 12.87 -25.77
N ASP D 745 -36.34 13.37 -24.81
CA ASP D 745 -36.02 14.65 -24.18
C ASP D 745 -34.88 14.53 -23.16
N LEU D 746 -34.42 13.33 -22.86
CA LEU D 746 -33.34 13.11 -21.89
C LEU D 746 -32.19 12.39 -22.59
N VAL D 747 -30.96 12.74 -22.19
CA VAL D 747 -29.76 12.15 -22.77
C VAL D 747 -28.84 11.73 -21.62
N THR D 748 -28.00 10.73 -21.90
CA THR D 748 -27.05 10.20 -20.92
C THR D 748 -25.64 10.56 -21.34
N THR D 749 -24.88 11.13 -20.42
CA THR D 749 -23.50 11.54 -20.67
C THR D 749 -22.55 10.72 -19.78
N GLY D 750 -21.28 11.06 -19.83
CA GLY D 750 -20.27 10.39 -19.04
C GLY D 750 -19.89 9.03 -19.60
N GLU D 751 -19.14 8.30 -18.78
CA GLU D 751 -18.66 6.97 -19.15
C GLU D 751 -18.88 6.02 -17.99
N LEU D 752 -18.78 4.73 -18.30
CA LEU D 752 -19.00 3.69 -17.29
C LEU D 752 -17.88 3.71 -16.25
N PHE D 753 -18.27 3.60 -14.99
CA PHE D 753 -17.32 3.51 -13.88
C PHE D 753 -17.94 2.70 -12.76
N PHE D 754 -17.08 2.07 -11.96
CA PHE D 754 -17.51 1.17 -10.89
C PHE D 754 -18.46 0.10 -11.43
N ARG D 755 -18.10 -0.48 -12.57
CA ARG D 755 -18.95 -1.45 -13.23
C ARG D 755 -19.12 -2.71 -12.39
N SER D 756 -20.36 -3.18 -12.28
CA SER D 756 -20.66 -4.39 -11.54
C SER D 756 -21.97 -4.96 -12.06
N GLY D 757 -22.17 -6.26 -11.83
CA GLY D 757 -23.34 -6.97 -12.29
C GLY D 757 -24.45 -6.99 -11.26
N PHE D 758 -25.46 -7.83 -11.54
CA PHE D 758 -26.58 -8.03 -10.66
C PHE D 758 -26.39 -9.33 -9.88
N GLY D 759 -27.41 -9.75 -9.15
CA GLY D 759 -27.33 -10.98 -8.37
C GLY D 759 -28.69 -11.37 -7.86
N ILE D 760 -28.73 -12.55 -7.24
CA ILE D 760 -29.93 -13.12 -6.65
C ILE D 760 -29.71 -13.27 -5.15
N GLY D 761 -30.61 -12.68 -4.36
CA GLY D 761 -30.50 -12.74 -2.92
C GLY D 761 -31.03 -14.03 -2.34
N MET D 762 -30.12 -14.90 -1.88
CA MET D 762 -30.48 -16.18 -1.29
C MET D 762 -29.72 -16.39 0.00
N ARG D 763 -30.35 -17.12 0.93
CA ARG D 763 -29.71 -17.43 2.20
C ARG D 763 -28.54 -18.38 1.98
N LYS D 764 -27.57 -18.30 2.90
CA LYS D 764 -26.33 -19.08 2.74
C LYS D 764 -26.59 -20.58 2.82
N ASP D 765 -27.63 -21.00 3.52
CA ASP D 765 -27.94 -22.42 3.67
C ASP D 765 -28.91 -22.93 2.62
N SER D 766 -29.26 -22.10 1.64
CA SER D 766 -30.17 -22.55 0.58
C SER D 766 -29.47 -23.55 -0.32
N PRO D 767 -30.03 -24.73 -0.55
CA PRO D 767 -29.38 -25.73 -1.40
C PRO D 767 -29.65 -25.50 -2.89
N TRP D 768 -30.14 -24.30 -3.24
CA TRP D 768 -30.49 -23.98 -4.62
C TRP D 768 -29.42 -23.14 -5.31
N LYS D 769 -28.20 -23.11 -4.76
CA LYS D 769 -27.14 -22.32 -5.37
C LYS D 769 -26.80 -22.82 -6.76
N GLN D 770 -26.31 -24.07 -6.85
CA GLN D 770 -25.91 -24.62 -8.14
C GLN D 770 -27.10 -24.81 -9.06
N ASN D 771 -28.24 -25.26 -8.52
CA ASN D 771 -29.40 -25.52 -9.36
C ASN D 771 -29.95 -24.25 -10.01
N VAL D 772 -29.65 -23.08 -9.45
CA VAL D 772 -30.04 -21.83 -10.08
C VAL D 772 -28.92 -21.27 -10.95
N SER D 773 -27.67 -21.40 -10.50
CA SER D 773 -26.54 -20.88 -11.28
C SER D 773 -26.42 -21.60 -12.62
N LEU D 774 -26.59 -22.92 -12.63
CA LEU D 774 -26.52 -23.67 -13.89
C LEU D 774 -27.61 -23.24 -14.84
N SER D 775 -28.84 -23.06 -14.33
CA SER D 775 -29.94 -22.63 -15.18
C SER D 775 -29.69 -21.23 -15.74
N ILE D 776 -29.16 -20.33 -14.91
CA ILE D 776 -28.88 -18.98 -15.37
C ILE D 776 -27.81 -19.00 -16.46
N LEU D 777 -26.75 -19.79 -16.27
CA LEU D 777 -25.71 -19.87 -17.29
C LEU D 777 -26.22 -20.50 -18.57
N LYS D 778 -27.08 -21.53 -18.46
CA LYS D 778 -27.66 -22.12 -19.65
C LYS D 778 -28.53 -21.13 -20.41
N SER D 779 -29.35 -20.36 -19.69
CA SER D 779 -30.17 -19.35 -20.34
C SER D 779 -29.30 -18.27 -21.00
N HIS D 780 -28.21 -17.89 -20.34
CA HIS D 780 -27.32 -16.88 -20.91
C HIS D 780 -26.64 -17.39 -22.17
N GLU D 781 -26.21 -18.65 -22.17
CA GLU D 781 -25.51 -19.21 -23.32
C GLU D 781 -26.44 -19.68 -24.43
N ASN D 782 -27.72 -19.82 -24.18
CA ASN D 782 -28.67 -20.26 -25.19
C ASN D 782 -29.37 -19.10 -25.89
N GLY D 783 -28.97 -17.86 -25.60
CA GLY D 783 -29.53 -16.70 -26.27
C GLY D 783 -30.83 -16.17 -25.69
N PHE D 784 -31.26 -16.67 -24.53
CA PHE D 784 -32.46 -16.13 -23.90
C PHE D 784 -32.24 -14.69 -23.43
N MET D 785 -31.06 -14.41 -22.88
CA MET D 785 -30.78 -13.07 -22.35
C MET D 785 -30.81 -12.02 -23.46
N GLU D 786 -30.19 -12.31 -24.61
CA GLU D 786 -30.19 -11.33 -25.69
C GLU D 786 -31.58 -11.14 -26.27
N ASP D 787 -32.37 -12.22 -26.36
CA ASP D 787 -33.74 -12.10 -26.83
C ASP D 787 -34.58 -11.23 -25.89
N LEU D 788 -34.42 -11.44 -24.58
CA LEU D 788 -35.15 -10.61 -23.62
C LEU D 788 -34.69 -9.15 -23.70
N ASP D 789 -33.39 -8.93 -23.88
CA ASP D 789 -32.88 -7.57 -24.02
C ASP D 789 -33.47 -6.89 -25.25
N LYS D 790 -33.55 -7.61 -26.36
CA LYS D 790 -34.12 -7.04 -27.58
C LYS D 790 -35.61 -6.77 -27.42
N THR D 791 -36.34 -7.67 -26.76
CA THR D 791 -37.79 -7.59 -26.67
C THR D 791 -38.29 -6.82 -25.46
N TRP D 792 -37.40 -6.29 -24.62
CA TRP D 792 -37.82 -5.52 -23.45
C TRP D 792 -37.08 -4.21 -23.25
N VAL D 793 -35.89 -4.04 -23.82
CA VAL D 793 -35.09 -2.83 -23.59
C VAL D 793 -34.81 -2.05 -24.86
N ARG D 794 -35.07 -2.63 -26.04
CA ARG D 794 -34.76 -1.95 -27.29
C ARG D 794 -36.01 -1.73 -28.13
N TYR D 795 -37.07 -1.21 -27.51
CA TYR D 795 -38.31 -0.94 -28.23
C TYR D 795 -38.08 0.08 -29.35
N GLN D 796 -37.72 1.30 -28.97
CA GLN D 796 -37.51 2.38 -29.92
C GLN D 796 -36.29 3.19 -29.52
N GLU D 797 -35.77 3.95 -30.48
CA GLU D 797 -34.61 4.80 -30.24
C GLU D 797 -34.92 6.25 -30.62
N CYS D 798 -33.91 7.11 -30.58
CA CYS D 798 -34.09 8.52 -30.92
C CYS D 798 -33.09 8.96 -31.98
N THR D 809 -33.86 29.28 -37.77
CA THR D 809 -33.84 29.46 -36.33
C THR D 809 -35.21 29.88 -35.81
N PHE D 810 -35.47 29.59 -34.53
CA PHE D 810 -36.77 29.91 -33.94
C PHE D 810 -36.99 31.41 -33.85
N GLU D 811 -35.96 32.16 -33.48
CA GLU D 811 -36.09 33.60 -33.27
C GLU D 811 -35.13 34.43 -34.11
N ASN D 812 -33.90 33.95 -34.32
CA ASN D 812 -32.89 34.77 -35.00
C ASN D 812 -33.31 35.10 -36.43
N MET D 813 -33.89 34.14 -37.14
CA MET D 813 -34.31 34.34 -38.52
C MET D 813 -35.80 34.62 -38.65
N ALA D 814 -36.50 34.82 -37.53
CA ALA D 814 -37.93 35.10 -37.56
C ALA D 814 -38.27 36.48 -37.01
N GLY D 815 -37.79 36.81 -35.81
CA GLY D 815 -38.09 38.12 -35.25
C GLY D 815 -37.48 39.26 -36.05
N VAL D 816 -36.23 39.09 -36.49
CA VAL D 816 -35.61 40.13 -37.29
C VAL D 816 -36.31 40.25 -38.64
N PHE D 817 -36.79 39.14 -39.21
CA PHE D 817 -37.54 39.22 -40.45
C PHE D 817 -38.85 39.97 -40.26
N MET D 818 -39.55 39.71 -39.15
CA MET D 818 -40.79 40.43 -38.88
C MET D 818 -40.53 41.92 -38.70
N LEU D 819 -39.47 42.27 -37.96
CA LEU D 819 -39.14 43.67 -37.78
C LEU D 819 -38.79 44.34 -39.11
N VAL D 820 -38.02 43.64 -39.96
CA VAL D 820 -37.65 44.19 -41.26
C VAL D 820 -38.90 44.38 -42.13
N ALA D 821 -39.81 43.41 -42.11
CA ALA D 821 -41.04 43.53 -42.90
C ALA D 821 -41.88 44.70 -42.42
N GLY D 822 -42.01 44.86 -41.10
CA GLY D 822 -42.76 46.01 -40.58
C GLY D 822 -42.12 47.33 -40.96
N GLY D 823 -40.80 47.41 -40.86
CA GLY D 823 -40.11 48.63 -41.26
C GLY D 823 -40.26 48.93 -42.74
N ILE D 824 -40.23 47.87 -43.57
CA ILE D 824 -40.40 48.06 -45.01
C ILE D 824 -41.81 48.54 -45.33
N VAL D 825 -42.82 47.99 -44.65
CA VAL D 825 -44.18 48.44 -44.87
C VAL D 825 -44.34 49.90 -44.44
N ALA D 826 -43.76 50.26 -43.30
CA ALA D 826 -43.84 51.65 -42.84
C ALA D 826 -43.14 52.58 -43.82
N GLY D 827 -41.97 52.19 -44.31
CA GLY D 827 -41.27 53.01 -45.28
C GLY D 827 -42.00 53.14 -46.60
N ILE D 828 -42.66 52.06 -47.02
CA ILE D 828 -43.46 52.11 -48.25
C ILE D 828 -44.62 53.08 -48.10
N PHE D 829 -45.32 53.03 -46.96
CA PHE D 829 -46.41 53.97 -46.72
C PHE D 829 -45.90 55.41 -46.66
N LEU D 830 -44.76 55.62 -45.99
CA LEU D 830 -44.19 56.96 -45.88
C LEU D 830 -43.79 57.50 -47.24
N ILE D 831 -43.14 56.68 -48.08
CA ILE D 831 -42.74 57.17 -49.40
C ILE D 831 -43.95 57.36 -50.29
N PHE D 832 -45.01 56.55 -50.10
CA PHE D 832 -46.23 56.74 -50.86
C PHE D 832 -46.86 58.10 -50.56
N ILE D 833 -47.03 58.42 -49.28
CA ILE D 833 -47.62 59.72 -48.94
C ILE D 833 -46.68 60.85 -49.35
N GLU D 834 -45.36 60.64 -49.24
CA GLU D 834 -44.40 61.67 -49.62
C GLU D 834 -44.50 61.99 -51.11
N ILE D 835 -44.54 60.97 -51.96
CA ILE D 835 -44.65 61.22 -53.39
C ILE D 835 -46.03 61.77 -53.74
N ALA D 836 -47.07 61.35 -53.01
CA ALA D 836 -48.41 61.89 -53.26
C ALA D 836 -48.43 63.39 -53.00
N TYR D 837 -47.78 63.84 -51.94
CA TYR D 837 -47.70 65.28 -51.68
C TYR D 837 -46.75 65.97 -52.66
N LYS D 838 -45.64 65.31 -53.02
CA LYS D 838 -44.63 65.94 -53.86
C LYS D 838 -45.13 66.18 -55.28
N ARG D 839 -45.85 65.20 -55.85
CA ARG D 839 -46.38 65.38 -57.20
C ARG D 839 -47.39 66.51 -57.24
N HIS D 840 -48.25 66.60 -56.24
CA HIS D 840 -49.22 67.70 -56.17
C HIS D 840 -48.52 69.04 -56.01
N LYS D 841 -47.48 69.10 -55.19
CA LYS D 841 -46.75 70.35 -55.00
C LYS D 841 -46.05 70.78 -56.29
N ASP D 842 -45.43 69.82 -57.00
CA ASP D 842 -44.74 70.16 -58.23
C ASP D 842 -45.71 70.57 -59.33
N ALA D 843 -46.83 69.86 -59.46
CA ALA D 843 -47.84 70.16 -60.47
C ALA D 843 -49.11 70.59 -59.74
N ARG D 844 -49.21 71.89 -59.49
CA ARG D 844 -50.37 72.45 -58.80
C ARG D 844 -51.25 73.25 -59.75
C1 NAG E . -43.37 3.28 37.69
C2 NAG E . -43.41 4.73 38.19
C3 NAG E . -43.94 5.66 37.10
C4 NAG E . -43.13 5.48 35.81
C5 NAG E . -43.12 4.00 35.40
C6 NAG E . -42.26 3.74 34.20
C7 NAG E . -43.68 4.86 40.62
C8 NAG E . -44.65 5.00 41.75
N2 NAG E . -44.20 4.86 39.40
O3 NAG E . -43.85 7.01 37.54
O4 NAG E . -43.71 6.25 34.77
O5 NAG E . -42.60 3.21 36.48
O6 NAG E . -42.19 4.88 33.35
O7 NAG E . -42.47 4.76 40.81
C1 NAG F . 0.37 40.70 15.21
C2 NAG F . 0.29 40.32 16.67
C3 NAG F . -0.27 41.48 17.50
C4 NAG F . 0.55 42.74 17.25
C5 NAG F . 0.63 43.02 15.75
C6 NAG F . 1.53 44.19 15.42
C7 NAG F . -0.03 37.93 17.15
C8 NAG F . -1.02 36.82 17.31
N2 NAG F . -0.54 39.13 16.86
O3 NAG F . -0.23 41.14 18.88
O4 NAG F . -0.05 43.84 17.90
O5 NAG F . 1.17 41.88 15.06
O6 NAG F . 0.96 45.01 14.41
O7 NAG F . 1.18 37.74 17.29
C1 NAG G . 57.66 -32.49 44.05
C2 NAG G . 58.68 -33.10 45.02
C3 NAG G . 59.89 -33.59 44.26
C4 NAG G . 59.48 -34.72 43.32
C5 NAG G . 58.39 -34.23 42.38
C6 NAG G . 57.13 -35.07 42.44
C7 NAG G . 58.85 -32.33 47.35
C8 NAG G . 59.32 -31.24 48.26
N2 NAG G . 59.07 -32.14 46.05
O3 NAG G . 60.88 -34.06 45.18
O4 NAG G . 60.60 -35.15 42.56
O5 NAG G . 58.00 -32.87 42.66
O6 NAG G . 56.44 -35.07 41.20
O7 NAG G . 58.30 -33.34 47.77
C1 NAG H . 58.69 -5.15 39.80
C2 NAG H . 60.17 -4.98 40.14
C3 NAG H . 60.58 -5.93 41.27
C4 NAG H . 59.65 -5.75 42.46
C5 NAG H . 58.20 -5.89 42.03
C6 NAG H . 57.22 -5.61 43.16
C7 NAG H . 62.15 -4.54 38.74
C8 NAG H . 62.88 -4.89 37.48
N2 NAG H . 61.00 -5.20 38.96
O3 NAG H . 61.92 -5.67 41.65
O4 NAG H . 59.95 -6.73 43.45
O5 NAG H . 57.90 -4.95 40.98
O6 NAG H . 56.48 -4.42 42.91
O7 NAG H . 62.58 -3.70 39.52
C1 NAG I . 40.97 5.10 38.72
C2 NAG I . 40.44 4.70 40.10
C3 NAG I . 39.13 5.43 40.38
C4 NAG I . 39.30 6.93 40.21
C5 NAG I . 39.88 7.24 38.83
C6 NAG I . 40.20 8.70 38.64
C7 NAG I . 41.16 2.46 40.76
C8 NAG I . 40.82 1.00 40.77
N2 NAG I . 40.26 3.27 40.20
O3 NAG I . 38.70 5.14 41.70
O4 NAG I . 38.04 7.58 40.34
O5 NAG I . 41.12 6.53 38.66
O6 NAG I . 39.69 9.19 37.40
O7 NAG I . 42.21 2.88 41.24
C1 NAG J . 38.78 36.26 4.44
C2 NAG J . 40.09 37.00 4.10
C3 NAG J . 40.15 38.32 4.86
C4 NAG J . 38.91 39.15 4.62
C5 NAG J . 37.66 38.33 4.94
C6 NAG J . 36.38 39.05 4.59
C7 NAG J . 41.98 35.58 3.46
C8 NAG J . 43.14 34.76 3.94
N2 NAG J . 41.24 36.18 4.40
O3 NAG J . 41.31 39.04 4.45
O4 NAG J . 38.92 40.32 5.43
O5 NAG J . 37.67 37.11 4.18
O6 NAG J . 36.13 40.14 5.48
O7 NAG J . 41.71 35.69 2.26
C1 NAG K . 29.96 30.02 8.57
C2 NAG K . 31.47 30.14 8.78
C3 NAG K . 31.78 30.38 10.25
C4 NAG K . 31.01 31.59 10.76
C5 NAG K . 29.52 31.42 10.49
C6 NAG K . 28.70 32.63 10.86
C7 NAG K . 33.33 28.97 7.69
C8 NAG K . 33.89 27.64 7.27
N2 NAG K . 32.14 28.93 8.31
O3 NAG K . 33.18 30.60 10.40
O4 NAG K . 31.21 31.73 12.17
O5 NAG K . 29.31 31.20 9.07
O6 NAG K . 28.21 33.30 9.71
O7 NAG K . 33.93 30.01 7.48
C1 NAG L . 61.74 7.68 -3.35
C2 NAG L . 63.12 8.14 -3.83
C3 NAG L . 63.00 9.45 -4.61
C4 NAG L . 61.97 9.31 -5.73
C5 NAG L . 60.64 8.79 -5.17
C6 NAG L . 59.62 8.51 -6.24
C7 NAG L . 64.99 7.39 -2.43
C8 NAG L . 65.85 7.72 -1.25
N2 NAG L . 64.05 8.30 -2.72
O3 NAG L . 64.26 9.80 -5.16
O4 NAG L . 61.76 10.56 -6.37
O5 NAG L . 60.85 7.56 -4.46
O6 NAG L . 58.64 9.54 -6.31
O7 NAG L . 65.13 6.37 -3.08
C1 NAG M . 62.34 22.85 5.47
C2 NAG M . 62.21 23.02 3.95
C3 NAG M . 63.54 23.51 3.36
C4 NAG M . 64.01 24.77 4.08
C5 NAG M . 64.07 24.54 5.58
C6 NAG M . 64.41 25.78 6.37
C7 NAG M . 60.55 21.55 2.91
C8 NAG M . 60.30 20.22 2.28
N2 NAG M . 61.80 21.78 3.32
O3 NAG M . 63.35 23.78 1.97
O4 NAG M . 65.30 25.15 3.60
O5 NAG M . 62.79 24.08 6.06
O6 NAG M . 63.64 25.86 7.56
O7 NAG M . 59.65 22.39 3.05
C1 NAG N . 52.20 -18.55 -15.57
C2 NAG N . 51.98 -19.58 -16.68
C3 NAG N . 51.55 -18.87 -17.97
C4 NAG N . 50.35 -17.99 -17.71
C5 NAG N . 50.64 -17.02 -16.56
C6 NAG N . 49.43 -16.18 -16.18
C7 NAG N . 53.36 -21.59 -16.38
C8 NAG N . 54.65 -22.27 -16.71
N2 NAG N . 53.18 -20.38 -16.91
O3 NAG N . 51.24 -19.84 -18.96
O4 NAG N . 50.03 -17.24 -18.88
O5 NAG N . 51.01 -17.76 -15.39
O6 NAG N . 48.59 -15.95 -17.30
O7 NAG N . 52.51 -22.12 -15.65
C1 NAG O . -6.57 -30.06 -30.68
C2 NAG O . -5.65 -31.11 -30.06
C3 NAG O . -5.20 -32.11 -31.11
C4 NAG O . -6.40 -32.70 -31.83
C5 NAG O . -7.29 -31.60 -32.38
C6 NAG O . -8.57 -32.11 -33.00
C7 NAG O . -4.37 -30.39 -28.09
C8 NAG O . -3.12 -29.72 -27.60
N2 NAG O . -4.50 -30.49 -29.41
O3 NAG O . -4.44 -33.15 -30.49
O4 NAG O . -5.96 -33.53 -32.91
O5 NAG O . -7.68 -30.72 -31.31
O6 NAG O . -8.88 -31.41 -34.20
O7 NAG O . -5.22 -30.82 -27.32
C1 NAG P . -14.05 -42.72 65.69
C2 NAG P . -14.21 -43.61 66.92
C3 NAG P . -15.39 -43.14 67.77
C4 NAG P . -15.11 -41.74 68.27
C5 NAG P . -14.84 -40.79 67.11
C6 NAG P . -13.52 -40.08 67.21
C7 NAG P . -13.50 -45.96 66.87
C8 NAG P . -13.83 -47.35 66.40
N2 NAG P . -14.38 -45.00 66.55
O3 NAG P . -15.58 -44.04 68.85
O4 NAG P . -16.22 -41.27 69.03
O5 NAG P . -14.87 -41.49 65.84
O6 NAG P . -13.55 -38.83 66.53
O7 NAG P . -12.48 -45.72 67.51
C1 NAG Q . -26.21 -51.00 42.18
C2 NAG Q . -27.30 -51.86 42.83
C3 NAG Q . -26.75 -52.54 44.07
C4 NAG Q . -25.49 -53.31 43.75
C5 NAG Q . -24.47 -52.40 43.05
C6 NAG Q . -23.24 -53.15 42.59
C7 NAG Q . -29.72 -51.52 43.10
C8 NAG Q . -30.80 -50.55 43.48
N2 NAG Q . -28.47 -51.05 43.16
O3 NAG Q . -27.74 -53.42 44.60
O4 NAG Q . -24.91 -53.84 44.94
O5 NAG Q . -25.07 -51.82 41.89
O6 NAG Q . -23.17 -53.19 41.16
O7 NAG Q . -29.97 -52.67 42.77
C1 NAG R . -15.92 -48.56 24.62
C2 NAG R . -14.69 -49.38 25.01
C3 NAG R . -13.74 -49.50 23.83
C4 NAG R . -14.47 -50.04 22.60
C5 NAG R . -15.71 -49.21 22.31
C6 NAG R . -16.55 -49.77 21.18
C7 NAG R . -14.20 -49.22 27.41
C8 NAG R . -13.42 -48.50 28.46
N2 NAG R . -14.01 -48.79 26.15
O3 NAG R . -12.66 -50.36 24.16
O4 NAG R . -13.61 -50.02 21.47
O5 NAG R . -16.55 -49.16 23.47
O6 NAG R . -16.94 -48.74 20.27
O7 NAG R . -14.96 -50.15 27.68
C1 NAG S . -41.33 -32.04 -10.47
C2 NAG S . -42.79 -32.49 -10.52
C3 NAG S . -42.93 -33.71 -11.42
C4 NAG S . -42.33 -33.44 -12.80
C5 NAG S . -40.89 -32.96 -12.66
C6 NAG S . -40.28 -32.55 -13.97
C7 NAG S . -44.15 -31.98 -8.55
C8 NAG S . -44.57 -32.42 -7.17
N2 NAG S . -43.29 -32.77 -9.19
O3 NAG S . -44.31 -34.05 -11.55
O4 NAG S . -42.35 -34.62 -13.58
O5 NAG S . -40.85 -31.79 -11.81
O6 NAG S . -40.00 -33.68 -14.79
O7 NAG S . -44.58 -30.94 -9.05
C1 NAG T . -30.06 -29.95 -8.63
C2 NAG T . -31.22 -30.68 -7.94
C3 NAG T . -30.84 -32.13 -7.66
C4 NAG T . -30.37 -32.81 -8.93
C5 NAG T . -29.25 -32.00 -9.58
C6 NAG T . -28.81 -32.57 -10.91
C7 NAG T . -32.86 -29.88 -6.30
C8 NAG T . -33.07 -29.15 -5.00
N2 NAG T . -31.60 -30.00 -6.71
O3 NAG T . -31.96 -32.81 -7.12
O4 NAG T . -29.90 -34.12 -8.63
O5 NAG T . -29.69 -30.66 -9.83
O6 NAG T . -29.21 -31.72 -11.99
O7 NAG T . -33.80 -30.35 -6.94
C1 NAG U . -53.95 -21.04 23.03
C2 NAG U . -55.45 -21.27 23.21
C3 NAG U . -56.17 -21.13 21.88
C4 NAG U . -55.83 -19.79 21.23
C5 NAG U . -54.32 -19.61 21.13
C6 NAG U . -53.91 -18.25 20.62
C7 NAG U . -56.02 -22.75 25.08
C8 NAG U . -56.25 -24.17 25.52
N2 NAG U . -55.70 -22.58 23.80
O3 NAG U . -57.57 -21.23 22.08
O4 NAG U . -56.39 -19.72 19.93
O5 NAG U . -53.73 -19.75 22.44
O6 NAG U . -53.50 -18.31 19.26
O7 NAG U . -56.10 -21.82 25.86
C1 NAG V . -55.28 -35.05 12.60
C2 NAG V . -55.96 -33.80 12.05
C3 NAG V . -57.48 -33.94 12.15
C4 NAG V . -57.94 -35.22 11.48
C5 NAG V . -57.18 -36.42 12.05
C6 NAG V . -57.50 -37.72 11.34
C7 NAG V . -54.63 -31.74 12.23
C8 NAG V . -54.28 -30.57 13.09
N2 NAG V . -55.51 -32.61 12.75
O3 NAG V . -58.10 -32.82 11.52
O4 NAG V . -59.34 -35.42 11.70
O5 NAG V . -55.77 -36.21 11.90
O6 NAG V . -56.34 -38.51 11.17
O7 NAG V . -54.15 -31.90 11.11
#